data_8J7S
#
_entry.id   8J7S
#
_cell.length_a   1.00
_cell.length_b   1.00
_cell.length_c   1.00
_cell.angle_alpha   90.00
_cell.angle_beta   90.00
_cell.angle_gamma   90.00
#
_symmetry.space_group_name_H-M   'P 1'
#
loop_
_entity.id
_entity.type
_entity.pdbx_description
1 polymer 'Piwi domain-containing protein'
2 polymer 'TIR domain-containing protein'
3 polymer "RNA (5'-R(P*UP*GP*AP*CP*GP*GP*CP*UP*CP*UP*AP*AP*UP*CP*UP*AP*UP*UP*A)-3')"
4 polymer "DNA (5'-D(P*TP*AP*AP*TP*AP*GP*AP*TP*TP*AP*GP*AP*GP*CP*CP*GP*TP*CP*AP*AP*TP*AP*GP*A)-3')"
#
loop_
_entity_poly.entity_id
_entity_poly.type
_entity_poly.pdbx_seq_one_letter_code
_entity_poly.pdbx_strand_id
1 'polypeptide(L)'
;MKELIYIEEPKILFAHGQKCTDARDGLALFGPLNNLYGIKSGVIGTKQGLKIFRDYLDHIQKPIYNSNSITRPMFPGFEA
VFDCKWESTGITFKEVTNEDIGKFLYNSSTHKRTYDLVSLFIDKIISANKNEDENVDVWFVIVPDEIYKYCRPNSVLPKE
MVQTKALMSKSKAKSFRYEPSLFPDINIELKEQEKEAETYNYDAQFHDQFKARLLKHTIPTQIFRESTLAWRDFKNAFGL
PIRDFSKIEGHLAWTISTAAFYKAGGKPWKLSDVRNGVCYLGLVYKKVEKSKNPRNACCAAQMFLDNGDGTVFKGEVGPW
YNPKNGQYHLEPKEAKALLSQSLQSYKEQIGEYPKEVFIHAKTRFNHQEWDAFLEVTPKETNLVGVTISKTKPLKLYKTE
GDYTILRGNAYVVNERSAFLWTVGYVPKIQTALSMEVPNPLFIEINKGEADIKQVLKDILSLTKLNYNACIFADGEPVTL
RFADKIGEILTASTDIKTPPLAFKYY
;
A,E,I,M
2 'polypeptide(L)'
;MRNKIFISHATPDDNDFTRWLALKLIGLGYEVWCDILFLDKGVDFWSNIEKVIREDTCKFLLVSSSYSNQREGVLKELAV
AAKVKKQLKDDKFIIPLAIDEQLSYDDINIDIVRLNAIDFKMSWARGLKDILEAFEKQKVPKEVADASKSNLLYQQIFLH
DKSVIEKEEIYDSNWLSILSFPEELRFHEYNWMLPKRFDVRELTFPAVRYKNYLCTFAWAYDFTYHLPKTETYHKSKTIR
IPTEEILSGSYDSNFIRNAECKRLIVQLLNKAFELRMKDKEVQEYEMSNKTAYWLEKGKLEKDKFEKTMLVGKQKDKNWH
FAISGASKLYPFPVLMISSHIFFTADGKKLIDSSSVQHSSRRRQGKNWWNNTWRTKLLAFIKYLSDDDTSFYLEMGSEEK
VFVSNEPVKFKGNVSYNI
;
B,F,J,N
3 'polyribonucleotide' UGACGGCUCUAAUCUAUUA C,G,K,O
4 'polydeoxyribonucleotide'
;(DT)(DA)(DA)(DT)(DA)(DG)(DA)(DT)(DT)(DA)(DG)(DA)(DG)(DC)(DC)(DG)(DT)(DC)(DA)(DA)
(DT)(DA)(DG)(DA)
;
D,H,L,P
#
loop_
_chem_comp.id
_chem_comp.type
_chem_comp.name
_chem_comp.formula
A RNA linking ADENOSINE-5'-MONOPHOSPHATE 'C10 H14 N5 O7 P'
C RNA linking CYTIDINE-5'-MONOPHOSPHATE 'C9 H14 N3 O8 P'
DA DNA linking 2'-DEOXYADENOSINE-5'-MONOPHOSPHATE 'C10 H14 N5 O6 P'
DC DNA linking 2'-DEOXYCYTIDINE-5'-MONOPHOSPHATE 'C9 H14 N3 O7 P'
DG DNA linking 2'-DEOXYGUANOSINE-5'-MONOPHOSPHATE 'C10 H14 N5 O7 P'
DT DNA linking THYMIDINE-5'-MONOPHOSPHATE 'C10 H15 N2 O8 P'
G RNA linking GUANOSINE-5'-MONOPHOSPHATE 'C10 H14 N5 O8 P'
U RNA linking URIDINE-5'-MONOPHOSPHATE 'C9 H13 N2 O9 P'
#
# COMPACT_ATOMS: atom_id res chain seq x y z
N MET A 1 -39.69 -70.81 -14.51
CA MET A 1 -38.52 -70.20 -13.89
C MET A 1 -37.47 -69.79 -14.91
N LYS A 2 -37.61 -68.58 -15.45
CA LYS A 2 -36.63 -68.00 -16.35
C LYS A 2 -35.86 -66.88 -15.64
N GLU A 3 -34.74 -66.50 -16.23
CA GLU A 3 -33.81 -65.57 -15.60
C GLU A 3 -33.74 -64.27 -16.39
N LEU A 4 -33.49 -63.18 -15.68
CA LEU A 4 -33.35 -61.85 -16.26
C LEU A 4 -31.94 -61.33 -16.02
N ILE A 5 -31.31 -60.84 -17.07
CA ILE A 5 -30.02 -60.19 -16.96
C ILE A 5 -30.24 -58.68 -16.93
N TYR A 6 -29.22 -57.96 -16.47
CA TYR A 6 -29.29 -56.51 -16.31
C TYR A 6 -28.16 -55.84 -17.06
N ILE A 7 -28.45 -54.69 -17.64
CA ILE A 7 -27.49 -53.88 -18.37
C ILE A 7 -27.47 -52.46 -17.78
N GLU A 8 -26.27 -51.93 -17.59
CA GLU A 8 -26.11 -50.64 -16.92
C GLU A 8 -26.66 -49.51 -17.78
N GLU A 9 -27.20 -48.50 -17.11
CA GLU A 9 -27.76 -47.35 -17.81
C GLU A 9 -26.64 -46.52 -18.41
N PRO A 10 -26.74 -46.11 -19.68
CA PRO A 10 -25.69 -45.31 -20.30
C PRO A 10 -25.68 -43.88 -19.77
N LYS A 11 -24.55 -43.22 -19.95
CA LYS A 11 -24.33 -41.86 -19.48
C LYS A 11 -24.20 -40.92 -20.67
N ILE A 12 -24.79 -39.72 -20.52
CA ILE A 12 -24.71 -38.67 -21.53
C ILE A 12 -23.77 -37.58 -21.03
N LEU A 13 -22.97 -37.04 -21.95
CA LEU A 13 -21.86 -36.16 -21.61
C LEU A 13 -22.29 -34.71 -21.77
N PHE A 14 -22.18 -33.93 -20.71
CA PHE A 14 -22.55 -32.52 -20.67
C PHE A 14 -21.29 -31.64 -20.69
N ALA A 15 -21.49 -30.35 -20.43
CA ALA A 15 -20.41 -29.37 -20.50
C ALA A 15 -19.30 -29.69 -19.50
N HIS A 16 -18.08 -29.31 -19.88
CA HIS A 16 -16.84 -29.56 -19.15
C HIS A 16 -16.80 -30.98 -18.58
N GLY A 17 -16.91 -31.96 -19.49
CA GLY A 17 -16.60 -33.34 -19.20
C GLY A 17 -17.49 -34.03 -18.21
N GLN A 18 -18.62 -33.42 -17.84
CA GLN A 18 -19.48 -33.96 -16.80
C GLN A 18 -20.53 -34.88 -17.41
N LYS A 19 -20.64 -36.08 -16.86
CA LYS A 19 -21.64 -37.05 -17.29
C LYS A 19 -22.80 -37.07 -16.30
N CYS A 20 -23.88 -37.71 -16.73
CA CYS A 20 -25.08 -37.89 -15.91
C CYS A 20 -25.96 -38.91 -16.63
N THR A 21 -27.14 -39.15 -16.10
CA THR A 21 -28.11 -40.04 -16.73
C THR A 21 -29.38 -39.35 -17.19
N ASP A 22 -29.81 -38.31 -16.50
CA ASP A 22 -31.00 -37.54 -16.87
C ASP A 22 -30.57 -36.30 -17.64
N ALA A 23 -31.25 -36.04 -18.75
CA ALA A 23 -30.94 -34.85 -19.55
C ALA A 23 -31.24 -33.58 -18.78
N ARG A 24 -32.40 -33.52 -18.13
CA ARG A 24 -32.80 -32.31 -17.41
C ARG A 24 -31.85 -32.02 -16.25
N ASP A 25 -31.52 -33.03 -15.46
CA ASP A 25 -30.60 -32.82 -14.35
C ASP A 25 -29.22 -32.41 -14.84
N GLY A 26 -28.73 -33.06 -15.89
CA GLY A 26 -27.42 -32.69 -16.42
C GLY A 26 -27.38 -31.27 -16.96
N LEU A 27 -28.44 -30.86 -17.66
CA LEU A 27 -28.50 -29.48 -18.15
C LEU A 27 -28.56 -28.49 -17.00
N ALA A 28 -29.39 -28.77 -15.99
CA ALA A 28 -29.53 -27.86 -14.87
C ALA A 28 -28.30 -27.85 -13.97
N LEU A 29 -27.44 -28.85 -14.07
CA LEU A 29 -26.23 -28.90 -13.25
C LEU A 29 -24.99 -28.41 -13.96
N PHE A 30 -24.88 -28.60 -15.27
CA PHE A 30 -23.65 -28.25 -15.99
C PHE A 30 -23.87 -27.47 -17.28
N GLY A 31 -25.07 -27.52 -17.87
CA GLY A 31 -25.35 -26.73 -19.04
C GLY A 31 -24.98 -27.43 -20.34
N PRO A 32 -25.35 -26.82 -21.46
CA PRO A 32 -25.18 -27.48 -22.77
C PRO A 32 -23.71 -27.63 -23.13
N LEU A 33 -23.47 -28.58 -24.04
CA LEU A 33 -22.11 -28.85 -24.51
C LEU A 33 -21.52 -27.64 -25.22
N ASN A 34 -22.29 -27.00 -26.10
CA ASN A 34 -21.82 -25.87 -26.87
C ASN A 34 -22.38 -24.56 -26.31
N ASN A 35 -21.84 -23.46 -26.81
CA ASN A 35 -22.19 -22.12 -26.33
C ASN A 35 -22.64 -21.26 -27.50
N LEU A 36 -23.93 -20.97 -27.55
CA LEU A 36 -24.42 -19.91 -28.42
C LEU A 36 -24.41 -18.58 -27.67
N TYR A 37 -24.66 -17.50 -28.41
CA TYR A 37 -24.73 -16.17 -27.82
C TYR A 37 -26.16 -15.71 -27.61
N GLY A 38 -27.06 -16.05 -28.52
CA GLY A 38 -28.46 -15.73 -28.36
C GLY A 38 -29.24 -16.34 -29.50
N ILE A 39 -30.56 -16.29 -29.36
CA ILE A 39 -31.48 -16.84 -30.35
C ILE A 39 -32.32 -15.69 -30.89
N LYS A 40 -32.23 -15.45 -32.19
CA LYS A 40 -33.00 -14.42 -32.86
C LYS A 40 -34.30 -15.04 -33.37
N SER A 41 -35.41 -14.73 -32.70
CA SER A 41 -36.68 -15.37 -32.96
C SER A 41 -37.43 -14.63 -34.06
N GLY A 42 -37.70 -15.31 -35.16
CA GLY A 42 -38.63 -14.83 -36.16
C GLY A 42 -39.99 -15.45 -35.91
N VAL A 43 -41.01 -14.61 -35.89
CA VAL A 43 -42.38 -15.03 -35.62
C VAL A 43 -43.24 -14.66 -36.82
N ILE A 44 -44.10 -15.58 -37.23
CA ILE A 44 -44.99 -15.39 -38.36
C ILE A 44 -46.40 -15.73 -37.92
N GLY A 45 -47.31 -14.78 -38.03
CA GLY A 45 -48.69 -15.06 -37.65
C GLY A 45 -49.41 -13.78 -37.27
N THR A 46 -50.51 -13.98 -36.53
CA THR A 46 -51.40 -12.89 -36.16
C THR A 46 -50.80 -12.05 -35.05
N LYS A 47 -51.47 -10.94 -34.74
CA LYS A 47 -51.01 -10.06 -33.67
C LYS A 47 -51.18 -10.73 -32.30
N GLN A 48 -52.34 -11.37 -32.07
CA GLN A 48 -52.53 -12.08 -30.81
C GLN A 48 -51.57 -13.26 -30.68
N GLY A 49 -51.18 -13.88 -31.79
CA GLY A 49 -50.14 -14.88 -31.74
C GLY A 49 -48.81 -14.31 -31.30
N LEU A 50 -48.48 -13.10 -31.78
CA LEU A 50 -47.28 -12.43 -31.31
C LEU A 50 -47.36 -12.12 -29.83
N LYS A 51 -48.52 -11.69 -29.35
CA LYS A 51 -48.68 -11.41 -27.93
C LYS A 51 -48.50 -12.67 -27.09
N ILE A 52 -49.09 -13.78 -27.54
CA ILE A 52 -48.94 -15.04 -26.81
C ILE A 52 -47.49 -15.49 -26.79
N PHE A 53 -46.81 -15.42 -27.94
CA PHE A 53 -45.40 -15.80 -27.97
C PHE A 53 -44.57 -14.92 -27.05
N ARG A 54 -44.83 -13.61 -27.07
CA ARG A 54 -44.06 -12.68 -26.24
C ARG A 54 -44.26 -12.98 -24.76
N ASP A 55 -45.52 -13.19 -24.35
CA ASP A 55 -45.76 -13.40 -22.92
C ASP A 55 -45.24 -14.75 -22.47
N TYR A 56 -45.32 -15.78 -23.32
CA TYR A 56 -44.71 -17.06 -22.95
C TYR A 56 -43.19 -16.94 -22.84
N LEU A 57 -42.56 -16.23 -23.77
CA LEU A 57 -41.11 -16.07 -23.71
C LEU A 57 -40.69 -15.32 -22.46
N ASP A 58 -41.44 -14.27 -22.08
CA ASP A 58 -41.14 -13.60 -20.82
C ASP A 58 -41.53 -14.45 -19.61
N HIS A 59 -42.42 -15.43 -19.80
CA HIS A 59 -42.77 -16.33 -18.72
C HIS A 59 -41.64 -17.31 -18.42
N ILE A 60 -40.93 -17.77 -19.45
CA ILE A 60 -39.92 -18.82 -19.23
C ILE A 60 -38.55 -18.21 -18.94
N GLN A 61 -38.49 -16.89 -18.75
CA GLN A 61 -37.25 -16.28 -18.29
C GLN A 61 -36.95 -16.67 -16.84
N LYS A 62 -37.99 -16.67 -16.00
CA LYS A 62 -38.00 -16.94 -14.56
C LYS A 62 -38.17 -18.43 -14.29
N PRO A 63 -37.69 -18.91 -13.14
CA PRO A 63 -37.79 -20.34 -12.85
C PRO A 63 -39.23 -20.81 -12.73
N ILE A 64 -39.45 -22.06 -13.11
CA ILE A 64 -40.76 -22.70 -13.06
C ILE A 64 -40.63 -23.96 -12.21
N TYR A 65 -41.66 -24.24 -11.40
CA TYR A 65 -41.61 -25.34 -10.45
C TYR A 65 -42.73 -26.32 -10.74
N ASN A 66 -42.43 -27.61 -10.53
CA ASN A 66 -43.39 -28.69 -10.74
C ASN A 66 -44.08 -29.05 -9.44
N SER A 67 -45.18 -29.79 -9.56
CA SER A 67 -45.89 -30.26 -8.38
C SER A 67 -45.01 -31.19 -7.54
N ASN A 68 -44.30 -32.10 -8.19
CA ASN A 68 -43.33 -32.97 -7.53
C ASN A 68 -42.03 -32.89 -8.31
N SER A 69 -41.07 -32.12 -7.78
CA SER A 69 -39.80 -31.89 -8.47
C SER A 69 -38.96 -33.15 -8.58
N ILE A 70 -39.26 -34.19 -7.81
CA ILE A 70 -38.49 -35.43 -7.92
C ILE A 70 -38.78 -36.13 -9.24
N THR A 71 -40.06 -36.23 -9.61
CA THR A 71 -40.41 -36.87 -10.88
C THR A 71 -40.11 -35.96 -12.06
N ARG A 72 -40.44 -34.67 -11.94
CA ARG A 72 -40.20 -33.69 -13.01
C ARG A 72 -39.32 -32.58 -12.46
N PRO A 73 -38.03 -32.56 -12.79
CA PRO A 73 -37.16 -31.51 -12.25
C PRO A 73 -37.61 -30.12 -12.70
N MET A 74 -37.36 -29.13 -11.84
CA MET A 74 -37.76 -27.77 -12.11
C MET A 74 -36.88 -27.15 -13.19
N PHE A 75 -37.43 -26.11 -13.84
CA PHE A 75 -36.71 -25.40 -14.89
C PHE A 75 -36.15 -24.11 -14.33
N PRO A 76 -34.83 -23.96 -14.22
CA PRO A 76 -34.27 -22.75 -13.59
C PRO A 76 -34.44 -21.49 -14.42
N GLY A 77 -34.68 -21.60 -15.72
CA GLY A 77 -34.72 -20.43 -16.59
C GLY A 77 -33.76 -20.59 -17.76
N PHE A 78 -34.11 -19.99 -18.90
CA PHE A 78 -33.35 -20.23 -20.12
C PHE A 78 -31.91 -19.75 -19.99
N GLU A 79 -31.71 -18.52 -19.56
CA GLU A 79 -30.35 -18.02 -19.36
C GLU A 79 -29.63 -18.75 -18.24
N ALA A 80 -30.36 -19.31 -17.28
CA ALA A 80 -29.71 -20.10 -16.23
C ALA A 80 -29.15 -21.41 -16.78
N VAL A 81 -29.90 -22.08 -17.66
CA VAL A 81 -29.53 -23.39 -18.16
C VAL A 81 -28.58 -23.27 -19.35
N PHE A 82 -29.06 -22.65 -20.43
CA PHE A 82 -28.39 -22.67 -21.72
C PHE A 82 -27.42 -21.52 -21.90
N ASP A 83 -27.28 -20.64 -20.92
CA ASP A 83 -26.47 -19.42 -20.93
C ASP A 83 -26.56 -18.67 -22.26
N CYS A 84 -27.72 -18.74 -22.90
CA CYS A 84 -28.01 -18.00 -24.11
C CYS A 84 -29.16 -17.03 -23.85
N LYS A 85 -29.13 -15.90 -24.55
CA LYS A 85 -30.20 -14.91 -24.44
C LYS A 85 -31.23 -15.21 -25.52
N TRP A 86 -32.33 -15.85 -25.11
CA TRP A 86 -33.50 -16.01 -25.97
C TRP A 86 -34.57 -15.09 -25.39
N GLU A 87 -34.52 -13.82 -25.78
CA GLU A 87 -35.34 -12.79 -25.18
C GLU A 87 -36.31 -12.22 -26.20
N SER A 88 -37.36 -11.57 -25.69
CA SER A 88 -38.41 -11.01 -26.53
C SER A 88 -37.94 -9.81 -27.34
N THR A 89 -36.75 -9.29 -27.07
CA THR A 89 -36.24 -8.13 -27.82
C THR A 89 -35.67 -8.52 -29.18
N GLY A 90 -35.49 -9.79 -29.46
CA GLY A 90 -35.00 -10.25 -30.75
C GLY A 90 -36.06 -10.73 -31.72
N ILE A 91 -37.33 -10.49 -31.43
CA ILE A 91 -38.42 -10.98 -32.26
C ILE A 91 -38.55 -10.13 -33.52
N THR A 92 -38.59 -10.77 -34.67
CA THR A 92 -38.93 -10.14 -35.94
C THR A 92 -40.28 -10.69 -36.37
N PHE A 93 -41.30 -9.84 -36.45
CA PHE A 93 -42.67 -10.27 -36.58
C PHE A 93 -43.20 -10.00 -37.99
N LYS A 94 -43.72 -11.04 -38.63
CA LYS A 94 -44.46 -10.94 -39.87
C LYS A 94 -45.94 -11.18 -39.57
N GLU A 95 -46.80 -10.30 -40.07
CA GLU A 95 -48.20 -10.29 -39.70
C GLU A 95 -49.00 -11.08 -40.74
N VAL A 96 -49.72 -12.10 -40.28
CA VAL A 96 -50.68 -12.83 -41.09
C VAL A 96 -52.06 -12.43 -40.60
N THR A 97 -52.85 -11.84 -41.49
CA THR A 97 -54.16 -11.34 -41.11
C THR A 97 -55.14 -12.49 -40.88
N ASN A 98 -55.99 -12.33 -39.86
CA ASN A 98 -57.01 -13.34 -39.60
C ASN A 98 -57.97 -13.49 -40.77
N GLU A 99 -58.17 -12.41 -41.54
CA GLU A 99 -59.06 -12.49 -42.69
C GLU A 99 -58.50 -13.41 -43.77
N ASP A 100 -57.18 -13.41 -43.98
CA ASP A 100 -56.59 -14.32 -44.95
C ASP A 100 -56.84 -15.77 -44.59
N ILE A 101 -56.67 -16.11 -43.31
CA ILE A 101 -57.05 -17.43 -42.82
C ILE A 101 -58.55 -17.64 -43.03
N GLY A 102 -59.33 -16.57 -42.94
CA GLY A 102 -60.76 -16.69 -43.20
C GLY A 102 -61.07 -17.15 -44.61
N LYS A 103 -60.43 -16.53 -45.61
CA LYS A 103 -60.62 -17.00 -46.98
C LYS A 103 -60.09 -18.42 -47.16
N PHE A 104 -58.91 -18.70 -46.60
CA PHE A 104 -58.25 -19.98 -46.89
C PHE A 104 -58.73 -21.12 -46.01
N LEU A 105 -59.68 -20.88 -45.10
CA LEU A 105 -60.18 -21.91 -44.21
C LEU A 105 -61.62 -22.32 -44.50
N TYR A 106 -62.49 -21.37 -44.81
CA TYR A 106 -63.92 -21.62 -44.90
C TYR A 106 -64.36 -22.11 -46.29
N ASN A 107 -63.45 -22.70 -47.06
CA ASN A 107 -63.83 -23.32 -48.31
C ASN A 107 -64.33 -24.74 -48.07
N SER A 108 -64.58 -25.48 -49.14
CA SER A 108 -65.13 -26.82 -49.05
C SER A 108 -64.07 -27.92 -49.12
N SER A 109 -63.10 -27.78 -50.03
CA SER A 109 -62.08 -28.80 -50.18
C SER A 109 -61.10 -28.77 -49.00
N THR A 110 -60.36 -29.86 -48.84
CA THR A 110 -59.35 -29.99 -47.80
C THR A 110 -57.94 -29.90 -48.32
N HIS A 111 -57.63 -30.52 -49.47
CA HIS A 111 -56.31 -30.39 -50.05
C HIS A 111 -56.04 -28.95 -50.48
N LYS A 112 -57.03 -28.29 -51.08
CA LYS A 112 -56.80 -26.94 -51.60
C LYS A 112 -56.61 -25.94 -50.47
N ARG A 113 -57.37 -26.07 -49.38
CA ARG A 113 -57.21 -25.14 -48.27
C ARG A 113 -55.86 -25.35 -47.57
N THR A 114 -55.44 -26.60 -47.43
CA THR A 114 -54.13 -26.87 -46.86
C THR A 114 -53.03 -26.29 -47.74
N TYR A 115 -53.14 -26.47 -49.06
CA TYR A 115 -52.14 -25.90 -49.96
C TYR A 115 -52.13 -24.39 -49.89
N ASP A 116 -53.31 -23.77 -49.78
CA ASP A 116 -53.37 -22.31 -49.71
C ASP A 116 -52.72 -21.79 -48.42
N LEU A 117 -53.03 -22.43 -47.29
CA LEU A 117 -52.45 -22.00 -46.02
C LEU A 117 -50.94 -22.18 -46.01
N VAL A 118 -50.46 -23.33 -46.50
CA VAL A 118 -49.03 -23.55 -46.57
C VAL A 118 -48.38 -22.55 -47.51
N SER A 119 -49.02 -22.27 -48.65
CA SER A 119 -48.48 -21.30 -49.59
C SER A 119 -48.34 -19.94 -48.93
N LEU A 120 -49.37 -19.50 -48.22
CA LEU A 120 -49.32 -18.21 -47.54
C LEU A 120 -48.16 -18.16 -46.54
N PHE A 121 -48.09 -19.16 -45.64
CA PHE A 121 -47.09 -19.11 -44.58
C PHE A 121 -45.67 -19.20 -45.14
N ILE A 122 -45.41 -20.21 -45.99
CA ILE A 122 -44.07 -20.35 -46.52
C ILE A 122 -43.73 -19.21 -47.46
N ASP A 123 -44.72 -18.56 -48.09
CA ASP A 123 -44.41 -17.43 -48.95
C ASP A 123 -43.96 -16.24 -48.14
N LYS A 124 -44.65 -15.95 -47.03
CA LYS A 124 -44.18 -14.89 -46.14
C LYS A 124 -42.79 -15.20 -45.59
N ILE A 125 -42.56 -16.45 -45.17
CA ILE A 125 -41.26 -16.82 -44.61
C ILE A 125 -40.18 -16.71 -45.69
N ILE A 126 -40.47 -17.14 -46.91
CA ILE A 126 -39.48 -17.12 -47.98
C ILE A 126 -39.15 -15.69 -48.37
N SER A 127 -40.16 -14.82 -48.45
CA SER A 127 -39.89 -13.42 -48.73
C SER A 127 -39.07 -12.77 -47.63
N ALA A 128 -39.41 -13.04 -46.37
CA ALA A 128 -38.66 -12.45 -45.26
C ALA A 128 -37.23 -12.96 -45.21
N ASN A 129 -37.00 -14.21 -45.62
CA ASN A 129 -35.64 -14.73 -45.66
C ASN A 129 -34.87 -14.22 -46.87
N LYS A 130 -35.56 -13.94 -47.97
CA LYS A 130 -34.90 -13.57 -49.22
C LYS A 130 -34.57 -12.09 -49.27
N ASN A 131 -35.59 -11.24 -49.14
CA ASN A 131 -35.45 -9.81 -49.40
C ASN A 131 -35.61 -8.97 -48.13
N GLU A 132 -34.99 -9.41 -47.04
CA GLU A 132 -34.90 -8.62 -45.83
C GLU A 132 -33.51 -8.77 -45.25
N ASP A 133 -33.09 -7.76 -44.48
CA ASP A 133 -31.75 -7.73 -43.93
C ASP A 133 -31.66 -8.27 -42.51
N GLU A 134 -32.78 -8.37 -41.81
CA GLU A 134 -32.77 -8.96 -40.47
C GLU A 134 -32.49 -10.45 -40.56
N ASN A 135 -31.66 -10.95 -39.65
CA ASN A 135 -31.34 -12.37 -39.59
C ASN A 135 -32.21 -13.06 -38.56
N VAL A 136 -32.72 -14.23 -38.92
CA VAL A 136 -33.54 -15.04 -38.03
C VAL A 136 -32.94 -16.42 -37.95
N ASP A 137 -32.73 -16.90 -36.72
CA ASP A 137 -32.15 -18.23 -36.51
C ASP A 137 -33.21 -19.32 -36.57
N VAL A 138 -34.32 -19.13 -35.88
CA VAL A 138 -35.44 -20.07 -35.89
C VAL A 138 -36.72 -19.28 -36.16
N TRP A 139 -37.51 -19.74 -37.10
CA TRP A 139 -38.80 -19.13 -37.41
C TRP A 139 -39.89 -19.89 -36.68
N PHE A 140 -40.63 -19.19 -35.83
CA PHE A 140 -41.72 -19.80 -35.06
C PHE A 140 -43.04 -19.46 -35.72
N VAL A 141 -43.81 -20.49 -36.04
CA VAL A 141 -45.09 -20.34 -36.73
C VAL A 141 -46.18 -20.65 -35.72
N ILE A 142 -46.78 -19.62 -35.14
CA ILE A 142 -47.85 -19.78 -34.17
C ILE A 142 -49.17 -19.81 -34.95
N VAL A 143 -49.78 -20.98 -35.02
CA VAL A 143 -51.04 -21.15 -35.75
C VAL A 143 -52.19 -21.11 -34.75
N PRO A 144 -53.37 -20.65 -35.14
CA PRO A 144 -54.52 -20.67 -34.24
C PRO A 144 -55.06 -22.09 -34.09
N ASP A 145 -56.08 -22.24 -33.25
CA ASP A 145 -56.73 -23.54 -33.10
C ASP A 145 -57.85 -23.72 -34.10
N GLU A 146 -57.54 -23.41 -35.36
CA GLU A 146 -58.46 -23.66 -36.47
C GLU A 146 -57.73 -24.22 -37.69
N ILE A 147 -56.41 -24.36 -37.65
CA ILE A 147 -55.63 -24.93 -38.74
C ILE A 147 -55.16 -26.33 -38.41
N TYR A 148 -54.54 -26.50 -37.23
CA TYR A 148 -54.12 -27.83 -36.79
C TYR A 148 -55.31 -28.73 -36.45
N LYS A 149 -56.51 -28.18 -36.35
CA LYS A 149 -57.72 -28.95 -36.10
C LYS A 149 -58.48 -29.27 -37.38
N TYR A 150 -58.81 -28.25 -38.17
CA TYR A 150 -59.61 -28.43 -39.37
C TYR A 150 -58.79 -28.85 -40.58
N CYS A 151 -57.46 -28.79 -40.51
CA CYS A 151 -56.59 -29.14 -41.63
C CYS A 151 -55.54 -30.15 -41.18
N ARG A 152 -55.97 -31.17 -40.46
CA ARG A 152 -55.08 -32.24 -40.04
C ARG A 152 -55.63 -33.60 -40.46
N GLN A 205 -51.86 -33.01 -42.16
CA GLN A 205 -51.30 -32.82 -43.49
C GLN A 205 -50.64 -31.45 -43.60
N PHE A 206 -51.20 -30.47 -42.89
CA PHE A 206 -50.68 -29.11 -42.97
C PHE A 206 -49.23 -29.04 -42.49
N HIS A 207 -48.93 -29.68 -41.37
CA HIS A 207 -47.57 -29.64 -40.84
C HIS A 207 -46.58 -30.32 -41.77
N ASP A 208 -46.93 -31.50 -42.28
CA ASP A 208 -46.02 -32.26 -43.12
C ASP A 208 -45.72 -31.52 -44.43
N GLN A 209 -46.78 -31.03 -45.08
CA GLN A 209 -46.58 -30.28 -46.31
C GLN A 209 -45.82 -28.98 -46.05
N PHE A 210 -46.13 -28.30 -44.95
CA PHE A 210 -45.44 -27.08 -44.60
C PHE A 210 -43.94 -27.32 -44.44
N LYS A 211 -43.56 -28.38 -43.74
CA LYS A 211 -42.14 -28.65 -43.56
C LYS A 211 -41.49 -29.18 -44.83
N ALA A 212 -42.27 -29.83 -45.70
CA ALA A 212 -41.70 -30.35 -46.95
C ALA A 212 -41.43 -29.22 -47.93
N ARG A 213 -42.28 -28.20 -47.96
CA ARG A 213 -42.12 -27.13 -48.94
C ARG A 213 -41.06 -26.11 -48.54
N LEU A 214 -40.58 -26.14 -47.31
CA LEU A 214 -39.50 -25.26 -46.88
C LEU A 214 -38.12 -25.89 -47.01
N LEU A 215 -38.04 -27.12 -47.51
CA LEU A 215 -36.76 -27.84 -47.54
C LEU A 215 -35.81 -27.25 -48.58
N LYS A 216 -36.35 -26.60 -49.62
CA LYS A 216 -35.48 -26.03 -50.64
C LYS A 216 -34.79 -24.75 -50.18
N HIS A 217 -35.12 -24.25 -48.99
CA HIS A 217 -34.56 -23.02 -48.48
C HIS A 217 -33.84 -23.16 -47.14
N THR A 218 -33.82 -24.37 -46.56
CA THR A 218 -33.13 -24.67 -45.30
C THR A 218 -33.48 -23.65 -44.21
N ILE A 219 -34.77 -23.63 -43.85
CA ILE A 219 -35.29 -22.75 -42.82
C ILE A 219 -35.66 -23.60 -41.61
N PRO A 220 -34.92 -23.49 -40.50
CA PRO A 220 -35.35 -24.15 -39.25
C PRO A 220 -36.62 -23.52 -38.73
N THR A 221 -37.68 -24.32 -38.62
CA THR A 221 -39.00 -23.82 -38.27
C THR A 221 -39.56 -24.60 -37.09
N GLN A 222 -40.23 -23.90 -36.19
CA GLN A 222 -40.90 -24.50 -35.04
C GLN A 222 -42.36 -24.09 -35.07
N ILE A 223 -43.22 -25.06 -35.28
CA ILE A 223 -44.67 -24.81 -35.29
C ILE A 223 -45.18 -24.85 -33.87
N PHE A 224 -46.10 -23.94 -33.54
CA PHE A 224 -46.71 -23.88 -32.23
C PHE A 224 -48.21 -23.70 -32.40
N ARG A 225 -48.96 -24.17 -31.42
CA ARG A 225 -50.39 -23.93 -31.35
C ARG A 225 -50.68 -22.90 -30.27
N GLU A 226 -51.68 -22.05 -30.53
CA GLU A 226 -51.98 -20.98 -29.59
C GLU A 226 -52.36 -21.54 -28.23
N SER A 227 -52.99 -22.71 -28.18
CA SER A 227 -53.32 -23.33 -26.91
C SER A 227 -52.09 -23.88 -26.19
N THR A 228 -51.02 -24.19 -26.93
CA THR A 228 -49.82 -24.73 -26.30
C THR A 228 -49.19 -23.71 -25.34
N LEU A 229 -49.09 -22.45 -25.76
CA LEU A 229 -48.48 -21.42 -24.95
C LEU A 229 -49.48 -20.60 -24.16
N ALA A 230 -50.77 -20.69 -24.47
CA ALA A 230 -51.82 -19.99 -23.76
C ALA A 230 -52.82 -20.97 -23.17
N TRP A 231 -52.31 -22.05 -22.57
CA TRP A 231 -53.18 -23.07 -22.00
C TRP A 231 -54.03 -22.51 -20.87
N ARG A 232 -53.50 -21.55 -20.09
CA ARG A 232 -54.27 -20.93 -19.04
C ARG A 232 -55.51 -20.25 -19.60
N ASP A 233 -55.34 -19.48 -20.68
CA ASP A 233 -56.45 -18.75 -21.27
C ASP A 233 -57.35 -19.66 -22.11
N PHE A 234 -56.77 -20.64 -22.80
CA PHE A 234 -57.51 -21.48 -23.73
C PHE A 234 -58.33 -22.53 -22.96
N LYS A 235 -59.38 -22.04 -22.30
CA LYS A 235 -60.36 -22.90 -21.67
C LYS A 235 -61.42 -23.33 -22.68
N ASN A 236 -62.29 -24.24 -22.26
CA ASN A 236 -63.36 -24.73 -23.11
C ASN A 236 -64.61 -23.87 -22.92
N ALA A 237 -65.71 -24.28 -23.52
CA ALA A 237 -66.98 -23.61 -23.26
C ALA A 237 -67.43 -23.75 -21.82
N PHE A 238 -66.95 -24.78 -21.11
CA PHE A 238 -67.25 -24.97 -19.71
C PHE A 238 -66.44 -24.05 -18.81
N GLY A 239 -65.39 -23.42 -19.33
CA GLY A 239 -64.50 -22.62 -18.52
C GLY A 239 -63.36 -23.37 -17.89
N LEU A 240 -63.03 -24.55 -18.40
CA LEU A 240 -62.00 -25.43 -17.86
C LEU A 240 -60.87 -25.61 -18.87
N PRO A 241 -59.62 -25.59 -18.42
CA PRO A 241 -58.50 -25.77 -19.35
C PRO A 241 -58.46 -27.21 -19.86
N ILE A 242 -58.63 -27.36 -21.18
CA ILE A 242 -58.54 -28.68 -21.80
C ILE A 242 -57.09 -29.18 -21.77
N ARG A 243 -56.14 -28.28 -21.57
CA ARG A 243 -54.71 -28.56 -21.65
C ARG A 243 -54.03 -28.14 -20.36
N ASP A 244 -54.58 -28.59 -19.23
CA ASP A 244 -54.08 -28.20 -17.91
C ASP A 244 -52.62 -28.62 -17.72
N PHE A 245 -51.73 -27.63 -17.71
CA PHE A 245 -50.30 -27.84 -17.54
C PHE A 245 -49.79 -27.29 -16.20
N SER A 246 -50.69 -27.09 -15.24
CA SER A 246 -50.33 -26.40 -14.01
C SER A 246 -49.25 -27.16 -13.25
N LYS A 247 -49.38 -28.49 -13.15
CA LYS A 247 -48.40 -29.29 -12.43
C LYS A 247 -47.19 -29.67 -13.27
N ILE A 248 -47.25 -29.48 -14.59
CA ILE A 248 -46.17 -29.91 -15.47
C ILE A 248 -45.68 -28.76 -16.35
N GLU A 249 -45.83 -27.53 -15.85
CA GLU A 249 -45.39 -26.37 -16.61
C GLU A 249 -43.88 -26.41 -16.86
N GLY A 250 -43.10 -26.81 -15.86
CA GLY A 250 -41.67 -26.94 -16.04
C GLY A 250 -41.30 -27.95 -17.10
N HIS A 251 -42.07 -29.03 -17.21
CA HIS A 251 -41.82 -30.03 -18.25
C HIS A 251 -42.01 -29.42 -19.64
N LEU A 252 -43.09 -28.66 -19.83
CA LEU A 252 -43.33 -28.00 -21.11
C LEU A 252 -42.23 -26.99 -21.42
N ALA A 253 -41.80 -26.23 -20.41
CA ALA A 253 -40.72 -25.28 -20.62
C ALA A 253 -39.43 -25.99 -21.01
N TRP A 254 -39.11 -27.10 -20.33
CA TRP A 254 -37.94 -27.89 -20.69
C TRP A 254 -38.01 -28.33 -22.14
N THR A 255 -39.14 -28.91 -22.55
CA THR A 255 -39.27 -29.43 -23.90
C THR A 255 -39.10 -28.31 -24.93
N ILE A 256 -39.82 -27.20 -24.74
CA ILE A 256 -39.80 -26.12 -25.72
C ILE A 256 -38.41 -25.49 -25.79
N SER A 257 -37.79 -25.25 -24.63
CA SER A 257 -36.47 -24.62 -24.61
C SER A 257 -35.43 -25.51 -25.27
N THR A 258 -35.47 -26.82 -24.98
CA THR A 258 -34.49 -27.71 -25.59
C THR A 258 -34.69 -27.82 -27.09
N ALA A 259 -35.93 -27.88 -27.55
CA ALA A 259 -36.17 -27.94 -28.99
C ALA A 259 -35.70 -26.66 -29.67
N ALA A 260 -36.01 -25.50 -29.10
CA ALA A 260 -35.59 -24.23 -29.69
C ALA A 260 -34.07 -24.10 -29.69
N PHE A 261 -33.42 -24.51 -28.60
CA PHE A 261 -31.96 -24.43 -28.54
C PHE A 261 -31.32 -25.38 -29.55
N TYR A 262 -31.92 -26.54 -29.78
CA TYR A 262 -31.37 -27.48 -30.75
C TYR A 262 -31.53 -26.96 -32.18
N LYS A 263 -32.71 -26.41 -32.49
CA LYS A 263 -32.94 -25.89 -33.84
C LYS A 263 -32.11 -24.64 -34.13
N ALA A 264 -31.64 -23.95 -33.11
CA ALA A 264 -30.87 -22.73 -33.28
C ALA A 264 -29.38 -23.00 -33.45
N GLY A 265 -28.98 -24.25 -33.64
CA GLY A 265 -27.59 -24.59 -33.87
C GLY A 265 -26.85 -25.15 -32.67
N GLY A 266 -27.51 -25.34 -31.55
CA GLY A 266 -26.85 -25.83 -30.35
C GLY A 266 -26.97 -27.33 -30.17
N LYS A 267 -25.93 -27.91 -29.56
CA LYS A 267 -25.94 -29.32 -29.18
C LYS A 267 -26.08 -29.44 -27.67
N PRO A 268 -27.24 -29.86 -27.16
CA PRO A 268 -27.43 -29.85 -25.71
C PRO A 268 -26.65 -30.92 -24.96
N TRP A 269 -26.64 -32.15 -25.46
CA TRP A 269 -25.93 -33.24 -24.80
C TRP A 269 -25.51 -34.25 -25.85
N LYS A 270 -24.82 -35.30 -25.39
CA LYS A 270 -24.47 -36.42 -26.25
C LYS A 270 -24.13 -37.62 -25.38
N LEU A 271 -24.30 -38.81 -25.94
CA LEU A 271 -23.92 -40.02 -25.25
C LEU A 271 -22.41 -40.12 -25.13
N SER A 272 -21.95 -40.71 -24.02
CA SER A 272 -20.53 -40.81 -23.72
C SER A 272 -19.95 -42.18 -23.97
N ASP A 273 -20.74 -43.25 -23.86
CA ASP A 273 -20.23 -44.62 -23.93
C ASP A 273 -20.71 -45.27 -25.22
N VAL A 274 -19.96 -45.05 -26.30
CA VAL A 274 -20.16 -45.77 -27.55
C VAL A 274 -18.80 -45.92 -28.22
N ARG A 275 -18.48 -47.14 -28.65
CA ARG A 275 -17.18 -47.41 -29.23
C ARG A 275 -17.05 -46.77 -30.60
N ASN A 276 -15.81 -46.58 -31.03
CA ASN A 276 -15.52 -46.02 -32.34
C ASN A 276 -15.56 -47.11 -33.40
N GLY A 277 -15.59 -46.68 -34.66
CA GLY A 277 -15.54 -47.61 -35.77
C GLY A 277 -16.82 -48.35 -36.07
N VAL A 278 -17.92 -48.01 -35.40
CA VAL A 278 -19.21 -48.65 -35.63
C VAL A 278 -20.22 -47.58 -36.03
N CYS A 279 -20.93 -47.82 -37.12
CA CYS A 279 -21.92 -46.90 -37.65
C CYS A 279 -23.30 -47.55 -37.60
N TYR A 280 -24.25 -46.87 -36.97
CA TYR A 280 -25.60 -47.38 -36.79
C TYR A 280 -26.52 -46.77 -37.84
N LEU A 281 -27.55 -47.53 -38.23
CA LEU A 281 -28.52 -47.10 -39.22
C LEU A 281 -29.91 -47.46 -38.74
N GLY A 282 -30.89 -46.81 -39.34
CA GLY A 282 -32.28 -47.17 -39.13
C GLY A 282 -33.10 -46.93 -40.38
N LEU A 283 -33.77 -47.97 -40.88
CA LEU A 283 -34.55 -47.89 -42.11
C LEU A 283 -36.02 -48.03 -41.77
N VAL A 284 -36.85 -47.18 -42.36
CA VAL A 284 -38.29 -47.20 -42.11
C VAL A 284 -39.00 -47.08 -43.46
N TYR A 285 -40.10 -47.82 -43.61
CA TYR A 285 -40.88 -47.85 -44.84
C TYR A 285 -42.20 -47.13 -44.63
N LYS A 286 -42.51 -46.22 -45.53
CA LYS A 286 -43.72 -45.43 -45.48
C LYS A 286 -44.53 -45.64 -46.75
N LYS A 287 -45.83 -45.40 -46.66
CA LYS A 287 -46.72 -45.46 -47.81
C LYS A 287 -46.93 -44.06 -48.36
N VAL A 288 -46.78 -43.91 -49.67
CA VAL A 288 -47.14 -42.67 -50.36
C VAL A 288 -48.55 -42.82 -50.90
N GLU A 289 -49.41 -41.85 -50.60
CA GLU A 289 -50.82 -41.94 -50.96
C GLU A 289 -51.19 -41.08 -52.16
N LYS A 290 -50.46 -39.99 -52.42
CA LYS A 290 -50.79 -39.10 -53.52
C LYS A 290 -50.50 -39.71 -54.88
N SER A 291 -49.82 -40.86 -54.94
CA SER A 291 -49.53 -41.50 -56.21
C SER A 291 -50.78 -42.17 -56.76
N LYS A 292 -50.63 -42.76 -57.96
CA LYS A 292 -51.75 -43.43 -58.61
C LYS A 292 -52.22 -44.64 -57.80
N ASN A 293 -51.28 -45.46 -57.34
CA ASN A 293 -51.60 -46.64 -56.57
C ASN A 293 -51.91 -46.28 -55.12
N PRO A 294 -52.66 -47.14 -54.41
CA PRO A 294 -52.94 -46.83 -53.00
C PRO A 294 -51.70 -46.65 -52.15
N ARG A 295 -50.64 -47.41 -52.41
CA ARG A 295 -49.41 -47.28 -51.64
C ARG A 295 -48.24 -47.85 -52.43
N ASN A 296 -47.11 -47.17 -52.36
CA ASN A 296 -45.85 -47.67 -52.90
C ASN A 296 -44.80 -47.51 -51.82
N ALA A 297 -44.06 -48.57 -51.52
CA ALA A 297 -43.13 -48.54 -50.40
C ALA A 297 -42.05 -47.48 -50.62
N CYS A 298 -41.80 -46.69 -49.58
CA CYS A 298 -40.81 -45.62 -49.63
C CYS A 298 -39.92 -45.75 -48.40
N CYS A 299 -38.66 -46.12 -48.61
CA CYS A 299 -37.72 -46.33 -47.52
C CYS A 299 -36.92 -45.06 -47.29
N ALA A 300 -36.89 -44.63 -46.03
CA ALA A 300 -36.05 -43.52 -45.58
C ALA A 300 -35.27 -43.95 -44.36
N ALA A 301 -34.06 -43.42 -44.22
CA ALA A 301 -33.12 -43.91 -43.23
C ALA A 301 -32.53 -42.78 -42.42
N GLN A 302 -32.12 -43.11 -41.20
CA GLN A 302 -31.35 -42.25 -40.32
C GLN A 302 -30.01 -42.93 -40.03
N MET A 303 -28.98 -42.14 -39.80
CA MET A 303 -27.62 -42.65 -39.73
C MET A 303 -26.89 -41.99 -38.58
N PHE A 304 -25.98 -42.74 -37.95
CA PHE A 304 -25.31 -42.26 -36.74
C PHE A 304 -23.97 -42.99 -36.58
N LEU A 305 -22.86 -42.32 -36.88
CA LEU A 305 -21.58 -42.85 -36.45
C LEU A 305 -21.33 -42.34 -35.03
N ASP A 306 -20.12 -42.54 -34.51
CA ASP A 306 -19.84 -41.87 -33.25
C ASP A 306 -19.39 -40.44 -33.53
N ASN A 307 -18.14 -40.27 -34.00
CA ASN A 307 -17.62 -39.05 -34.59
C ASN A 307 -16.12 -39.16 -34.79
N GLY A 308 -15.51 -38.14 -35.37
CA GLY A 308 -14.14 -37.84 -35.05
C GLY A 308 -13.99 -37.37 -33.61
N ASP A 309 -14.90 -36.49 -33.15
CA ASP A 309 -14.87 -35.99 -31.78
C ASP A 309 -16.13 -36.33 -30.99
N GLY A 310 -17.32 -35.96 -31.47
CA GLY A 310 -18.54 -36.30 -30.75
C GLY A 310 -19.84 -36.23 -31.54
N THR A 311 -20.62 -37.32 -31.47
CA THR A 311 -22.05 -37.41 -31.82
C THR A 311 -22.37 -36.78 -33.19
N VAL A 312 -21.86 -37.43 -34.24
CA VAL A 312 -22.38 -37.18 -35.58
C VAL A 312 -23.67 -37.96 -35.75
N PHE A 313 -24.77 -37.23 -35.99
CA PHE A 313 -26.10 -37.85 -36.08
C PHE A 313 -26.91 -37.04 -37.08
N LYS A 314 -26.88 -37.46 -38.35
CA LYS A 314 -27.47 -36.68 -39.43
C LYS A 314 -28.66 -37.38 -40.07
N GLY A 315 -28.47 -38.60 -40.55
CA GLY A 315 -29.53 -39.28 -41.28
C GLY A 315 -29.23 -39.44 -42.75
N GLU A 316 -28.86 -40.66 -43.17
CA GLU A 316 -28.66 -40.96 -44.59
C GLU A 316 -30.03 -40.98 -45.26
N VAL A 317 -30.35 -39.91 -45.98
CA VAL A 317 -31.69 -39.63 -46.44
C VAL A 317 -31.65 -39.51 -47.97
N GLY A 318 -32.83 -39.43 -48.58
CA GLY A 318 -33.02 -39.56 -50.00
C GLY A 318 -33.79 -40.82 -50.26
N PRO A 319 -35.10 -40.69 -50.42
CA PRO A 319 -35.97 -41.86 -50.31
C PRO A 319 -35.80 -42.83 -51.47
N TRP A 320 -35.94 -44.11 -51.16
CA TRP A 320 -35.89 -45.16 -52.16
C TRP A 320 -37.26 -45.78 -52.30
N TYR A 321 -37.58 -46.27 -53.50
CA TYR A 321 -38.96 -46.62 -53.83
C TYR A 321 -39.05 -48.06 -54.32
N ASN A 322 -39.98 -48.81 -53.74
CA ASN A 322 -40.37 -50.12 -54.25
C ASN A 322 -41.83 -50.05 -54.67
N PRO A 323 -42.15 -50.28 -55.94
CA PRO A 323 -43.53 -50.07 -56.41
C PRO A 323 -44.50 -51.15 -55.97
N LYS A 324 -44.00 -52.35 -55.68
CA LYS A 324 -44.87 -53.45 -55.29
C LYS A 324 -45.54 -53.14 -53.96
N ASN A 325 -46.86 -53.30 -53.93
CA ASN A 325 -47.63 -52.98 -52.74
C ASN A 325 -47.35 -53.99 -51.64
N GLY A 326 -47.08 -53.50 -50.43
CA GLY A 326 -46.87 -54.33 -49.27
C GLY A 326 -45.49 -54.94 -49.15
N GLN A 327 -44.65 -54.81 -50.17
CA GLN A 327 -43.30 -55.39 -50.14
C GLN A 327 -42.36 -54.39 -49.49
N TYR A 328 -42.31 -54.41 -48.16
CA TYR A 328 -41.42 -53.53 -47.40
C TYR A 328 -39.99 -54.06 -47.44
N HIS A 329 -39.47 -54.16 -48.66
CA HIS A 329 -38.14 -54.68 -48.90
C HIS A 329 -37.48 -53.85 -50.01
N LEU A 330 -36.16 -53.88 -50.03
CA LEU A 330 -35.39 -53.09 -50.98
C LEU A 330 -34.95 -53.97 -52.15
N GLU A 331 -35.13 -53.47 -53.36
CA GLU A 331 -34.57 -54.12 -54.53
C GLU A 331 -33.05 -54.05 -54.46
N PRO A 332 -32.35 -54.99 -55.12
CA PRO A 332 -30.88 -55.02 -54.97
C PRO A 332 -30.19 -53.71 -55.33
N LYS A 333 -30.64 -53.02 -56.38
CA LYS A 333 -29.97 -51.79 -56.78
C LYS A 333 -30.20 -50.68 -55.77
N GLU A 334 -31.40 -50.61 -55.19
CA GLU A 334 -31.67 -49.58 -54.18
C GLU A 334 -30.90 -49.85 -52.90
N ALA A 335 -30.82 -51.12 -52.49
CA ALA A 335 -30.01 -51.46 -51.33
C ALA A 335 -28.55 -51.13 -51.58
N LYS A 336 -28.05 -51.42 -52.78
CA LYS A 336 -26.68 -51.04 -53.13
C LYS A 336 -26.49 -49.53 -53.01
N ALA A 337 -27.43 -48.75 -53.55
CA ALA A 337 -27.32 -47.30 -53.51
C ALA A 337 -27.31 -46.78 -52.08
N LEU A 338 -28.21 -47.29 -51.24
CA LEU A 338 -28.30 -46.82 -49.86
C LEU A 338 -27.04 -47.17 -49.08
N LEU A 339 -26.57 -48.41 -49.22
CA LEU A 339 -25.37 -48.83 -48.50
C LEU A 339 -24.16 -48.04 -48.97
N SER A 340 -24.04 -47.82 -50.28
CA SER A 340 -22.94 -47.02 -50.80
C SER A 340 -23.00 -45.58 -50.29
N GLN A 341 -24.20 -45.01 -50.22
CA GLN A 341 -24.35 -43.65 -49.72
C GLN A 341 -23.89 -43.55 -48.28
N SER A 342 -24.35 -44.47 -47.43
CA SER A 342 -23.95 -44.43 -46.02
C SER A 342 -22.46 -44.65 -45.86
N LEU A 343 -21.90 -45.62 -46.58
CA LEU A 343 -20.48 -45.92 -46.47
C LEU A 343 -19.63 -44.75 -46.96
N GLN A 344 -20.04 -44.10 -48.04
CA GLN A 344 -19.31 -42.93 -48.52
C GLN A 344 -19.43 -41.77 -47.53
N SER A 345 -20.60 -41.62 -46.90
CA SER A 345 -20.75 -40.59 -45.89
C SER A 345 -19.78 -40.80 -44.73
N TYR A 346 -19.62 -42.05 -44.31
CA TYR A 346 -18.62 -42.35 -43.28
C TYR A 346 -17.20 -42.09 -43.79
N LYS A 347 -16.92 -42.54 -45.02
CA LYS A 347 -15.56 -42.48 -45.54
C LYS A 347 -15.08 -41.04 -45.68
N GLU A 348 -15.93 -40.16 -46.22
CA GLU A 348 -15.53 -38.78 -46.42
C GLU A 348 -15.29 -38.05 -45.09
N GLN A 349 -15.90 -38.51 -44.01
CA GLN A 349 -15.83 -37.83 -42.73
C GLN A 349 -14.69 -38.32 -41.85
N ILE A 350 -14.41 -39.62 -41.84
CA ILE A 350 -13.32 -40.16 -41.03
C ILE A 350 -12.12 -40.58 -41.86
N GLY A 351 -12.32 -41.08 -43.08
CA GLY A 351 -11.24 -41.45 -43.97
C GLY A 351 -11.05 -42.94 -44.16
N GLU A 352 -11.56 -43.74 -43.23
CA GLU A 352 -11.54 -45.19 -43.36
C GLU A 352 -12.94 -45.75 -43.16
N TYR A 353 -13.21 -46.85 -43.86
CA TYR A 353 -14.53 -47.47 -43.78
C TYR A 353 -14.74 -48.07 -42.39
N PRO A 354 -15.97 -48.03 -41.88
CA PRO A 354 -16.23 -48.59 -40.56
C PRO A 354 -16.05 -50.09 -40.55
N LYS A 355 -15.66 -50.61 -39.39
CA LYS A 355 -15.47 -52.05 -39.23
C LYS A 355 -16.76 -52.77 -38.84
N GLU A 356 -17.75 -52.04 -38.31
CA GLU A 356 -19.01 -52.65 -37.91
C GLU A 356 -20.16 -51.73 -38.31
N VAL A 357 -21.20 -52.31 -38.92
CA VAL A 357 -22.38 -51.58 -39.34
C VAL A 357 -23.60 -52.29 -38.77
N PHE A 358 -24.37 -51.59 -37.95
CA PHE A 358 -25.52 -52.18 -37.25
C PHE A 358 -26.79 -51.59 -37.86
N ILE A 359 -27.30 -52.23 -38.89
CA ILE A 359 -28.52 -51.79 -39.54
C ILE A 359 -29.72 -52.23 -38.71
N HIS A 360 -30.60 -51.29 -38.40
CA HIS A 360 -31.83 -51.56 -37.67
C HIS A 360 -33.02 -51.50 -38.62
N ALA A 361 -34.15 -52.00 -38.15
CA ALA A 361 -35.38 -52.00 -38.92
C ALA A 361 -36.51 -52.46 -38.02
N LYS A 362 -37.73 -52.15 -38.44
CA LYS A 362 -38.93 -52.71 -37.82
C LYS A 362 -39.49 -53.88 -38.61
N THR A 363 -38.85 -54.26 -39.71
CA THR A 363 -39.28 -55.37 -40.56
C THR A 363 -38.13 -56.34 -40.72
N ARG A 364 -38.45 -57.54 -41.16
CA ARG A 364 -37.45 -58.57 -41.43
C ARG A 364 -36.88 -58.39 -42.82
N PHE A 365 -35.58 -58.62 -42.96
CA PHE A 365 -34.95 -58.58 -44.26
C PHE A 365 -35.24 -59.86 -45.04
N ASN A 366 -35.14 -59.76 -46.36
CA ASN A 366 -35.13 -60.94 -47.22
C ASN A 366 -33.69 -61.20 -47.67
N HIS A 367 -33.51 -62.28 -48.42
CA HIS A 367 -32.15 -62.67 -48.79
C HIS A 367 -31.59 -61.81 -49.92
N GLN A 368 -32.44 -61.32 -50.83
CA GLN A 368 -31.96 -60.56 -51.98
C GLN A 368 -31.29 -59.26 -51.53
N GLU A 369 -31.98 -58.46 -50.72
CA GLU A 369 -31.40 -57.21 -50.28
C GLU A 369 -30.21 -57.44 -49.37
N TRP A 370 -30.21 -58.54 -48.61
CA TRP A 370 -29.07 -58.81 -47.74
C TRP A 370 -27.83 -59.17 -48.54
N ASP A 371 -27.98 -60.00 -49.58
CA ASP A 371 -26.82 -60.32 -50.40
C ASP A 371 -26.36 -59.11 -51.20
N ALA A 372 -27.29 -58.23 -51.60
CA ALA A 372 -26.87 -56.97 -52.21
C ALA A 372 -26.06 -56.13 -51.22
N PHE A 373 -26.51 -56.06 -49.97
CA PHE A 373 -25.78 -55.37 -48.91
C PHE A 373 -24.35 -55.89 -48.81
N LEU A 374 -24.20 -57.22 -48.74
CA LEU A 374 -22.87 -57.80 -48.69
C LEU A 374 -22.08 -57.54 -49.97
N GLU A 375 -22.77 -57.45 -51.12
CA GLU A 375 -22.08 -57.17 -52.37
C GLU A 375 -21.43 -55.79 -52.35
N VAL A 376 -22.14 -54.79 -51.84
CA VAL A 376 -21.55 -53.46 -51.77
C VAL A 376 -20.71 -53.23 -50.51
N THR A 377 -20.93 -54.03 -49.47
CA THR A 377 -20.12 -53.89 -48.25
C THR A 377 -18.69 -54.38 -48.52
N PRO A 378 -17.68 -53.66 -48.05
CA PRO A 378 -16.31 -54.15 -48.18
C PRO A 378 -16.06 -55.36 -47.29
N LYS A 379 -14.98 -56.08 -47.63
CA LYS A 379 -14.66 -57.31 -46.90
C LYS A 379 -14.26 -57.02 -45.46
N GLU A 380 -13.68 -55.86 -45.19
CA GLU A 380 -13.18 -55.53 -43.86
C GLU A 380 -14.26 -54.99 -42.94
N THR A 381 -15.50 -54.85 -43.42
CA THR A 381 -16.58 -54.25 -42.65
C THR A 381 -17.58 -55.32 -42.25
N ASN A 382 -17.79 -55.48 -40.94
CA ASN A 382 -18.83 -56.37 -40.44
C ASN A 382 -20.19 -55.75 -40.70
N LEU A 383 -21.18 -56.61 -40.91
CA LEU A 383 -22.54 -56.18 -41.19
C LEU A 383 -23.49 -56.98 -40.31
N VAL A 384 -24.29 -56.29 -39.51
CA VAL A 384 -25.21 -56.92 -38.57
C VAL A 384 -26.59 -56.29 -38.75
N GLY A 385 -27.51 -57.05 -39.31
CA GLY A 385 -28.86 -56.55 -39.48
C GLY A 385 -29.77 -56.97 -38.36
N VAL A 386 -30.18 -55.99 -37.54
CA VAL A 386 -31.01 -56.22 -36.38
C VAL A 386 -32.46 -55.87 -36.73
N THR A 387 -33.40 -56.47 -36.02
CA THR A 387 -34.81 -56.21 -36.19
C THR A 387 -35.43 -55.96 -34.82
N ILE A 388 -36.25 -54.91 -34.73
CA ILE A 388 -36.85 -54.48 -33.48
C ILE A 388 -38.36 -54.45 -33.66
N SER A 389 -39.08 -55.08 -32.74
CA SER A 389 -40.52 -55.24 -32.84
C SER A 389 -41.17 -54.88 -31.51
N LYS A 390 -42.49 -54.73 -31.54
CA LYS A 390 -43.28 -54.43 -30.35
C LYS A 390 -44.51 -55.31 -30.19
N THR A 391 -45.00 -55.95 -31.26
CA THR A 391 -46.27 -56.65 -31.23
C THR A 391 -46.28 -57.90 -30.36
N LYS A 392 -45.13 -58.39 -29.93
CA LYS A 392 -45.10 -59.58 -29.07
C LYS A 392 -45.64 -59.23 -27.69
N PRO A 393 -46.71 -59.88 -27.23
CA PRO A 393 -47.37 -59.49 -25.96
C PRO A 393 -46.80 -60.21 -24.73
N LEU A 394 -45.59 -59.83 -24.35
CA LEU A 394 -44.97 -60.31 -23.11
C LEU A 394 -45.14 -59.26 -22.03
N LYS A 395 -45.44 -59.70 -20.81
CA LYS A 395 -45.66 -58.79 -19.70
C LYS A 395 -45.14 -59.42 -18.42
N LEU A 396 -44.26 -58.70 -17.72
CA LEU A 396 -43.78 -59.12 -16.41
C LEU A 396 -44.47 -58.28 -15.34
N TYR A 397 -45.10 -58.97 -14.39
CA TYR A 397 -45.83 -58.31 -13.32
C TYR A 397 -45.03 -58.35 -12.03
N LYS A 398 -45.09 -57.26 -11.28
CA LYS A 398 -44.43 -57.19 -9.98
C LYS A 398 -45.30 -57.88 -8.94
N THR A 399 -44.74 -58.89 -8.28
CA THR A 399 -45.49 -59.61 -7.25
C THR A 399 -45.63 -58.82 -5.96
N GLU A 400 -44.87 -57.74 -5.79
CA GLU A 400 -44.86 -56.99 -4.55
C GLU A 400 -45.83 -55.81 -4.55
N GLY A 401 -46.60 -55.61 -5.61
CA GLY A 401 -47.66 -54.62 -5.56
C GLY A 401 -47.66 -53.53 -6.60
N ASP A 402 -47.44 -52.28 -6.16
CA ASP A 402 -47.85 -51.11 -6.93
C ASP A 402 -46.95 -50.89 -8.14
N TYR A 403 -45.67 -50.63 -7.91
CA TYR A 403 -44.79 -50.19 -8.98
C TYR A 403 -44.42 -51.36 -9.89
N THR A 404 -44.06 -51.03 -11.12
CA THR A 404 -43.87 -52.00 -12.19
C THR A 404 -42.41 -52.44 -12.28
N ILE A 405 -42.14 -53.34 -13.22
CA ILE A 405 -40.80 -53.89 -13.40
C ILE A 405 -39.81 -52.77 -13.71
N LEU A 406 -38.63 -52.86 -13.11
CA LEU A 406 -37.59 -51.88 -13.33
C LEU A 406 -37.14 -51.88 -14.79
N ARG A 407 -36.78 -50.70 -15.29
CA ARG A 407 -36.41 -50.54 -16.69
C ARG A 407 -34.96 -50.98 -16.89
N GLY A 408 -34.74 -51.83 -17.89
CA GLY A 408 -33.43 -52.39 -18.17
C GLY A 408 -33.34 -53.90 -18.05
N ASN A 409 -34.41 -54.59 -17.67
CA ASN A 409 -34.39 -56.04 -17.55
C ASN A 409 -34.40 -56.67 -18.94
N ALA A 410 -33.52 -57.63 -19.16
CA ALA A 410 -33.38 -58.29 -20.45
C ALA A 410 -33.60 -59.79 -20.31
N TYR A 411 -34.49 -60.33 -21.14
CA TYR A 411 -34.75 -61.77 -21.21
C TYR A 411 -34.05 -62.27 -22.46
N VAL A 412 -32.78 -62.66 -22.31
CA VAL A 412 -32.04 -63.19 -23.45
C VAL A 412 -32.60 -64.57 -23.77
N VAL A 413 -33.40 -64.63 -24.84
CA VAL A 413 -34.03 -65.89 -25.22
C VAL A 413 -32.99 -66.87 -25.74
N ASN A 414 -32.11 -66.40 -26.62
CA ASN A 414 -31.03 -67.22 -27.13
C ASN A 414 -29.93 -66.31 -27.65
N GLU A 415 -29.01 -66.87 -28.42
CA GLU A 415 -27.90 -66.08 -28.96
C GLU A 415 -28.40 -65.00 -29.91
N ARG A 416 -29.48 -65.26 -30.65
CA ARG A 416 -29.95 -64.37 -31.70
C ARG A 416 -31.31 -63.76 -31.41
N SER A 417 -31.71 -63.66 -30.14
CA SER A 417 -33.01 -63.09 -29.82
C SER A 417 -33.10 -62.83 -28.33
N ALA A 418 -33.71 -61.69 -27.97
CA ALA A 418 -33.87 -61.30 -26.58
C ALA A 418 -35.04 -60.32 -26.48
N PHE A 419 -35.49 -60.11 -25.25
CA PHE A 419 -36.45 -59.07 -24.91
C PHE A 419 -35.74 -58.00 -24.10
N LEU A 420 -36.07 -56.73 -24.36
CA LEU A 420 -35.46 -55.63 -23.64
C LEU A 420 -36.55 -54.71 -23.09
N TRP A 421 -36.38 -54.27 -21.85
CA TRP A 421 -37.31 -53.34 -21.22
C TRP A 421 -36.69 -51.94 -21.27
N THR A 422 -36.86 -51.28 -22.41
CA THR A 422 -36.39 -49.91 -22.56
C THR A 422 -37.29 -48.91 -21.84
N VAL A 423 -38.51 -49.30 -21.51
CA VAL A 423 -39.45 -48.47 -20.77
C VAL A 423 -39.87 -49.22 -19.51
N GLY A 424 -39.77 -48.55 -18.37
CA GLY A 424 -40.18 -49.17 -17.12
C GLY A 424 -39.85 -48.26 -15.97
N TYR A 425 -39.77 -48.85 -14.78
CA TYR A 425 -39.45 -48.08 -13.59
C TYR A 425 -38.00 -47.61 -13.66
N VAL A 426 -37.79 -46.32 -13.39
CA VAL A 426 -36.47 -45.73 -13.31
C VAL A 426 -36.22 -45.32 -11.86
N PRO A 427 -35.22 -45.89 -11.18
CA PRO A 427 -35.02 -45.58 -9.76
C PRO A 427 -34.67 -44.13 -9.49
N LYS A 428 -34.09 -43.41 -10.46
CA LYS A 428 -33.66 -42.04 -10.20
C LYS A 428 -34.85 -41.09 -10.09
N ILE A 429 -35.82 -41.21 -11.00
CA ILE A 429 -37.02 -40.37 -10.92
C ILE A 429 -38.13 -41.00 -10.10
N GLN A 430 -38.00 -42.28 -9.73
CA GLN A 430 -38.98 -42.96 -8.88
C GLN A 430 -40.38 -42.95 -9.48
N THR A 431 -40.45 -43.23 -10.79
CA THR A 431 -41.74 -43.31 -11.48
C THR A 431 -41.58 -44.19 -12.71
N ALA A 432 -42.65 -44.89 -13.06
CA ALA A 432 -42.69 -45.71 -14.26
C ALA A 432 -43.09 -44.87 -15.46
N LEU A 433 -42.40 -45.09 -16.58
CA LEU A 433 -42.61 -44.28 -17.78
C LEU A 433 -43.93 -44.58 -18.48
N SER A 434 -44.63 -45.63 -18.10
CA SER A 434 -45.93 -45.95 -18.67
C SER A 434 -47.03 -45.84 -17.62
N MET A 435 -48.27 -46.02 -18.08
CA MET A 435 -49.44 -46.04 -17.21
C MET A 435 -49.89 -47.45 -16.88
N GLU A 436 -50.08 -48.29 -17.90
CA GLU A 436 -50.33 -49.70 -17.71
C GLU A 436 -49.00 -50.45 -17.63
N VAL A 437 -49.05 -51.77 -17.67
CA VAL A 437 -47.81 -52.56 -17.62
C VAL A 437 -47.04 -52.36 -18.92
N PRO A 438 -45.76 -52.01 -18.88
CA PRO A 438 -45.01 -51.79 -20.11
C PRO A 438 -44.82 -53.08 -20.89
N ASN A 439 -44.68 -52.93 -22.21
CA ASN A 439 -44.42 -54.05 -23.10
C ASN A 439 -43.01 -53.95 -23.65
N PRO A 440 -42.22 -55.02 -23.57
CA PRO A 440 -40.83 -54.93 -23.99
C PRO A 440 -40.68 -54.89 -25.50
N LEU A 441 -39.45 -54.62 -25.93
CA LEU A 441 -39.08 -54.68 -27.34
C LEU A 441 -38.41 -56.02 -27.61
N PHE A 442 -38.86 -56.70 -28.66
CA PHE A 442 -38.30 -57.99 -29.04
C PHE A 442 -37.18 -57.76 -30.05
N ILE A 443 -35.94 -57.76 -29.57
CA ILE A 443 -34.78 -57.48 -30.39
C ILE A 443 -34.16 -58.81 -30.79
N GLU A 444 -34.12 -59.08 -32.09
CA GLU A 444 -33.55 -60.33 -32.59
C GLU A 444 -32.61 -60.02 -33.74
N ILE A 445 -31.38 -60.54 -33.66
CA ILE A 445 -30.41 -60.33 -34.73
C ILE A 445 -30.89 -61.12 -35.94
N ASN A 446 -31.41 -60.41 -36.94
CA ASN A 446 -31.98 -61.09 -38.10
C ASN A 446 -30.89 -61.66 -38.99
N LYS A 447 -29.82 -60.90 -39.23
CA LYS A 447 -28.75 -61.34 -40.11
C LYS A 447 -27.41 -60.92 -39.54
N GLY A 448 -26.38 -61.69 -39.86
CA GLY A 448 -25.04 -61.40 -39.37
C GLY A 448 -24.84 -61.90 -37.96
N GLU A 449 -23.62 -61.73 -37.47
CA GLU A 449 -23.21 -62.23 -36.17
C GLU A 449 -22.79 -61.06 -35.28
N ALA A 450 -23.33 -61.03 -34.06
CA ALA A 450 -23.00 -60.01 -33.08
C ALA A 450 -23.56 -60.44 -31.73
N ASP A 451 -22.87 -60.03 -30.67
CA ASP A 451 -23.31 -60.35 -29.31
C ASP A 451 -24.67 -59.74 -29.03
N ILE A 452 -25.58 -60.55 -28.47
CA ILE A 452 -26.91 -60.06 -28.13
C ILE A 452 -26.83 -59.06 -26.99
N LYS A 453 -25.94 -59.29 -26.03
CA LYS A 453 -25.78 -58.34 -24.92
C LYS A 453 -25.30 -56.99 -25.42
N GLN A 454 -24.32 -56.98 -26.34
CA GLN A 454 -23.84 -55.74 -26.90
C GLN A 454 -24.93 -55.03 -27.70
N VAL A 455 -25.74 -55.81 -28.43
CA VAL A 455 -26.84 -55.21 -29.19
C VAL A 455 -27.84 -54.54 -28.26
N LEU A 456 -28.19 -55.22 -27.16
CA LEU A 456 -29.12 -54.63 -26.21
C LEU A 456 -28.53 -53.37 -25.57
N LYS A 457 -27.24 -53.40 -25.26
CA LYS A 457 -26.59 -52.22 -24.69
C LYS A 457 -26.63 -51.05 -25.66
N ASP A 458 -26.37 -51.31 -26.94
CA ASP A 458 -26.40 -50.24 -27.92
C ASP A 458 -27.80 -49.70 -28.13
N ILE A 459 -28.80 -50.59 -28.09
CA ILE A 459 -30.19 -50.14 -28.25
C ILE A 459 -30.60 -49.28 -27.06
N LEU A 460 -30.13 -49.61 -25.86
CA LEU A 460 -30.43 -48.77 -24.71
C LEU A 460 -29.61 -47.48 -24.72
N SER A 461 -28.47 -47.49 -25.40
CA SER A 461 -27.70 -46.25 -25.54
C SER A 461 -28.34 -45.29 -26.53
N LEU A 462 -28.87 -45.82 -27.63
CA LEU A 462 -29.46 -45.00 -28.68
C LEU A 462 -30.86 -44.51 -28.37
N THR A 463 -31.36 -44.71 -27.16
CA THR A 463 -32.69 -44.26 -26.79
C THR A 463 -32.66 -42.96 -25.99
N LYS A 464 -31.50 -42.31 -25.89
CA LYS A 464 -31.35 -41.07 -25.13
C LYS A 464 -31.22 -39.83 -25.99
N LEU A 465 -30.97 -39.98 -27.30
CA LEU A 465 -30.71 -38.84 -28.18
C LEU A 465 -31.98 -38.31 -28.82
N ASN A 466 -33.01 -38.04 -28.03
CA ASN A 466 -34.27 -37.50 -28.54
C ASN A 466 -34.27 -36.00 -28.31
N TYR A 467 -33.58 -35.27 -29.19
CA TYR A 467 -33.49 -33.82 -29.08
C TYR A 467 -34.85 -33.16 -29.22
N ASN A 468 -35.82 -33.83 -29.85
CA ASN A 468 -37.17 -33.29 -29.96
C ASN A 468 -37.88 -33.17 -28.62
N ALA A 469 -37.35 -33.79 -27.56
CA ALA A 469 -38.01 -33.82 -26.27
C ALA A 469 -36.96 -33.79 -25.17
N CYS A 470 -37.41 -33.45 -23.96
CA CYS A 470 -36.55 -33.48 -22.77
C CYS A 470 -37.20 -34.44 -21.77
N ILE A 471 -36.89 -35.72 -21.90
CA ILE A 471 -37.37 -36.77 -21.02
C ILE A 471 -36.18 -37.61 -20.59
N PHE A 472 -36.43 -38.56 -19.68
CA PHE A 472 -35.36 -39.42 -19.23
C PHE A 472 -34.84 -40.31 -20.35
N ALA A 473 -35.75 -40.98 -21.06
CA ALA A 473 -35.36 -41.87 -22.15
C ALA A 473 -36.58 -42.17 -23.00
N ASP A 474 -36.32 -42.69 -24.19
CA ASP A 474 -37.36 -43.08 -25.14
C ASP A 474 -37.64 -44.57 -25.03
N GLY A 475 -38.69 -45.02 -25.71
CA GLY A 475 -39.06 -46.41 -25.71
C GLY A 475 -38.74 -47.14 -27.01
N GLU A 476 -37.85 -46.54 -27.80
CA GLU A 476 -37.44 -47.10 -29.09
C GLU A 476 -36.18 -46.37 -29.49
N PRO A 477 -35.20 -47.04 -30.09
CA PRO A 477 -33.96 -46.36 -30.47
C PRO A 477 -34.26 -45.14 -31.35
N VAL A 478 -33.68 -44.01 -30.98
CA VAL A 478 -34.06 -42.73 -31.56
C VAL A 478 -33.74 -42.66 -33.05
N THR A 479 -32.83 -43.52 -33.53
CA THR A 479 -32.53 -43.53 -34.96
C THR A 479 -33.77 -43.87 -35.77
N LEU A 480 -34.51 -44.91 -35.35
CA LEU A 480 -35.73 -45.28 -36.04
C LEU A 480 -36.78 -44.18 -35.94
N ARG A 481 -36.89 -43.54 -34.77
CA ARG A 481 -37.88 -42.47 -34.61
C ARG A 481 -37.60 -41.31 -35.54
N PHE A 482 -36.34 -40.90 -35.65
CA PHE A 482 -36.01 -39.77 -36.50
C PHE A 482 -36.09 -40.14 -37.97
N ALA A 483 -35.76 -41.39 -38.34
CA ALA A 483 -36.00 -41.85 -39.69
C ALA A 483 -37.49 -41.81 -40.02
N ASP A 484 -38.33 -42.17 -39.06
CA ASP A 484 -39.77 -42.12 -39.25
C ASP A 484 -40.22 -40.69 -39.50
N LYS A 485 -39.73 -39.74 -38.69
CA LYS A 485 -40.13 -38.35 -38.86
C LYS A 485 -39.65 -37.80 -40.20
N ILE A 486 -38.43 -38.15 -40.61
CA ILE A 486 -37.90 -37.68 -41.88
C ILE A 486 -38.72 -38.23 -43.04
N GLY A 487 -39.04 -39.53 -43.00
CA GLY A 487 -39.86 -40.11 -44.05
C GLY A 487 -41.25 -39.51 -44.10
N GLU A 488 -41.86 -39.28 -42.93
CA GLU A 488 -43.19 -38.68 -42.89
C GLU A 488 -43.17 -37.30 -43.53
N ILE A 489 -42.15 -36.51 -43.25
CA ILE A 489 -42.06 -35.19 -43.89
C ILE A 489 -41.83 -35.33 -45.39
N LEU A 490 -40.94 -36.25 -45.79
CA LEU A 490 -40.54 -36.32 -47.20
C LEU A 490 -41.66 -36.86 -48.10
N THR A 491 -42.51 -37.76 -47.58
CA THR A 491 -43.60 -38.32 -48.37
C THR A 491 -44.86 -37.47 -48.32
N ALA A 492 -44.74 -36.18 -48.04
CA ALA A 492 -45.87 -35.26 -48.03
C ALA A 492 -45.94 -34.41 -49.28
N SER A 493 -44.80 -34.04 -49.86
CA SER A 493 -44.74 -33.33 -51.12
C SER A 493 -43.72 -34.02 -52.00
N THR A 494 -44.14 -34.39 -53.21
CA THR A 494 -43.29 -35.20 -54.08
C THR A 494 -42.43 -34.36 -55.01
N ASP A 495 -41.73 -33.36 -54.47
CA ASP A 495 -40.70 -32.65 -55.24
C ASP A 495 -39.65 -32.15 -54.26
N ILE A 496 -38.64 -32.97 -54.01
CA ILE A 496 -37.45 -32.58 -53.27
C ILE A 496 -36.25 -33.31 -53.85
N LYS A 497 -35.36 -32.57 -54.51
CA LYS A 497 -34.10 -33.10 -55.00
C LYS A 497 -33.02 -32.83 -53.97
N THR A 498 -32.30 -33.89 -53.58
CA THR A 498 -31.22 -33.79 -52.60
C THR A 498 -31.73 -33.11 -51.33
N PRO A 499 -32.49 -33.81 -50.50
CA PRO A 499 -33.08 -33.19 -49.31
C PRO A 499 -32.01 -32.70 -48.37
N PRO A 500 -32.32 -31.72 -47.52
CA PRO A 500 -31.28 -31.08 -46.69
C PRO A 500 -30.48 -32.05 -45.83
N LEU A 501 -31.10 -33.08 -45.27
CA LEU A 501 -30.39 -34.17 -44.59
C LEU A 501 -29.80 -33.76 -43.25
N ALA A 502 -30.43 -32.80 -42.56
CA ALA A 502 -30.07 -32.43 -41.20
C ALA A 502 -31.35 -32.35 -40.37
N PHE A 503 -31.26 -32.77 -39.10
CA PHE A 503 -32.47 -33.00 -38.32
C PHE A 503 -33.17 -31.71 -37.93
N LYS A 504 -32.44 -30.60 -37.82
CA LYS A 504 -33.07 -29.35 -37.41
C LYS A 504 -34.05 -28.84 -38.46
N TYR A 505 -33.89 -29.24 -39.72
CA TYR A 505 -34.82 -28.84 -40.77
C TYR A 505 -36.07 -29.69 -40.81
N TYR A 506 -36.13 -30.76 -40.02
CA TYR A 506 -37.33 -31.59 -39.93
C TYR A 506 -37.94 -31.48 -38.53
N MET B 1 -19.39 -12.95 12.83
CA MET B 1 -18.90 -14.27 13.18
C MET B 1 -18.45 -15.04 11.95
N ARG B 2 -17.61 -16.06 12.16
CA ARG B 2 -16.99 -16.78 11.06
C ARG B 2 -18.02 -17.66 10.36
N ASN B 3 -18.43 -17.25 9.15
CA ASN B 3 -19.34 -18.07 8.35
C ASN B 3 -18.96 -18.09 6.87
N LYS B 4 -17.79 -17.57 6.49
CA LYS B 4 -17.39 -17.50 5.10
C LYS B 4 -16.46 -18.65 4.77
N ILE B 5 -16.67 -19.23 3.59
CA ILE B 5 -15.87 -20.35 3.08
C ILE B 5 -14.91 -19.78 2.04
N PHE B 6 -13.62 -19.79 2.34
CA PHE B 6 -12.61 -19.22 1.48
C PHE B 6 -12.11 -20.28 0.50
N ILE B 7 -12.33 -20.07 -0.79
CA ILE B 7 -11.93 -21.02 -1.82
C ILE B 7 -10.59 -20.58 -2.39
N SER B 8 -9.52 -21.24 -1.96
CA SER B 8 -8.19 -20.99 -2.49
C SER B 8 -7.99 -21.80 -3.77
N HIS B 9 -7.45 -21.16 -4.79
CA HIS B 9 -7.24 -21.84 -6.07
C HIS B 9 -6.21 -21.06 -6.88
N ALA B 10 -5.75 -21.67 -7.96
CA ALA B 10 -4.81 -21.03 -8.88
C ALA B 10 -5.58 -20.39 -10.02
N THR B 11 -5.23 -19.15 -10.33
CA THR B 11 -5.94 -18.39 -11.34
C THR B 11 -5.09 -18.22 -12.60
N PRO B 12 -5.71 -18.20 -13.78
CA PRO B 12 -7.13 -18.41 -14.05
C PRO B 12 -7.41 -19.82 -14.55
N ASP B 13 -6.50 -20.76 -14.30
CA ASP B 13 -6.64 -22.11 -14.83
C ASP B 13 -7.84 -22.83 -14.25
N ASP B 14 -7.99 -22.79 -12.92
CA ASP B 14 -9.09 -23.47 -12.24
C ASP B 14 -10.30 -22.57 -12.04
N ASN B 15 -10.47 -21.57 -12.90
CA ASN B 15 -11.57 -20.61 -12.73
C ASN B 15 -12.92 -21.24 -13.02
N ASP B 16 -13.00 -22.16 -13.99
CA ASP B 16 -14.29 -22.76 -14.34
C ASP B 16 -14.86 -23.58 -13.19
N PHE B 17 -14.06 -24.51 -12.65
CA PHE B 17 -14.53 -25.34 -11.56
C PHE B 17 -14.78 -24.51 -10.31
N THR B 18 -13.90 -23.54 -10.04
CA THR B 18 -14.08 -22.69 -8.86
C THR B 18 -15.36 -21.88 -8.95
N ARG B 19 -15.63 -21.30 -10.12
CA ARG B 19 -16.86 -20.52 -10.29
C ARG B 19 -18.08 -21.41 -10.17
N TRP B 20 -18.05 -22.60 -10.77
CA TRP B 20 -19.18 -23.52 -10.66
C TRP B 20 -19.43 -23.89 -9.20
N LEU B 21 -18.36 -24.24 -8.48
CA LEU B 21 -18.50 -24.65 -7.09
C LEU B 21 -18.99 -23.50 -6.21
N ALA B 22 -18.46 -22.30 -6.43
CA ALA B 22 -18.89 -21.14 -5.65
C ALA B 22 -20.34 -20.81 -5.91
N LEU B 23 -20.77 -20.87 -7.18
CA LEU B 23 -22.17 -20.61 -7.49
C LEU B 23 -23.09 -21.65 -6.87
N LYS B 24 -22.69 -22.94 -6.91
CA LYS B 24 -23.49 -23.97 -6.27
C LYS B 24 -23.59 -23.72 -4.77
N LEU B 25 -22.47 -23.39 -4.13
CA LEU B 25 -22.48 -23.18 -2.68
C LEU B 25 -23.32 -21.97 -2.30
N ILE B 26 -23.23 -20.89 -3.07
CA ILE B 26 -24.06 -19.71 -2.80
C ILE B 26 -25.53 -20.05 -2.97
N GLY B 27 -25.87 -20.81 -4.03
CA GLY B 27 -27.25 -21.18 -4.27
C GLY B 27 -27.86 -22.03 -3.18
N LEU B 28 -27.04 -22.61 -2.31
CA LEU B 28 -27.53 -23.45 -1.22
C LEU B 28 -27.78 -22.68 0.06
N GLY B 29 -26.96 -21.66 0.35
CA GLY B 29 -27.16 -20.87 1.56
C GLY B 29 -25.88 -20.53 2.29
N TYR B 30 -24.76 -21.07 1.84
CA TYR B 30 -23.48 -20.76 2.45
C TYR B 30 -22.92 -19.46 1.90
N GLU B 31 -22.15 -18.77 2.75
CA GLU B 31 -21.47 -17.54 2.35
C GLU B 31 -20.05 -17.90 1.91
N VAL B 32 -19.71 -17.55 0.67
CA VAL B 32 -18.47 -18.01 0.06
C VAL B 32 -17.60 -16.79 -0.25
N TRP B 33 -16.32 -17.05 -0.49
CA TRP B 33 -15.37 -15.98 -0.82
C TRP B 33 -14.29 -16.55 -1.73
N CYS B 34 -14.25 -16.07 -2.95
CA CYS B 34 -13.16 -16.29 -3.89
C CYS B 34 -12.81 -14.97 -4.53
N ASP B 35 -11.54 -14.85 -4.96
CA ASP B 35 -11.09 -13.58 -5.53
C ASP B 35 -11.83 -13.24 -6.80
N ILE B 36 -12.09 -14.24 -7.66
CA ILE B 36 -12.72 -13.99 -8.94
C ILE B 36 -14.18 -13.60 -8.84
N LEU B 37 -14.76 -13.60 -7.64
CA LEU B 37 -16.16 -13.24 -7.46
C LEU B 37 -16.40 -12.16 -6.41
N PHE B 38 -15.49 -11.93 -5.48
CA PHE B 38 -15.72 -10.98 -4.40
C PHE B 38 -14.58 -10.02 -4.14
N LEU B 39 -13.38 -10.28 -4.66
CA LEU B 39 -12.28 -9.34 -4.49
C LEU B 39 -12.57 -8.04 -5.23
N ASP B 40 -12.37 -6.92 -4.57
CA ASP B 40 -12.72 -5.62 -5.12
C ASP B 40 -11.56 -5.06 -5.95
N LYS B 41 -11.79 -3.88 -6.53
CA LYS B 41 -10.85 -3.27 -7.46
C LYS B 41 -10.06 -2.20 -6.70
N GLY B 42 -9.00 -2.66 -6.04
CA GLY B 42 -8.09 -1.84 -5.27
C GLY B 42 -8.46 -1.92 -3.81
N VAL B 43 -7.84 -2.86 -3.09
CA VAL B 43 -8.16 -3.06 -1.69
C VAL B 43 -6.89 -3.33 -0.87
N ASP B 44 -5.73 -3.22 -1.51
CA ASP B 44 -4.50 -3.82 -0.99
C ASP B 44 -4.71 -5.33 -0.85
N PHE B 45 -4.90 -5.96 -2.01
CA PHE B 45 -5.59 -7.25 -2.07
C PHE B 45 -4.93 -8.31 -1.22
N TRP B 46 -3.59 -8.29 -1.11
CA TRP B 46 -2.92 -9.24 -0.23
C TRP B 46 -3.40 -9.08 1.20
N SER B 47 -3.44 -7.83 1.69
CA SER B 47 -3.94 -7.58 3.04
C SER B 47 -5.41 -7.96 3.17
N ASN B 48 -6.18 -7.74 2.10
CA ASN B 48 -7.61 -8.06 2.15
C ASN B 48 -7.84 -9.56 2.31
N ILE B 49 -7.13 -10.36 1.50
CA ILE B 49 -7.30 -11.81 1.61
C ILE B 49 -6.73 -12.32 2.92
N GLU B 50 -5.64 -11.72 3.42
CA GLU B 50 -5.13 -12.13 4.73
C GLU B 50 -6.14 -11.84 5.83
N LYS B 51 -6.79 -10.68 5.79
CA LYS B 51 -7.82 -10.35 6.77
C LYS B 51 -9.00 -11.31 6.66
N VAL B 52 -9.40 -11.64 5.43
CA VAL B 52 -10.51 -12.57 5.23
C VAL B 52 -10.17 -13.93 5.81
N ILE B 53 -8.95 -14.41 5.57
CA ILE B 53 -8.53 -15.71 6.08
C ILE B 53 -8.50 -15.69 7.60
N ARG B 54 -7.95 -14.65 8.20
CA ARG B 54 -7.72 -14.62 9.64
C ARG B 54 -8.92 -14.12 10.45
N GLU B 55 -9.98 -13.66 9.80
CA GLU B 55 -11.12 -13.10 10.52
C GLU B 55 -12.43 -13.84 10.27
N ASP B 56 -12.77 -14.10 9.00
CA ASP B 56 -14.09 -14.62 8.67
C ASP B 56 -14.09 -16.04 8.14
N THR B 57 -12.93 -16.62 7.84
CA THR B 57 -12.88 -17.96 7.25
C THR B 57 -13.25 -19.00 8.30
N CYS B 58 -14.43 -19.61 8.15
CA CYS B 58 -14.83 -20.73 8.98
C CYS B 58 -14.37 -22.06 8.41
N LYS B 59 -14.35 -22.20 7.09
CA LYS B 59 -13.76 -23.35 6.42
C LYS B 59 -12.87 -22.86 5.29
N PHE B 60 -11.80 -23.60 5.04
CA PHE B 60 -10.81 -23.26 4.03
C PHE B 60 -10.77 -24.38 2.99
N LEU B 61 -11.57 -24.25 1.95
CA LEU B 61 -11.50 -25.17 0.82
C LEU B 61 -10.30 -24.80 -0.05
N LEU B 62 -9.61 -25.82 -0.55
CA LEU B 62 -8.45 -25.61 -1.40
C LEU B 62 -8.56 -26.51 -2.63
N VAL B 63 -8.67 -25.91 -3.80
CA VAL B 63 -8.69 -26.67 -5.04
C VAL B 63 -7.28 -27.14 -5.34
N SER B 64 -7.11 -28.46 -5.46
CA SER B 64 -5.80 -29.06 -5.69
C SER B 64 -5.75 -29.62 -7.11
N SER B 65 -4.69 -29.30 -7.83
CA SER B 65 -4.52 -29.73 -9.21
C SER B 65 -3.03 -29.64 -9.55
N SER B 66 -2.70 -29.89 -10.82
CA SER B 66 -1.32 -29.75 -11.25
C SER B 66 -0.87 -28.30 -11.32
N TYR B 67 -1.82 -27.36 -11.40
CA TYR B 67 -1.49 -25.93 -11.35
C TYR B 67 -1.42 -25.43 -9.92
N SER B 68 -2.49 -25.65 -9.15
CA SER B 68 -2.63 -25.14 -7.79
C SER B 68 -1.80 -25.89 -6.79
N ASN B 69 -0.88 -26.75 -7.22
CA ASN B 69 -0.02 -27.45 -6.27
C ASN B 69 1.17 -26.59 -5.88
N GLN B 70 1.81 -25.93 -6.84
CA GLN B 70 3.02 -25.16 -6.59
C GLN B 70 2.81 -23.65 -6.76
N ARG B 71 1.58 -23.18 -6.79
CA ARG B 71 1.33 -21.75 -6.97
C ARG B 71 1.69 -21.01 -5.69
N GLU B 72 2.50 -19.95 -5.83
CA GLU B 72 3.01 -19.24 -4.66
C GLU B 72 1.90 -18.56 -3.87
N GLY B 73 0.97 -17.90 -4.56
CA GLY B 73 -0.15 -17.27 -3.86
C GLY B 73 -1.00 -18.27 -3.10
N VAL B 74 -1.27 -19.42 -3.73
CA VAL B 74 -2.03 -20.47 -3.06
C VAL B 74 -1.26 -21.02 -1.88
N LEU B 75 0.06 -21.15 -2.02
CA LEU B 75 0.88 -21.62 -0.90
C LEU B 75 0.83 -20.64 0.26
N LYS B 76 0.89 -19.35 -0.02
CA LYS B 76 0.81 -18.35 1.06
C LYS B 76 -0.55 -18.37 1.75
N GLU B 77 -1.62 -18.48 0.97
CA GLU B 77 -2.95 -18.59 1.55
C GLU B 77 -3.05 -19.83 2.42
N LEU B 78 -2.49 -20.96 1.96
CA LEU B 78 -2.52 -22.19 2.74
C LEU B 78 -1.71 -22.06 4.02
N ALA B 79 -0.56 -21.38 3.96
CA ALA B 79 0.25 -21.18 5.16
C ALA B 79 -0.48 -20.33 6.20
N VAL B 80 -1.11 -19.24 5.76
CA VAL B 80 -1.84 -18.42 6.71
C VAL B 80 -3.05 -19.18 7.27
N ALA B 81 -3.69 -20.01 6.43
CA ALA B 81 -4.78 -20.84 6.92
C ALA B 81 -4.30 -21.86 7.92
N ALA B 82 -3.10 -22.41 7.71
CA ALA B 82 -2.52 -23.34 8.69
C ALA B 82 -2.26 -22.65 10.01
N LYS B 83 -1.76 -21.41 9.97
CA LYS B 83 -1.59 -20.65 11.21
C LYS B 83 -2.92 -20.42 11.91
N VAL B 84 -3.96 -20.07 11.15
CA VAL B 84 -5.28 -19.85 11.73
C VAL B 84 -5.81 -21.14 12.35
N LYS B 85 -5.60 -22.26 11.68
CA LYS B 85 -6.02 -23.56 12.21
C LYS B 85 -5.28 -23.89 13.50
N LYS B 86 -3.96 -23.63 13.53
CA LYS B 86 -3.19 -23.85 14.74
C LYS B 86 -3.73 -23.01 15.88
N GLN B 87 -4.11 -21.76 15.60
CA GLN B 87 -4.73 -20.92 16.63
C GLN B 87 -6.07 -21.51 17.07
N LEU B 88 -6.87 -22.01 16.13
CA LEU B 88 -8.18 -22.55 16.44
C LEU B 88 -8.15 -24.01 16.86
N LYS B 89 -7.08 -24.74 16.52
CA LYS B 89 -6.94 -26.17 16.83
C LYS B 89 -8.12 -26.98 16.30
N ASP B 90 -8.58 -26.64 15.10
CA ASP B 90 -9.62 -27.37 14.41
C ASP B 90 -9.01 -28.19 13.28
N ASP B 91 -9.21 -29.51 13.32
CA ASP B 91 -8.59 -30.37 12.33
C ASP B 91 -9.21 -30.17 10.95
N LYS B 92 -10.52 -29.93 10.89
CA LYS B 92 -11.25 -29.84 9.62
C LYS B 92 -11.34 -28.42 9.09
N PHE B 93 -10.37 -27.56 9.40
CA PHE B 93 -10.36 -26.22 8.84
C PHE B 93 -10.04 -26.26 7.35
N ILE B 94 -9.02 -27.02 6.96
CA ILE B 94 -8.57 -27.08 5.58
C ILE B 94 -9.16 -28.34 4.95
N ILE B 95 -9.85 -28.17 3.84
CA ILE B 95 -10.41 -29.27 3.07
C ILE B 95 -9.82 -29.21 1.66
N PRO B 96 -8.89 -30.09 1.33
CA PRO B 96 -8.46 -30.22 -0.06
C PRO B 96 -9.57 -30.82 -0.91
N LEU B 97 -9.64 -30.35 -2.15
CA LEU B 97 -10.57 -30.85 -3.15
C LEU B 97 -9.75 -31.22 -4.38
N ALA B 98 -9.54 -32.51 -4.59
CA ALA B 98 -8.73 -32.98 -5.71
C ALA B 98 -9.62 -33.10 -6.94
N ILE B 99 -9.33 -32.30 -7.96
CA ILE B 99 -10.11 -32.28 -9.18
C ILE B 99 -9.31 -32.69 -10.40
N ASP B 100 -7.99 -32.79 -10.30
CA ASP B 100 -7.15 -33.22 -11.42
C ASP B 100 -6.75 -34.67 -11.20
N GLU B 101 -7.07 -35.52 -12.18
CA GLU B 101 -6.72 -36.93 -12.08
C GLU B 101 -5.21 -37.15 -12.12
N GLN B 102 -4.49 -36.32 -12.89
CA GLN B 102 -3.07 -36.53 -13.11
C GLN B 102 -2.21 -36.21 -11.88
N LEU B 103 -2.79 -35.61 -10.84
CA LEU B 103 -2.03 -35.28 -9.64
C LEU B 103 -1.67 -36.57 -8.91
N SER B 104 -0.42 -36.99 -9.04
CA SER B 104 0.04 -38.20 -8.38
C SER B 104 0.19 -37.98 -6.88
N TYR B 105 0.15 -39.08 -6.13
CA TYR B 105 0.20 -38.98 -4.68
C TYR B 105 1.58 -38.61 -4.17
N ASP B 106 2.63 -38.85 -4.96
CA ASP B 106 3.98 -38.43 -4.57
C ASP B 106 4.30 -37.01 -5.01
N ASP B 107 3.36 -36.33 -5.67
CA ASP B 107 3.55 -34.96 -6.12
C ASP B 107 2.74 -33.95 -5.32
N ILE B 108 1.74 -34.39 -4.56
CA ILE B 108 1.00 -33.47 -3.71
C ILE B 108 1.93 -32.91 -2.64
N ASN B 109 1.80 -31.60 -2.38
CA ASN B 109 2.64 -30.96 -1.38
C ASN B 109 2.40 -31.59 -0.01
N ILE B 110 3.48 -31.70 0.76
CA ILE B 110 3.46 -32.42 2.03
C ILE B 110 2.57 -31.78 3.09
N ASP B 111 2.11 -30.55 2.86
CA ASP B 111 1.30 -29.85 3.85
C ASP B 111 -0.18 -30.25 3.79
N ILE B 112 -0.59 -31.05 2.81
CA ILE B 112 -1.99 -31.45 2.67
C ILE B 112 -2.15 -32.94 2.46
N VAL B 113 -1.07 -33.71 2.44
CA VAL B 113 -1.18 -35.15 2.18
C VAL B 113 -1.96 -35.83 3.30
N ARG B 114 -1.67 -35.51 4.56
CA ARG B 114 -2.33 -36.15 5.68
C ARG B 114 -3.75 -35.64 5.91
N LEU B 115 -4.16 -34.58 5.22
CA LEU B 115 -5.55 -34.17 5.25
C LEU B 115 -6.39 -35.04 4.35
N ASN B 116 -7.61 -35.35 4.79
CA ASN B 116 -8.53 -36.08 3.94
C ASN B 116 -8.95 -35.21 2.76
N ALA B 117 -9.01 -35.83 1.58
CA ALA B 117 -9.36 -35.13 0.35
C ALA B 117 -10.69 -35.64 -0.17
N ILE B 118 -11.41 -34.76 -0.86
CA ILE B 118 -12.71 -35.07 -1.44
C ILE B 118 -12.53 -35.28 -2.93
N ASP B 119 -13.04 -36.40 -3.42
CA ASP B 119 -12.82 -36.80 -4.81
C ASP B 119 -13.73 -36.00 -5.75
N PHE B 120 -13.12 -35.40 -6.77
CA PHE B 120 -13.84 -34.67 -7.79
C PHE B 120 -13.48 -35.09 -9.20
N LYS B 121 -12.48 -35.96 -9.37
CA LYS B 121 -12.03 -36.33 -10.71
C LYS B 121 -13.11 -37.06 -11.49
N MET B 122 -13.75 -38.05 -10.87
CA MET B 122 -14.73 -38.86 -11.59
C MET B 122 -16.03 -38.09 -11.80
N SER B 123 -16.43 -37.28 -10.83
CA SER B 123 -17.66 -36.50 -10.96
C SER B 123 -17.57 -35.28 -10.06
N TRP B 124 -18.26 -34.22 -10.47
CA TRP B 124 -18.38 -33.05 -9.60
C TRP B 124 -19.61 -33.10 -8.73
N ALA B 125 -20.67 -33.79 -9.17
CA ALA B 125 -21.85 -33.93 -8.33
C ALA B 125 -21.58 -34.84 -7.13
N ARG B 126 -20.83 -35.92 -7.34
CA ARG B 126 -20.46 -36.78 -6.23
C ARG B 126 -19.56 -36.04 -5.24
N GLY B 127 -18.58 -35.30 -5.75
CA GLY B 127 -17.74 -34.50 -4.89
C GLY B 127 -18.52 -33.44 -4.13
N LEU B 128 -19.53 -32.85 -4.79
CA LEU B 128 -20.37 -31.87 -4.13
C LEU B 128 -21.19 -32.53 -3.02
N LYS B 129 -21.68 -33.75 -3.26
CA LYS B 129 -22.38 -34.48 -2.20
C LYS B 129 -21.45 -34.76 -1.02
N ASP B 130 -20.20 -35.14 -1.31
CA ASP B 130 -19.23 -35.35 -0.23
C ASP B 130 -18.99 -34.06 0.55
N ILE B 131 -18.84 -32.94 -0.15
CA ILE B 131 -18.66 -31.64 0.51
C ILE B 131 -19.84 -31.33 1.40
N LEU B 132 -21.05 -31.58 0.91
CA LEU B 132 -22.25 -31.31 1.70
C LEU B 132 -22.31 -32.18 2.93
N GLU B 133 -21.95 -33.47 2.79
CA GLU B 133 -21.94 -34.36 3.94
C GLU B 133 -20.96 -33.87 5.00
N ALA B 134 -19.74 -33.49 4.58
CA ALA B 134 -18.75 -33.00 5.52
C ALA B 134 -19.23 -31.72 6.20
N PHE B 135 -19.81 -30.80 5.43
CA PHE B 135 -20.26 -29.53 5.99
C PHE B 135 -21.39 -29.76 6.99
N GLU B 136 -22.32 -30.66 6.68
CA GLU B 136 -23.40 -30.94 7.62
C GLU B 136 -22.88 -31.62 8.88
N LYS B 137 -21.90 -32.52 8.74
CA LYS B 137 -21.35 -33.19 9.92
C LYS B 137 -20.51 -32.26 10.77
N GLN B 138 -19.98 -31.18 10.19
CA GLN B 138 -19.21 -30.21 10.97
C GLN B 138 -20.03 -28.99 11.37
N LYS B 139 -21.31 -28.94 11.01
CA LYS B 139 -22.23 -27.87 11.43
C LYS B 139 -21.69 -26.49 11.01
N VAL B 140 -21.54 -26.33 9.70
CA VAL B 140 -21.17 -25.04 9.12
C VAL B 140 -22.43 -24.18 9.02
N PRO B 141 -22.37 -22.90 9.39
CA PRO B 141 -23.58 -22.06 9.29
C PRO B 141 -24.05 -21.92 7.85
N LYS B 142 -25.38 -21.92 7.70
CA LYS B 142 -25.99 -21.68 6.40
C LYS B 142 -27.43 -21.25 6.65
N GLU B 143 -27.90 -20.27 5.88
CA GLU B 143 -29.20 -19.66 6.09
C GLU B 143 -29.78 -19.28 4.73
N VAL B 144 -30.77 -18.37 4.74
CA VAL B 144 -31.44 -17.87 3.54
C VAL B 144 -32.16 -19.03 2.86
N ALA B 145 -33.10 -19.65 3.56
CA ALA B 145 -33.98 -20.65 2.95
C ALA B 145 -35.16 -19.93 2.32
N ASP B 146 -35.18 -19.86 1.00
CA ASP B 146 -36.19 -19.09 0.28
C ASP B 146 -37.50 -19.86 0.17
N ALA B 147 -38.57 -19.11 -0.12
CA ALA B 147 -39.86 -19.73 -0.36
C ALA B 147 -39.85 -20.60 -1.61
N SER B 148 -38.93 -20.31 -2.54
CA SER B 148 -38.79 -21.12 -3.74
C SER B 148 -38.09 -22.45 -3.47
N LYS B 149 -37.93 -22.83 -2.21
CA LYS B 149 -37.45 -24.16 -1.83
C LYS B 149 -36.07 -24.48 -2.38
N SER B 150 -35.04 -23.79 -1.88
CA SER B 150 -33.65 -24.14 -2.17
C SER B 150 -33.28 -25.54 -1.68
N ASN B 151 -34.20 -26.24 -1.01
CA ASN B 151 -33.99 -27.64 -0.67
C ASN B 151 -34.15 -28.55 -1.89
N LEU B 152 -34.88 -28.11 -2.91
CA LEU B 152 -34.97 -28.88 -4.14
C LEU B 152 -33.61 -28.97 -4.84
N LEU B 153 -32.86 -27.86 -4.85
CA LEU B 153 -31.53 -27.88 -5.43
C LEU B 153 -30.62 -28.82 -4.64
N TYR B 154 -30.76 -28.82 -3.31
CA TYR B 154 -30.03 -29.78 -2.47
C TYR B 154 -30.39 -31.21 -2.83
N GLN B 155 -31.68 -31.48 -3.04
CA GLN B 155 -32.11 -32.81 -3.43
C GLN B 155 -31.49 -33.23 -4.76
N GLN B 156 -31.48 -32.32 -5.73
CA GLN B 156 -30.97 -32.65 -7.06
C GLN B 156 -29.45 -32.74 -7.12
N ILE B 157 -28.72 -32.11 -6.20
CA ILE B 157 -27.26 -32.13 -6.30
C ILE B 157 -26.68 -33.28 -5.49
N PHE B 158 -27.51 -34.27 -5.17
CA PHE B 158 -27.02 -35.54 -4.64
C PHE B 158 -26.57 -36.50 -5.73
N LEU B 159 -26.23 -35.97 -6.92
CA LEU B 159 -26.20 -36.77 -8.14
C LEU B 159 -27.55 -37.48 -8.20
N HIS B 160 -27.55 -38.80 -8.03
CA HIS B 160 -28.71 -39.53 -7.51
C HIS B 160 -28.42 -41.01 -7.32
N ASP B 161 -29.42 -41.74 -6.83
CA ASP B 161 -29.24 -43.13 -6.44
C ASP B 161 -29.14 -44.04 -7.66
N LYS B 162 -29.09 -45.33 -7.40
CA LYS B 162 -28.98 -46.35 -8.44
C LYS B 162 -29.72 -47.59 -7.95
N SER B 163 -29.46 -48.74 -8.57
CA SER B 163 -30.12 -50.01 -8.24
C SER B 163 -29.24 -50.88 -7.36
N VAL B 164 -28.50 -50.26 -6.42
CA VAL B 164 -27.57 -51.00 -5.57
C VAL B 164 -28.26 -51.95 -4.60
N ILE B 165 -29.60 -51.92 -4.52
CA ILE B 165 -30.31 -52.74 -3.54
C ILE B 165 -30.11 -54.22 -3.81
N GLU B 166 -30.27 -54.62 -5.07
CA GLU B 166 -29.97 -55.98 -5.53
C GLU B 166 -30.75 -57.04 -4.76
N LYS B 167 -32.07 -56.94 -4.85
CA LYS B 167 -32.95 -57.97 -4.33
C LYS B 167 -33.15 -59.05 -5.38
N GLU B 168 -34.02 -60.02 -5.13
CA GLU B 168 -34.39 -61.02 -6.13
C GLU B 168 -35.66 -60.62 -6.87
N GLU B 169 -36.77 -60.49 -6.15
CA GLU B 169 -38.03 -59.93 -6.67
C GLU B 169 -38.45 -60.62 -7.97
N ILE B 170 -38.80 -61.90 -7.84
CA ILE B 170 -39.29 -62.66 -8.98
C ILE B 170 -40.52 -61.99 -9.60
N TYR B 171 -40.73 -62.29 -10.88
CA TYR B 171 -41.85 -61.73 -11.64
C TYR B 171 -42.64 -62.85 -12.28
N ASP B 172 -43.94 -62.62 -12.44
CA ASP B 172 -44.81 -63.53 -13.17
C ASP B 172 -45.03 -62.99 -14.58
N SER B 173 -45.93 -63.64 -15.31
CA SER B 173 -46.10 -63.34 -16.73
C SER B 173 -47.56 -63.59 -17.12
N ASN B 174 -47.80 -63.59 -18.43
CA ASN B 174 -49.04 -64.05 -19.01
C ASN B 174 -48.84 -65.29 -19.86
N TRP B 175 -47.72 -66.00 -19.65
CA TRP B 175 -47.34 -67.16 -20.43
C TRP B 175 -47.70 -68.43 -19.66
N LEU B 176 -48.41 -69.34 -20.32
CA LEU B 176 -48.72 -70.66 -19.76
C LEU B 176 -47.89 -71.70 -20.48
N SER B 177 -47.09 -72.44 -19.72
CA SER B 177 -46.22 -73.44 -20.30
C SER B 177 -47.02 -74.66 -20.75
N ILE B 178 -46.77 -75.12 -21.97
CA ILE B 178 -47.44 -76.30 -22.50
C ILE B 178 -46.72 -77.54 -21.97
N LEU B 179 -47.49 -78.48 -21.41
CA LEU B 179 -46.93 -79.72 -20.89
C LEU B 179 -47.82 -80.88 -21.28
N SER B 180 -47.21 -82.06 -21.41
CA SER B 180 -47.91 -83.30 -21.74
C SER B 180 -48.67 -83.18 -23.07
N PHE B 181 -47.90 -82.97 -24.12
CA PHE B 181 -48.43 -82.94 -25.48
C PHE B 181 -48.73 -84.37 -25.94
N PRO B 182 -49.87 -84.62 -26.58
CA PRO B 182 -50.11 -85.94 -27.17
C PRO B 182 -49.00 -86.34 -28.12
N GLU B 183 -48.70 -87.64 -28.13
CA GLU B 183 -47.48 -88.14 -28.76
C GLU B 183 -47.45 -87.88 -30.26
N GLU B 184 -48.59 -87.99 -30.94
CA GLU B 184 -48.59 -87.84 -32.39
C GLU B 184 -49.89 -87.21 -32.87
N LEU B 185 -49.86 -86.70 -34.09
CA LEU B 185 -51.05 -86.22 -34.78
C LEU B 185 -51.24 -87.02 -36.08
N ARG B 186 -52.50 -87.16 -36.49
CA ARG B 186 -52.89 -88.06 -37.56
C ARG B 186 -53.45 -87.28 -38.75
N PHE B 187 -53.08 -87.74 -39.94
CA PHE B 187 -53.64 -87.26 -41.20
C PHE B 187 -54.52 -88.36 -41.75
N HIS B 188 -55.79 -88.06 -41.95
CA HIS B 188 -56.77 -89.05 -42.41
C HIS B 188 -57.03 -88.86 -43.89
N GLU B 189 -56.64 -89.86 -44.69
CA GLU B 189 -56.72 -89.77 -46.16
C GLU B 189 -58.17 -89.94 -46.60
N TYR B 190 -58.93 -88.86 -46.48
CA TYR B 190 -60.27 -88.78 -47.06
C TYR B 190 -60.16 -88.35 -48.52
N ASN B 191 -59.65 -89.28 -49.34
CA ASN B 191 -59.41 -88.99 -50.74
C ASN B 191 -60.69 -88.52 -51.44
N TRP B 192 -61.70 -89.38 -51.49
CA TRP B 192 -63.03 -89.00 -51.94
C TRP B 192 -64.07 -89.12 -50.85
N MET B 193 -63.68 -89.58 -49.66
CA MET B 193 -64.62 -89.68 -48.55
C MET B 193 -65.06 -88.30 -48.06
N LEU B 194 -64.15 -87.34 -48.03
CA LEU B 194 -64.49 -85.99 -47.59
C LEU B 194 -65.21 -85.26 -48.71
N PRO B 195 -66.43 -84.79 -48.49
CA PRO B 195 -67.12 -84.01 -49.52
C PRO B 195 -66.45 -82.67 -49.74
N LYS B 196 -66.53 -82.18 -50.97
CA LYS B 196 -66.04 -80.84 -51.28
C LYS B 196 -67.09 -79.80 -50.88
N ARG B 197 -66.66 -78.54 -50.85
CA ARG B 197 -67.52 -77.43 -50.44
C ARG B 197 -68.07 -77.66 -49.03
N PHE B 198 -67.24 -78.20 -48.15
CA PHE B 198 -67.63 -78.50 -46.77
C PHE B 198 -66.58 -77.89 -45.85
N ASP B 199 -66.99 -76.90 -45.06
CA ASP B 199 -66.06 -76.25 -44.13
C ASP B 199 -65.75 -77.18 -42.97
N VAL B 200 -64.72 -76.82 -42.21
CA VAL B 200 -64.23 -77.64 -41.11
C VAL B 200 -64.56 -77.04 -39.75
N ARG B 201 -64.97 -75.76 -39.72
CA ARG B 201 -65.29 -75.11 -38.45
C ARG B 201 -66.40 -75.84 -37.70
N GLU B 202 -67.45 -76.25 -38.40
CA GLU B 202 -68.64 -76.84 -37.79
C GLU B 202 -68.35 -78.16 -37.10
N LEU B 203 -67.20 -78.77 -37.36
CA LEU B 203 -66.82 -79.98 -36.65
C LEU B 203 -66.73 -79.69 -35.16
N THR B 204 -67.45 -80.50 -34.37
CA THR B 204 -67.37 -80.39 -32.92
C THR B 204 -65.94 -80.67 -32.43
N PHE B 205 -65.20 -81.46 -33.19
CA PHE B 205 -63.84 -81.92 -32.92
C PHE B 205 -62.86 -81.24 -33.87
N PRO B 206 -61.91 -80.47 -33.37
CA PRO B 206 -61.13 -79.58 -34.24
C PRO B 206 -60.24 -80.34 -35.21
N ALA B 207 -60.10 -79.76 -36.41
CA ALA B 207 -59.22 -80.30 -37.44
C ALA B 207 -58.94 -79.20 -38.46
N VAL B 208 -57.97 -79.46 -39.33
CA VAL B 208 -57.65 -78.57 -40.44
C VAL B 208 -57.71 -79.39 -41.74
N ARG B 209 -58.44 -78.87 -42.72
CA ARG B 209 -58.42 -79.47 -44.05
C ARG B 209 -57.04 -79.36 -44.67
N TYR B 210 -56.65 -80.41 -45.40
CA TYR B 210 -55.38 -80.42 -46.12
C TYR B 210 -55.65 -80.78 -47.58
N LYS B 211 -54.58 -81.11 -48.33
CA LYS B 211 -54.71 -81.46 -49.75
C LYS B 211 -55.89 -82.38 -50.01
N ASN B 212 -55.87 -83.56 -49.40
CA ASN B 212 -57.00 -84.47 -49.44
C ASN B 212 -57.35 -85.08 -48.09
N TYR B 213 -56.55 -84.82 -47.06
CA TYR B 213 -56.67 -85.49 -45.78
C TYR B 213 -57.35 -84.56 -44.76
N LEU B 214 -57.44 -85.04 -43.53
CA LEU B 214 -57.87 -84.24 -42.39
C LEU B 214 -56.81 -84.33 -41.31
N CYS B 215 -56.35 -83.17 -40.84
CA CYS B 215 -55.27 -83.10 -39.88
C CYS B 215 -55.85 -82.90 -38.48
N THR B 216 -55.63 -83.86 -37.59
CA THR B 216 -56.17 -83.72 -36.25
C THR B 216 -55.42 -84.63 -35.29
N PHE B 217 -55.56 -84.34 -34.01
CA PHE B 217 -55.03 -85.22 -32.97
C PHE B 217 -55.94 -86.40 -32.67
N ALA B 218 -57.17 -86.39 -33.18
CA ALA B 218 -58.15 -87.41 -32.87
C ALA B 218 -58.02 -88.61 -33.81
N TRP B 219 -58.69 -89.70 -33.43
CA TRP B 219 -58.69 -90.91 -34.24
C TRP B 219 -59.70 -90.78 -35.38
N ALA B 220 -59.74 -91.79 -36.25
CA ALA B 220 -60.46 -91.67 -37.50
C ALA B 220 -61.98 -91.56 -37.28
N TYR B 221 -62.53 -92.40 -36.41
CA TYR B 221 -63.98 -92.44 -36.21
C TYR B 221 -64.46 -91.44 -35.17
N ASP B 222 -63.71 -90.37 -34.93
CA ASP B 222 -64.13 -89.34 -33.98
C ASP B 222 -65.07 -88.31 -34.61
N PHE B 223 -65.34 -88.41 -35.91
CA PHE B 223 -66.27 -87.55 -36.61
C PHE B 223 -67.39 -88.37 -37.23
N THR B 224 -67.85 -89.40 -36.52
CA THR B 224 -68.86 -90.29 -37.05
C THR B 224 -70.18 -89.57 -37.29
N TYR B 225 -70.60 -88.72 -36.36
CA TYR B 225 -71.87 -88.03 -36.50
C TYR B 225 -71.86 -87.08 -37.70
N HIS B 226 -70.76 -86.34 -37.88
CA HIS B 226 -70.70 -85.36 -38.96
C HIS B 226 -70.59 -86.04 -40.32
N LEU B 227 -69.79 -87.10 -40.42
CA LEU B 227 -69.58 -87.83 -41.67
C LEU B 227 -69.82 -89.31 -41.42
N PRO B 228 -71.09 -89.74 -41.39
CA PRO B 228 -71.38 -91.17 -41.17
C PRO B 228 -70.88 -92.07 -42.29
N LYS B 229 -70.62 -91.52 -43.47
CA LYS B 229 -70.12 -92.34 -44.57
C LYS B 229 -68.72 -92.90 -44.30
N THR B 230 -67.99 -92.30 -43.37
CA THR B 230 -66.62 -92.69 -43.04
C THR B 230 -66.55 -93.94 -42.17
N GLU B 231 -67.64 -94.72 -42.08
CA GLU B 231 -67.62 -95.92 -41.25
C GLU B 231 -66.62 -96.94 -41.76
N THR B 232 -66.47 -97.07 -43.07
CA THR B 232 -65.59 -98.06 -43.68
C THR B 232 -64.19 -97.52 -43.96
N TYR B 233 -63.79 -96.44 -43.28
CA TYR B 233 -62.47 -95.88 -43.50
C TYR B 233 -61.39 -96.82 -43.01
N HIS B 234 -60.29 -96.90 -43.75
CA HIS B 234 -59.21 -97.82 -43.45
C HIS B 234 -58.17 -97.15 -42.55
N LYS B 235 -57.34 -97.99 -41.92
CA LYS B 235 -56.29 -97.50 -41.03
C LYS B 235 -55.00 -97.20 -41.76
N SER B 236 -54.67 -97.96 -42.81
CA SER B 236 -53.44 -97.72 -43.55
C SER B 236 -53.42 -96.38 -44.25
N LYS B 237 -54.59 -95.79 -44.51
CA LYS B 237 -54.65 -94.48 -45.14
C LYS B 237 -54.09 -93.41 -44.23
N THR B 238 -54.56 -93.37 -42.98
CA THR B 238 -54.11 -92.35 -42.04
C THR B 238 -52.63 -92.53 -41.72
N ILE B 239 -51.89 -91.43 -41.78
CA ILE B 239 -50.46 -91.43 -41.47
C ILE B 239 -50.23 -90.62 -40.21
N ARG B 240 -49.36 -91.11 -39.34
CA ARG B 240 -49.17 -90.55 -38.00
C ARG B 240 -47.78 -89.93 -37.90
N ILE B 241 -47.73 -88.68 -37.43
CA ILE B 241 -46.48 -87.96 -37.26
C ILE B 241 -46.30 -87.71 -35.76
N PRO B 242 -45.21 -88.20 -35.15
CA PRO B 242 -44.98 -87.91 -33.74
C PRO B 242 -44.74 -86.43 -33.49
N THR B 243 -45.15 -85.98 -32.30
CA THR B 243 -45.10 -84.57 -31.95
C THR B 243 -43.84 -84.18 -31.18
N GLU B 244 -43.29 -85.08 -30.37
CA GLU B 244 -42.15 -84.74 -29.54
C GLU B 244 -40.87 -84.51 -30.34
N GLU B 245 -40.80 -85.02 -31.56
CA GLU B 245 -39.60 -84.86 -32.39
C GLU B 245 -39.75 -83.78 -33.44
N ILE B 246 -40.97 -83.49 -33.90
CA ILE B 246 -41.16 -82.43 -34.89
C ILE B 246 -40.92 -81.07 -34.26
N LEU B 247 -41.22 -80.92 -32.96
CA LEU B 247 -40.99 -79.65 -32.28
C LEU B 247 -39.50 -79.30 -32.26
N SER B 248 -38.65 -80.29 -32.02
CA SER B 248 -37.21 -80.06 -31.97
C SER B 248 -36.60 -79.76 -33.33
N GLY B 249 -37.36 -79.93 -34.41
CA GLY B 249 -36.86 -79.67 -35.74
C GLY B 249 -36.14 -80.83 -36.40
N SER B 250 -36.27 -82.04 -35.88
CA SER B 250 -35.63 -83.21 -36.46
C SER B 250 -36.39 -83.78 -37.65
N TYR B 251 -37.60 -83.31 -37.91
CA TYR B 251 -38.43 -83.81 -39.00
C TYR B 251 -38.21 -82.98 -40.25
N ASP B 252 -38.20 -83.66 -41.40
CA ASP B 252 -38.00 -83.01 -42.69
C ASP B 252 -38.53 -83.91 -43.78
N SER B 253 -39.45 -83.40 -44.58
CA SER B 253 -40.08 -84.19 -45.63
C SER B 253 -40.51 -83.28 -46.76
N ASN B 254 -40.71 -83.89 -47.93
CA ASN B 254 -41.28 -83.17 -49.08
C ASN B 254 -42.80 -83.24 -49.12
N PHE B 255 -43.39 -84.22 -48.41
CA PHE B 255 -44.85 -84.25 -48.30
C PHE B 255 -45.36 -83.08 -47.48
N ILE B 256 -44.66 -82.74 -46.41
CA ILE B 256 -45.02 -81.60 -45.56
C ILE B 256 -43.75 -81.00 -44.99
N ARG B 257 -43.82 -79.69 -44.70
CA ARG B 257 -42.70 -78.95 -44.13
C ARG B 257 -42.93 -78.82 -42.63
N ASN B 258 -41.84 -78.84 -41.87
CA ASN B 258 -41.97 -78.82 -40.42
C ASN B 258 -42.60 -77.52 -39.93
N ALA B 259 -42.23 -76.40 -40.55
CA ALA B 259 -42.83 -75.12 -40.17
C ALA B 259 -44.32 -75.10 -40.44
N GLU B 260 -44.75 -75.68 -41.57
CA GLU B 260 -46.17 -75.78 -41.86
C GLU B 260 -46.87 -76.65 -40.82
N CYS B 261 -46.21 -77.72 -40.37
CA CYS B 261 -46.79 -78.54 -39.30
C CYS B 261 -46.93 -77.75 -38.02
N LYS B 262 -45.93 -76.94 -37.67
CA LYS B 262 -46.04 -76.11 -36.48
C LYS B 262 -47.19 -75.12 -36.59
N ARG B 263 -47.34 -74.52 -37.78
CA ARG B 263 -48.48 -73.61 -38.00
C ARG B 263 -49.81 -74.35 -37.86
N LEU B 264 -49.88 -75.58 -38.37
CA LEU B 264 -51.09 -76.38 -38.24
C LEU B 264 -51.38 -76.69 -36.78
N ILE B 265 -50.34 -76.97 -35.99
CA ILE B 265 -50.51 -77.20 -34.57
C ILE B 265 -51.03 -75.94 -33.88
N VAL B 266 -50.52 -74.78 -34.27
CA VAL B 266 -51.03 -73.51 -33.74
C VAL B 266 -52.51 -73.37 -34.06
N GLN B 267 -52.89 -73.68 -35.31
CA GLN B 267 -54.28 -73.58 -35.69
C GLN B 267 -55.16 -74.52 -34.86
N LEU B 268 -54.69 -75.75 -34.65
CA LEU B 268 -55.45 -76.71 -33.83
C LEU B 268 -55.59 -76.21 -32.40
N LEU B 269 -54.49 -75.70 -31.82
CA LEU B 269 -54.54 -75.21 -30.45
C LEU B 269 -55.48 -74.02 -30.31
N ASN B 270 -55.45 -73.10 -31.28
CA ASN B 270 -56.35 -71.95 -31.22
C ASN B 270 -57.80 -72.37 -31.39
N LYS B 271 -58.06 -73.33 -32.28
CA LYS B 271 -59.42 -73.84 -32.42
C LYS B 271 -59.91 -74.48 -31.12
N ALA B 272 -59.05 -75.26 -30.47
CA ALA B 272 -59.42 -75.86 -29.20
C ALA B 272 -59.67 -74.80 -28.13
N PHE B 273 -58.83 -73.76 -28.10
CA PHE B 273 -59.02 -72.69 -27.12
C PHE B 273 -60.33 -71.96 -27.36
N GLU B 274 -60.68 -71.71 -28.62
CA GLU B 274 -61.96 -71.08 -28.93
C GLU B 274 -63.12 -71.98 -28.52
N LEU B 275 -63.00 -73.29 -28.77
CA LEU B 275 -64.08 -74.21 -28.45
C LEU B 275 -64.30 -74.35 -26.95
N ARG B 276 -63.21 -74.38 -26.18
CA ARG B 276 -63.30 -74.68 -24.74
C ARG B 276 -64.03 -73.59 -23.96
N MET B 277 -64.04 -72.35 -24.44
CA MET B 277 -64.80 -71.30 -23.78
C MET B 277 -66.29 -71.34 -24.11
N LYS B 278 -66.71 -72.11 -25.11
CA LYS B 278 -68.14 -72.13 -25.46
C LYS B 278 -68.97 -72.73 -24.33
N ASP B 279 -68.51 -73.82 -23.72
CA ASP B 279 -69.24 -74.49 -22.65
C ASP B 279 -68.79 -74.06 -21.26
N LYS B 280 -67.86 -73.12 -21.15
CA LYS B 280 -67.32 -72.70 -19.86
C LYS B 280 -68.10 -71.54 -19.24
N GLU B 281 -69.24 -71.18 -19.83
CA GLU B 281 -70.07 -70.07 -19.34
C GLU B 281 -69.28 -68.76 -19.32
N VAL B 282 -68.84 -68.36 -20.51
CA VAL B 282 -68.13 -67.10 -20.70
C VAL B 282 -68.80 -66.39 -21.87
N GLN B 283 -68.61 -65.08 -21.92
CA GLN B 283 -69.18 -64.26 -22.98
C GLN B 283 -68.07 -63.77 -23.90
N GLU B 284 -68.25 -63.96 -25.20
CA GLU B 284 -67.25 -63.62 -26.20
C GLU B 284 -67.57 -62.30 -26.88
N TYR B 285 -66.51 -61.55 -27.20
CA TYR B 285 -66.62 -60.29 -27.91
C TYR B 285 -65.62 -60.30 -29.06
N GLU B 286 -66.08 -59.85 -30.23
CA GLU B 286 -65.28 -59.88 -31.45
C GLU B 286 -64.56 -58.55 -31.60
N MET B 287 -63.25 -58.57 -31.39
CA MET B 287 -62.42 -57.38 -31.54
C MET B 287 -61.89 -57.32 -32.97
N SER B 288 -60.88 -56.47 -33.20
CA SER B 288 -60.40 -56.23 -34.56
C SER B 288 -59.93 -57.52 -35.22
N ASN B 289 -59.12 -58.31 -34.50
CA ASN B 289 -58.63 -59.56 -35.07
C ASN B 289 -58.65 -60.74 -34.09
N LYS B 290 -59.05 -60.54 -32.84
CA LYS B 290 -59.10 -61.61 -31.85
C LYS B 290 -60.42 -61.55 -31.11
N THR B 291 -60.76 -62.67 -30.46
CA THR B 291 -61.97 -62.78 -29.65
C THR B 291 -61.57 -62.74 -28.18
N ALA B 292 -62.27 -61.92 -27.40
CA ALA B 292 -62.00 -61.75 -25.99
C ALA B 292 -63.12 -62.39 -25.18
N TYR B 293 -62.74 -63.21 -24.20
CA TYR B 293 -63.70 -63.94 -23.37
C TYR B 293 -63.71 -63.34 -21.97
N TRP B 294 -64.89 -62.93 -21.52
CA TRP B 294 -65.03 -62.31 -20.20
C TRP B 294 -66.22 -62.91 -19.47
N LEU B 295 -66.09 -63.02 -18.15
CA LEU B 295 -67.18 -63.49 -17.32
C LEU B 295 -68.21 -62.38 -17.13
N GLU B 296 -69.41 -62.79 -16.73
CA GLU B 296 -70.54 -61.89 -16.56
C GLU B 296 -70.86 -61.72 -15.08
N LYS B 297 -71.94 -61.00 -14.81
CA LYS B 297 -72.46 -60.86 -13.46
C LYS B 297 -73.04 -62.20 -13.00
N GLY B 298 -73.35 -62.28 -11.71
CA GLY B 298 -73.89 -63.52 -11.18
C GLY B 298 -72.92 -64.41 -10.44
N LYS B 299 -72.35 -65.41 -11.13
CA LYS B 299 -71.70 -66.58 -10.55
C LYS B 299 -70.82 -66.33 -9.33
N LEU B 300 -70.20 -65.14 -9.25
CA LEU B 300 -69.35 -64.82 -8.11
C LEU B 300 -70.25 -64.39 -6.93
N GLU B 301 -69.66 -63.80 -5.89
CA GLU B 301 -70.48 -63.14 -4.89
C GLU B 301 -70.79 -61.73 -5.38
N LYS B 302 -71.24 -61.67 -6.63
CA LYS B 302 -71.54 -60.48 -7.42
C LYS B 302 -70.27 -59.75 -7.84
N ASP B 303 -69.16 -60.04 -7.17
CA ASP B 303 -67.80 -59.82 -7.65
C ASP B 303 -66.80 -60.51 -6.71
N LYS B 304 -66.08 -61.52 -7.19
CA LYS B 304 -64.93 -62.06 -6.48
C LYS B 304 -64.37 -63.24 -7.27
N PHE B 305 -63.09 -63.53 -7.02
CA PHE B 305 -62.53 -64.87 -7.19
C PHE B 305 -61.24 -64.91 -6.40
N GLU B 306 -61.19 -65.77 -5.38
CA GLU B 306 -60.17 -65.75 -4.33
C GLU B 306 -59.81 -64.30 -3.97
N LYS B 307 -60.86 -63.52 -3.67
CA LYS B 307 -60.74 -62.12 -3.28
C LYS B 307 -60.07 -61.29 -4.38
N THR B 308 -60.77 -61.19 -5.51
CA THR B 308 -60.35 -60.32 -6.60
C THR B 308 -61.59 -59.86 -7.36
N MET B 309 -61.84 -58.56 -7.35
CA MET B 309 -63.00 -57.98 -8.03
C MET B 309 -62.83 -58.15 -9.53
N LEU B 310 -63.59 -59.06 -10.13
CA LEU B 310 -63.42 -59.38 -11.54
C LEU B 310 -64.32 -58.49 -12.41
N VAL B 311 -65.57 -58.29 -12.00
CA VAL B 311 -66.49 -57.36 -12.66
C VAL B 311 -66.88 -56.31 -11.64
N GLY B 312 -66.75 -55.04 -12.01
CA GLY B 312 -67.05 -53.94 -11.12
C GLY B 312 -67.99 -52.94 -11.77
N LYS B 313 -68.28 -51.88 -11.02
CA LYS B 313 -69.14 -50.80 -11.49
C LYS B 313 -68.51 -49.47 -11.16
N GLN B 314 -68.31 -48.64 -12.18
CA GLN B 314 -67.90 -47.26 -12.00
C GLN B 314 -69.12 -46.35 -12.13
N LYS B 315 -68.87 -45.04 -12.21
CA LYS B 315 -69.90 -44.02 -11.99
C LYS B 315 -71.28 -44.36 -12.57
N ASP B 316 -71.35 -44.82 -13.81
CA ASP B 316 -72.65 -45.01 -14.45
C ASP B 316 -72.92 -46.43 -14.90
N LYS B 317 -71.94 -47.12 -15.48
CA LYS B 317 -72.17 -48.47 -16.02
C LYS B 317 -71.19 -49.45 -15.37
N ASN B 318 -71.18 -50.68 -15.90
CA ASN B 318 -70.37 -51.77 -15.37
C ASN B 318 -69.17 -52.02 -16.27
N TRP B 319 -68.03 -52.31 -15.64
CA TRP B 319 -66.81 -52.68 -16.34
C TRP B 319 -66.47 -54.14 -16.05
N HIS B 320 -65.98 -54.82 -17.07
CA HIS B 320 -65.69 -56.25 -17.01
C HIS B 320 -64.26 -56.50 -17.48
N PHE B 321 -63.58 -57.40 -16.78
CA PHE B 321 -62.24 -57.82 -17.17
C PHE B 321 -62.34 -58.97 -18.16
N ALA B 322 -61.50 -58.92 -19.20
CA ALA B 322 -61.57 -59.88 -20.29
C ALA B 322 -60.18 -60.40 -20.62
N ILE B 323 -60.13 -61.66 -21.05
CA ILE B 323 -58.89 -62.35 -21.40
C ILE B 323 -58.97 -62.75 -22.86
N SER B 324 -57.88 -62.54 -23.60
CA SER B 324 -57.72 -63.07 -24.94
C SER B 324 -56.48 -63.95 -24.97
N GLY B 325 -56.55 -65.04 -25.74
CA GLY B 325 -55.48 -66.02 -25.73
C GLY B 325 -55.01 -66.37 -27.12
N ALA B 326 -53.75 -66.78 -27.20
CA ALA B 326 -53.16 -67.21 -28.46
C ALA B 326 -52.01 -68.16 -28.19
N SER B 327 -51.98 -69.28 -28.90
CA SER B 327 -50.93 -70.28 -28.71
C SER B 327 -49.72 -69.96 -29.58
N LYS B 328 -48.54 -70.31 -29.09
CA LYS B 328 -47.29 -70.08 -29.80
C LYS B 328 -46.31 -71.19 -29.43
N LEU B 329 -45.25 -71.30 -30.21
CA LEU B 329 -44.14 -72.19 -29.88
C LEU B 329 -42.82 -71.46 -29.70
N TYR B 330 -42.80 -70.14 -29.82
CA TYR B 330 -41.56 -69.40 -29.62
C TYR B 330 -41.65 -68.57 -28.35
N PRO B 331 -40.63 -68.63 -27.47
CA PRO B 331 -39.39 -69.42 -27.57
C PRO B 331 -39.64 -70.90 -27.34
N PHE B 332 -40.71 -71.23 -26.62
CA PHE B 332 -41.09 -72.60 -26.34
C PHE B 332 -42.61 -72.67 -26.33
N PRO B 333 -43.20 -73.86 -26.56
CA PRO B 333 -44.66 -73.98 -26.59
C PRO B 333 -45.33 -73.34 -25.38
N VAL B 334 -46.09 -72.26 -25.61
CA VAL B 334 -46.75 -71.51 -24.57
C VAL B 334 -48.11 -71.01 -25.07
N LEU B 335 -48.91 -70.53 -24.13
CA LEU B 335 -50.16 -69.86 -24.41
C LEU B 335 -50.05 -68.44 -23.84
N MET B 336 -50.19 -67.44 -24.70
CA MET B 336 -50.07 -66.04 -24.32
C MET B 336 -51.45 -65.46 -24.07
N ILE B 337 -51.53 -64.58 -23.07
CA ILE B 337 -52.78 -63.99 -22.62
C ILE B 337 -52.65 -62.48 -22.62
N SER B 338 -53.68 -61.80 -23.12
CA SER B 338 -53.76 -60.35 -23.12
C SER B 338 -55.00 -59.92 -22.35
N SER B 339 -54.88 -58.81 -21.62
CA SER B 339 -55.93 -58.30 -20.75
C SER B 339 -56.73 -57.20 -21.46
N HIS B 340 -58.01 -57.09 -21.09
CA HIS B 340 -58.87 -56.08 -21.68
C HIS B 340 -59.90 -55.64 -20.66
N ILE B 341 -60.42 -54.43 -20.84
CA ILE B 341 -61.50 -53.89 -20.02
C ILE B 341 -62.64 -53.51 -20.95
N PHE B 342 -63.80 -54.13 -20.76
CA PHE B 342 -64.99 -53.89 -21.55
C PHE B 342 -66.05 -53.21 -20.69
N PHE B 343 -67.05 -52.61 -21.33
CA PHE B 343 -68.06 -51.84 -20.63
C PHE B 343 -69.45 -52.23 -21.11
N THR B 344 -70.34 -52.45 -20.15
CA THR B 344 -71.75 -52.73 -20.43
C THR B 344 -72.61 -51.77 -19.63
N ALA B 345 -73.64 -51.23 -20.28
CA ALA B 345 -74.51 -50.24 -19.62
C ALA B 345 -75.25 -50.86 -18.44
N ASP B 346 -75.90 -52.00 -18.67
CA ASP B 346 -76.64 -52.67 -17.61
C ASP B 346 -75.87 -53.84 -17.00
N GLY B 347 -75.06 -54.53 -17.80
CA GLY B 347 -74.37 -55.74 -17.39
C GLY B 347 -74.68 -56.93 -18.27
N LYS B 348 -75.90 -56.99 -18.81
CA LYS B 348 -76.31 -58.06 -19.71
C LYS B 348 -76.28 -57.64 -21.18
N LYS B 349 -76.08 -56.35 -21.45
CA LYS B 349 -76.07 -55.83 -22.81
C LYS B 349 -74.84 -54.96 -23.01
N LEU B 350 -74.12 -55.20 -24.10
CA LEU B 350 -72.91 -54.46 -24.42
C LEU B 350 -73.26 -53.16 -25.16
N ILE B 351 -72.25 -52.31 -25.32
CA ILE B 351 -72.36 -51.07 -26.08
C ILE B 351 -71.72 -51.31 -27.44
N ASP B 352 -72.48 -51.09 -28.50
CA ASP B 352 -72.01 -51.35 -29.86
C ASP B 352 -71.42 -50.07 -30.46
N SER B 353 -70.41 -49.54 -29.78
CA SER B 353 -69.73 -48.32 -30.23
C SER B 353 -68.26 -48.41 -29.83
N SER B 354 -67.38 -48.23 -30.82
CA SER B 354 -65.95 -48.33 -30.55
C SER B 354 -65.42 -47.14 -29.79
N SER B 355 -65.89 -45.93 -30.12
CA SER B 355 -65.37 -44.73 -29.48
C SER B 355 -65.74 -44.68 -28.00
N VAL B 356 -67.00 -44.97 -27.67
CA VAL B 356 -67.43 -44.96 -26.27
C VAL B 356 -66.67 -46.01 -25.47
N GLN B 357 -66.53 -47.21 -26.04
CA GLN B 357 -65.79 -48.27 -25.35
C GLN B 357 -64.34 -47.88 -25.14
N HIS B 358 -63.71 -47.27 -26.14
CA HIS B 358 -62.33 -46.85 -26.00
C HIS B 358 -62.17 -45.78 -24.93
N SER B 359 -63.07 -44.80 -24.91
CA SER B 359 -63.00 -43.76 -23.90
C SER B 359 -63.18 -44.33 -22.51
N SER B 360 -64.17 -45.22 -22.33
CA SER B 360 -64.40 -45.83 -21.02
C SER B 360 -63.20 -46.67 -20.59
N ARG B 361 -62.63 -47.44 -21.52
CA ARG B 361 -61.47 -48.26 -21.20
C ARG B 361 -60.29 -47.40 -20.79
N ARG B 362 -60.07 -46.28 -21.48
CA ARG B 362 -58.98 -45.39 -21.11
C ARG B 362 -59.20 -44.78 -19.75
N ARG B 363 -60.45 -44.39 -19.45
CA ARG B 363 -60.73 -43.79 -18.14
C ARG B 363 -60.59 -44.80 -17.01
N GLN B 364 -61.00 -46.05 -17.24
CA GLN B 364 -60.92 -47.05 -16.19
C GLN B 364 -59.48 -47.45 -15.90
N GLY B 365 -58.65 -47.58 -16.93
CA GLY B 365 -57.26 -47.92 -16.73
C GLY B 365 -56.40 -46.78 -16.21
N LYS B 366 -57.00 -45.63 -15.96
CA LYS B 366 -56.27 -44.48 -15.45
C LYS B 366 -55.75 -44.72 -14.04
N ASN B 367 -56.43 -45.54 -13.25
CA ASN B 367 -56.10 -45.74 -11.85
C ASN B 367 -55.52 -47.10 -11.53
N TRP B 368 -55.65 -48.08 -12.42
CA TRP B 368 -55.13 -49.41 -12.16
C TRP B 368 -53.60 -49.40 -12.15
N TRP B 369 -53.03 -50.30 -11.36
CA TRP B 369 -51.58 -50.41 -11.22
C TRP B 369 -51.16 -51.87 -11.48
N ASN B 370 -49.88 -52.15 -11.23
CA ASN B 370 -49.33 -53.47 -11.52
C ASN B 370 -50.03 -54.56 -10.72
N ASN B 371 -50.26 -54.32 -9.43
CA ASN B 371 -50.88 -55.33 -8.58
C ASN B 371 -52.30 -55.63 -9.05
N THR B 372 -53.05 -54.60 -9.42
CA THR B 372 -54.42 -54.80 -9.89
C THR B 372 -54.45 -55.68 -11.13
N TRP B 373 -53.62 -55.36 -12.13
CA TRP B 373 -53.57 -56.14 -13.35
C TRP B 373 -53.17 -57.58 -13.06
N ARG B 374 -52.12 -57.76 -12.25
CA ARG B 374 -51.62 -59.10 -11.98
C ARG B 374 -52.66 -59.94 -11.24
N THR B 375 -53.27 -59.37 -10.20
CA THR B 375 -54.25 -60.12 -9.43
C THR B 375 -55.48 -60.46 -10.25
N LYS B 376 -55.96 -59.51 -11.07
CA LYS B 376 -57.13 -59.79 -11.90
C LYS B 376 -56.82 -60.86 -12.93
N LEU B 377 -55.63 -60.81 -13.56
CA LEU B 377 -55.25 -61.84 -14.50
C LEU B 377 -55.17 -63.20 -13.82
N LEU B 378 -54.57 -63.26 -12.63
CA LEU B 378 -54.45 -64.53 -11.92
C LEU B 378 -55.81 -65.08 -11.53
N ALA B 379 -56.71 -64.22 -11.08
CA ALA B 379 -58.05 -64.69 -10.70
C ALA B 379 -58.80 -65.23 -11.92
N PHE B 380 -58.78 -64.47 -13.02
CA PHE B 380 -59.48 -64.93 -14.23
C PHE B 380 -58.91 -66.25 -14.71
N ILE B 381 -57.58 -66.40 -14.68
CA ILE B 381 -57.02 -67.63 -15.23
C ILE B 381 -57.21 -68.80 -14.27
N LYS B 382 -57.26 -68.54 -12.96
CA LYS B 382 -57.58 -69.60 -12.02
C LYS B 382 -59.04 -70.01 -12.13
N TYR B 383 -59.91 -69.12 -12.61
CA TYR B 383 -61.31 -69.46 -12.78
C TYR B 383 -61.49 -70.59 -13.78
N LEU B 384 -60.74 -70.57 -14.89
CA LEU B 384 -60.88 -71.55 -15.96
C LEU B 384 -60.25 -72.89 -15.63
N SER B 385 -59.79 -73.09 -14.39
CA SER B 385 -59.14 -74.34 -14.03
C SER B 385 -60.13 -75.50 -14.04
N ASP B 386 -59.70 -76.62 -14.63
CA ASP B 386 -60.46 -77.86 -14.57
C ASP B 386 -60.04 -78.73 -13.40
N ASP B 387 -58.76 -78.69 -13.03
CA ASP B 387 -58.27 -79.36 -11.84
C ASP B 387 -57.57 -78.35 -10.94
N ASP B 388 -56.88 -78.84 -9.91
CA ASP B 388 -56.30 -77.95 -8.91
C ASP B 388 -55.18 -77.09 -9.49
N THR B 389 -54.35 -77.65 -10.39
CA THR B 389 -53.12 -76.98 -10.79
C THR B 389 -52.96 -76.87 -12.30
N SER B 390 -54.02 -77.04 -13.08
CA SER B 390 -53.93 -76.96 -14.54
C SER B 390 -55.34 -76.88 -15.11
N PHE B 391 -55.43 -76.88 -16.43
CA PHE B 391 -56.71 -77.06 -17.12
C PHE B 391 -56.41 -77.67 -18.49
N TYR B 392 -57.34 -78.48 -18.98
CA TYR B 392 -57.08 -79.27 -20.17
C TYR B 392 -57.93 -78.77 -21.33
N LEU B 393 -57.37 -78.92 -22.54
CA LEU B 393 -58.04 -78.59 -23.77
C LEU B 393 -58.17 -79.85 -24.61
N GLU B 394 -59.17 -79.87 -25.47
CA GLU B 394 -59.55 -81.10 -26.17
C GLU B 394 -58.96 -81.14 -27.57
N MET B 395 -58.23 -82.22 -27.85
CA MET B 395 -57.74 -82.55 -29.18
C MET B 395 -57.94 -84.01 -29.56
N GLY B 396 -58.24 -84.88 -28.62
CA GLY B 396 -58.50 -86.28 -28.91
C GLY B 396 -59.48 -86.85 -27.92
N SER B 397 -60.13 -87.94 -28.32
CA SER B 397 -61.09 -88.60 -27.44
C SER B 397 -60.41 -89.10 -26.19
N GLU B 398 -59.16 -89.56 -26.31
CA GLU B 398 -58.36 -89.98 -25.17
C GLU B 398 -57.10 -89.16 -25.00
N GLU B 399 -56.79 -88.27 -25.94
CA GLU B 399 -55.60 -87.43 -25.88
C GLU B 399 -56.02 -86.00 -25.56
N LYS B 400 -55.42 -85.44 -24.51
CA LYS B 400 -55.75 -84.10 -24.04
C LYS B 400 -54.48 -83.25 -24.10
N VAL B 401 -54.65 -81.94 -24.19
CA VAL B 401 -53.52 -81.02 -24.05
C VAL B 401 -53.68 -80.29 -22.73
N PHE B 402 -52.86 -80.63 -21.75
CA PHE B 402 -52.93 -80.00 -20.44
C PHE B 402 -52.07 -78.75 -20.41
N VAL B 403 -52.61 -77.69 -19.81
CA VAL B 403 -51.96 -76.39 -19.75
C VAL B 403 -51.82 -76.01 -18.29
N SER B 404 -50.61 -75.62 -17.90
CA SER B 404 -50.37 -75.16 -16.55
C SER B 404 -51.20 -73.91 -16.27
N ASN B 405 -51.72 -73.81 -15.05
CA ASN B 405 -52.57 -72.70 -14.67
C ASN B 405 -51.80 -71.63 -13.89
N GLU B 406 -50.48 -71.74 -13.84
CA GLU B 406 -49.62 -70.75 -13.23
C GLU B 406 -48.73 -70.13 -14.30
N PRO B 407 -48.62 -68.80 -14.33
CA PRO B 407 -47.77 -68.16 -15.35
C PRO B 407 -46.31 -68.51 -15.16
N VAL B 408 -45.57 -68.45 -16.27
CA VAL B 408 -44.14 -68.73 -16.25
C VAL B 408 -43.45 -67.60 -15.47
N LYS B 409 -42.94 -67.93 -14.29
CA LYS B 409 -42.31 -66.94 -13.44
C LYS B 409 -40.93 -66.56 -13.96
N PHE B 410 -40.53 -65.33 -13.70
CA PHE B 410 -39.24 -64.80 -14.13
C PHE B 410 -38.47 -64.30 -12.92
N LYS B 411 -37.18 -64.60 -12.87
CA LYS B 411 -36.32 -64.28 -11.73
C LYS B 411 -35.23 -63.31 -12.15
N GLY B 412 -35.04 -62.27 -11.33
CA GLY B 412 -33.96 -61.33 -11.52
C GLY B 412 -33.09 -61.24 -10.27
N ASN B 413 -31.97 -60.54 -10.40
CA ASN B 413 -31.07 -60.33 -9.27
C ASN B 413 -30.83 -58.86 -8.96
N VAL B 414 -31.39 -57.95 -9.73
CA VAL B 414 -31.30 -56.51 -9.47
C VAL B 414 -32.72 -55.95 -9.41
N SER B 415 -33.01 -55.21 -8.35
CA SER B 415 -34.35 -54.66 -8.16
C SER B 415 -34.24 -53.39 -7.34
N TYR B 416 -35.38 -52.90 -6.87
CA TYR B 416 -35.48 -51.61 -6.19
C TYR B 416 -36.45 -51.75 -5.01
N ASN B 417 -36.78 -50.62 -4.39
CA ASN B 417 -37.77 -50.58 -3.33
C ASN B 417 -38.55 -49.27 -3.45
N ILE B 418 -39.31 -48.95 -2.42
CA ILE B 418 -40.13 -47.74 -2.41
C ILE B 418 -39.24 -46.50 -2.35
N MET E 1 -16.92 35.95 -63.58
CA MET E 1 -16.87 35.38 -62.24
C MET E 1 -18.24 34.88 -61.79
N LYS E 2 -18.34 33.58 -61.56
CA LYS E 2 -19.58 32.95 -61.13
C LYS E 2 -19.53 32.72 -59.62
N GLU E 3 -20.65 32.22 -59.08
CA GLU E 3 -20.80 32.02 -57.64
C GLU E 3 -21.01 30.55 -57.32
N LEU E 4 -20.61 30.17 -56.12
CA LEU E 4 -20.80 28.83 -55.60
C LEU E 4 -21.72 28.87 -54.38
N ILE E 5 -22.59 27.89 -54.26
CA ILE E 5 -23.42 27.73 -53.09
C ILE E 5 -22.81 26.65 -52.20
N TYR E 6 -23.31 26.55 -50.98
CA TYR E 6 -22.88 25.52 -50.04
C TYR E 6 -24.08 24.69 -49.60
N ILE E 7 -23.89 23.38 -49.54
CA ILE E 7 -24.92 22.46 -49.09
C ILE E 7 -24.45 21.85 -47.77
N GLU E 8 -25.27 21.97 -46.74
CA GLU E 8 -24.89 21.53 -45.41
C GLU E 8 -24.69 20.01 -45.38
N GLU E 9 -23.74 19.59 -44.55
CA GLU E 9 -23.41 18.16 -44.45
C GLU E 9 -24.57 17.40 -43.83
N PRO E 10 -24.94 16.25 -44.38
CA PRO E 10 -26.05 15.48 -43.80
C PRO E 10 -25.63 14.73 -42.55
N LYS E 11 -26.64 14.30 -41.80
CA LYS E 11 -26.45 13.58 -40.54
C LYS E 11 -26.89 12.14 -40.69
N ILE E 12 -26.20 11.25 -39.97
CA ILE E 12 -26.55 9.83 -39.89
C ILE E 12 -26.91 9.51 -38.45
N LEU E 13 -28.08 8.91 -38.25
CA LEU E 13 -28.61 8.67 -36.92
C LEU E 13 -28.09 7.37 -36.35
N PHE E 14 -27.49 7.43 -35.16
CA PHE E 14 -26.95 6.29 -34.45
C PHE E 14 -27.89 5.89 -33.31
N ALA E 15 -27.42 5.00 -32.44
CA ALA E 15 -28.23 4.44 -31.37
C ALA E 15 -28.83 5.52 -30.48
N HIS E 16 -29.99 5.20 -29.91
CA HIS E 16 -30.81 6.11 -29.09
C HIS E 16 -30.86 7.52 -29.67
N GLY E 17 -31.08 7.59 -30.97
CA GLY E 17 -31.36 8.87 -31.62
C GLY E 17 -30.27 9.91 -31.49
N GLN E 18 -29.01 9.52 -31.66
CA GLN E 18 -27.88 10.43 -31.54
C GLN E 18 -27.36 10.77 -32.92
N LYS E 19 -27.62 12.00 -33.36
CA LYS E 19 -27.15 12.44 -34.67
C LYS E 19 -25.65 12.67 -34.66
N CYS E 20 -25.03 12.42 -35.81
CA CYS E 20 -23.60 12.65 -36.00
C CYS E 20 -23.34 12.80 -37.48
N THR E 21 -22.08 13.05 -37.83
CA THR E 21 -21.68 13.24 -39.22
C THR E 21 -20.75 12.14 -39.70
N ASP E 22 -19.75 11.77 -38.90
CA ASP E 22 -18.83 10.70 -39.27
C ASP E 22 -19.35 9.38 -38.72
N ALA E 23 -19.39 8.36 -39.57
CA ALA E 23 -19.90 7.06 -39.15
C ALA E 23 -18.99 6.42 -38.12
N ARG E 24 -17.68 6.51 -38.30
CA ARG E 24 -16.74 5.89 -37.37
C ARG E 24 -16.87 6.49 -35.98
N ASP E 25 -16.93 7.82 -35.90
CA ASP E 25 -17.04 8.46 -34.59
C ASP E 25 -18.40 8.19 -33.96
N GLY E 26 -19.46 8.15 -34.76
CA GLY E 26 -20.76 7.83 -34.21
C GLY E 26 -20.84 6.41 -33.67
N LEU E 27 -20.15 5.48 -34.33
CA LEU E 27 -20.11 4.10 -33.85
C LEU E 27 -19.26 3.98 -32.60
N ALA E 28 -18.09 4.62 -32.59
CA ALA E 28 -17.21 4.58 -31.42
C ALA E 28 -17.79 5.33 -30.24
N LEU E 29 -18.75 6.23 -30.46
CA LEU E 29 -19.36 6.99 -29.39
C LEU E 29 -20.65 6.34 -28.87
N PHE E 30 -21.53 5.91 -29.78
CA PHE E 30 -22.85 5.41 -29.40
C PHE E 30 -23.03 3.93 -29.67
N GLY E 31 -22.77 3.48 -30.90
CA GLY E 31 -22.96 2.10 -31.25
C GLY E 31 -24.06 1.91 -32.28
N PRO E 32 -24.13 0.71 -32.87
CA PRO E 32 -25.12 0.44 -33.92
C PRO E 32 -26.54 0.47 -33.39
N LEU E 33 -27.48 0.57 -34.34
CA LEU E 33 -28.89 0.72 -33.98
C LEU E 33 -29.42 -0.53 -33.29
N ASN E 34 -29.21 -1.70 -33.88
CA ASN E 34 -29.70 -2.95 -33.33
C ASN E 34 -28.53 -3.80 -32.84
N ASN E 35 -28.81 -4.68 -31.89
CA ASN E 35 -27.80 -5.51 -31.27
C ASN E 35 -27.92 -6.95 -31.74
N LEU E 36 -26.85 -7.45 -32.35
CA LEU E 36 -26.67 -8.88 -32.51
C LEU E 36 -26.10 -9.45 -31.23
N TYR E 37 -26.56 -10.64 -30.85
CA TYR E 37 -26.00 -11.27 -29.66
C TYR E 37 -24.57 -11.75 -29.91
N GLY E 38 -24.27 -12.09 -31.15
CA GLY E 38 -22.93 -12.51 -31.51
C GLY E 38 -22.91 -12.92 -32.97
N ILE E 39 -21.71 -13.22 -33.46
CA ILE E 39 -21.51 -13.60 -34.85
C ILE E 39 -20.80 -14.95 -34.87
N LYS E 40 -21.43 -15.92 -35.54
CA LYS E 40 -20.87 -17.26 -35.69
C LYS E 40 -20.29 -17.39 -37.09
N SER E 41 -18.98 -17.64 -37.16
CA SER E 41 -18.24 -17.57 -38.41
C SER E 41 -17.98 -18.97 -38.96
N GLY E 42 -18.28 -19.17 -40.23
CA GLY E 42 -17.90 -20.38 -40.92
C GLY E 42 -16.77 -20.12 -41.90
N VAL E 43 -15.58 -20.60 -41.59
CA VAL E 43 -14.38 -20.30 -42.36
C VAL E 43 -14.02 -21.51 -43.20
N ILE E 44 -13.88 -21.30 -44.51
CA ILE E 44 -13.54 -22.37 -45.45
C ILE E 44 -12.26 -21.97 -46.16
N GLY E 45 -11.24 -22.81 -46.06
CA GLY E 45 -9.97 -22.53 -46.70
C GLY E 45 -8.93 -23.54 -46.26
N THR E 46 -7.68 -23.27 -46.65
CA THR E 46 -6.58 -24.11 -46.25
C THR E 46 -6.30 -23.94 -44.76
N LYS E 47 -5.36 -24.76 -44.24
CA LYS E 47 -4.98 -24.65 -42.84
C LYS E 47 -4.34 -23.30 -42.55
N GLN E 48 -3.50 -22.82 -43.47
CA GLN E 48 -2.89 -21.50 -43.31
C GLN E 48 -3.96 -20.42 -43.27
N GLY E 49 -4.99 -20.55 -44.12
CA GLY E 49 -6.08 -19.59 -44.09
C GLY E 49 -6.84 -19.60 -42.78
N LEU E 50 -7.06 -20.78 -42.22
CA LEU E 50 -7.71 -20.86 -40.92
C LEU E 50 -6.87 -20.19 -39.84
N LYS E 51 -5.57 -20.44 -39.84
CA LYS E 51 -4.70 -19.79 -38.87
C LYS E 51 -4.69 -18.28 -39.04
N ILE E 52 -4.70 -17.82 -40.30
CA ILE E 52 -4.68 -16.39 -40.58
C ILE E 52 -5.96 -15.73 -40.07
N PHE E 53 -7.11 -16.35 -40.36
CA PHE E 53 -8.36 -15.78 -39.88
C PHE E 53 -8.42 -15.80 -38.36
N ARG E 54 -7.91 -16.87 -37.74
CA ARG E 54 -7.90 -16.96 -36.29
C ARG E 54 -7.06 -15.85 -35.67
N ASP E 55 -5.84 -15.64 -36.18
CA ASP E 55 -4.98 -14.65 -35.56
C ASP E 55 -5.48 -13.23 -35.83
N TYR E 56 -6.10 -12.99 -36.99
CA TYR E 56 -6.70 -11.69 -37.23
C TYR E 56 -7.88 -11.44 -36.29
N LEU E 57 -8.72 -12.46 -36.07
CA LEU E 57 -9.84 -12.30 -35.16
C LEU E 57 -9.36 -12.07 -33.73
N ASP E 58 -8.23 -12.67 -33.36
CA ASP E 58 -7.66 -12.39 -32.04
C ASP E 58 -7.01 -11.02 -32.00
N HIS E 59 -6.53 -10.52 -33.13
CA HIS E 59 -5.87 -9.21 -33.17
C HIS E 59 -6.88 -8.07 -33.06
N ILE E 60 -8.03 -8.19 -33.72
CA ILE E 60 -8.96 -7.07 -33.76
C ILE E 60 -9.92 -7.06 -32.58
N GLN E 61 -9.68 -7.93 -31.59
CA GLN E 61 -10.36 -7.75 -30.31
C GLN E 61 -9.75 -6.61 -29.52
N LYS E 62 -8.45 -6.38 -29.68
CA LYS E 62 -7.68 -5.32 -29.04
C LYS E 62 -7.75 -4.04 -29.86
N PRO E 63 -7.50 -2.88 -29.24
CA PRO E 63 -7.57 -1.62 -29.98
C PRO E 63 -6.48 -1.51 -31.03
N ILE E 64 -6.81 -0.83 -32.13
CA ILE E 64 -5.90 -0.64 -33.26
C ILE E 64 -5.77 0.85 -33.52
N TYR E 65 -4.55 1.30 -33.76
CA TYR E 65 -4.23 2.71 -33.93
C TYR E 65 -3.78 3.00 -35.36
N ASN E 66 -4.30 4.09 -35.91
CA ASN E 66 -3.78 4.65 -37.15
C ASN E 66 -2.57 5.54 -36.85
N SER E 67 -1.88 5.97 -37.91
CA SER E 67 -0.73 6.85 -37.73
C SER E 67 -1.14 8.18 -37.12
N ASN E 68 -2.24 8.75 -37.60
CA ASN E 68 -2.75 10.04 -37.11
C ASN E 68 -4.21 9.85 -36.71
N SER E 69 -4.50 10.06 -35.43
CA SER E 69 -5.84 9.81 -34.90
C SER E 69 -6.87 10.80 -35.38
N ILE E 70 -6.45 11.88 -36.04
CA ILE E 70 -7.40 12.90 -36.52
C ILE E 70 -7.88 12.59 -37.93
N THR E 71 -6.95 12.31 -38.84
CA THR E 71 -7.34 11.96 -40.21
C THR E 71 -8.14 10.68 -40.26
N ARG E 72 -7.72 9.66 -39.50
CA ARG E 72 -8.43 8.39 -39.41
C ARG E 72 -8.56 8.03 -37.95
N PRO E 73 -9.78 7.97 -37.40
CA PRO E 73 -9.94 7.57 -36.00
C PRO E 73 -9.43 6.17 -35.74
N MET E 74 -8.98 5.94 -34.50
CA MET E 74 -8.50 4.63 -34.09
C MET E 74 -9.65 3.69 -33.78
N PHE E 75 -9.38 2.40 -33.94
CA PHE E 75 -10.40 1.37 -33.74
C PHE E 75 -10.34 0.88 -32.30
N PRO E 76 -11.41 1.07 -31.51
CA PRO E 76 -11.35 0.66 -30.09
C PRO E 76 -11.32 -0.84 -29.90
N GLY E 77 -11.97 -1.61 -30.78
CA GLY E 77 -12.12 -3.04 -30.60
C GLY E 77 -13.55 -3.41 -30.91
N PHE E 78 -13.73 -4.62 -31.45
CA PHE E 78 -15.03 -4.99 -32.03
C PHE E 78 -16.14 -4.98 -30.97
N GLU E 79 -15.87 -5.54 -29.80
CA GLU E 79 -16.91 -5.59 -28.77
C GLU E 79 -17.26 -4.20 -28.27
N ALA E 80 -16.26 -3.32 -28.17
CA ALA E 80 -16.52 -1.95 -27.73
C ALA E 80 -17.41 -1.22 -28.73
N VAL E 81 -17.09 -1.35 -30.02
CA VAL E 81 -17.85 -0.64 -31.05
C VAL E 81 -19.26 -1.19 -31.16
N PHE E 82 -19.39 -2.52 -31.24
CA PHE E 82 -20.60 -3.15 -31.74
C PHE E 82 -21.39 -3.92 -30.69
N ASP E 83 -20.90 -4.01 -29.46
CA ASP E 83 -21.47 -4.83 -28.39
C ASP E 83 -21.99 -6.16 -28.90
N CYS E 84 -21.14 -6.84 -29.68
CA CYS E 84 -21.38 -8.20 -30.14
C CYS E 84 -20.16 -9.04 -29.77
N LYS E 85 -20.16 -10.30 -30.20
CA LYS E 85 -18.99 -11.15 -30.11
C LYS E 85 -18.71 -11.73 -31.49
N TRP E 86 -17.53 -11.45 -32.02
CA TRP E 86 -17.03 -12.04 -33.27
C TRP E 86 -15.59 -12.46 -33.00
N GLU E 87 -15.42 -13.67 -32.48
CA GLU E 87 -14.14 -14.15 -31.98
C GLU E 87 -13.88 -15.55 -32.51
N SER E 88 -12.75 -16.11 -32.12
CA SER E 88 -12.27 -17.37 -32.69
C SER E 88 -12.90 -18.60 -32.07
N THR E 89 -13.76 -18.44 -31.06
CA THR E 89 -14.47 -19.59 -30.50
C THR E 89 -15.60 -20.07 -31.39
N GLY E 90 -16.16 -19.19 -32.22
CA GLY E 90 -17.25 -19.52 -33.11
C GLY E 90 -16.86 -19.98 -34.49
N ILE E 91 -15.57 -20.21 -34.74
CA ILE E 91 -15.10 -20.64 -36.06
C ILE E 91 -15.54 -22.07 -36.31
N THR E 92 -16.12 -22.31 -37.48
CA THR E 92 -16.53 -23.64 -37.92
C THR E 92 -15.74 -23.97 -39.19
N PHE E 93 -14.56 -24.56 -39.00
CA PHE E 93 -13.65 -24.78 -40.11
C PHE E 93 -14.13 -25.89 -41.02
N LYS E 94 -14.10 -25.63 -42.32
CA LYS E 94 -14.41 -26.62 -43.36
C LYS E 94 -13.19 -26.65 -44.27
N GLU E 95 -12.27 -27.57 -43.98
CA GLU E 95 -10.96 -27.56 -44.61
C GLU E 95 -11.05 -27.82 -46.11
N VAL E 96 -10.20 -27.13 -46.87
CA VAL E 96 -9.99 -27.39 -48.29
C VAL E 96 -8.50 -27.61 -48.49
N THR E 97 -8.13 -28.81 -48.92
CA THR E 97 -6.72 -29.12 -49.10
C THR E 97 -6.16 -28.39 -50.31
N ASN E 98 -4.83 -28.25 -50.34
CA ASN E 98 -4.17 -27.56 -51.44
C ASN E 98 -4.14 -28.41 -52.70
N GLU E 99 -4.02 -29.74 -52.54
CA GLU E 99 -3.96 -30.61 -53.71
C GLU E 99 -5.25 -30.54 -54.52
N ASP E 100 -6.39 -30.39 -53.86
CA ASP E 100 -7.64 -30.24 -54.58
C ASP E 100 -7.64 -28.96 -55.41
N ILE E 101 -7.10 -27.87 -54.87
CA ILE E 101 -6.97 -26.63 -55.63
C ILE E 101 -6.05 -26.84 -56.81
N GLY E 102 -4.92 -27.51 -56.60
CA GLY E 102 -3.97 -27.74 -57.68
C GLY E 102 -4.54 -28.60 -58.79
N LYS E 103 -5.41 -29.55 -58.45
CA LYS E 103 -6.03 -30.40 -59.46
C LYS E 103 -6.87 -29.61 -60.46
N PHE E 104 -7.27 -28.39 -60.10
CA PHE E 104 -8.11 -27.56 -60.96
C PHE E 104 -7.39 -26.35 -61.52
N LEU E 105 -6.49 -25.73 -60.75
CA LEU E 105 -5.87 -24.48 -61.16
C LEU E 105 -4.89 -24.67 -62.33
N TYR E 106 -4.36 -25.88 -62.53
CA TYR E 106 -3.31 -26.11 -63.50
C TYR E 106 -3.83 -26.66 -64.81
N ASN E 107 -5.05 -26.31 -65.19
CA ASN E 107 -5.59 -26.69 -66.50
C ASN E 107 -5.28 -25.56 -67.49
N SER E 108 -5.80 -25.65 -68.70
CA SER E 108 -5.51 -24.68 -69.74
C SER E 108 -6.52 -23.54 -69.78
N SER E 109 -7.80 -23.88 -69.98
CA SER E 109 -8.84 -22.87 -70.10
C SER E 109 -9.06 -22.15 -68.77
N THR E 110 -9.31 -20.84 -68.87
CA THR E 110 -9.59 -20.04 -67.68
C THR E 110 -11.00 -20.24 -67.16
N HIS E 111 -11.96 -20.48 -68.06
CA HIS E 111 -13.33 -20.74 -67.62
C HIS E 111 -13.42 -22.06 -66.85
N LYS E 112 -12.69 -23.08 -67.30
CA LYS E 112 -12.79 -24.39 -66.68
C LYS E 112 -12.20 -24.40 -65.27
N ARG E 113 -11.03 -23.80 -65.10
CA ARG E 113 -10.41 -23.77 -63.77
C ARG E 113 -11.24 -22.94 -62.80
N THR E 114 -11.75 -21.79 -63.25
CA THR E 114 -12.61 -20.98 -62.40
C THR E 114 -13.87 -21.74 -62.02
N TYR E 115 -14.48 -22.43 -62.99
CA TYR E 115 -15.70 -23.17 -62.70
C TYR E 115 -15.43 -24.29 -61.70
N ASP E 116 -14.32 -25.01 -61.86
CA ASP E 116 -14.01 -26.10 -60.94
C ASP E 116 -13.71 -25.57 -59.54
N LEU E 117 -13.00 -24.45 -59.44
CA LEU E 117 -12.67 -23.88 -58.13
C LEU E 117 -13.92 -23.39 -57.41
N VAL E 118 -14.76 -22.64 -58.12
CA VAL E 118 -16.02 -22.19 -57.54
C VAL E 118 -16.88 -23.39 -57.17
N SER E 119 -16.84 -24.44 -57.99
CA SER E 119 -17.60 -25.65 -57.68
C SER E 119 -17.15 -26.26 -56.36
N LEU E 120 -15.84 -26.42 -56.19
CA LEU E 120 -15.33 -26.97 -54.93
C LEU E 120 -15.80 -26.14 -53.74
N PHE E 121 -15.60 -24.82 -53.82
CA PHE E 121 -15.92 -23.97 -52.68
C PHE E 121 -17.41 -23.98 -52.36
N ILE E 122 -18.25 -23.74 -53.37
CA ILE E 122 -19.68 -23.63 -53.13
C ILE E 122 -20.28 -24.98 -52.78
N ASP E 123 -19.74 -26.08 -53.33
CA ASP E 123 -20.26 -27.39 -52.94
C ASP E 123 -19.95 -27.69 -51.49
N LYS E 124 -18.73 -27.38 -51.02
CA LYS E 124 -18.44 -27.58 -49.61
C LYS E 124 -19.34 -26.71 -48.74
N ILE E 125 -19.54 -25.45 -49.13
CA ILE E 125 -20.38 -24.55 -48.35
C ILE E 125 -21.82 -25.04 -48.30
N ILE E 126 -22.35 -25.50 -49.45
CA ILE E 126 -23.74 -25.94 -49.51
C ILE E 126 -23.93 -27.24 -48.73
N SER E 127 -22.97 -28.16 -48.81
CA SER E 127 -23.05 -29.37 -48.00
C SER E 127 -23.03 -29.02 -46.52
N ALA E 128 -22.16 -28.10 -46.11
CA ALA E 128 -22.13 -27.68 -44.71
C ALA E 128 -23.44 -27.03 -44.29
N ASN E 129 -24.05 -26.25 -45.19
CA ASN E 129 -25.30 -25.59 -44.86
C ASN E 129 -26.44 -26.58 -44.73
N LYS E 130 -26.52 -27.54 -45.65
CA LYS E 130 -27.69 -28.41 -45.71
C LYS E 130 -27.70 -29.46 -44.60
N ASN E 131 -26.56 -30.11 -44.35
CA ASN E 131 -26.56 -31.29 -43.48
C ASN E 131 -25.51 -31.16 -42.38
N GLU E 132 -25.49 -30.00 -41.71
CA GLU E 132 -24.77 -29.84 -40.47
C GLU E 132 -25.64 -29.08 -39.49
N ASP E 133 -25.54 -29.42 -38.22
CA ASP E 133 -26.44 -28.89 -37.19
C ASP E 133 -26.02 -27.51 -36.69
N GLU E 134 -24.89 -26.98 -37.15
CA GLU E 134 -24.46 -25.64 -36.76
C GLU E 134 -25.36 -24.58 -37.38
N ASN E 135 -25.26 -23.37 -36.86
CA ASN E 135 -25.97 -22.21 -37.40
C ASN E 135 -24.92 -21.14 -37.69
N VAL E 136 -24.33 -21.20 -38.88
CA VAL E 136 -23.32 -20.23 -39.27
C VAL E 136 -24.01 -18.98 -39.81
N ASP E 137 -23.63 -17.81 -39.29
CA ASP E 137 -24.25 -16.55 -39.67
C ASP E 137 -23.67 -15.97 -40.95
N VAL E 138 -22.35 -15.94 -41.06
CA VAL E 138 -21.66 -15.46 -42.25
C VAL E 138 -20.52 -16.42 -42.54
N TRP E 139 -20.34 -16.74 -43.82
CA TRP E 139 -19.25 -17.60 -44.25
C TRP E 139 -18.09 -16.73 -44.74
N PHE E 140 -16.87 -17.14 -44.42
CA PHE E 140 -15.67 -16.38 -44.76
C PHE E 140 -14.76 -17.25 -45.59
N VAL E 141 -14.53 -16.85 -46.84
CA VAL E 141 -13.80 -17.65 -47.81
C VAL E 141 -12.41 -17.05 -47.93
N ILE E 142 -11.43 -17.73 -47.36
CA ILE E 142 -10.03 -17.28 -47.41
C ILE E 142 -9.38 -17.92 -48.63
N VAL E 143 -9.21 -17.14 -49.69
CA VAL E 143 -8.64 -17.63 -50.94
C VAL E 143 -7.16 -17.25 -50.98
N PRO E 144 -6.25 -18.20 -51.27
CA PRO E 144 -4.83 -17.87 -51.33
C PRO E 144 -4.54 -16.87 -52.44
N ASP E 145 -3.36 -16.25 -52.35
CA ASP E 145 -2.94 -15.33 -53.40
C ASP E 145 -2.37 -16.10 -54.58
N GLU E 146 -3.08 -17.14 -55.00
CA GLU E 146 -2.77 -17.86 -56.22
C GLU E 146 -4.05 -18.23 -56.97
N ILE E 147 -5.22 -17.90 -56.41
CA ILE E 147 -6.50 -18.26 -57.00
C ILE E 147 -7.04 -17.03 -57.72
N TYR E 148 -7.27 -15.95 -56.98
CA TYR E 148 -7.79 -14.72 -57.57
C TYR E 148 -6.77 -14.06 -58.49
N LYS E 149 -5.51 -14.44 -58.39
CA LYS E 149 -4.49 -13.86 -59.26
C LYS E 149 -4.70 -14.25 -60.72
N TYR E 150 -5.17 -15.48 -60.97
CA TYR E 150 -5.34 -15.98 -62.33
C TYR E 150 -6.78 -16.39 -62.62
N CYS E 151 -7.75 -15.83 -61.90
CA CYS E 151 -9.15 -16.17 -62.06
C CYS E 151 -9.96 -14.97 -62.55
N ARG E 152 -9.41 -14.24 -63.52
CA ARG E 152 -10.10 -13.09 -64.07
C ARG E 152 -9.65 -12.80 -65.50
N GLN E 205 -13.33 -13.21 -62.25
CA GLN E 205 -14.49 -14.04 -62.59
C GLN E 205 -14.84 -14.94 -61.41
N PHE E 206 -13.91 -15.05 -60.47
CA PHE E 206 -14.12 -15.89 -59.29
C PHE E 206 -15.26 -15.35 -58.42
N HIS E 207 -15.19 -14.07 -58.06
CA HIS E 207 -16.09 -13.51 -57.05
C HIS E 207 -17.52 -13.40 -57.56
N ASP E 208 -17.70 -12.84 -58.75
CA ASP E 208 -19.05 -12.63 -59.26
C ASP E 208 -19.75 -13.95 -59.54
N GLN E 209 -19.05 -14.92 -60.14
CA GLN E 209 -19.63 -16.23 -60.37
C GLN E 209 -19.94 -16.94 -59.05
N PHE E 210 -19.04 -16.82 -58.08
CA PHE E 210 -19.28 -17.35 -56.74
C PHE E 210 -20.59 -16.83 -56.18
N LYS E 211 -20.74 -15.51 -56.10
CA LYS E 211 -21.94 -14.93 -55.52
C LYS E 211 -23.18 -15.27 -56.33
N ALA E 212 -23.07 -15.30 -57.65
CA ALA E 212 -24.22 -15.63 -58.49
C ALA E 212 -24.68 -17.06 -58.25
N ARG E 213 -23.74 -18.01 -58.12
CA ARG E 213 -24.11 -19.39 -57.91
C ARG E 213 -24.72 -19.60 -56.53
N LEU E 214 -24.19 -18.92 -55.51
CA LEU E 214 -24.76 -19.09 -54.17
C LEU E 214 -26.06 -18.32 -53.97
N LEU E 215 -26.68 -17.81 -55.03
CA LEU E 215 -27.85 -16.94 -54.86
C LEU E 215 -29.12 -17.73 -54.52
N LYS E 216 -29.29 -18.92 -55.10
CA LYS E 216 -30.52 -19.67 -54.86
C LYS E 216 -30.66 -20.15 -53.43
N HIS E 217 -29.56 -20.13 -52.65
CA HIS E 217 -29.58 -20.59 -51.28
C HIS E 217 -29.58 -19.48 -50.25
N THR E 218 -29.21 -18.25 -50.64
CA THR E 218 -29.20 -17.08 -49.75
C THR E 218 -28.33 -17.32 -48.52
N ILE E 219 -27.04 -17.50 -48.78
CA ILE E 219 -26.03 -17.66 -47.74
C ILE E 219 -25.14 -16.41 -47.76
N PRO E 220 -25.21 -15.54 -46.75
CA PRO E 220 -24.27 -14.41 -46.70
C PRO E 220 -22.84 -14.91 -46.66
N THR E 221 -21.96 -14.20 -47.35
CA THR E 221 -20.59 -14.64 -47.48
C THR E 221 -19.68 -13.44 -47.67
N GLN E 222 -18.38 -13.66 -47.42
CA GLN E 222 -17.39 -12.61 -47.53
C GLN E 222 -16.05 -13.24 -47.91
N ILE E 223 -15.42 -12.68 -48.93
CA ILE E 223 -14.16 -13.20 -49.47
C ILE E 223 -13.01 -12.41 -48.87
N PHE E 224 -11.94 -13.12 -48.50
CA PHE E 224 -10.71 -12.50 -48.03
C PHE E 224 -9.53 -13.18 -48.70
N ARG E 225 -8.40 -12.47 -48.72
CA ARG E 225 -7.12 -13.03 -49.13
C ARG E 225 -6.16 -12.93 -47.96
N GLU E 226 -5.19 -13.86 -47.91
CA GLU E 226 -4.22 -13.83 -46.83
C GLU E 226 -3.38 -12.56 -46.86
N SER E 227 -3.22 -11.96 -48.04
CA SER E 227 -2.57 -10.66 -48.11
C SER E 227 -3.41 -9.58 -47.43
N THR E 228 -4.73 -9.76 -47.39
CA THR E 228 -5.59 -8.79 -46.73
C THR E 228 -5.50 -8.90 -45.22
N LEU E 229 -5.51 -10.13 -44.70
CA LEU E 229 -5.50 -10.34 -43.25
C LEU E 229 -4.10 -10.53 -42.68
N ALA E 230 -3.12 -10.91 -43.50
CA ALA E 230 -1.75 -11.16 -43.07
C ALA E 230 -0.77 -10.49 -44.01
N TRP E 231 -1.01 -9.21 -44.30
CA TRP E 231 -0.10 -8.46 -45.16
C TRP E 231 1.31 -8.39 -44.60
N ARG E 232 1.44 -8.49 -43.27
CA ARG E 232 2.75 -8.34 -42.64
C ARG E 232 3.72 -9.43 -43.09
N ASP E 233 3.26 -10.68 -43.12
CA ASP E 233 4.12 -11.80 -43.45
C ASP E 233 4.19 -12.10 -44.94
N PHE E 234 3.26 -11.57 -45.74
CA PHE E 234 3.24 -11.83 -47.17
C PHE E 234 4.02 -10.75 -47.93
N LYS E 235 5.31 -10.69 -47.62
CA LYS E 235 6.20 -9.75 -48.28
C LYS E 235 6.58 -10.30 -49.66
N ASN E 236 7.45 -9.59 -50.36
CA ASN E 236 7.94 -10.04 -51.66
C ASN E 236 9.28 -10.74 -51.46
N ALA E 237 9.96 -11.07 -52.57
CA ALA E 237 11.31 -11.58 -52.48
C ALA E 237 12.30 -10.53 -52.02
N PHE E 238 11.93 -9.24 -52.15
CA PHE E 238 12.81 -8.16 -51.72
C PHE E 238 12.75 -7.94 -50.22
N GLY E 239 11.77 -8.50 -49.53
CA GLY E 239 11.62 -8.32 -48.10
C GLY E 239 10.76 -7.15 -47.67
N LEU E 240 10.05 -6.51 -48.61
CA LEU E 240 9.21 -5.38 -48.32
C LEU E 240 7.76 -5.72 -48.62
N PRO E 241 6.82 -5.42 -47.71
CA PRO E 241 5.42 -5.75 -47.98
C PRO E 241 4.89 -5.04 -49.21
N ILE E 242 4.08 -5.75 -49.99
CA ILE E 242 3.45 -5.18 -51.18
C ILE E 242 2.18 -4.43 -50.84
N ARG E 243 1.60 -4.68 -49.67
CA ARG E 243 0.27 -4.19 -49.29
C ARG E 243 0.36 -3.47 -47.95
N ASP E 244 1.29 -2.53 -47.84
CA ASP E 244 1.62 -1.86 -46.59
C ASP E 244 0.40 -1.18 -45.95
N PHE E 245 -0.05 -1.73 -44.83
CA PHE E 245 -1.18 -1.18 -44.08
C PHE E 245 -0.76 -0.73 -42.68
N SER E 246 0.54 -0.49 -42.48
CA SER E 246 1.05 -0.26 -41.13
C SER E 246 0.41 0.97 -40.48
N LYS E 247 0.22 2.03 -41.25
CA LYS E 247 -0.37 3.25 -40.73
C LYS E 247 -1.89 3.28 -40.86
N ILE E 248 -2.49 2.31 -41.54
CA ILE E 248 -3.93 2.32 -41.78
C ILE E 248 -4.55 1.00 -41.32
N GLU E 249 -3.94 0.36 -40.32
CA GLU E 249 -4.49 -0.89 -39.81
C GLU E 249 -5.86 -0.69 -39.18
N GLY E 250 -6.04 0.40 -38.42
CA GLY E 250 -7.32 0.68 -37.83
C GLY E 250 -8.41 0.94 -38.85
N HIS E 251 -8.07 1.58 -39.96
CA HIS E 251 -9.03 1.81 -41.03
C HIS E 251 -9.48 0.50 -41.67
N LEU E 252 -8.52 -0.42 -41.90
CA LEU E 252 -8.86 -1.73 -42.41
C LEU E 252 -9.75 -2.48 -41.44
N ALA E 253 -9.44 -2.40 -40.15
CA ALA E 253 -10.28 -3.05 -39.15
C ALA E 253 -11.69 -2.48 -39.16
N TRP E 254 -11.81 -1.15 -39.28
CA TRP E 254 -13.12 -0.53 -39.37
C TRP E 254 -13.90 -1.07 -40.55
N THR E 255 -13.27 -1.11 -41.73
CA THR E 255 -13.96 -1.57 -42.93
C THR E 255 -14.40 -3.03 -42.78
N ILE E 256 -13.49 -3.89 -42.32
CA ILE E 256 -13.81 -5.32 -42.22
C ILE E 256 -14.90 -5.55 -41.20
N SER E 257 -14.79 -4.89 -40.04
CA SER E 257 -15.80 -5.06 -39.00
C SER E 257 -17.16 -4.58 -39.47
N THR E 258 -17.20 -3.46 -40.19
CA THR E 258 -18.50 -2.95 -40.65
C THR E 258 -19.12 -3.88 -41.68
N ALA E 259 -18.33 -4.36 -42.63
CA ALA E 259 -18.86 -5.28 -43.64
C ALA E 259 -19.36 -6.57 -42.99
N ALA E 260 -18.58 -7.13 -42.07
CA ALA E 260 -18.97 -8.38 -41.43
C ALA E 260 -20.17 -8.20 -40.52
N PHE E 261 -20.27 -7.05 -39.85
CA PHE E 261 -21.41 -6.79 -38.98
C PHE E 261 -22.68 -6.59 -39.78
N TYR E 262 -22.57 -5.98 -40.97
CA TYR E 262 -23.75 -5.80 -41.81
C TYR E 262 -24.19 -7.11 -42.44
N LYS E 263 -23.23 -7.92 -42.92
CA LYS E 263 -23.56 -9.19 -43.54
C LYS E 263 -24.18 -10.17 -42.56
N ALA E 264 -24.00 -9.96 -41.26
CA ALA E 264 -24.56 -10.82 -40.24
C ALA E 264 -25.93 -10.36 -39.75
N GLY E 265 -26.50 -9.33 -40.38
CA GLY E 265 -27.83 -8.87 -40.03
C GLY E 265 -27.89 -7.67 -39.13
N GLY E 266 -26.81 -6.90 -39.00
CA GLY E 266 -26.80 -5.71 -38.16
C GLY E 266 -26.84 -4.44 -39.00
N LYS E 267 -27.58 -3.45 -38.51
CA LYS E 267 -27.71 -2.16 -39.18
C LYS E 267 -26.90 -1.12 -38.41
N PRO E 268 -25.76 -0.67 -38.93
CA PRO E 268 -24.87 0.21 -38.14
C PRO E 268 -25.35 1.65 -38.03
N TRP E 269 -25.91 2.21 -39.10
CA TRP E 269 -26.35 3.61 -39.07
C TRP E 269 -27.45 3.79 -40.10
N LYS E 270 -28.11 4.95 -40.02
CA LYS E 270 -29.23 5.26 -40.91
C LYS E 270 -29.33 6.76 -41.12
N LEU E 271 -30.06 7.13 -42.16
CA LEU E 271 -30.26 8.54 -42.49
C LEU E 271 -31.11 9.25 -41.44
N SER E 272 -30.73 10.48 -41.11
CA SER E 272 -31.36 11.20 -40.01
C SER E 272 -32.65 11.88 -40.44
N ASP E 273 -32.56 12.82 -41.39
CA ASP E 273 -33.68 13.66 -41.77
C ASP E 273 -33.90 13.58 -43.28
N VAL E 274 -34.75 12.64 -43.69
CA VAL E 274 -35.24 12.56 -45.06
C VAL E 274 -36.76 12.48 -45.00
N ARG E 275 -37.43 13.30 -45.80
CA ARG E 275 -38.88 13.39 -45.74
C ARG E 275 -39.52 12.07 -46.15
N ASN E 276 -40.73 11.83 -45.64
CA ASN E 276 -41.46 10.61 -45.93
C ASN E 276 -42.24 10.75 -47.23
N GLY E 277 -42.71 9.61 -47.74
CA GLY E 277 -43.50 9.59 -48.94
C GLY E 277 -42.74 9.76 -50.24
N VAL E 278 -41.42 9.71 -50.20
CA VAL E 278 -40.59 9.87 -51.39
C VAL E 278 -39.72 8.63 -51.55
N CYS E 279 -39.69 8.08 -52.76
CA CYS E 279 -38.88 6.92 -53.10
C CYS E 279 -37.78 7.31 -54.07
N TYR E 280 -36.72 6.51 -54.09
CA TYR E 280 -35.59 6.76 -54.97
C TYR E 280 -35.27 5.47 -55.73
N LEU E 281 -34.93 5.62 -57.01
CA LEU E 281 -34.51 4.49 -57.83
C LEU E 281 -33.15 4.80 -58.42
N GLY E 282 -32.25 3.83 -58.37
CA GLY E 282 -31.00 3.93 -59.09
C GLY E 282 -30.95 2.87 -60.15
N LEU E 283 -31.02 3.28 -61.42
CA LEU E 283 -31.04 2.36 -62.54
C LEU E 283 -29.67 2.35 -63.20
N VAL E 284 -29.08 1.16 -63.35
CA VAL E 284 -27.79 1.01 -63.99
C VAL E 284 -27.92 -0.02 -65.10
N TYR E 285 -27.10 0.13 -66.13
CA TYR E 285 -27.07 -0.78 -67.26
C TYR E 285 -25.72 -1.46 -67.31
N LYS E 286 -25.74 -2.77 -67.48
CA LYS E 286 -24.55 -3.60 -67.61
C LYS E 286 -24.62 -4.38 -68.92
N LYS E 287 -23.51 -5.02 -69.25
CA LYS E 287 -23.38 -5.81 -70.48
C LYS E 287 -23.40 -7.29 -70.11
N VAL E 288 -24.33 -8.03 -70.69
CA VAL E 288 -24.37 -9.48 -70.54
C VAL E 288 -23.36 -10.07 -71.52
N GLU E 289 -22.14 -10.34 -71.04
CA GLU E 289 -21.07 -10.76 -71.93
C GLU E 289 -21.24 -12.20 -72.40
N LYS E 290 -21.68 -13.10 -71.52
CA LYS E 290 -21.78 -14.51 -71.84
C LYS E 290 -22.97 -14.85 -72.74
N SER E 291 -23.69 -13.84 -73.24
CA SER E 291 -24.81 -14.09 -74.14
C SER E 291 -24.30 -14.35 -75.56
N LYS E 292 -25.23 -14.67 -76.46
CA LYS E 292 -24.86 -14.91 -77.85
C LYS E 292 -24.27 -13.65 -78.48
N ASN E 293 -24.95 -12.52 -78.31
CA ASN E 293 -24.43 -11.27 -78.84
C ASN E 293 -23.21 -10.82 -78.05
N PRO E 294 -22.31 -10.05 -78.68
CA PRO E 294 -21.18 -9.49 -77.91
C PRO E 294 -21.63 -8.64 -76.74
N ARG E 295 -22.74 -7.91 -76.89
CA ARG E 295 -23.28 -7.10 -75.81
C ARG E 295 -24.79 -7.24 -75.80
N ASN E 296 -25.38 -7.05 -74.63
CA ASN E 296 -26.83 -7.15 -74.44
C ASN E 296 -27.18 -6.33 -73.21
N ALA E 297 -27.98 -5.27 -73.40
CA ALA E 297 -28.21 -4.32 -72.33
C ALA E 297 -28.97 -4.99 -71.18
N CYS E 298 -28.52 -4.75 -69.95
CA CYS E 298 -29.12 -5.35 -68.77
C CYS E 298 -29.38 -4.25 -67.75
N CYS E 299 -30.65 -4.02 -67.44
CA CYS E 299 -31.04 -2.98 -66.50
C CYS E 299 -31.27 -3.59 -65.13
N ALA E 300 -30.54 -3.08 -64.14
CA ALA E 300 -30.69 -3.47 -62.74
C ALA E 300 -30.89 -2.23 -61.89
N ALA E 301 -31.83 -2.30 -60.95
CA ALA E 301 -32.20 -1.15 -60.16
C ALA E 301 -31.97 -1.40 -58.67
N GLN E 302 -31.78 -0.31 -57.93
CA GLN E 302 -31.69 -0.34 -56.47
C GLN E 302 -32.67 0.68 -55.93
N MET E 303 -33.62 0.22 -55.11
CA MET E 303 -34.65 1.09 -54.57
C MET E 303 -34.28 1.55 -53.17
N PHE E 304 -34.69 2.78 -52.84
CA PHE E 304 -34.37 3.41 -51.56
C PHE E 304 -35.59 4.25 -51.16
N LEU E 305 -36.46 3.66 -50.35
CA LEU E 305 -37.48 4.41 -49.61
C LEU E 305 -36.95 4.66 -48.20
N ASP E 306 -37.63 5.53 -47.47
CA ASP E 306 -37.09 5.76 -46.14
C ASP E 306 -37.54 4.65 -45.21
N ASN E 307 -38.81 4.70 -44.78
CA ASN E 307 -39.56 3.59 -44.19
C ASN E 307 -40.88 4.11 -43.65
N GLY E 308 -41.69 3.22 -43.11
CA GLY E 308 -42.63 3.64 -42.07
C GLY E 308 -41.91 4.15 -40.83
N ASP E 309 -40.77 3.53 -40.49
CA ASP E 309 -39.98 3.95 -39.33
C ASP E 309 -38.60 4.46 -39.71
N GLY E 310 -37.77 3.65 -40.37
CA GLY E 310 -36.48 4.13 -40.85
C GLY E 310 -35.75 3.09 -41.66
N THR E 311 -34.83 3.58 -42.50
CA THR E 311 -33.76 2.83 -43.18
C THR E 311 -34.24 1.52 -43.82
N VAL E 312 -35.03 1.67 -44.87
CA VAL E 312 -35.32 0.57 -45.78
C VAL E 312 -34.52 0.77 -47.07
N PHE E 313 -33.79 -0.26 -47.48
CA PHE E 313 -32.89 -0.15 -48.64
C PHE E 313 -32.69 -1.55 -49.21
N LYS E 314 -33.42 -1.87 -50.28
CA LYS E 314 -33.52 -3.24 -50.76
C LYS E 314 -32.86 -3.45 -52.12
N GLY E 315 -33.32 -2.76 -53.15
CA GLY E 315 -32.91 -3.06 -54.50
C GLY E 315 -33.98 -3.77 -55.30
N GLU E 316 -34.71 -3.03 -56.14
CA GLU E 316 -35.75 -3.62 -56.98
C GLU E 316 -35.08 -4.19 -58.22
N VAL E 317 -34.95 -5.51 -58.26
CA VAL E 317 -34.12 -6.12 -59.30
C VAL E 317 -34.83 -7.32 -59.91
N GLY E 318 -34.12 -8.04 -60.77
CA GLY E 318 -34.67 -8.90 -61.77
C GLY E 318 -34.37 -8.21 -63.07
N PRO E 319 -33.28 -8.61 -63.71
CA PRO E 319 -32.68 -7.76 -64.75
C PRO E 319 -33.57 -7.69 -65.98
N TRP E 320 -33.76 -6.47 -66.49
CA TRP E 320 -34.57 -6.27 -67.69
C TRP E 320 -33.65 -6.15 -68.90
N TYR E 321 -33.92 -6.94 -69.93
CA TYR E 321 -32.97 -7.16 -71.01
C TYR E 321 -33.40 -6.40 -72.26
N ASN E 322 -32.47 -5.65 -72.84
CA ASN E 322 -32.66 -4.99 -74.13
C ASN E 322 -31.67 -5.58 -75.12
N PRO E 323 -32.13 -6.31 -76.15
CA PRO E 323 -31.19 -7.03 -77.02
C PRO E 323 -30.40 -6.12 -77.95
N LYS E 324 -30.86 -4.91 -78.21
CA LYS E 324 -30.17 -4.04 -79.16
C LYS E 324 -28.89 -3.49 -78.53
N ASN E 325 -27.75 -3.80 -79.13
CA ASN E 325 -26.47 -3.43 -78.56
C ASN E 325 -26.28 -1.91 -78.55
N GLY E 326 -25.72 -1.41 -77.45
CA GLY E 326 -25.38 -0.01 -77.33
C GLY E 326 -26.52 0.92 -77.01
N GLN E 327 -27.75 0.43 -77.00
CA GLN E 327 -28.93 1.26 -76.74
C GLN E 327 -29.34 1.06 -75.29
N TYR E 328 -28.75 1.86 -74.40
CA TYR E 328 -29.05 1.78 -72.98
C TYR E 328 -30.36 2.50 -72.66
N HIS E 329 -31.43 1.98 -73.27
CA HIS E 329 -32.78 2.47 -73.06
C HIS E 329 -33.70 1.30 -72.81
N LEU E 330 -34.80 1.57 -72.11
CA LEU E 330 -35.75 0.53 -71.71
C LEU E 330 -36.94 0.54 -72.64
N GLU E 331 -37.27 -0.64 -73.17
CA GLU E 331 -38.47 -0.76 -73.99
C GLU E 331 -39.72 -0.51 -73.15
N PRO E 332 -40.82 -0.08 -73.78
CA PRO E 332 -42.01 0.28 -72.99
C PRO E 332 -42.50 -0.84 -72.09
N LYS E 333 -42.43 -2.10 -72.55
CA LYS E 333 -42.87 -3.21 -71.71
C LYS E 333 -41.97 -3.37 -70.50
N GLU E 334 -40.65 -3.34 -70.71
CA GLU E 334 -39.72 -3.49 -69.60
C GLU E 334 -39.78 -2.27 -68.67
N ALA E 335 -39.96 -1.08 -69.22
CA ALA E 335 -40.11 0.11 -68.39
C ALA E 335 -41.35 0.02 -67.52
N LYS E 336 -42.47 -0.40 -68.10
CA LYS E 336 -43.69 -0.58 -67.33
C LYS E 336 -43.49 -1.62 -66.23
N ALA E 337 -42.84 -2.73 -66.56
CA ALA E 337 -42.60 -3.77 -65.57
C ALA E 337 -41.73 -3.26 -64.43
N LEU E 338 -40.65 -2.56 -64.75
CA LEU E 338 -39.75 -2.04 -63.73
C LEU E 338 -40.49 -1.08 -62.80
N LEU E 339 -41.21 -0.12 -63.38
CA LEU E 339 -41.88 0.87 -62.54
C LEU E 339 -43.00 0.25 -61.72
N SER E 340 -43.74 -0.70 -62.30
CA SER E 340 -44.79 -1.38 -61.55
C SER E 340 -44.20 -2.17 -60.39
N GLN E 341 -43.09 -2.87 -60.61
CA GLN E 341 -42.45 -3.62 -59.54
C GLN E 341 -41.99 -2.69 -58.43
N SER E 342 -41.34 -1.59 -58.79
CA SER E 342 -40.86 -0.66 -57.76
C SER E 342 -42.02 -0.04 -56.99
N LEU E 343 -43.08 0.35 -57.70
CA LEU E 343 -44.23 0.95 -57.04
C LEU E 343 -44.90 -0.02 -56.08
N GLN E 344 -45.09 -1.27 -56.52
CA GLN E 344 -45.71 -2.27 -55.65
C GLN E 344 -44.83 -2.59 -54.45
N SER E 345 -43.51 -2.66 -54.66
CA SER E 345 -42.59 -2.97 -53.58
C SER E 345 -42.50 -1.83 -52.57
N TYR E 346 -42.76 -0.59 -53.01
CA TYR E 346 -42.95 0.49 -52.05
C TYR E 346 -44.29 0.35 -51.34
N LYS E 347 -45.35 0.05 -52.10
CA LYS E 347 -46.70 0.15 -51.58
C LYS E 347 -46.99 -0.88 -50.50
N GLU E 348 -46.69 -2.16 -50.75
CA GLU E 348 -47.16 -3.17 -49.80
C GLU E 348 -46.39 -3.09 -48.50
N GLN E 349 -45.24 -2.43 -48.50
CA GLN E 349 -44.44 -2.20 -47.29
C GLN E 349 -44.87 -0.91 -46.58
N ILE E 350 -45.22 0.12 -47.33
CA ILE E 350 -45.63 1.39 -46.72
C ILE E 350 -47.15 1.46 -46.55
N GLY E 351 -47.90 1.16 -47.61
CA GLY E 351 -49.34 1.22 -47.60
C GLY E 351 -49.91 2.15 -48.65
N GLU E 352 -49.18 3.20 -49.02
CA GLU E 352 -49.62 4.17 -50.01
C GLU E 352 -48.49 4.42 -51.00
N TYR E 353 -48.88 4.87 -52.19
CA TYR E 353 -47.92 5.10 -53.25
C TYR E 353 -47.00 6.27 -52.89
N PRO E 354 -45.76 6.26 -53.37
CA PRO E 354 -44.85 7.37 -53.06
C PRO E 354 -45.34 8.68 -53.65
N LYS E 355 -45.12 9.77 -52.92
CA LYS E 355 -45.46 11.10 -53.41
C LYS E 355 -44.43 11.66 -54.36
N GLU E 356 -43.25 11.06 -54.43
CA GLU E 356 -42.19 11.53 -55.31
C GLU E 356 -41.23 10.39 -55.60
N VAL E 357 -41.00 10.11 -56.88
CA VAL E 357 -40.10 9.07 -57.33
C VAL E 357 -38.96 9.73 -58.07
N PHE E 358 -37.74 9.50 -57.62
CA PHE E 358 -36.54 10.14 -58.18
C PHE E 358 -35.72 9.05 -58.88
N ILE E 359 -35.94 8.88 -60.17
CA ILE E 359 -35.25 7.85 -60.93
C ILE E 359 -33.87 8.34 -61.31
N HIS E 360 -32.89 8.06 -60.46
CA HIS E 360 -31.51 8.38 -60.81
C HIS E 360 -31.01 7.46 -61.90
N ALA E 361 -29.95 7.89 -62.58
CA ALA E 361 -29.34 7.12 -63.65
C ALA E 361 -28.07 7.81 -64.10
N LYS E 362 -27.20 7.05 -64.74
CA LYS E 362 -26.02 7.58 -65.39
C LYS E 362 -26.26 7.87 -66.87
N THR E 363 -27.49 7.67 -67.35
CA THR E 363 -27.85 7.86 -68.75
C THR E 363 -29.07 8.74 -68.84
N ARG E 364 -29.22 9.40 -69.99
CA ARG E 364 -30.38 10.22 -70.26
C ARG E 364 -31.52 9.34 -70.76
N PHE E 365 -32.73 9.66 -70.31
CA PHE E 365 -33.92 8.97 -70.80
C PHE E 365 -34.41 9.60 -72.09
N ASN E 366 -34.98 8.79 -72.96
CA ASN E 366 -35.63 9.30 -74.16
C ASN E 366 -37.13 9.34 -73.94
N HIS E 367 -37.89 9.68 -74.99
CA HIS E 367 -39.31 9.96 -74.83
C HIS E 367 -40.11 8.67 -74.62
N GLN E 368 -39.81 7.62 -75.38
CA GLN E 368 -40.66 6.43 -75.35
C GLN E 368 -40.67 5.80 -73.97
N GLU E 369 -39.48 5.58 -73.38
CA GLU E 369 -39.43 5.00 -72.05
C GLU E 369 -40.06 5.92 -71.02
N TRP E 370 -39.99 7.22 -71.23
CA TRP E 370 -40.54 8.14 -70.24
C TRP E 370 -42.07 8.11 -70.24
N ASP E 371 -42.70 8.17 -71.42
CA ASP E 371 -44.15 7.99 -71.45
C ASP E 371 -44.56 6.60 -70.99
N ALA E 372 -43.71 5.58 -71.22
CA ALA E 372 -43.97 4.29 -70.61
C ALA E 372 -43.98 4.39 -69.09
N PHE E 373 -43.06 5.18 -68.53
CA PHE E 373 -43.03 5.37 -67.08
C PHE E 373 -44.29 6.05 -66.57
N LEU E 374 -44.71 7.15 -67.21
CA LEU E 374 -45.95 7.80 -66.77
C LEU E 374 -47.20 6.98 -67.05
N GLU E 375 -47.13 5.99 -67.95
CA GLU E 375 -48.30 5.14 -68.17
C GLU E 375 -48.67 4.36 -66.91
N VAL E 376 -47.67 3.84 -66.20
CA VAL E 376 -47.92 3.02 -65.01
C VAL E 376 -47.85 3.81 -63.72
N THR E 377 -47.65 5.12 -63.78
CA THR E 377 -47.55 5.97 -62.60
C THR E 377 -48.92 6.56 -62.26
N PRO E 378 -49.31 6.55 -60.98
CA PRO E 378 -50.56 7.19 -60.59
C PRO E 378 -50.46 8.70 -60.64
N LYS E 379 -51.63 9.35 -60.68
CA LYS E 379 -51.70 10.79 -60.90
C LYS E 379 -51.06 11.56 -59.75
N GLU E 380 -51.31 11.14 -58.51
CA GLU E 380 -50.82 11.87 -57.34
C GLU E 380 -49.30 11.78 -57.19
N THR E 381 -48.66 10.83 -57.87
CA THR E 381 -47.23 10.60 -57.69
C THR E 381 -46.41 11.51 -58.59
N ASN E 382 -45.60 12.37 -57.99
CA ASN E 382 -44.65 13.19 -58.72
C ASN E 382 -43.50 12.31 -59.15
N LEU E 383 -43.13 12.39 -60.43
CA LEU E 383 -42.09 11.54 -60.99
C LEU E 383 -41.00 12.42 -61.59
N VAL E 384 -39.76 12.16 -61.23
CA VAL E 384 -38.61 12.96 -61.65
C VAL E 384 -37.52 12.01 -62.14
N GLY E 385 -36.84 12.39 -63.23
CA GLY E 385 -35.71 11.61 -63.70
C GLY E 385 -34.45 12.44 -63.74
N VAL E 386 -33.51 12.11 -62.86
CA VAL E 386 -32.26 12.83 -62.70
C VAL E 386 -31.16 12.02 -63.37
N THR E 387 -30.22 12.73 -63.99
CA THR E 387 -29.05 12.09 -64.61
C THR E 387 -27.80 12.63 -63.94
N ILE E 388 -26.95 11.72 -63.47
CA ILE E 388 -25.72 12.07 -62.77
C ILE E 388 -24.55 11.54 -63.60
N SER E 389 -23.62 12.43 -63.92
CA SER E 389 -22.50 12.09 -64.79
C SER E 389 -21.23 12.71 -64.27
N LYS E 390 -20.10 12.06 -64.57
CA LYS E 390 -18.78 12.54 -64.19
C LYS E 390 -17.97 12.96 -65.43
N THR E 391 -18.64 13.24 -66.54
CA THR E 391 -17.93 13.49 -67.80
C THR E 391 -17.29 14.87 -67.83
N LYS E 392 -17.97 15.89 -67.31
CA LYS E 392 -17.55 17.28 -67.51
C LYS E 392 -16.20 17.53 -66.85
N PRO E 393 -15.17 17.97 -67.61
CA PRO E 393 -13.82 18.12 -67.07
C PRO E 393 -13.58 19.42 -66.28
N LEU E 394 -14.53 19.76 -65.42
CA LEU E 394 -14.39 20.93 -64.57
C LEU E 394 -13.53 20.58 -63.36
N LYS E 395 -12.61 21.48 -63.01
CA LYS E 395 -11.69 21.23 -61.89
C LYS E 395 -11.37 22.58 -61.26
N LEU E 396 -12.09 22.93 -60.20
CA LEU E 396 -11.80 24.16 -59.49
C LEU E 396 -10.51 24.02 -58.70
N TYR E 397 -9.87 25.15 -58.44
CA TYR E 397 -8.60 25.18 -57.71
C TYR E 397 -8.70 26.23 -56.61
N LYS E 398 -8.35 25.83 -55.39
CA LYS E 398 -8.27 26.77 -54.28
C LYS E 398 -6.99 27.58 -54.44
N THR E 399 -7.13 28.85 -54.80
CA THR E 399 -5.98 29.70 -55.10
C THR E 399 -5.12 29.99 -53.88
N GLU E 400 -5.61 29.68 -52.68
CA GLU E 400 -4.90 30.02 -51.45
C GLU E 400 -3.75 29.07 -51.14
N GLY E 401 -3.57 28.00 -51.92
CA GLY E 401 -2.40 27.18 -51.71
C GLY E 401 -2.59 25.67 -51.73
N ASP E 402 -2.26 25.03 -50.61
CA ASP E 402 -1.98 23.59 -50.60
C ASP E 402 -3.24 22.75 -50.82
N TYR E 403 -4.34 23.09 -50.16
CA TYR E 403 -5.48 22.20 -50.10
C TYR E 403 -6.46 22.47 -51.24
N THR E 404 -7.51 21.67 -51.30
CA THR E 404 -8.46 21.67 -52.40
C THR E 404 -9.76 22.37 -52.01
N ILE E 405 -10.73 22.33 -52.93
CA ILE E 405 -12.01 22.99 -52.70
C ILE E 405 -12.81 22.21 -51.67
N LEU E 406 -13.39 22.92 -50.71
CA LEU E 406 -14.18 22.30 -49.66
C LEU E 406 -15.34 21.50 -50.26
N ARG E 407 -15.56 20.31 -49.71
CA ARG E 407 -16.61 19.43 -50.21
C ARG E 407 -17.99 19.94 -49.76
N GLY E 408 -18.92 19.95 -50.70
CA GLY E 408 -20.26 20.49 -50.47
C GLY E 408 -20.57 21.72 -51.28
N ASN E 409 -19.58 22.28 -51.98
CA ASN E 409 -19.82 23.41 -52.85
C ASN E 409 -20.42 22.94 -54.17
N ALA E 410 -21.36 23.72 -54.68
CA ALA E 410 -22.02 23.42 -55.94
C ALA E 410 -21.80 24.57 -56.91
N TYR E 411 -22.34 24.43 -58.13
CA TYR E 411 -22.33 25.49 -59.13
C TYR E 411 -23.59 25.31 -59.97
N VAL E 412 -24.66 26.02 -59.59
CA VAL E 412 -25.94 25.88 -60.27
C VAL E 412 -25.84 26.54 -61.64
N VAL E 413 -25.76 25.72 -62.68
CA VAL E 413 -25.71 26.25 -64.05
C VAL E 413 -27.04 26.88 -64.42
N ASN E 414 -28.13 26.17 -64.18
CA ASN E 414 -29.47 26.70 -64.43
C ASN E 414 -30.44 25.90 -63.57
N GLU E 415 -31.73 26.03 -63.87
CA GLU E 415 -32.75 25.33 -63.08
C GLU E 415 -32.57 23.81 -63.24
N ARG E 416 -32.31 23.34 -64.45
CA ARG E 416 -32.26 21.92 -64.74
C ARG E 416 -30.84 21.39 -64.94
N SER E 417 -29.84 22.02 -64.32
CA SER E 417 -28.47 21.54 -64.42
C SER E 417 -27.62 22.24 -63.37
N ALA E 418 -26.76 21.46 -62.70
CA ALA E 418 -25.86 21.99 -61.69
C ALA E 418 -24.67 21.07 -61.56
N PHE E 419 -23.62 21.59 -60.94
CA PHE E 419 -22.46 20.80 -60.56
C PHE E 419 -22.44 20.63 -59.06
N LEU E 420 -21.95 19.49 -58.60
CA LEU E 420 -21.84 19.21 -57.17
C LEU E 420 -20.46 18.65 -56.86
N TRP E 421 -19.97 18.96 -55.66
CA TRP E 421 -18.68 18.47 -55.21
C TRP E 421 -18.92 17.49 -54.07
N THR E 422 -19.07 16.22 -54.42
CA THR E 422 -19.16 15.16 -53.42
C THR E 422 -17.80 14.83 -52.83
N VAL E 423 -16.74 14.95 -53.63
CA VAL E 423 -15.37 14.72 -53.19
C VAL E 423 -14.69 16.07 -52.99
N GLY E 424 -14.09 16.26 -51.83
CA GLY E 424 -13.41 17.50 -51.56
C GLY E 424 -12.72 17.45 -50.22
N TYR E 425 -12.38 18.64 -49.71
CA TYR E 425 -11.77 18.75 -48.39
C TYR E 425 -12.82 18.57 -47.32
N VAL E 426 -12.45 17.83 -46.27
CA VAL E 426 -13.33 17.63 -45.12
C VAL E 426 -12.63 18.14 -43.87
N PRO E 427 -13.11 19.24 -43.27
CA PRO E 427 -12.43 19.79 -42.09
C PRO E 427 -12.38 18.85 -40.91
N LYS E 428 -13.40 17.99 -40.73
CA LYS E 428 -13.45 17.15 -39.54
C LYS E 428 -12.25 16.22 -39.47
N ILE E 429 -11.87 15.63 -40.61
CA ILE E 429 -10.68 14.78 -40.66
C ILE E 429 -9.47 15.54 -41.16
N GLN E 430 -9.60 16.84 -41.41
CA GLN E 430 -8.47 17.73 -41.75
C GLN E 430 -7.69 17.21 -42.96
N THR E 431 -8.41 16.66 -43.94
CA THR E 431 -7.80 16.11 -45.14
C THR E 431 -8.90 15.84 -46.14
N ALA E 432 -8.58 16.05 -47.43
CA ALA E 432 -9.55 15.84 -48.48
C ALA E 432 -9.77 14.35 -48.72
N LEU E 433 -10.84 14.04 -49.45
CA LEU E 433 -11.15 12.66 -49.80
C LEU E 433 -10.37 12.16 -51.01
N SER E 434 -9.65 13.04 -51.70
CA SER E 434 -8.88 12.66 -52.87
C SER E 434 -7.49 13.31 -52.79
N MET E 435 -6.55 12.71 -53.52
CA MET E 435 -5.18 13.21 -53.56
C MET E 435 -5.03 14.37 -54.55
N GLU E 436 -5.47 14.17 -55.79
CA GLU E 436 -5.40 15.22 -56.80
C GLU E 436 -6.62 16.14 -56.63
N VAL E 437 -6.83 17.04 -57.59
CA VAL E 437 -7.99 17.92 -57.53
C VAL E 437 -9.26 17.11 -57.82
N PRO E 438 -10.29 17.23 -56.99
CA PRO E 438 -11.48 16.39 -57.18
C PRO E 438 -12.30 16.82 -58.39
N ASN E 439 -13.07 15.86 -58.89
CA ASN E 439 -14.00 16.03 -60.00
C ASN E 439 -15.42 16.22 -59.47
N PRO E 440 -16.23 17.01 -60.14
CA PRO E 440 -17.62 17.21 -59.71
C PRO E 440 -18.56 16.23 -60.43
N LEU E 441 -19.80 16.20 -59.92
CA LEU E 441 -20.88 15.46 -60.55
C LEU E 441 -21.80 16.45 -61.25
N PHE E 442 -22.07 16.21 -62.53
CA PHE E 442 -22.96 17.07 -63.30
C PHE E 442 -24.38 16.56 -63.16
N ILE E 443 -25.07 17.04 -62.13
CA ILE E 443 -26.44 16.62 -61.86
C ILE E 443 -27.38 17.50 -62.68
N GLU E 444 -27.98 16.90 -63.71
CA GLU E 444 -28.92 17.61 -64.57
C GLU E 444 -30.25 16.88 -64.54
N ILE E 445 -31.32 17.63 -64.31
CA ILE E 445 -32.65 17.03 -64.26
C ILE E 445 -33.07 16.71 -65.69
N ASN E 446 -32.90 15.44 -66.07
CA ASN E 446 -33.18 15.06 -67.45
C ASN E 446 -34.67 15.17 -67.77
N LYS E 447 -35.54 14.76 -66.85
CA LYS E 447 -36.97 14.79 -67.11
C LYS E 447 -37.72 15.14 -65.83
N GLY E 448 -38.89 15.73 -65.99
CA GLY E 448 -39.72 16.09 -64.85
C GLY E 448 -39.32 17.42 -64.25
N GLU E 449 -40.07 17.81 -63.22
CA GLU E 449 -39.89 19.09 -62.55
C GLU E 449 -39.49 18.85 -61.11
N ALA E 450 -38.36 19.43 -60.71
CA ALA E 450 -37.89 19.30 -59.33
C ALA E 450 -36.98 20.48 -59.02
N ASP E 451 -36.88 20.79 -57.74
CA ASP E 451 -36.00 21.85 -57.28
C ASP E 451 -34.57 21.34 -57.25
N ILE E 452 -33.69 21.98 -58.03
CA ILE E 452 -32.31 21.52 -58.13
C ILE E 452 -31.60 21.61 -56.78
N LYS E 453 -32.01 22.55 -55.93
CA LYS E 453 -31.45 22.63 -54.59
C LYS E 453 -31.76 21.35 -53.80
N GLN E 454 -33.03 20.95 -53.78
CA GLN E 454 -33.41 19.73 -53.06
C GLN E 454 -32.81 18.49 -53.72
N VAL E 455 -32.70 18.48 -55.04
CA VAL E 455 -32.09 17.34 -55.72
C VAL E 455 -30.62 17.19 -55.29
N LEU E 456 -29.89 18.31 -55.27
CA LEU E 456 -28.50 18.25 -54.83
C LEU E 456 -28.40 17.84 -53.37
N LYS E 457 -29.31 18.35 -52.53
CA LYS E 457 -29.31 17.99 -51.11
C LYS E 457 -29.53 16.49 -50.92
N ASP E 458 -30.48 15.92 -51.66
CA ASP E 458 -30.77 14.50 -51.52
C ASP E 458 -29.66 13.65 -52.11
N ILE E 459 -29.06 14.08 -53.21
CA ILE E 459 -27.93 13.35 -53.79
C ILE E 459 -26.76 13.34 -52.81
N LEU E 460 -26.56 14.45 -52.09
CA LEU E 460 -25.52 14.48 -51.06
C LEU E 460 -25.90 13.69 -49.82
N SER E 461 -27.19 13.53 -49.53
CA SER E 461 -27.60 12.69 -48.41
C SER E 461 -27.37 11.22 -48.72
N LEU E 462 -27.79 10.78 -49.91
CA LEU E 462 -27.66 9.37 -50.29
C LEU E 462 -26.23 8.93 -50.52
N THR E 463 -25.25 9.80 -50.31
CA THR E 463 -23.84 9.43 -50.45
C THR E 463 -23.25 8.92 -49.14
N LYS E 464 -24.06 8.82 -48.09
CA LYS E 464 -23.59 8.48 -46.75
C LYS E 464 -23.76 7.01 -46.40
N LEU E 465 -24.74 6.33 -46.98
CA LEU E 465 -25.07 4.95 -46.60
C LEU E 465 -24.35 3.91 -47.44
N ASN E 466 -23.02 3.98 -47.51
CA ASN E 466 -22.24 2.90 -48.11
C ASN E 466 -21.90 1.93 -46.98
N TYR E 467 -22.79 0.96 -46.76
CA TYR E 467 -22.60 -0.01 -45.70
C TYR E 467 -21.44 -0.95 -45.97
N ASN E 468 -21.03 -1.09 -47.23
CA ASN E 468 -19.91 -1.95 -47.58
C ASN E 468 -18.57 -1.38 -47.14
N ALA E 469 -18.53 -0.12 -46.71
CA ALA E 469 -17.28 0.51 -46.29
C ALA E 469 -17.54 1.37 -45.07
N CYS E 470 -16.46 1.65 -44.34
CA CYS E 470 -16.49 2.62 -43.23
C CYS E 470 -15.62 3.80 -43.65
N ILE E 471 -16.24 4.74 -44.37
CA ILE E 471 -15.59 5.95 -44.83
C ILE E 471 -16.44 7.14 -44.40
N PHE E 472 -15.90 8.34 -44.60
CA PHE E 472 -16.63 9.54 -44.22
C PHE E 472 -17.90 9.68 -45.04
N ALA E 473 -17.80 9.57 -46.36
CA ALA E 473 -18.95 9.60 -47.26
C ALA E 473 -18.49 9.17 -48.64
N ASP E 474 -19.44 8.65 -49.43
CA ASP E 474 -19.15 8.16 -50.75
C ASP E 474 -19.08 9.30 -51.76
N GLY E 475 -18.34 9.08 -52.85
CA GLY E 475 -18.26 10.03 -53.93
C GLY E 475 -19.34 9.93 -54.97
N GLU E 476 -20.22 8.94 -54.86
CA GLU E 476 -21.37 8.78 -55.74
C GLU E 476 -22.57 8.39 -54.90
N PRO E 477 -23.79 8.70 -55.34
CA PRO E 477 -24.97 8.25 -54.59
C PRO E 477 -24.99 6.74 -54.49
N VAL E 478 -25.46 6.23 -53.35
CA VAL E 478 -25.32 4.81 -53.07
C VAL E 478 -26.34 3.97 -53.83
N THR E 479 -27.45 4.55 -54.28
CA THR E 479 -28.39 3.80 -55.10
C THR E 479 -27.72 3.33 -56.38
N LEU E 480 -27.02 4.24 -57.07
CA LEU E 480 -26.32 3.87 -58.29
C LEU E 480 -25.23 2.85 -58.02
N ARG E 481 -24.48 3.03 -56.93
CA ARG E 481 -23.36 2.14 -56.63
C ARG E 481 -23.83 0.73 -56.34
N PHE E 482 -24.85 0.60 -55.49
CA PHE E 482 -25.33 -0.73 -55.14
C PHE E 482 -26.08 -1.38 -56.30
N ALA E 483 -26.80 -0.58 -57.10
CA ALA E 483 -27.39 -1.14 -58.31
C ALA E 483 -26.31 -1.67 -59.24
N ASP E 484 -25.20 -0.95 -59.35
CA ASP E 484 -24.07 -1.43 -60.15
C ASP E 484 -23.54 -2.76 -59.61
N LYS E 485 -23.38 -2.86 -58.28
CA LYS E 485 -22.86 -4.09 -57.70
C LYS E 485 -23.77 -5.27 -57.97
N ILE E 486 -25.06 -5.13 -57.67
CA ILE E 486 -25.96 -6.27 -57.83
C ILE E 486 -26.22 -6.57 -59.31
N GLY E 487 -26.14 -5.57 -60.18
CA GLY E 487 -26.21 -5.84 -61.61
C GLY E 487 -24.99 -6.58 -62.11
N GLU E 488 -23.81 -6.24 -61.60
CA GLU E 488 -22.60 -6.96 -61.97
C GLU E 488 -22.69 -8.41 -61.54
N ILE E 489 -23.20 -8.66 -60.33
CA ILE E 489 -23.31 -10.04 -59.85
C ILE E 489 -24.37 -10.80 -60.62
N LEU E 490 -25.53 -10.18 -60.87
CA LEU E 490 -26.67 -10.89 -61.45
C LEU E 490 -26.45 -11.28 -62.91
N THR E 491 -25.46 -10.71 -63.59
CA THR E 491 -25.19 -11.04 -64.98
C THR E 491 -24.05 -12.03 -65.15
N ALA E 492 -23.46 -12.51 -64.06
CA ALA E 492 -22.38 -13.49 -64.18
C ALA E 492 -22.91 -14.84 -64.65
N SER E 493 -24.00 -15.31 -64.04
CA SER E 493 -24.66 -16.55 -64.45
C SER E 493 -26.08 -16.21 -64.88
N THR E 494 -26.39 -16.46 -66.14
CA THR E 494 -27.67 -16.05 -66.71
C THR E 494 -28.74 -17.13 -66.58
N ASP E 495 -28.90 -17.66 -65.36
CA ASP E 495 -30.05 -18.52 -65.05
C ASP E 495 -30.37 -18.35 -63.58
N ILE E 496 -31.23 -17.38 -63.26
CA ILE E 496 -31.68 -17.11 -61.91
C ILE E 496 -33.14 -16.66 -61.98
N LYS E 497 -33.95 -17.17 -61.07
CA LYS E 497 -35.35 -16.79 -60.96
C LYS E 497 -35.58 -16.18 -59.58
N THR E 498 -36.19 -14.99 -59.56
CA THR E 498 -36.46 -14.22 -58.35
C THR E 498 -35.24 -14.17 -57.44
N PRO E 499 -34.23 -13.38 -57.78
CA PRO E 499 -33.03 -13.28 -56.91
C PRO E 499 -33.41 -12.80 -55.53
N PRO E 500 -32.52 -12.99 -54.54
CA PRO E 500 -32.91 -12.72 -53.14
C PRO E 500 -33.35 -11.29 -52.87
N LEU E 501 -32.75 -10.29 -53.51
CA LEU E 501 -33.09 -8.85 -53.42
C LEU E 501 -32.53 -8.14 -52.20
N ALA E 502 -31.67 -8.77 -51.40
CA ALA E 502 -31.09 -8.13 -50.22
C ALA E 502 -29.58 -8.01 -50.41
N PHE E 503 -29.03 -6.88 -49.95
CA PHE E 503 -27.67 -6.50 -50.33
C PHE E 503 -26.61 -7.36 -49.66
N LYS E 504 -26.92 -8.00 -48.53
CA LYS E 504 -25.92 -8.83 -47.86
C LYS E 504 -25.57 -10.08 -48.65
N TYR E 505 -26.39 -10.44 -49.64
CA TYR E 505 -26.07 -11.55 -50.53
C TYR E 505 -25.23 -11.14 -51.72
N TYR E 506 -25.02 -9.84 -51.92
CA TYR E 506 -24.19 -9.35 -53.02
C TYR E 506 -22.98 -8.60 -52.47
N MET F 1 -20.59 17.57 -0.89
CA MET F 1 -20.72 16.21 -1.39
C MET F 1 -19.77 15.97 -2.56
N ARG F 2 -19.39 14.71 -2.75
CA ARG F 2 -18.41 14.32 -3.77
C ARG F 2 -19.06 13.35 -4.75
N ASN F 3 -19.04 13.71 -6.04
CA ASN F 3 -19.53 12.82 -7.07
C ASN F 3 -18.65 12.73 -8.30
N LYS F 4 -17.67 13.63 -8.48
CA LYS F 4 -16.86 13.60 -9.67
C LYS F 4 -15.92 12.40 -9.67
N ILE F 5 -15.40 12.08 -10.85
CA ILE F 5 -14.53 10.94 -11.06
C ILE F 5 -13.28 11.46 -11.75
N PHE F 6 -12.18 11.61 -11.00
CA PHE F 6 -10.97 12.18 -11.54
C PHE F 6 -10.21 11.12 -12.34
N ILE F 7 -10.00 11.40 -13.63
CA ILE F 7 -9.23 10.53 -14.50
C ILE F 7 -7.88 11.19 -14.73
N SER F 8 -6.82 10.57 -14.22
CA SER F 8 -5.46 11.09 -14.35
C SER F 8 -4.70 10.28 -15.39
N HIS F 9 -4.06 10.96 -16.33
CA HIS F 9 -3.36 10.29 -17.41
C HIS F 9 -2.15 11.13 -17.81
N ALA F 10 -1.41 10.63 -18.78
CA ALA F 10 -0.27 11.33 -19.36
C ALA F 10 -0.68 11.90 -20.71
N THR F 11 -0.49 13.21 -20.89
CA THR F 11 -0.87 13.87 -22.11
C THR F 11 0.36 14.18 -22.95
N PRO F 12 0.27 14.10 -24.29
CA PRO F 12 -0.87 13.70 -25.12
C PRO F 12 -0.72 12.28 -25.67
N ASP F 13 -0.37 11.30 -24.84
CA ASP F 13 -0.14 9.94 -25.32
C ASP F 13 -1.29 8.99 -25.03
N ASP F 14 -1.94 9.11 -23.87
CA ASP F 14 -3.11 8.32 -23.53
C ASP F 14 -4.41 9.05 -23.85
N ASN F 15 -4.40 9.91 -24.88
CA ASN F 15 -5.57 10.74 -25.15
C ASN F 15 -6.69 9.97 -25.81
N ASP F 16 -6.39 8.97 -26.64
CA ASP F 16 -7.45 8.21 -27.29
C ASP F 16 -8.27 7.43 -26.27
N PHE F 17 -7.60 6.66 -25.40
CA PHE F 17 -8.32 5.86 -24.42
C PHE F 17 -9.05 6.74 -23.42
N THR F 18 -8.40 7.80 -22.94
CA THR F 18 -9.04 8.66 -21.95
C THR F 18 -10.24 9.40 -22.56
N ARG F 19 -10.11 9.84 -23.80
CA ARG F 19 -11.24 10.43 -24.51
C ARG F 19 -12.39 9.44 -24.58
N TRP F 20 -12.12 8.22 -25.04
CA TRP F 20 -13.17 7.22 -25.19
C TRP F 20 -13.83 6.92 -23.84
N LEU F 21 -13.02 6.73 -22.80
CA LEU F 21 -13.55 6.35 -21.49
C LEU F 21 -14.33 7.49 -20.85
N ALA F 22 -13.81 8.71 -20.94
CA ALA F 22 -14.51 9.86 -20.39
C ALA F 22 -15.84 10.07 -21.08
N LEU F 23 -15.87 9.97 -22.41
CA LEU F 23 -17.13 10.13 -23.13
C LEU F 23 -18.10 9.01 -22.80
N LYS F 24 -17.61 7.78 -22.67
CA LYS F 24 -18.46 6.65 -22.31
C LYS F 24 -19.06 6.85 -20.93
N LEU F 25 -18.25 7.31 -19.96
CA LEU F 25 -18.74 7.50 -18.60
C LEU F 25 -19.71 8.67 -18.50
N ILE F 26 -19.43 9.76 -19.22
CA ILE F 26 -20.36 10.89 -19.26
C ILE F 26 -21.69 10.45 -19.85
N GLY F 27 -21.64 9.67 -20.94
CA GLY F 27 -22.87 9.13 -21.49
C GLY F 27 -23.60 8.19 -20.56
N LEU F 28 -22.91 7.63 -19.56
CA LEU F 28 -23.51 6.72 -18.61
C LEU F 28 -24.02 7.40 -17.35
N GLY F 29 -23.88 8.72 -17.24
CA GLY F 29 -24.39 9.45 -16.10
C GLY F 29 -23.40 9.72 -14.99
N TYR F 30 -22.10 9.50 -15.22
CA TYR F 30 -21.07 9.78 -14.23
C TYR F 30 -20.46 11.14 -14.52
N GLU F 31 -20.40 11.99 -13.49
CA GLU F 31 -19.76 13.29 -13.62
C GLU F 31 -18.25 13.10 -13.61
N VAL F 32 -17.60 13.48 -14.71
CA VAL F 32 -16.20 13.19 -14.95
C VAL F 32 -15.42 14.50 -15.01
N TRP F 33 -14.31 14.57 -14.29
CA TRP F 33 -13.36 15.67 -14.39
C TRP F 33 -12.08 15.14 -15.01
N CYS F 34 -11.69 15.73 -16.14
CA CYS F 34 -10.45 15.36 -16.80
C CYS F 34 -9.92 16.57 -17.54
N ASP F 35 -8.61 16.57 -17.81
CA ASP F 35 -7.98 17.73 -18.40
C ASP F 35 -8.37 17.90 -19.87
N ILE F 36 -8.48 16.79 -20.61
CA ILE F 36 -8.70 16.88 -22.04
C ILE F 36 -10.07 17.46 -22.37
N LEU F 37 -11.06 17.27 -21.51
CA LEU F 37 -12.33 17.92 -21.75
C LEU F 37 -12.33 19.37 -21.27
N PHE F 38 -11.42 19.73 -20.37
CA PHE F 38 -11.20 21.13 -20.01
C PHE F 38 -9.99 21.70 -20.76
N LEU F 39 -10.06 21.64 -22.09
CA LEU F 39 -9.03 22.23 -22.94
C LEU F 39 -9.41 23.61 -23.45
N ASP F 40 -10.48 24.20 -22.92
CA ASP F 40 -10.71 25.62 -23.16
C ASP F 40 -9.57 26.46 -22.60
N LYS F 41 -9.09 26.10 -21.40
CA LYS F 41 -7.88 26.67 -20.81
C LYS F 41 -8.02 28.16 -20.53
N GLY F 42 -6.98 28.75 -19.96
CA GLY F 42 -6.97 30.17 -19.67
C GLY F 42 -6.47 30.51 -18.28
N VAL F 43 -6.47 29.52 -17.39
CA VAL F 43 -6.11 29.73 -16.00
C VAL F 43 -5.17 28.60 -15.57
N ASP F 44 -4.38 28.88 -14.52
CA ASP F 44 -3.54 27.84 -13.93
C ASP F 44 -4.41 26.74 -13.35
N PHE F 45 -3.89 25.50 -13.40
CA PHE F 45 -4.66 24.34 -13.01
C PHE F 45 -4.11 23.58 -11.81
N TRP F 46 -2.83 23.77 -11.46
CA TRP F 46 -2.22 22.99 -10.39
C TRP F 46 -3.00 23.13 -9.09
N SER F 47 -3.23 24.37 -8.66
CA SER F 47 -4.07 24.59 -7.48
C SER F 47 -5.49 24.11 -7.72
N ASN F 48 -6.01 24.35 -8.92
CA ASN F 48 -7.36 23.87 -9.25
C ASN F 48 -7.43 22.35 -9.22
N ILE F 49 -6.42 21.67 -9.76
CA ILE F 49 -6.40 20.21 -9.76
C ILE F 49 -6.33 19.68 -8.33
N GLU F 50 -5.47 20.27 -7.50
CA GLU F 50 -5.37 19.82 -6.11
C GLU F 50 -6.68 20.03 -5.36
N LYS F 51 -7.33 21.18 -5.59
CA LYS F 51 -8.62 21.44 -4.95
C LYS F 51 -9.67 20.43 -5.42
N VAL F 52 -9.67 20.11 -6.71
CA VAL F 52 -10.64 19.16 -7.26
C VAL F 52 -10.43 17.78 -6.62
N ILE F 53 -9.18 17.35 -6.52
CA ILE F 53 -8.89 16.05 -5.92
C ILE F 53 -9.32 16.03 -4.46
N ARG F 54 -8.98 17.09 -3.72
CA ARG F 54 -9.21 17.11 -2.28
C ARG F 54 -10.66 17.39 -1.91
N GLU F 55 -11.48 17.91 -2.83
CA GLU F 55 -12.80 18.41 -2.47
C GLU F 55 -13.95 17.64 -3.08
N ASP F 56 -13.96 17.42 -4.40
CA ASP F 56 -15.14 16.88 -5.06
C ASP F 56 -14.97 15.47 -5.62
N THR F 57 -13.74 15.01 -5.82
CA THR F 57 -13.52 13.69 -6.40
C THR F 57 -14.06 12.61 -5.49
N CYS F 58 -14.80 11.66 -6.07
CA CYS F 58 -15.28 10.49 -5.35
C CYS F 58 -14.59 9.20 -5.77
N LYS F 59 -14.03 9.15 -6.98
CA LYS F 59 -13.18 8.06 -7.42
C LYS F 59 -12.01 8.65 -8.18
N PHE F 60 -10.83 8.08 -7.98
CA PHE F 60 -9.62 8.54 -8.65
C PHE F 60 -9.16 7.44 -9.60
N LEU F 61 -9.69 7.46 -10.82
CA LEU F 61 -9.23 6.53 -11.84
C LEU F 61 -7.85 6.95 -12.33
N LEU F 62 -6.92 6.01 -12.32
CA LEU F 62 -5.55 6.26 -12.75
C LEU F 62 -5.25 5.39 -13.96
N VAL F 63 -4.82 6.03 -15.05
CA VAL F 63 -4.58 5.33 -16.31
C VAL F 63 -3.12 4.92 -16.32
N SER F 64 -2.87 3.66 -15.96
CA SER F 64 -1.50 3.14 -15.93
C SER F 64 -1.05 2.78 -17.33
N SER F 65 0.18 3.15 -17.66
CA SER F 65 0.76 2.84 -18.96
C SER F 65 2.27 3.03 -18.86
N SER F 66 2.95 2.78 -19.97
CA SER F 66 4.37 3.08 -20.06
C SER F 66 4.66 4.57 -20.10
N TYR F 67 3.63 5.39 -20.26
CA TYR F 67 3.75 6.84 -20.26
C TYR F 67 3.51 7.44 -18.87
N SER F 68 2.37 7.11 -18.25
CA SER F 68 1.95 7.72 -17.01
C SER F 68 2.50 7.01 -15.78
N ASN F 69 3.61 6.28 -15.92
CA ASN F 69 4.22 5.62 -14.77
C ASN F 69 5.06 6.59 -13.96
N GLN F 70 6.08 7.18 -14.59
CA GLN F 70 6.97 8.11 -13.92
C GLN F 70 6.70 9.56 -14.29
N ARG F 71 5.55 9.86 -14.90
CA ARG F 71 5.21 11.23 -15.23
C ARG F 71 4.99 12.02 -13.94
N GLU F 72 5.71 13.14 -13.81
CA GLU F 72 5.78 13.84 -12.52
C GLU F 72 4.42 14.38 -12.10
N GLY F 73 3.66 14.93 -13.05
CA GLY F 73 2.33 15.40 -12.70
C GLY F 73 1.42 14.29 -12.23
N VAL F 74 1.48 13.14 -12.91
CA VAL F 74 0.69 11.98 -12.49
C VAL F 74 1.12 11.53 -11.10
N LEU F 75 2.43 11.55 -10.84
CA LEU F 75 2.92 11.17 -9.51
C LEU F 75 2.41 12.12 -8.43
N LYS F 76 2.42 13.43 -8.71
CA LYS F 76 1.91 14.39 -7.74
C LYS F 76 0.43 14.19 -7.48
N GLU F 77 -0.35 13.96 -8.54
CA GLU F 77 -1.77 13.67 -8.37
C GLU F 77 -1.97 12.39 -7.56
N LEU F 78 -1.12 11.38 -7.80
CA LEU F 78 -1.20 10.14 -7.05
C LEU F 78 -0.93 10.36 -5.57
N ALA F 79 0.09 11.17 -5.26
CA ALA F 79 0.41 11.45 -3.86
C ALA F 79 -0.74 12.18 -3.16
N VAL F 80 -1.31 13.19 -3.82
CA VAL F 80 -2.44 13.91 -3.23
C VAL F 80 -3.63 12.97 -3.07
N ALA F 81 -3.84 12.08 -4.04
CA ALA F 81 -4.94 11.13 -3.94
C ALA F 81 -4.73 10.16 -2.78
N ALA F 82 -3.49 9.74 -2.55
CA ALA F 82 -3.20 8.89 -1.39
C ALA F 82 -3.51 9.61 -0.09
N LYS F 83 -3.13 10.89 -0.01
CA LYS F 83 -3.45 11.67 1.19
C LYS F 83 -4.96 11.78 1.39
N VAL F 84 -5.70 12.02 0.30
CA VAL F 84 -7.15 12.14 0.39
C VAL F 84 -7.78 10.80 0.77
N LYS F 85 -7.21 9.71 0.27
CA LYS F 85 -7.68 8.38 0.62
C LYS F 85 -7.48 8.09 2.10
N LYS F 86 -6.32 8.48 2.64
CA LYS F 86 -6.09 8.36 4.07
C LYS F 86 -7.08 9.22 4.85
N GLN F 87 -7.38 10.42 4.35
CA GLN F 87 -8.31 11.31 5.04
C GLN F 87 -9.71 10.71 5.09
N LEU F 88 -10.20 10.21 3.96
CA LEU F 88 -11.58 9.73 3.86
C LEU F 88 -11.77 8.33 4.41
N LYS F 89 -10.70 7.63 4.77
CA LYS F 89 -10.78 6.25 5.28
C LYS F 89 -11.52 5.34 4.30
N ASP F 90 -11.25 5.52 3.01
CA ASP F 90 -11.85 4.73 1.96
C ASP F 90 -10.75 3.94 1.25
N ASP F 91 -10.78 2.62 1.43
CA ASP F 91 -9.72 1.78 0.88
C ASP F 91 -9.81 1.70 -0.64
N LYS F 92 -11.01 1.80 -1.20
CA LYS F 92 -11.23 1.64 -2.63
C LYS F 92 -11.27 2.97 -3.38
N PHE F 93 -10.47 3.94 -2.94
CA PHE F 93 -10.46 5.27 -3.55
C PHE F 93 -9.73 5.26 -4.89
N ILE F 94 -8.46 4.85 -4.88
CA ILE F 94 -7.66 4.80 -6.10
C ILE F 94 -7.91 3.47 -6.79
N ILE F 95 -8.35 3.53 -8.04
CA ILE F 95 -8.64 2.35 -8.84
C ILE F 95 -7.80 2.42 -10.11
N PRO F 96 -6.63 1.79 -10.13
CA PRO F 96 -5.81 1.81 -11.34
C PRO F 96 -6.48 1.10 -12.49
N LEU F 97 -6.17 1.55 -13.70
CA LEU F 97 -6.68 0.94 -14.93
C LEU F 97 -5.48 0.64 -15.83
N ALA F 98 -5.04 -0.62 -15.83
CA ALA F 98 -3.94 -1.03 -16.69
C ALA F 98 -4.38 -0.96 -18.15
N ILE F 99 -3.56 -0.32 -18.99
CA ILE F 99 -3.91 -0.04 -20.37
C ILE F 99 -2.93 -0.68 -21.34
N ASP F 100 -1.64 -0.43 -21.14
CA ASP F 100 -0.64 -0.77 -22.14
C ASP F 100 -0.08 -2.15 -21.85
N GLU F 101 0.30 -2.86 -22.92
CA GLU F 101 0.78 -4.23 -22.81
C GLU F 101 2.27 -4.31 -22.46
N GLN F 102 3.05 -3.28 -22.76
CA GLN F 102 4.49 -3.31 -22.53
C GLN F 102 4.87 -2.91 -21.10
N LEU F 103 3.90 -2.59 -20.26
CA LEU F 103 4.14 -2.30 -18.85
C LEU F 103 3.79 -3.55 -18.05
N SER F 104 4.82 -4.32 -17.70
CA SER F 104 4.60 -5.55 -16.95
C SER F 104 4.19 -5.23 -15.51
N TYR F 105 3.66 -6.26 -14.83
CA TYR F 105 3.24 -6.09 -13.45
C TYR F 105 4.39 -6.09 -12.47
N ASP F 106 5.63 -6.29 -12.93
CA ASP F 106 6.80 -6.18 -12.08
C ASP F 106 7.45 -4.81 -12.15
N ASP F 107 7.02 -3.95 -13.08
CA ASP F 107 7.53 -2.59 -13.18
C ASP F 107 6.50 -1.55 -12.75
N ILE F 108 5.36 -1.98 -12.21
CA ILE F 108 4.30 -1.06 -11.80
C ILE F 108 4.81 -0.13 -10.71
N ASN F 109 4.39 1.14 -10.77
CA ASN F 109 4.87 2.16 -9.85
C ASN F 109 4.44 1.85 -8.42
N ILE F 110 5.30 2.25 -7.46
CA ILE F 110 5.19 1.78 -6.08
C ILE F 110 3.90 2.25 -5.43
N ASP F 111 3.41 3.43 -5.76
CA ASP F 111 2.24 3.98 -5.08
C ASP F 111 0.97 3.16 -5.31
N ILE F 112 0.91 2.37 -6.38
CA ILE F 112 -0.27 1.57 -6.68
C ILE F 112 0.09 0.12 -6.98
N VAL F 113 1.25 -0.33 -6.50
CA VAL F 113 1.61 -1.75 -6.63
C VAL F 113 0.63 -2.62 -5.86
N ARG F 114 0.31 -2.24 -4.63
CA ARG F 114 -0.50 -3.08 -3.75
C ARG F 114 -1.96 -3.13 -4.16
N LEU F 115 -2.39 -2.33 -5.11
CA LEU F 115 -3.81 -2.22 -5.44
C LEU F 115 -4.21 -3.22 -6.52
N ASN F 116 -5.51 -3.48 -6.60
CA ASN F 116 -6.09 -4.42 -7.55
C ASN F 116 -6.64 -3.63 -8.74
N ALA F 117 -5.96 -3.73 -9.88
CA ALA F 117 -6.26 -2.93 -11.04
C ALA F 117 -7.29 -3.60 -11.94
N ILE F 118 -7.86 -2.80 -12.85
CA ILE F 118 -8.76 -3.29 -13.88
C ILE F 118 -7.96 -3.36 -15.18
N ASP F 119 -8.04 -4.51 -15.85
CA ASP F 119 -7.20 -4.76 -17.02
C ASP F 119 -7.92 -4.38 -18.31
N PHE F 120 -7.24 -3.61 -19.15
CA PHE F 120 -7.72 -3.28 -20.49
C PHE F 120 -6.78 -3.77 -21.57
N LYS F 121 -5.74 -4.52 -21.22
CA LYS F 121 -4.79 -4.99 -22.23
C LYS F 121 -5.47 -5.93 -23.23
N MET F 122 -6.51 -6.64 -22.78
CA MET F 122 -7.18 -7.59 -23.66
C MET F 122 -8.28 -6.93 -24.46
N SER F 123 -9.22 -6.27 -23.79
CA SER F 123 -10.34 -5.63 -24.46
C SER F 123 -10.85 -4.48 -23.61
N TRP F 124 -11.23 -3.39 -24.26
CA TRP F 124 -11.78 -2.24 -23.54
C TRP F 124 -13.20 -2.48 -23.07
N ALA F 125 -13.95 -3.35 -23.76
CA ALA F 125 -15.33 -3.60 -23.35
C ALA F 125 -15.39 -4.38 -22.04
N ARG F 126 -14.51 -5.37 -21.87
CA ARG F 126 -14.47 -6.11 -20.61
C ARG F 126 -14.07 -5.21 -19.46
N GLY F 127 -13.05 -4.38 -19.66
CA GLY F 127 -12.66 -3.45 -18.62
C GLY F 127 -13.75 -2.45 -18.30
N LEU F 128 -14.49 -2.01 -19.32
CA LEU F 128 -15.60 -1.09 -19.08
C LEU F 128 -16.69 -1.75 -18.25
N LYS F 129 -17.02 -3.01 -18.55
CA LYS F 129 -18.01 -3.71 -17.73
C LYS F 129 -17.51 -3.87 -16.31
N ASP F 130 -16.20 -4.14 -16.14
CA ASP F 130 -15.63 -4.20 -14.80
C ASP F 130 -15.80 -2.88 -14.06
N ILE F 131 -15.55 -1.77 -14.75
CA ILE F 131 -15.70 -0.45 -14.12
C ILE F 131 -17.16 -0.23 -13.72
N LEU F 132 -18.10 -0.58 -14.60
CA LEU F 132 -19.51 -0.38 -14.28
C LEU F 132 -19.93 -1.21 -13.08
N GLU F 133 -19.52 -2.47 -13.01
CA GLU F 133 -19.93 -3.28 -11.87
C GLU F 133 -19.25 -2.81 -10.58
N ALA F 134 -18.00 -2.36 -10.68
CA ALA F 134 -17.30 -1.82 -9.51
C ALA F 134 -18.00 -0.58 -8.98
N PHE F 135 -18.39 0.33 -9.88
CA PHE F 135 -19.08 1.53 -9.46
C PHE F 135 -20.48 1.23 -8.94
N GLU F 136 -21.14 0.22 -9.50
CA GLU F 136 -22.46 -0.17 -9.01
C GLU F 136 -22.37 -0.74 -7.60
N LYS F 137 -21.37 -1.58 -7.34
CA LYS F 137 -21.25 -2.19 -6.02
C LYS F 137 -20.64 -1.25 -4.98
N GLN F 138 -19.90 -0.23 -5.41
CA GLN F 138 -19.31 0.72 -4.48
C GLN F 138 -20.18 1.96 -4.27
N LYS F 139 -21.37 2.00 -4.88
CA LYS F 139 -22.35 3.07 -4.66
C LYS F 139 -21.80 4.44 -5.07
N VAL F 140 -21.19 4.49 -6.25
CA VAL F 140 -20.74 5.76 -6.81
C VAL F 140 -21.95 6.53 -7.32
N PRO F 141 -22.13 7.80 -6.92
CA PRO F 141 -23.32 8.55 -7.35
C PRO F 141 -23.33 8.75 -8.86
N LYS F 142 -24.54 8.70 -9.43
CA LYS F 142 -24.71 8.91 -10.86
C LYS F 142 -26.17 9.25 -11.14
N GLU F 143 -26.40 10.11 -12.11
CA GLU F 143 -27.74 10.48 -12.52
C GLU F 143 -28.21 9.56 -13.64
N VAL F 144 -29.33 9.90 -14.26
CA VAL F 144 -29.84 9.10 -15.38
C VAL F 144 -28.95 9.27 -16.58
N ALA F 145 -28.54 8.16 -17.19
CA ALA F 145 -27.64 8.21 -18.34
C ALA F 145 -28.33 8.84 -19.54
N ASP F 146 -27.57 9.62 -20.30
CA ASP F 146 -28.08 10.23 -21.52
C ASP F 146 -26.90 10.50 -22.44
N ALA F 147 -26.95 9.96 -23.66
CA ALA F 147 -25.87 10.14 -24.61
C ALA F 147 -25.80 11.56 -25.16
N SER F 148 -26.87 12.34 -24.98
CA SER F 148 -26.86 13.72 -25.48
C SER F 148 -25.78 14.56 -24.81
N LYS F 149 -25.49 14.31 -23.54
CA LYS F 149 -24.44 15.05 -22.85
C LYS F 149 -23.08 14.77 -23.48
N SER F 150 -22.79 13.50 -23.75
CA SER F 150 -21.53 13.15 -24.39
C SER F 150 -21.46 13.71 -25.81
N ASN F 151 -22.57 13.67 -26.54
CA ASN F 151 -22.60 14.23 -27.88
C ASN F 151 -22.31 15.73 -27.85
N LEU F 152 -22.94 16.45 -26.91
CA LEU F 152 -22.71 17.88 -26.79
C LEU F 152 -21.26 18.18 -26.43
N LEU F 153 -20.70 17.41 -25.49
CA LEU F 153 -19.30 17.60 -25.12
C LEU F 153 -18.38 17.34 -26.31
N TYR F 154 -18.65 16.29 -27.07
CA TYR F 154 -17.84 15.98 -28.24
C TYR F 154 -17.91 17.09 -29.27
N GLN F 155 -19.11 17.63 -29.51
CA GLN F 155 -19.25 18.72 -30.46
C GLN F 155 -18.52 19.97 -29.98
N GLN F 156 -18.62 20.28 -28.68
CA GLN F 156 -18.01 21.49 -28.16
C GLN F 156 -16.49 21.42 -28.22
N ILE F 157 -15.90 20.34 -27.73
CA ILE F 157 -14.46 20.29 -27.48
C ILE F 157 -13.70 19.57 -28.59
N PHE F 158 -14.18 18.38 -28.98
CA PHE F 158 -13.45 17.57 -29.93
C PHE F 158 -13.83 17.86 -31.38
N LEU F 159 -14.83 18.70 -31.62
CA LEU F 159 -15.10 19.26 -32.93
C LEU F 159 -14.81 20.75 -32.99
N HIS F 160 -14.16 21.29 -31.96
CA HIS F 160 -13.83 22.71 -31.94
C HIS F 160 -12.81 23.03 -33.03
N ASP F 161 -13.02 24.17 -33.68
CA ASP F 161 -12.19 24.71 -34.77
C ASP F 161 -12.14 23.79 -35.97
N LYS F 162 -12.84 22.65 -35.90
CA LYS F 162 -13.00 21.77 -37.06
C LYS F 162 -14.40 21.99 -37.63
N SER F 163 -14.55 23.12 -38.33
CA SER F 163 -15.86 23.48 -38.87
C SER F 163 -15.65 24.41 -40.06
N VAL F 164 -16.68 24.45 -40.91
CA VAL F 164 -16.68 25.38 -42.04
C VAL F 164 -16.86 26.81 -41.51
N ILE F 165 -16.09 27.73 -42.07
CA ILE F 165 -16.14 29.13 -41.65
C ILE F 165 -16.76 29.96 -42.75
N GLU F 166 -17.27 31.13 -42.37
CA GLU F 166 -17.94 32.04 -43.30
C GLU F 166 -16.94 33.10 -43.74
N LYS F 167 -16.34 32.89 -44.91
CA LYS F 167 -15.45 33.88 -45.49
C LYS F 167 -15.44 33.69 -47.00
N GLU F 168 -15.20 34.79 -47.71
CA GLU F 168 -15.26 34.77 -49.17
C GLU F 168 -14.02 34.13 -49.75
N GLU F 169 -14.22 33.33 -50.80
CA GLU F 169 -13.14 32.65 -51.50
C GLU F 169 -13.33 32.79 -52.99
N ILE F 170 -12.23 32.90 -53.72
CA ILE F 170 -12.25 32.88 -55.18
C ILE F 170 -11.47 31.66 -55.65
N TYR F 171 -12.00 31.00 -56.66
CA TYR F 171 -11.48 29.73 -57.17
C TYR F 171 -11.12 29.90 -58.63
N ASP F 172 -9.93 29.42 -59.00
CA ASP F 172 -9.49 29.43 -60.39
C ASP F 172 -9.85 28.10 -61.05
N SER F 173 -10.55 28.18 -62.17
CA SER F 173 -11.02 27.00 -62.89
C SER F 173 -10.05 26.65 -64.00
N ASN F 174 -10.46 25.73 -64.86
CA ASN F 174 -9.75 25.40 -66.09
C ASN F 174 -10.61 25.69 -67.32
N TRP F 175 -11.44 26.71 -67.23
CA TRP F 175 -12.32 27.14 -68.32
C TRP F 175 -11.80 28.45 -68.89
N LEU F 176 -11.46 28.46 -70.18
CA LEU F 176 -11.01 29.68 -70.84
C LEU F 176 -12.17 30.24 -71.66
N SER F 177 -12.65 31.42 -71.28
CA SER F 177 -13.77 32.02 -72.00
C SER F 177 -13.34 32.46 -73.39
N ILE F 178 -14.20 32.20 -74.37
CA ILE F 178 -13.97 32.61 -75.75
C ILE F 178 -14.63 33.95 -76.00
N LEU F 179 -13.99 34.75 -76.85
CA LEU F 179 -14.52 36.06 -77.21
C LEU F 179 -14.08 36.37 -78.64
N SER F 180 -14.60 37.48 -79.17
CA SER F 180 -14.33 37.91 -80.54
C SER F 180 -14.71 36.83 -81.54
N PHE F 181 -15.92 36.31 -81.39
CA PHE F 181 -16.44 35.33 -82.32
C PHE F 181 -16.60 35.94 -83.71
N PRO F 182 -16.45 35.15 -84.77
CA PRO F 182 -16.66 35.69 -86.13
C PRO F 182 -18.11 36.09 -86.34
N GLU F 183 -18.30 37.15 -87.14
CA GLU F 183 -19.62 37.73 -87.30
C GLU F 183 -20.58 36.80 -88.03
N GLU F 184 -20.11 36.11 -89.06
CA GLU F 184 -20.99 35.33 -89.92
C GLU F 184 -20.36 33.97 -90.22
N LEU F 185 -21.24 32.98 -90.45
CA LEU F 185 -20.84 31.68 -90.97
C LEU F 185 -21.28 31.59 -92.42
N ARG F 186 -20.34 31.28 -93.31
CA ARG F 186 -20.57 31.32 -94.74
C ARG F 186 -20.61 29.91 -95.31
N PHE F 187 -21.64 29.63 -96.10
CA PHE F 187 -21.80 28.37 -96.81
C PHE F 187 -21.54 28.63 -98.28
N HIS F 188 -20.45 28.07 -98.80
CA HIS F 188 -20.04 28.29 -100.18
C HIS F 188 -20.64 27.20 -101.07
N GLU F 189 -21.21 27.62 -102.21
CA GLU F 189 -21.89 26.69 -103.12
C GLU F 189 -20.85 26.07 -104.06
N TYR F 190 -20.12 25.10 -103.53
CA TYR F 190 -19.20 24.30 -104.32
C TYR F 190 -19.86 23.03 -104.84
N ASN F 191 -21.00 23.18 -105.53
CA ASN F 191 -21.79 22.05 -105.98
C ASN F 191 -20.99 21.12 -106.88
N TRP F 192 -20.60 21.62 -108.04
CA TRP F 192 -19.68 20.91 -108.93
C TRP F 192 -18.25 21.39 -108.76
N MET F 193 -18.02 22.33 -107.84
CA MET F 193 -16.75 23.02 -107.74
C MET F 193 -15.80 22.38 -106.74
N LEU F 194 -16.33 21.60 -105.80
CA LEU F 194 -15.51 20.90 -104.83
C LEU F 194 -15.24 19.49 -105.33
N PRO F 195 -13.97 19.07 -105.45
CA PRO F 195 -13.68 17.71 -105.91
C PRO F 195 -14.23 16.66 -104.97
N LYS F 196 -14.66 15.55 -105.55
CA LYS F 196 -15.19 14.42 -104.80
C LYS F 196 -14.05 13.54 -104.27
N ARG F 197 -14.35 12.80 -103.20
CA ARG F 197 -13.37 11.91 -102.55
C ARG F 197 -12.12 12.69 -102.14
N PHE F 198 -12.32 13.89 -101.62
CA PHE F 198 -11.22 14.78 -101.24
C PHE F 198 -11.49 15.30 -99.84
N ASP F 199 -10.56 15.04 -98.93
CA ASP F 199 -10.75 15.35 -97.52
C ASP F 199 -10.61 16.84 -97.26
N VAL F 200 -11.18 17.28 -96.13
CA VAL F 200 -11.16 18.69 -95.75
C VAL F 200 -10.17 18.95 -94.61
N ARG F 201 -9.77 17.92 -93.87
CA ARG F 201 -8.92 18.11 -92.69
C ARG F 201 -7.60 18.80 -93.04
N GLU F 202 -6.98 18.39 -94.14
CA GLU F 202 -5.66 18.89 -94.50
C GLU F 202 -5.68 20.28 -95.12
N LEU F 203 -6.81 21.00 -95.02
CA LEU F 203 -6.92 22.29 -95.65
C LEU F 203 -6.30 23.39 -94.79
N THR F 204 -6.03 24.54 -95.41
CA THR F 204 -5.31 25.61 -94.74
C THR F 204 -6.12 26.21 -93.59
N PHE F 205 -7.42 26.33 -93.76
CA PHE F 205 -8.27 26.91 -92.73
C PHE F 205 -9.42 25.96 -92.41
N PRO F 206 -9.93 26.01 -91.18
CA PRO F 206 -10.99 25.06 -90.80
C PRO F 206 -12.23 25.20 -91.65
N ALA F 207 -12.82 24.06 -92.00
CA ALA F 207 -14.05 24.01 -92.79
C ALA F 207 -14.69 22.65 -92.58
N VAL F 208 -15.98 22.56 -92.92
CA VAL F 208 -16.74 21.33 -92.78
C VAL F 208 -17.49 21.08 -94.08
N ARG F 209 -17.41 19.85 -94.58
CA ARG F 209 -18.20 19.46 -95.75
C ARG F 209 -19.67 19.33 -95.36
N TYR F 210 -20.55 19.81 -96.26
CA TYR F 210 -21.99 19.72 -96.04
C TYR F 210 -22.65 19.06 -97.24
N LYS F 211 -23.98 19.14 -97.32
CA LYS F 211 -24.70 18.55 -98.44
C LYS F 211 -24.10 18.94 -99.78
N ASN F 212 -24.13 20.23 -100.09
CA ASN F 212 -23.42 20.76 -101.25
C ASN F 212 -22.71 22.07 -100.95
N TYR F 213 -22.82 22.60 -99.74
CA TYR F 213 -22.10 23.79 -99.33
C TYR F 213 -20.84 23.42 -98.56
N LEU F 214 -19.94 24.38 -98.44
CA LEU F 214 -18.79 24.29 -97.54
C LEU F 214 -18.93 25.41 -96.51
N CYS F 215 -19.06 25.03 -95.25
CA CYS F 215 -19.38 25.97 -94.18
C CYS F 215 -18.11 26.32 -93.42
N THR F 216 -17.82 27.62 -93.32
CA THR F 216 -16.64 28.06 -92.62
C THR F 216 -16.81 29.52 -92.20
N PHE F 217 -15.93 29.95 -91.30
CA PHE F 217 -15.92 31.34 -90.86
C PHE F 217 -15.11 32.24 -91.77
N ALA F 218 -14.36 31.67 -92.72
CA ALA F 218 -13.53 32.44 -93.62
C ALA F 218 -14.36 32.99 -94.78
N TRP F 219 -13.77 33.92 -95.51
CA TRP F 219 -14.40 34.57 -96.64
C TRP F 219 -14.21 33.71 -97.91
N ALA F 220 -15.02 34.02 -98.93
CA ALA F 220 -15.37 33.02 -99.95
C ALA F 220 -14.16 32.38 -100.60
N TYR F 221 -13.23 33.17 -101.11
CA TYR F 221 -12.07 32.63 -101.82
C TYR F 221 -10.83 32.54 -100.96
N ASP F 222 -10.99 32.30 -99.65
CA ASP F 222 -9.84 32.12 -98.77
C ASP F 222 -9.12 30.81 -99.00
N PHE F 223 -9.67 29.91 -99.80
CA PHE F 223 -9.13 28.57 -100.02
C PHE F 223 -8.43 28.48 -101.37
N THR F 224 -7.76 29.56 -101.77
CA THR F 224 -7.18 29.64 -103.10
C THR F 224 -6.10 28.59 -103.33
N TYR F 225 -5.23 28.38 -102.34
CA TYR F 225 -4.09 27.50 -102.53
C TYR F 225 -4.54 26.06 -102.79
N HIS F 226 -5.38 25.53 -101.91
CA HIS F 226 -5.81 24.14 -102.03
C HIS F 226 -6.93 23.98 -103.05
N LEU F 227 -7.73 25.03 -103.27
CA LEU F 227 -8.82 25.02 -104.24
C LEU F 227 -8.56 26.16 -105.23
N PRO F 228 -7.76 25.92 -106.27
CA PRO F 228 -7.50 26.96 -107.27
C PRO F 228 -8.51 27.00 -108.39
N LYS F 229 -9.43 26.04 -108.46
CA LYS F 229 -10.44 26.03 -109.51
C LYS F 229 -11.65 26.88 -109.17
N THR F 230 -11.78 27.33 -107.93
CA THR F 230 -12.94 28.11 -107.50
C THR F 230 -12.69 29.62 -107.57
N GLU F 231 -11.75 30.06 -108.41
CA GLU F 231 -11.48 31.49 -108.54
C GLU F 231 -12.62 32.23 -109.22
N THR F 232 -13.52 31.51 -109.91
CA THR F 232 -14.64 32.13 -110.61
C THR F 232 -15.91 32.13 -109.76
N TYR F 233 -15.79 31.85 -108.47
CA TYR F 233 -16.96 31.85 -107.59
C TYR F 233 -17.58 33.24 -107.52
N HIS F 234 -18.92 33.27 -107.63
CA HIS F 234 -19.67 34.50 -107.44
C HIS F 234 -19.81 34.82 -105.95
N LYS F 235 -20.62 35.83 -105.64
CA LYS F 235 -20.83 36.23 -104.26
C LYS F 235 -22.26 36.04 -103.77
N SER F 236 -23.23 35.94 -104.67
CA SER F 236 -24.62 35.75 -104.27
C SER F 236 -24.95 34.31 -103.93
N LYS F 237 -24.11 33.35 -104.31
CA LYS F 237 -24.42 31.94 -104.04
C LYS F 237 -24.19 31.60 -102.57
N THR F 238 -23.14 32.16 -101.97
CA THR F 238 -22.82 31.86 -100.58
C THR F 238 -23.93 32.30 -99.65
N ILE F 239 -24.33 31.42 -98.73
CA ILE F 239 -25.33 31.75 -97.72
C ILE F 239 -24.61 32.23 -96.47
N ARG F 240 -24.89 33.47 -96.07
CA ARG F 240 -24.24 34.09 -94.92
C ARG F 240 -25.24 34.09 -93.76
N ILE F 241 -24.97 33.26 -92.75
CA ILE F 241 -25.85 33.13 -91.60
C ILE F 241 -25.20 33.86 -90.43
N PRO F 242 -25.87 34.85 -89.83
CA PRO F 242 -25.32 35.47 -88.61
C PRO F 242 -25.18 34.44 -87.50
N THR F 243 -24.12 34.57 -86.72
CA THR F 243 -23.80 33.59 -85.70
C THR F 243 -24.23 34.02 -84.30
N GLU F 244 -24.60 35.29 -84.12
CA GLU F 244 -25.08 35.74 -82.80
C GLU F 244 -26.30 34.94 -82.38
N GLU F 245 -27.31 34.86 -83.23
CA GLU F 245 -28.55 34.20 -82.88
C GLU F 245 -28.43 32.67 -82.89
N ILE F 246 -27.43 32.13 -83.59
CA ILE F 246 -27.20 30.69 -83.54
C ILE F 246 -26.78 30.27 -82.13
N LEU F 247 -25.82 31.00 -81.55
CA LEU F 247 -25.48 30.79 -80.16
C LEU F 247 -26.63 31.16 -79.24
N SER F 248 -27.36 32.23 -79.57
CA SER F 248 -28.52 32.62 -78.78
C SER F 248 -29.60 31.55 -78.82
N GLY F 249 -29.80 30.93 -79.98
CA GLY F 249 -30.78 29.87 -80.12
C GLY F 249 -32.10 30.26 -80.72
N SER F 250 -32.21 31.46 -81.30
CA SER F 250 -33.46 31.93 -81.88
C SER F 250 -33.60 31.59 -83.36
N TYR F 251 -32.67 30.81 -83.92
CA TYR F 251 -32.66 30.48 -85.34
C TYR F 251 -32.97 28.99 -85.52
N ASP F 252 -33.79 28.69 -86.52
CA ASP F 252 -34.12 27.30 -86.85
C ASP F 252 -34.64 27.28 -88.28
N SER F 253 -34.00 26.51 -89.14
CA SER F 253 -34.31 26.49 -90.56
C SER F 253 -34.56 25.06 -91.03
N ASN F 254 -35.28 24.95 -92.15
CA ASN F 254 -35.48 23.65 -92.77
C ASN F 254 -34.19 23.14 -93.39
N PHE F 255 -33.38 24.05 -93.94
CA PHE F 255 -32.11 23.64 -94.56
C PHE F 255 -31.12 23.13 -93.51
N ILE F 256 -31.02 23.83 -92.38
CA ILE F 256 -30.08 23.47 -91.33
C ILE F 256 -30.74 23.73 -89.98
N ARG F 257 -30.45 22.86 -89.01
CA ARG F 257 -31.05 22.93 -87.69
C ARG F 257 -30.09 23.55 -86.68
N ASN F 258 -30.65 24.14 -85.63
CA ASN F 258 -29.87 24.92 -84.69
C ASN F 258 -28.87 24.05 -83.93
N ALA F 259 -29.30 22.87 -83.47
CA ALA F 259 -28.39 21.99 -82.75
C ALA F 259 -27.24 21.54 -83.64
N GLU F 260 -27.54 21.19 -84.89
CA GLU F 260 -26.48 20.85 -85.83
C GLU F 260 -25.55 22.04 -86.06
N CYS F 261 -26.11 23.25 -86.18
CA CYS F 261 -25.29 24.44 -86.38
C CYS F 261 -24.32 24.63 -85.22
N LYS F 262 -24.81 24.46 -83.99
CA LYS F 262 -23.93 24.53 -82.83
C LYS F 262 -22.86 23.45 -82.91
N ARG F 263 -23.23 22.26 -83.40
CA ARG F 263 -22.26 21.18 -83.54
C ARG F 263 -21.13 21.56 -84.49
N LEU F 264 -21.47 22.11 -85.66
CA LEU F 264 -20.38 22.47 -86.58
C LEU F 264 -19.62 23.69 -86.08
N ILE F 265 -20.25 24.55 -85.27
CA ILE F 265 -19.51 25.65 -84.66
C ILE F 265 -18.45 25.10 -83.70
N VAL F 266 -18.84 24.14 -82.87
CA VAL F 266 -17.87 23.49 -81.98
C VAL F 266 -16.77 22.83 -82.79
N GLN F 267 -17.14 22.21 -83.91
CA GLN F 267 -16.13 21.61 -84.78
C GLN F 267 -15.17 22.68 -85.31
N LEU F 268 -15.70 23.84 -85.68
CA LEU F 268 -14.86 24.93 -86.18
C LEU F 268 -13.85 25.36 -85.13
N LEU F 269 -14.32 25.59 -83.90
CA LEU F 269 -13.38 25.99 -82.84
C LEU F 269 -12.36 24.89 -82.55
N ASN F 270 -12.78 23.63 -82.54
CA ASN F 270 -11.84 22.54 -82.26
C ASN F 270 -10.76 22.45 -83.33
N LYS F 271 -11.18 22.52 -84.61
CA LYS F 271 -10.21 22.47 -85.70
C LYS F 271 -9.27 23.66 -85.67
N ALA F 272 -9.80 24.86 -85.38
CA ALA F 272 -8.93 26.02 -85.28
C ALA F 272 -7.93 25.88 -84.14
N PHE F 273 -8.36 25.35 -83.00
CA PHE F 273 -7.45 25.17 -81.88
C PHE F 273 -6.36 24.17 -82.19
N GLU F 274 -6.70 23.05 -82.85
CA GLU F 274 -5.66 22.07 -83.17
C GLU F 274 -4.74 22.60 -84.26
N LEU F 275 -5.25 23.43 -85.17
CA LEU F 275 -4.40 24.03 -86.20
C LEU F 275 -3.45 25.07 -85.61
N ARG F 276 -3.89 25.81 -84.60
CA ARG F 276 -3.05 26.84 -84.01
C ARG F 276 -1.80 26.24 -83.37
N MET F 277 -1.90 25.03 -82.82
CA MET F 277 -0.75 24.37 -82.22
C MET F 277 0.28 23.93 -83.25
N LYS F 278 -0.12 23.77 -84.51
CA LYS F 278 0.82 23.27 -85.52
C LYS F 278 1.97 24.24 -85.74
N ASP F 279 1.67 25.54 -85.78
CA ASP F 279 2.68 26.57 -85.99
C ASP F 279 3.11 27.25 -84.69
N LYS F 280 2.68 26.74 -83.54
CA LYS F 280 3.04 27.32 -82.25
C LYS F 280 4.23 26.61 -81.61
N GLU F 281 4.82 25.64 -82.28
CA GLU F 281 5.99 24.89 -81.78
C GLU F 281 5.66 24.22 -80.44
N VAL F 282 4.71 23.29 -80.51
CA VAL F 282 4.28 22.53 -79.36
C VAL F 282 4.33 21.05 -79.70
N GLN F 283 4.89 20.26 -78.79
CA GLN F 283 5.04 18.82 -78.98
C GLN F 283 3.72 18.10 -78.72
N GLU F 284 3.52 17.00 -79.45
CA GLU F 284 2.25 16.28 -79.47
C GLU F 284 2.39 14.92 -78.81
N TYR F 285 1.33 14.52 -78.11
CA TYR F 285 1.21 13.18 -77.52
C TYR F 285 -0.18 12.64 -77.85
N GLU F 286 -0.24 11.35 -78.17
CA GLU F 286 -1.49 10.73 -78.60
C GLU F 286 -2.19 10.06 -77.43
N MET F 287 -3.52 10.16 -77.42
CA MET F 287 -4.36 9.50 -76.42
C MET F 287 -5.36 8.59 -77.13
N SER F 288 -6.28 8.03 -76.34
CA SER F 288 -7.28 7.13 -76.90
C SER F 288 -8.19 7.85 -77.90
N ASN F 289 -8.61 9.07 -77.57
CA ASN F 289 -9.48 9.85 -78.44
C ASN F 289 -9.04 11.29 -78.62
N LYS F 290 -8.21 11.84 -77.75
CA LYS F 290 -7.79 13.23 -77.81
C LYS F 290 -6.28 13.31 -78.03
N THR F 291 -5.78 14.54 -78.17
CA THR F 291 -4.36 14.80 -78.31
C THR F 291 -3.91 15.78 -77.24
N ALA F 292 -2.74 15.53 -76.67
CA ALA F 292 -2.18 16.37 -75.61
C ALA F 292 -1.00 17.16 -76.17
N TYR F 293 -0.84 18.39 -75.68
CA TYR F 293 0.21 19.29 -76.13
C TYR F 293 1.13 19.62 -74.98
N TRP F 294 2.44 19.43 -75.18
CA TRP F 294 3.42 19.63 -74.13
C TRP F 294 4.63 20.37 -74.68
N LEU F 295 5.39 20.98 -73.78
CA LEU F 295 6.57 21.75 -74.10
C LEU F 295 7.80 21.10 -73.46
N GLU F 296 8.93 21.23 -74.16
CA GLU F 296 10.18 20.57 -73.79
C GLU F 296 11.20 21.57 -73.26
N LYS F 297 12.41 21.10 -73.03
CA LYS F 297 13.48 21.95 -72.51
C LYS F 297 13.92 22.96 -73.59
N GLY F 298 14.92 23.76 -73.24
CA GLY F 298 15.40 24.76 -74.17
C GLY F 298 14.83 26.15 -73.94
N LYS F 299 13.76 26.48 -74.69
CA LYS F 299 13.19 27.82 -74.77
C LYS F 299 13.05 28.53 -73.43
N LEU F 300 12.89 27.78 -72.34
CA LEU F 300 12.73 28.36 -71.02
C LEU F 300 14.08 28.88 -70.51
N GLU F 301 14.14 29.25 -69.23
CA GLU F 301 15.41 29.59 -68.61
C GLU F 301 16.14 28.31 -68.22
N LYS F 302 16.23 27.40 -69.20
CA LYS F 302 16.74 26.05 -69.13
C LYS F 302 15.81 25.15 -68.33
N ASP F 303 14.97 25.73 -67.47
CA ASP F 303 13.63 25.29 -67.14
C ASP F 303 12.96 26.32 -66.24
N LYS F 304 11.96 27.04 -66.73
CA LYS F 304 11.21 28.00 -65.91
C LYS F 304 10.15 28.68 -66.76
N PHE F 305 9.22 29.35 -66.09
CA PHE F 305 8.30 30.28 -66.75
C PHE F 305 7.66 31.15 -65.67
N GLU F 306 7.93 32.46 -65.72
CA GLU F 306 7.39 33.45 -64.78
C GLU F 306 7.36 32.90 -63.34
N LYS F 307 8.50 32.33 -62.94
CA LYS F 307 8.65 31.64 -61.66
C LYS F 307 7.62 30.49 -61.57
N THR F 308 7.80 29.52 -62.45
CA THR F 308 7.06 28.26 -62.38
C THR F 308 7.90 27.19 -63.05
N MET F 309 8.28 26.16 -62.30
CA MET F 309 9.16 25.11 -62.78
C MET F 309 8.31 24.14 -63.58
N LEU F 310 8.35 24.25 -64.91
CA LEU F 310 7.35 23.61 -65.75
C LEU F 310 7.61 22.12 -65.92
N VAL F 311 8.74 21.75 -66.53
CA VAL F 311 9.12 20.36 -66.72
C VAL F 311 10.42 20.12 -66.00
N GLY F 312 10.62 18.90 -65.50
CA GLY F 312 11.71 18.64 -64.60
C GLY F 312 12.34 17.28 -64.79
N LYS F 313 13.39 17.04 -64.01
CA LYS F 313 14.17 15.81 -64.07
C LYS F 313 13.96 15.04 -62.77
N GLN F 314 13.51 13.79 -62.90
CA GLN F 314 13.36 12.90 -61.75
C GLN F 314 14.71 12.23 -61.47
N LYS F 315 14.70 11.19 -60.64
CA LYS F 315 15.94 10.47 -60.36
C LYS F 315 16.53 9.85 -61.62
N ASP F 316 15.67 9.33 -62.50
CA ASP F 316 16.12 8.71 -63.74
C ASP F 316 15.36 9.16 -64.98
N LYS F 317 14.26 9.89 -64.84
CA LYS F 317 13.38 10.21 -65.95
C LYS F 317 13.10 11.71 -65.99
N ASN F 318 12.76 12.20 -67.19
CA ASN F 318 12.39 13.60 -67.38
C ASN F 318 10.88 13.69 -67.54
N TRP F 319 10.22 14.33 -66.58
CA TRP F 319 8.77 14.48 -66.62
C TRP F 319 8.41 15.85 -67.18
N HIS F 320 7.28 15.89 -67.90
CA HIS F 320 6.83 17.09 -68.58
C HIS F 320 5.32 17.25 -68.41
N PHE F 321 4.91 18.47 -68.07
CA PHE F 321 3.50 18.84 -68.00
C PHE F 321 2.92 18.98 -69.40
N ALA F 322 1.62 18.72 -69.52
CA ALA F 322 0.93 18.83 -70.80
C ALA F 322 -0.51 19.19 -70.57
N ILE F 323 -1.14 19.76 -71.60
CA ILE F 323 -2.55 20.12 -71.56
C ILE F 323 -3.24 19.70 -72.85
N SER F 324 -4.55 19.57 -72.77
CA SER F 324 -5.41 19.33 -73.92
C SER F 324 -6.65 20.19 -73.79
N GLY F 325 -7.22 20.56 -74.93
CA GLY F 325 -8.34 21.47 -74.95
C GLY F 325 -9.52 20.92 -75.72
N ALA F 326 -10.71 21.41 -75.36
CA ALA F 326 -11.94 21.00 -76.03
C ALA F 326 -12.96 22.12 -75.91
N SER F 327 -13.46 22.61 -77.04
CA SER F 327 -14.41 23.72 -77.02
C SER F 327 -15.82 23.23 -76.70
N LYS F 328 -16.53 24.00 -75.89
CA LYS F 328 -17.90 23.67 -75.51
C LYS F 328 -18.75 24.93 -75.57
N LEU F 329 -20.06 24.74 -75.72
CA LEU F 329 -21.02 25.82 -75.72
C LEU F 329 -21.94 25.81 -74.51
N TYR F 330 -21.89 24.78 -73.68
CA TYR F 330 -22.72 24.71 -72.47
C TYR F 330 -21.83 24.78 -71.24
N PRO F 331 -22.16 25.65 -70.27
CA PRO F 331 -23.30 26.57 -70.20
C PRO F 331 -23.14 27.76 -71.14
N PHE F 332 -21.91 28.22 -71.28
CA PHE F 332 -21.51 29.30 -72.17
C PHE F 332 -20.28 28.87 -72.92
N PRO F 333 -20.05 29.41 -74.13
CA PRO F 333 -18.91 28.93 -74.94
C PRO F 333 -17.58 29.16 -74.26
N VAL F 334 -16.91 28.07 -73.88
CA VAL F 334 -15.60 28.10 -73.24
C VAL F 334 -14.71 27.03 -73.85
N LEU F 335 -13.47 27.00 -73.37
CA LEU F 335 -12.50 25.97 -73.70
C LEU F 335 -12.17 25.20 -72.43
N MET F 336 -12.44 23.89 -72.45
CA MET F 336 -12.10 22.99 -71.37
C MET F 336 -10.63 22.61 -71.50
N ILE F 337 -9.89 22.72 -70.39
CA ILE F 337 -8.47 22.38 -70.35
C ILE F 337 -8.26 21.24 -69.37
N SER F 338 -7.56 20.20 -69.82
CA SER F 338 -7.25 19.04 -68.99
C SER F 338 -5.73 18.83 -68.95
N SER F 339 -5.21 18.54 -67.77
CA SER F 339 -3.77 18.44 -67.54
C SER F 339 -3.32 16.99 -67.47
N HIS F 340 -2.10 16.75 -67.94
CA HIS F 340 -1.53 15.41 -67.97
C HIS F 340 -0.02 15.50 -67.75
N ILE F 341 0.58 14.37 -67.41
CA ILE F 341 2.02 14.26 -67.15
C ILE F 341 2.59 13.19 -68.07
N PHE F 342 3.70 13.50 -68.74
CA PHE F 342 4.35 12.56 -69.64
C PHE F 342 5.82 12.40 -69.26
N PHE F 343 6.42 11.31 -69.72
CA PHE F 343 7.79 10.96 -69.34
C PHE F 343 8.64 10.70 -70.58
N THR F 344 9.87 11.21 -70.54
CA THR F 344 10.85 11.01 -71.59
C THR F 344 12.19 10.63 -70.97
N ALA F 345 12.94 9.79 -71.67
CA ALA F 345 14.26 9.35 -71.22
C ALA F 345 15.39 10.13 -71.87
N ASP F 346 15.44 10.16 -73.20
CA ASP F 346 16.51 10.87 -73.91
C ASP F 346 16.35 12.39 -73.86
N GLY F 347 15.22 12.88 -73.36
CA GLY F 347 14.93 14.29 -73.33
C GLY F 347 13.99 14.76 -74.42
N LYS F 348 13.91 14.04 -75.53
CA LYS F 348 12.94 14.35 -76.58
C LYS F 348 12.33 13.09 -77.19
N LYS F 349 12.49 11.93 -76.57
CA LYS F 349 11.97 10.67 -77.09
C LYS F 349 11.02 10.06 -76.07
N LEU F 350 9.82 9.70 -76.53
CA LEU F 350 8.83 9.08 -75.67
C LEU F 350 9.02 7.56 -75.64
N ILE F 351 8.30 6.91 -74.73
CA ILE F 351 8.31 5.47 -74.59
C ILE F 351 7.00 4.93 -75.16
N ASP F 352 7.11 3.98 -76.09
CA ASP F 352 5.92 3.38 -76.68
C ASP F 352 5.42 2.22 -75.80
N SER F 353 5.23 2.51 -74.51
CA SER F 353 4.71 1.52 -73.57
C SER F 353 3.82 2.27 -72.58
N SER F 354 2.50 2.19 -72.79
CA SER F 354 1.58 2.98 -71.99
C SER F 354 1.61 2.57 -70.52
N SER F 355 2.00 1.33 -70.22
CA SER F 355 2.03 0.87 -68.84
C SER F 355 3.05 1.64 -68.02
N VAL F 356 4.25 1.81 -68.55
CA VAL F 356 5.30 2.55 -67.83
C VAL F 356 4.90 4.01 -67.68
N GLN F 357 4.33 4.60 -68.72
CA GLN F 357 3.88 5.99 -68.64
C GLN F 357 2.81 6.16 -67.57
N HIS F 358 1.85 5.24 -67.51
CA HIS F 358 0.79 5.30 -66.51
C HIS F 358 1.35 5.14 -65.10
N SER F 359 2.27 4.18 -64.92
CA SER F 359 2.85 3.98 -63.60
C SER F 359 3.64 5.21 -63.15
N SER F 360 4.40 5.80 -64.06
CA SER F 360 5.14 7.02 -63.72
C SER F 360 4.20 8.18 -63.41
N ARG F 361 3.10 8.29 -64.16
CA ARG F 361 2.12 9.33 -63.87
C ARG F 361 1.52 9.16 -62.49
N ARG F 362 1.19 7.91 -62.12
CA ARG F 362 0.65 7.65 -60.79
C ARG F 362 1.67 7.97 -59.70
N ARG F 363 2.93 7.63 -59.95
CA ARG F 363 3.98 7.88 -58.96
C ARG F 363 4.41 9.35 -58.90
N GLN F 364 4.06 10.15 -59.91
CA GLN F 364 4.50 11.55 -59.96
C GLN F 364 3.47 12.50 -59.37
N GLY F 365 2.18 12.21 -59.53
CA GLY F 365 1.15 13.08 -59.00
C GLY F 365 0.92 12.96 -57.52
N LYS F 366 1.58 12.01 -56.85
CA LYS F 366 1.41 11.85 -55.41
C LYS F 366 1.90 13.08 -54.66
N ASN F 367 3.05 13.63 -55.07
CA ASN F 367 3.62 14.80 -54.42
C ASN F 367 3.05 16.10 -54.94
N TRP F 368 2.24 16.07 -56.01
CA TRP F 368 1.68 17.28 -56.60
C TRP F 368 0.40 17.65 -55.87
N TRP F 369 0.37 18.85 -55.32
CA TRP F 369 -0.77 19.34 -54.56
C TRP F 369 -1.58 20.32 -55.41
N ASN F 370 -2.54 20.98 -54.76
CA ASN F 370 -3.40 21.93 -55.47
C ASN F 370 -2.59 23.09 -56.04
N ASN F 371 -1.70 23.67 -55.23
CA ASN F 371 -0.94 24.84 -55.67
C ASN F 371 -0.03 24.51 -56.85
N THR F 372 0.64 23.35 -56.81
CA THR F 372 1.54 22.97 -57.88
C THR F 372 0.79 22.82 -59.20
N TRP F 373 -0.34 22.10 -59.17
CA TRP F 373 -1.13 21.92 -60.39
C TRP F 373 -1.65 23.25 -60.90
N ARG F 374 -2.14 24.11 -60.00
CA ARG F 374 -2.66 25.40 -60.41
C ARG F 374 -1.57 26.25 -61.06
N THR F 375 -0.39 26.29 -60.45
CA THR F 375 0.70 27.10 -60.98
C THR F 375 1.14 26.59 -62.35
N LYS F 376 1.26 25.27 -62.50
CA LYS F 376 1.69 24.74 -63.79
C LYS F 376 0.64 24.95 -64.87
N LEU F 377 -0.65 24.80 -64.52
CA LEU F 377 -1.71 25.08 -65.48
C LEU F 377 -1.69 26.54 -65.91
N LEU F 378 -1.54 27.45 -64.96
CA LEU F 378 -1.50 28.88 -65.30
C LEU F 378 -0.27 29.21 -66.15
N ALA F 379 0.87 28.59 -65.86
CA ALA F 379 2.07 28.83 -66.66
C ALA F 379 1.88 28.35 -68.09
N PHE F 380 1.34 27.15 -68.26
CA PHE F 380 1.12 26.64 -69.61
C PHE F 380 0.07 27.46 -70.35
N ILE F 381 -0.92 28.00 -69.64
CA ILE F 381 -1.89 28.87 -70.29
C ILE F 381 -1.25 30.18 -70.72
N LYS F 382 -0.43 30.77 -69.86
CA LYS F 382 0.21 32.03 -70.18
C LYS F 382 1.30 31.86 -71.23
N TYR F 383 1.79 30.64 -71.44
CA TYR F 383 2.65 30.38 -72.58
C TYR F 383 1.93 30.70 -73.89
N LEU F 384 0.66 30.31 -73.99
CA LEU F 384 -0.12 30.53 -75.19
C LEU F 384 -0.39 32.00 -75.47
N SER F 385 -0.26 32.86 -74.47
CA SER F 385 -0.66 34.26 -74.61
C SER F 385 0.15 34.96 -75.69
N ASP F 386 -0.56 35.69 -76.57
CA ASP F 386 0.08 36.51 -77.59
C ASP F 386 -0.10 38.00 -77.37
N ASP F 387 -1.12 38.41 -76.62
CA ASP F 387 -1.36 39.81 -76.32
C ASP F 387 -1.47 40.03 -74.82
N ASP F 388 -1.94 41.21 -74.41
CA ASP F 388 -1.96 41.56 -72.99
C ASP F 388 -2.84 40.60 -72.18
N THR F 389 -4.09 40.40 -72.62
CA THR F 389 -5.05 39.67 -71.80
C THR F 389 -5.85 38.67 -72.63
N SER F 390 -5.20 38.05 -73.62
CA SER F 390 -5.82 36.99 -74.40
C SER F 390 -4.75 36.36 -75.30
N PHE F 391 -5.17 35.40 -76.11
CA PHE F 391 -4.33 34.87 -77.16
C PHE F 391 -5.20 34.48 -78.35
N TYR F 392 -4.74 34.81 -79.54
CA TYR F 392 -5.54 34.67 -80.76
C TYR F 392 -5.36 33.29 -81.37
N LEU F 393 -6.36 32.88 -82.15
CA LEU F 393 -6.21 31.77 -83.07
C LEU F 393 -7.17 31.98 -84.23
N GLU F 394 -6.72 31.60 -85.43
CA GLU F 394 -7.33 32.08 -86.66
C GLU F 394 -8.70 31.47 -86.91
N MET F 395 -9.55 32.23 -87.60
CA MET F 395 -10.84 31.78 -88.11
C MET F 395 -11.03 32.14 -89.57
N GLY F 396 -9.99 32.65 -90.23
CA GLY F 396 -10.10 33.14 -91.58
C GLY F 396 -9.00 34.14 -91.85
N SER F 397 -9.04 34.71 -93.06
CA SER F 397 -8.08 35.74 -93.42
C SER F 397 -8.24 36.98 -92.53
N GLU F 398 -9.48 37.39 -92.29
CA GLU F 398 -9.77 38.53 -91.43
C GLU F 398 -10.42 38.13 -90.12
N GLU F 399 -10.71 36.84 -89.92
CA GLU F 399 -11.43 36.36 -88.76
C GLU F 399 -10.49 35.64 -87.81
N LYS F 400 -10.52 36.03 -86.53
CA LYS F 400 -9.79 35.35 -85.47
C LYS F 400 -10.67 35.33 -84.23
N VAL F 401 -10.40 34.38 -83.34
CA VAL F 401 -11.04 34.33 -82.03
C VAL F 401 -9.97 34.38 -80.96
N PHE F 402 -10.18 35.24 -79.97
CA PHE F 402 -9.21 35.50 -78.92
C PHE F 402 -9.66 34.80 -77.64
N VAL F 403 -9.00 33.70 -77.30
CA VAL F 403 -9.28 32.99 -76.07
C VAL F 403 -8.72 33.79 -74.90
N SER F 404 -9.56 34.04 -73.89
CA SER F 404 -9.09 34.71 -72.69
C SER F 404 -8.05 33.85 -71.98
N ASN F 405 -6.94 34.48 -71.58
CA ASN F 405 -5.86 33.78 -70.90
C ASN F 405 -6.08 33.68 -69.40
N GLU F 406 -7.17 34.22 -68.88
CA GLU F 406 -7.51 34.10 -67.47
C GLU F 406 -8.68 33.14 -67.32
N PRO F 407 -8.51 32.01 -66.64
CA PRO F 407 -9.62 31.06 -66.48
C PRO F 407 -10.75 31.67 -65.67
N VAL F 408 -11.94 31.12 -65.87
CA VAL F 408 -13.13 31.65 -65.22
C VAL F 408 -12.98 31.54 -63.71
N LYS F 409 -13.27 32.64 -63.01
CA LYS F 409 -13.22 32.66 -61.55
C LYS F 409 -14.58 32.25 -60.99
N PHE F 410 -14.54 31.65 -59.80
CA PHE F 410 -15.75 31.26 -59.10
C PHE F 410 -15.72 31.85 -57.69
N LYS F 411 -16.90 32.18 -57.17
CA LYS F 411 -17.03 32.87 -55.89
C LYS F 411 -17.75 31.99 -54.88
N GLY F 412 -17.24 31.97 -53.64
CA GLY F 412 -17.87 31.23 -52.58
C GLY F 412 -17.85 32.03 -51.29
N ASN F 413 -18.74 31.65 -50.37
CA ASN F 413 -18.89 32.34 -49.10
C ASN F 413 -18.50 31.48 -47.91
N VAL F 414 -17.95 30.28 -48.13
CA VAL F 414 -17.62 29.36 -47.06
C VAL F 414 -16.24 28.77 -47.33
N SER F 415 -15.44 28.63 -46.28
CA SER F 415 -14.12 28.04 -46.38
C SER F 415 -13.71 27.53 -45.01
N TYR F 416 -12.42 27.22 -44.87
CA TYR F 416 -11.88 26.65 -43.65
C TYR F 416 -10.54 27.31 -43.34
N ASN F 417 -9.99 26.98 -42.18
CA ASN F 417 -8.73 27.58 -41.75
C ASN F 417 -7.54 26.87 -42.39
N ILE F 418 -7.37 25.59 -42.12
CA ILE F 418 -6.23 24.85 -42.64
C ILE F 418 -6.52 23.34 -42.63
N MET I 1 38.80 -39.55 44.13
CA MET I 1 37.79 -39.27 43.13
C MET I 1 36.68 -38.40 43.69
N LYS I 2 36.93 -37.10 43.79
CA LYS I 2 35.97 -36.16 44.34
C LYS I 2 35.32 -35.36 43.21
N GLU I 3 34.00 -35.29 43.23
CA GLU I 3 33.23 -34.66 42.17
C GLU I 3 33.28 -33.14 42.29
N LEU I 4 33.23 -32.47 41.14
CA LEU I 4 33.22 -31.02 41.07
C LEU I 4 31.94 -30.55 40.39
N ILE I 5 31.33 -29.50 40.94
CA ILE I 5 30.10 -28.94 40.41
C ILE I 5 30.44 -27.66 39.66
N TYR I 6 29.92 -27.52 38.45
CA TYR I 6 30.12 -26.33 37.65
C TYR I 6 28.89 -25.44 37.70
N ILE I 7 29.12 -24.12 37.66
CA ILE I 7 28.08 -23.13 37.81
C ILE I 7 28.09 -22.22 36.58
N GLU I 8 26.90 -21.88 36.11
CA GLU I 8 26.77 -21.00 34.94
C GLU I 8 27.28 -19.60 35.26
N GLU I 9 27.94 -19.00 34.27
CA GLU I 9 28.44 -17.65 34.43
C GLU I 9 27.28 -16.66 34.57
N PRO I 10 27.40 -15.65 35.42
CA PRO I 10 26.35 -14.64 35.51
C PRO I 10 26.48 -13.60 34.40
N LYS I 11 25.35 -12.97 34.10
CA LYS I 11 25.25 -12.03 33.00
C LYS I 11 25.01 -10.62 33.54
N ILE I 12 25.66 -9.63 32.92
CA ILE I 12 25.52 -8.23 33.26
C ILE I 12 24.84 -7.51 32.12
N LEU I 13 23.79 -6.76 32.42
CA LEU I 13 22.92 -6.19 31.39
C LEU I 13 23.37 -4.78 31.01
N PHE I 14 23.49 -4.54 29.71
CA PHE I 14 23.87 -3.28 29.11
C PHE I 14 22.64 -2.59 28.51
N ALA I 15 22.87 -1.54 27.72
CA ALA I 15 21.80 -0.71 27.19
C ALA I 15 20.83 -1.51 26.33
N HIS I 16 19.63 -0.96 26.20
CA HIS I 16 18.45 -1.61 25.59
C HIS I 16 18.37 -3.09 25.96
N GLY I 17 18.43 -3.34 27.27
CA GLY I 17 18.17 -4.66 27.81
C GLY I 17 19.14 -5.75 27.40
N GLN I 18 20.24 -5.38 26.74
CA GLN I 18 21.18 -6.39 26.25
C GLN I 18 22.01 -6.94 27.40
N LYS I 19 22.41 -8.19 27.28
CA LYS I 19 23.14 -8.88 28.33
C LYS I 19 24.37 -9.58 27.75
N CYS I 20 25.36 -9.77 28.60
CA CYS I 20 26.59 -10.44 28.22
C CYS I 20 27.32 -10.86 29.49
N THR I 21 28.41 -11.60 29.31
CA THR I 21 29.21 -12.06 30.45
C THR I 21 30.45 -11.20 30.68
N ASP I 22 30.93 -10.50 29.68
CA ASP I 22 32.08 -9.62 29.82
C ASP I 22 31.62 -8.16 29.85
N ALA I 23 32.49 -7.30 30.38
CA ALA I 23 32.19 -5.88 30.47
C ALA I 23 32.69 -5.11 29.26
N ARG I 24 33.92 -5.41 28.81
CA ARG I 24 34.45 -4.77 27.61
C ARG I 24 33.58 -5.06 26.39
N ASP I 25 33.23 -6.33 26.21
CA ASP I 25 32.44 -6.72 25.04
C ASP I 25 31.06 -6.08 25.08
N GLY I 26 30.38 -6.16 26.22
CA GLY I 26 29.05 -5.58 26.31
C GLY I 26 29.05 -4.07 26.16
N LEU I 27 30.05 -3.39 26.75
CA LEU I 27 30.13 -1.94 26.61
C LEU I 27 30.41 -1.54 25.16
N ALA I 28 31.41 -2.16 24.54
CA ALA I 28 31.74 -1.85 23.16
C ALA I 28 30.67 -2.30 22.18
N LEU I 29 29.73 -3.14 22.60
CA LEU I 29 28.65 -3.59 21.74
C LEU I 29 27.39 -2.75 21.87
N PHE I 30 26.93 -2.47 23.10
CA PHE I 30 25.67 -1.79 23.29
C PHE I 30 25.76 -0.53 24.14
N GLY I 31 26.93 -0.17 24.66
CA GLY I 31 27.10 1.05 25.39
C GLY I 31 26.61 0.98 26.82
N PRO I 32 26.79 2.05 27.58
CA PRO I 32 26.46 2.04 29.00
C PRO I 32 24.95 2.03 29.24
N LEU I 33 24.59 1.76 30.49
CA LEU I 33 23.18 1.71 30.86
C LEU I 33 22.56 3.10 30.88
N ASN I 34 23.35 4.13 31.12
CA ASN I 34 22.89 5.51 31.10
C ASN I 34 23.85 6.36 30.27
N ASN I 35 23.38 7.55 29.88
CA ASN I 35 24.18 8.46 29.07
C ASN I 35 24.41 9.74 29.85
N LEU I 36 25.67 10.20 29.86
CA LEU I 36 26.02 11.52 30.33
C LEU I 36 26.35 12.40 29.13
N TYR I 37 26.11 13.70 29.27
CA TYR I 37 26.39 14.61 28.17
C TYR I 37 27.89 14.83 28.00
N GLY I 38 28.62 14.92 29.09
CA GLY I 38 30.06 15.10 29.02
C GLY I 38 30.65 15.10 30.41
N ILE I 39 31.98 15.20 30.45
CA ILE I 39 32.72 15.24 31.70
C ILE I 39 33.48 16.56 31.75
N LYS I 40 33.27 17.33 32.81
CA LYS I 40 33.99 18.58 33.04
C LYS I 40 35.20 18.26 33.92
N SER I 41 36.36 18.16 33.30
CA SER I 41 37.57 17.76 34.01
C SER I 41 38.20 18.95 34.71
N GLY I 42 38.54 18.77 35.99
CA GLY I 42 39.29 19.76 36.73
C GLY I 42 40.61 19.21 37.21
N VAL I 43 41.71 19.77 36.72
CA VAL I 43 43.04 19.28 37.03
C VAL I 43 43.72 20.25 38.00
N ILE I 44 44.53 19.69 38.90
CA ILE I 44 45.39 20.47 39.78
C ILE I 44 46.81 19.96 39.61
N GLY I 45 47.75 20.87 39.41
CA GLY I 45 49.13 20.41 39.34
C GLY I 45 50.02 21.36 38.56
N THR I 46 51.01 20.78 37.91
CA THR I 46 52.06 21.52 37.22
C THR I 46 51.76 21.62 35.73
N LYS I 47 52.58 22.41 35.04
CA LYS I 47 52.39 22.63 33.61
C LYS I 47 52.57 21.34 32.83
N GLN I 48 53.63 20.59 33.12
CA GLN I 48 53.85 19.33 32.43
C GLN I 48 52.79 18.29 32.81
N GLY I 49 52.28 18.35 34.04
CA GLY I 49 51.17 17.47 34.40
C GLY I 49 49.93 17.77 33.61
N LEU I 50 49.60 19.06 33.44
CA LEU I 50 48.46 19.44 32.62
C LEU I 50 48.66 19.01 31.17
N LYS I 51 49.89 19.17 30.65
CA LYS I 51 50.16 18.72 29.30
C LYS I 51 49.98 17.21 29.15
N ILE I 52 50.43 16.45 30.15
CA ILE I 52 50.27 15.00 30.13
C ILE I 52 48.79 14.63 30.14
N PHE I 53 48.01 15.29 30.99
CA PHE I 53 46.57 15.03 31.00
C PHE I 53 45.94 15.33 29.64
N ARG I 54 46.30 16.47 29.04
CA ARG I 54 45.72 16.87 27.77
C ARG I 54 46.06 15.87 26.67
N ASP I 55 47.34 15.51 26.55
CA ASP I 55 47.72 14.62 25.46
C ASP I 55 47.27 13.19 25.70
N TYR I 56 47.15 12.74 26.95
CA TYR I 56 46.57 11.42 27.19
C TYR I 56 45.10 11.41 26.83
N LEU I 57 44.37 12.49 27.13
CA LEU I 57 42.97 12.55 26.71
C LEU I 57 42.85 12.52 25.20
N ASP I 58 43.68 13.29 24.50
CA ASP I 58 43.69 13.24 23.05
C ASP I 58 44.05 11.85 22.54
N HIS I 59 44.97 11.17 23.22
CA HIS I 59 45.37 9.82 22.85
C HIS I 59 44.20 8.85 22.98
N ILE I 60 43.43 8.96 24.07
CA ILE I 60 42.32 8.04 24.29
C ILE I 60 41.05 8.44 23.54
N GLN I 61 41.04 9.61 22.91
CA GLN I 61 39.92 9.92 22.02
C GLN I 61 39.87 8.96 20.83
N LYS I 62 41.03 8.66 20.24
CA LYS I 62 41.13 7.77 19.09
C LYS I 62 41.12 6.31 19.53
N PRO I 63 40.65 5.40 18.67
CA PRO I 63 40.68 3.97 19.02
C PRO I 63 42.10 3.45 19.16
N ILE I 64 42.30 2.60 20.17
CA ILE I 64 43.60 2.05 20.51
C ILE I 64 43.52 0.54 20.42
N TYR I 65 44.52 -0.08 19.80
CA TYR I 65 44.51 -1.50 19.50
C TYR I 65 45.34 -2.28 20.52
N ASN I 66 44.94 -3.53 20.72
CA ASN I 66 45.63 -4.45 21.62
C ASN I 66 46.43 -5.46 20.81
N SER I 67 47.60 -5.85 21.35
CA SER I 67 48.43 -6.83 20.66
C SER I 67 47.71 -8.17 20.55
N ASN I 68 47.20 -8.69 21.66
CA ASN I 68 46.41 -9.91 21.69
C ASN I 68 44.97 -9.48 21.99
N SER I 69 44.23 -9.16 20.94
CA SER I 69 42.87 -8.63 21.10
C SER I 69 41.88 -9.68 21.55
N ILE I 70 42.20 -10.97 21.38
CA ILE I 70 41.29 -12.02 21.84
C ILE I 70 41.17 -11.98 23.36
N THR I 71 42.30 -11.94 24.05
CA THR I 71 42.27 -11.88 25.51
C THR I 71 41.80 -10.52 26.00
N ARG I 72 42.36 -9.45 25.44
CA ARG I 72 42.07 -8.09 25.88
C ARG I 72 41.44 -7.30 24.73
N PRO I 73 40.15 -7.05 24.75
CA PRO I 73 39.52 -6.27 23.67
C PRO I 73 40.07 -4.86 23.61
N MET I 74 40.08 -4.30 22.40
CA MET I 74 40.61 -2.97 22.17
C MET I 74 39.61 -1.90 22.59
N PHE I 75 40.10 -0.67 22.71
CA PHE I 75 39.28 0.45 23.14
C PHE I 75 38.88 1.27 21.93
N PRO I 76 37.59 1.32 21.57
CA PRO I 76 37.18 2.06 20.37
C PRO I 76 37.26 3.58 20.51
N GLY I 77 37.28 4.10 21.73
CA GLY I 77 37.25 5.53 21.95
C GLY I 77 36.12 5.86 22.92
N PHE I 78 36.35 6.91 23.72
CA PHE I 78 35.39 7.25 24.78
C PHE I 78 34.03 7.60 24.20
N GLU I 79 34.01 8.38 23.11
CA GLU I 79 32.74 8.75 22.50
C GLU I 79 32.04 7.55 21.89
N ALA I 80 32.80 6.58 21.37
CA ALA I 80 32.20 5.39 20.79
C ALA I 80 31.49 4.55 21.85
N VAL I 81 32.19 4.27 22.96
CA VAL I 81 31.62 3.39 23.99
C VAL I 81 30.63 4.13 24.86
N PHE I 82 31.09 5.16 25.57
CA PHE I 82 30.30 5.81 26.61
C PHE I 82 29.42 6.93 26.10
N ASP I 83 29.44 7.19 24.79
CA ASP I 83 28.60 8.22 24.13
C ASP I 83 28.67 9.58 24.83
N CYS I 84 29.73 9.81 25.59
CA CYS I 84 29.92 11.07 26.29
C CYS I 84 30.92 11.95 25.54
N LYS I 85 31.20 13.10 26.12
CA LYS I 85 32.18 14.05 25.58
C LYS I 85 33.17 14.34 26.70
N TRP I 86 34.29 13.62 26.71
CA TRP I 86 35.38 13.89 27.63
C TRP I 86 36.54 14.39 26.78
N GLU I 87 36.56 15.69 26.52
CA GLU I 87 37.54 16.32 25.65
C GLU I 87 38.36 17.33 26.42
N SER I 88 39.43 17.80 25.79
CA SER I 88 40.31 18.80 26.38
C SER I 88 39.66 20.16 26.50
N THR I 89 38.50 20.38 25.87
CA THR I 89 37.84 21.68 25.96
C THR I 89 37.16 21.91 27.30
N GLY I 90 37.02 20.87 28.13
CA GLY I 90 36.45 21.01 29.45
C GLY I 90 37.45 20.99 30.59
N ILE I 91 38.74 21.05 30.29
CA ILE I 91 39.77 20.99 31.33
C ILE I 91 39.90 22.34 32.00
N THR I 92 39.96 22.34 33.33
CA THR I 92 40.11 23.55 34.14
C THR I 92 41.33 23.35 35.03
N PHE I 93 42.38 24.11 34.79
CA PHE I 93 43.69 23.86 35.37
C PHE I 93 43.93 24.76 36.58
N LYS I 94 44.40 24.17 37.67
CA LYS I 94 44.79 24.88 38.88
C LYS I 94 46.29 24.75 39.08
N GLU I 95 46.93 25.88 39.40
CA GLU I 95 48.38 25.94 39.50
C GLU I 95 48.89 25.32 40.78
N VAL I 96 49.89 24.46 40.65
CA VAL I 96 50.70 23.98 41.77
C VAL I 96 52.16 24.12 41.35
N THR I 97 52.94 24.84 42.15
CA THR I 97 54.32 25.15 41.78
C THR I 97 55.28 24.16 42.42
N ASN I 98 56.35 23.82 41.69
CA ASN I 98 57.32 22.87 42.19
C ASN I 98 58.03 23.38 43.43
N GLU I 99 58.19 24.70 43.56
CA GLU I 99 58.81 25.26 44.76
C GLU I 99 57.98 24.97 46.00
N ASP I 100 56.65 25.07 45.89
CA ASP I 100 55.79 24.74 47.03
C ASP I 100 55.95 23.28 47.43
N ILE I 101 55.99 22.38 46.45
CA ILE I 101 56.16 20.96 46.76
C ILE I 101 57.50 20.70 47.42
N GLY I 102 58.58 21.31 46.90
CA GLY I 102 59.89 21.09 47.47
C GLY I 102 60.07 21.73 48.83
N LYS I 103 59.29 22.77 49.13
CA LYS I 103 59.38 23.40 50.44
C LYS I 103 58.97 22.44 51.56
N PHE I 104 57.91 21.67 51.33
CA PHE I 104 57.43 20.72 52.34
C PHE I 104 58.03 19.34 52.19
N LEU I 105 58.50 18.98 50.99
CA LEU I 105 58.97 17.62 50.75
C LEU I 105 60.28 17.33 51.46
N TYR I 106 61.14 18.33 51.63
CA TYR I 106 62.50 18.12 52.10
C TYR I 106 62.67 18.28 53.60
N ASN I 107 61.57 18.41 54.35
CA ASN I 107 61.67 18.53 55.80
C ASN I 107 62.10 17.20 56.43
N SER I 108 62.60 17.29 57.66
CA SER I 108 63.13 16.11 58.33
C SER I 108 62.05 15.10 58.65
N SER I 109 60.87 15.57 59.06
CA SER I 109 59.80 14.67 59.48
C SER I 109 59.12 14.05 58.26
N THR I 110 58.20 13.13 58.54
CA THR I 110 57.47 12.39 57.50
C THR I 110 55.98 12.62 57.54
N HIS I 111 55.36 12.58 58.73
CA HIS I 111 53.92 12.80 58.82
C HIS I 111 53.56 14.24 58.44
N LYS I 112 54.36 15.21 58.88
CA LYS I 112 54.01 16.61 58.68
C LYS I 112 54.09 17.00 57.21
N ARG I 113 55.04 16.44 56.46
CA ARG I 113 55.13 16.76 55.04
C ARG I 113 53.94 16.20 54.27
N THR I 114 53.52 14.98 54.60
CA THR I 114 52.33 14.42 53.98
C THR I 114 51.10 15.25 54.32
N TYR I 115 50.99 15.68 55.58
CA TYR I 115 49.87 16.53 55.96
C TYR I 115 49.89 17.85 55.20
N ASP I 116 51.07 18.44 55.01
CA ASP I 116 51.16 19.71 54.29
C ASP I 116 50.78 19.56 52.82
N LEU I 117 51.27 18.49 52.18
CA LEU I 117 50.92 18.25 50.78
C LEU I 117 49.42 18.03 50.63
N VAL I 118 48.85 17.16 51.46
CA VAL I 118 47.40 16.94 51.42
C VAL I 118 46.68 18.26 51.66
N SER I 119 47.20 19.07 52.58
CA SER I 119 46.55 20.32 52.95
C SER I 119 46.46 21.27 51.77
N LEU I 120 47.59 21.52 51.08
CA LEU I 120 47.52 22.50 50.00
C LEU I 120 46.68 21.96 48.85
N PHE I 121 46.76 20.65 48.58
CA PHE I 121 45.94 20.10 47.51
C PHE I 121 44.45 20.26 47.81
N ILE I 122 44.02 19.89 49.02
CA ILE I 122 42.60 19.97 49.31
C ILE I 122 42.16 21.43 49.39
N ASP I 123 43.04 22.33 49.87
CA ASP I 123 42.68 23.73 49.92
C ASP I 123 42.45 24.29 48.52
N LYS I 124 43.31 23.93 47.58
CA LYS I 124 43.07 24.35 46.19
C LYS I 124 41.76 23.78 45.66
N ILE I 125 41.49 22.50 45.92
CA ILE I 125 40.25 21.88 45.45
C ILE I 125 39.04 22.60 46.03
N ILE I 126 39.06 22.85 47.34
CA ILE I 126 37.91 23.44 48.02
C ILE I 126 37.73 24.89 47.59
N SER I 127 38.83 25.61 47.37
CA SER I 127 38.72 26.98 46.89
C SER I 127 38.08 27.02 45.51
N ALA I 128 38.57 26.17 44.59
CA ALA I 128 37.95 26.12 43.26
C ALA I 128 36.52 25.58 43.31
N ASN I 129 36.16 24.89 44.39
CA ASN I 129 34.78 24.40 44.53
C ASN I 129 33.85 25.49 45.07
N LYS I 130 34.36 26.34 45.96
CA LYS I 130 33.54 27.31 46.67
C LYS I 130 33.45 28.64 45.93
N ASN I 131 34.60 29.22 45.58
CA ASN I 131 34.66 30.59 45.06
C ASN I 131 35.07 30.62 43.59
N GLU I 132 34.50 29.72 42.79
CA GLU I 132 34.57 29.81 41.35
C GLU I 132 33.21 29.43 40.78
N ASP I 133 32.96 29.89 39.56
CA ASP I 133 31.67 29.67 38.92
C ASP I 133 31.67 28.53 37.93
N GLU I 134 32.83 28.17 37.39
CA GLU I 134 32.91 27.04 36.46
C GLU I 134 32.63 25.74 37.19
N ASN I 135 31.89 24.85 36.52
CA ASN I 135 31.50 23.58 37.11
C ASN I 135 32.51 22.50 36.75
N VAL I 136 32.86 21.67 37.73
CA VAL I 136 33.76 20.54 37.56
C VAL I 136 33.04 19.28 38.00
N ASP I 137 33.12 18.23 37.17
CA ASP I 137 32.48 16.95 37.49
C ASP I 137 33.45 16.03 38.23
N VAL I 138 34.64 15.82 37.67
CA VAL I 138 35.66 14.97 38.27
C VAL I 138 36.95 15.77 38.40
N TRP I 139 37.52 15.78 39.61
CA TRP I 139 38.76 16.50 39.87
C TRP I 139 39.92 15.51 39.75
N PHE I 140 40.74 15.70 38.73
CA PHE I 140 41.90 14.83 38.48
C PHE I 140 43.13 15.48 39.10
N VAL I 141 43.83 14.72 39.94
CA VAL I 141 44.96 15.24 40.72
C VAL I 141 46.21 14.49 40.25
N ILE I 142 47.01 15.14 39.42
CA ILE I 142 48.20 14.51 38.86
C ILE I 142 49.39 14.84 39.75
N VAL I 143 49.80 13.88 40.58
CA VAL I 143 50.93 14.09 41.48
C VAL I 143 52.24 13.85 40.71
N PRO I 144 53.33 14.52 41.08
CA PRO I 144 54.60 14.25 40.42
C PRO I 144 55.20 12.92 40.87
N ASP I 145 56.18 12.46 40.10
CA ASP I 145 56.85 11.20 40.47
C ASP I 145 57.93 11.45 41.51
N GLU I 146 57.57 12.19 42.56
CA GLU I 146 58.42 12.34 43.73
C GLU I 146 57.62 12.40 45.02
N ILE I 147 56.30 12.23 44.96
CA ILE I 147 55.41 12.35 46.12
C ILE I 147 54.90 10.99 46.56
N TYR I 148 54.27 10.25 45.65
CA TYR I 148 53.69 8.95 46.00
C TYR I 148 54.74 7.95 46.45
N LYS I 149 56.00 8.15 46.08
CA LYS I 149 57.07 7.25 46.49
C LYS I 149 57.74 7.72 47.78
N TYR I 150 57.89 9.02 47.96
CA TYR I 150 58.61 9.57 49.10
C TYR I 150 57.71 10.01 50.24
N CYS I 151 56.39 9.82 50.13
CA CYS I 151 55.46 10.23 51.18
C CYS I 151 54.47 9.13 51.51
N ARG I 152 54.89 7.87 51.42
CA ARG I 152 54.02 6.75 51.75
C ARG I 152 54.78 5.70 52.56
N GLN I 205 50.54 7.29 53.00
CA GLN I 205 49.47 7.95 53.72
C GLN I 205 48.86 9.05 52.87
N PHE I 206 49.56 9.40 51.77
CA PHE I 206 49.15 10.53 50.95
C PHE I 206 47.75 10.33 50.39
N HIS I 207 47.52 9.20 49.72
CA HIS I 207 46.24 9.00 49.02
C HIS I 207 45.09 8.87 50.02
N ASP I 208 45.26 8.05 51.05
CA ASP I 208 44.19 7.81 52.01
C ASP I 208 43.83 9.09 52.76
N GLN I 209 44.84 9.83 53.22
CA GLN I 209 44.58 11.10 53.90
C GLN I 209 43.91 12.10 52.96
N PHE I 210 44.41 12.19 51.73
CA PHE I 210 43.84 13.11 50.74
C PHE I 210 42.36 12.82 50.53
N LYS I 211 42.00 11.55 50.34
CA LYS I 211 40.60 11.21 50.11
C LYS I 211 39.77 11.35 51.37
N ALA I 212 40.36 11.17 52.55
CA ALA I 212 39.59 11.29 53.78
C ALA I 212 39.32 12.74 54.15
N ARG I 213 40.19 13.66 53.74
CA ARG I 213 40.01 15.06 54.08
C ARG I 213 39.15 15.82 53.07
N LEU I 214 38.72 15.16 52.00
CA LEU I 214 37.80 15.77 51.03
C LEU I 214 36.35 15.36 51.27
N LEU I 215 36.09 14.46 52.23
CA LEU I 215 34.76 13.90 52.40
C LEU I 215 33.76 14.88 52.97
N LYS I 216 34.21 16.01 53.50
CA LYS I 216 33.29 16.99 54.06
C LYS I 216 32.60 17.84 52.99
N HIS I 217 33.01 17.70 51.72
CA HIS I 217 32.45 18.50 50.65
C HIS I 217 31.88 17.70 49.48
N THR I 218 32.06 16.38 49.47
CA THR I 218 31.55 15.50 48.41
C THR I 218 32.08 15.92 47.04
N ILE I 219 33.40 15.85 46.90
CA ILE I 219 34.09 16.18 45.66
C ILE I 219 34.64 14.88 45.08
N PRO I 220 34.05 14.34 44.01
CA PRO I 220 34.67 13.18 43.35
C PRO I 220 36.06 13.51 42.86
N THR I 221 36.97 12.55 42.99
CA THR I 221 38.38 12.80 42.73
C THR I 221 38.99 11.58 42.05
N GLN I 222 40.11 11.82 41.37
CA GLN I 222 40.84 10.76 40.70
C GLN I 222 42.33 11.11 40.77
N ILE I 223 43.05 10.46 41.67
CA ILE I 223 44.48 10.64 41.78
C ILE I 223 45.16 9.95 40.60
N PHE I 224 46.21 10.57 40.09
CA PHE I 224 46.98 10.02 38.99
C PHE I 224 48.46 10.26 39.25
N ARG I 225 49.30 9.39 38.71
CA ARG I 225 50.73 9.55 38.77
C ARG I 225 51.25 9.97 37.41
N GLU I 226 52.38 10.69 37.42
CA GLU I 226 52.97 11.16 36.17
C GLU I 226 53.34 9.98 35.28
N SER I 227 53.92 8.93 35.87
CA SER I 227 54.30 7.75 35.09
C SER I 227 53.11 6.97 34.57
N THR I 228 51.94 7.10 35.22
CA THR I 228 50.78 6.30 34.81
C THR I 228 50.31 6.68 33.41
N LEU I 229 50.30 7.97 33.09
CA LEU I 229 49.76 8.44 31.82
C LEU I 229 50.82 8.61 30.75
N ALA I 230 52.08 8.73 31.13
CA ALA I 230 53.18 9.00 30.21
C ALA I 230 54.29 7.96 30.37
N TRP I 231 53.91 6.69 30.36
CA TRP I 231 54.88 5.62 30.52
C TRP I 231 55.91 5.57 29.40
N ARG I 232 55.62 6.21 28.27
CA ARG I 232 56.58 6.24 27.17
C ARG I 232 57.86 6.97 27.57
N ASP I 233 57.73 8.03 28.35
CA ASP I 233 58.87 8.86 28.74
C ASP I 233 59.44 8.44 30.08
N PHE I 234 58.58 8.24 31.08
CA PHE I 234 59.03 8.04 32.45
C PHE I 234 59.63 6.65 32.66
N LYS I 235 60.82 6.44 32.11
CA LYS I 235 61.58 5.21 32.33
C LYS I 235 62.51 5.42 33.52
N ASN I 236 63.45 4.48 33.71
CA ASN I 236 64.51 4.66 34.69
C ASN I 236 65.66 5.45 34.04
N ALA I 237 66.74 5.63 34.81
CA ALA I 237 67.91 6.31 34.26
C ALA I 237 68.58 5.48 33.17
N PHE I 238 68.43 4.15 33.23
CA PHE I 238 69.02 3.27 32.22
C PHE I 238 68.36 3.43 30.85
N GLY I 239 67.12 3.92 30.81
CA GLY I 239 66.36 3.95 29.57
C GLY I 239 65.41 2.79 29.39
N LEU I 240 65.18 1.99 30.42
CA LEU I 240 64.26 0.87 30.36
C LEU I 240 62.91 1.30 30.92
N PRO I 241 61.82 1.19 30.15
CA PRO I 241 60.51 1.59 30.68
C PRO I 241 60.04 0.66 31.79
N ILE I 242 60.04 1.16 33.03
CA ILE I 242 59.66 0.34 34.18
C ILE I 242 58.15 0.18 34.31
N ARG I 243 57.37 0.76 33.40
CA ARG I 243 55.92 0.66 33.40
C ARG I 243 55.43 0.34 31.98
N ASP I 244 56.02 -0.70 31.38
CA ASP I 244 55.71 -1.06 30.01
C ASP I 244 54.22 -1.34 29.84
N PHE I 245 53.61 -0.65 28.87
CA PHE I 245 52.17 -0.75 28.61
C PHE I 245 51.88 -0.96 27.12
N SER I 246 52.83 -1.50 26.36
CA SER I 246 52.72 -1.51 24.91
C SER I 246 51.52 -2.34 24.44
N LYS I 247 51.32 -3.52 25.03
CA LYS I 247 50.35 -4.47 24.52
C LYS I 247 49.00 -4.43 25.22
N ILE I 248 48.87 -3.63 26.28
CA ILE I 248 47.58 -3.50 26.96
C ILE I 248 47.23 -2.04 27.20
N GLU I 249 47.89 -1.14 26.45
CA GLU I 249 47.66 0.29 26.57
C GLU I 249 46.18 0.61 26.59
N GLY I 250 45.47 0.28 25.50
CA GLY I 250 44.05 0.54 25.44
C GLY I 250 43.29 -0.13 26.56
N HIS I 251 43.71 -1.34 26.92
CA HIS I 251 43.11 -2.02 28.07
C HIS I 251 43.20 -1.13 29.31
N LEU I 252 44.40 -0.60 29.58
CA LEU I 252 44.55 0.38 30.65
C LEU I 252 43.59 1.53 30.46
N ALA I 253 43.53 2.07 29.24
CA ALA I 253 42.57 3.12 28.92
C ALA I 253 41.17 2.68 29.33
N TRP I 254 40.77 1.47 28.92
CA TRP I 254 39.50 0.90 29.33
C TRP I 254 39.24 1.20 30.80
N THR I 255 40.14 0.71 31.66
CA THR I 255 40.01 0.90 33.09
C THR I 255 39.72 2.35 33.42
N ILE I 256 40.64 3.24 33.04
CA ILE I 256 40.52 4.64 33.41
C ILE I 256 39.18 5.18 32.94
N SER I 257 38.82 4.88 31.69
CA SER I 257 37.59 5.42 31.14
C SER I 257 36.42 5.08 32.04
N THR I 258 36.27 3.79 32.37
CA THR I 258 35.14 3.39 33.18
C THR I 258 35.17 4.10 34.52
N ALA I 259 36.35 4.18 35.14
CA ALA I 259 36.47 4.90 36.40
C ALA I 259 35.95 6.32 36.26
N ALA I 260 36.44 7.04 35.24
CA ALA I 260 35.96 8.39 35.02
C ALA I 260 34.46 8.37 34.80
N PHE I 261 33.99 7.48 33.92
CA PHE I 261 32.56 7.42 33.64
C PHE I 261 31.78 7.07 34.89
N TYR I 262 32.40 6.33 35.81
CA TYR I 262 31.71 6.02 37.06
C TYR I 262 31.68 7.22 37.98
N LYS I 263 32.78 7.99 38.04
CA LYS I 263 32.85 9.11 38.97
C LYS I 263 32.05 10.30 38.49
N ALA I 264 31.93 10.47 37.17
CA ALA I 264 31.13 11.56 36.62
C ALA I 264 29.63 11.34 36.81
N GLY I 265 29.22 10.17 37.26
CA GLY I 265 27.82 9.89 37.51
C GLY I 265 27.20 8.83 36.61
N GLY I 266 27.98 8.14 35.80
CA GLY I 266 27.42 7.13 34.91
C GLY I 266 27.44 5.73 35.50
N LYS I 267 26.49 4.92 35.05
CA LYS I 267 26.41 3.51 35.46
C LYS I 267 26.74 2.62 34.26
N PRO I 268 27.95 2.07 34.19
CA PRO I 268 28.33 1.32 32.99
C PRO I 268 27.52 0.06 32.77
N TRP I 269 27.39 -0.79 33.79
CA TRP I 269 26.64 -2.03 33.66
C TRP I 269 25.92 -2.31 34.98
N LYS I 270 25.19 -3.43 35.01
CA LYS I 270 24.55 -3.89 36.24
C LYS I 270 24.15 -5.36 36.06
N LEU I 271 23.88 -6.02 37.18
CA LEU I 271 23.62 -7.45 37.18
C LEU I 271 22.23 -7.75 36.63
N SER I 272 22.14 -8.81 35.83
CA SER I 272 20.87 -9.22 35.24
C SER I 272 19.98 -9.91 36.26
N ASP I 273 20.45 -11.02 36.83
CA ASP I 273 19.64 -11.86 37.71
C ASP I 273 20.11 -11.68 39.15
N VAL I 274 19.29 -11.01 39.95
CA VAL I 274 19.44 -10.96 41.39
C VAL I 274 18.07 -11.12 42.02
N ARG I 275 17.94 -12.04 42.97
CA ARG I 275 16.65 -12.32 43.56
C ARG I 275 16.17 -11.16 44.41
N ASN I 276 14.85 -10.94 44.40
CA ASN I 276 14.27 -9.86 45.17
C ASN I 276 14.30 -10.19 46.67
N GLY I 277 14.31 -9.13 47.48
CA GLY I 277 14.27 -9.31 48.92
C GLY I 277 15.54 -9.80 49.56
N VAL I 278 16.66 -9.76 48.84
CA VAL I 278 17.95 -10.23 49.36
C VAL I 278 18.86 -9.03 49.50
N CYS I 279 19.36 -8.80 50.70
CA CYS I 279 20.29 -7.71 50.99
C CYS I 279 21.64 -8.30 51.37
N TYR I 280 22.65 -8.03 50.54
CA TYR I 280 23.99 -8.56 50.74
C TYR I 280 24.82 -7.54 51.51
N LEU I 281 25.23 -7.91 52.71
CA LEU I 281 26.09 -7.09 53.53
C LEU I 281 27.52 -7.65 53.51
N GLY I 282 28.48 -6.76 53.62
CA GLY I 282 29.87 -7.18 53.73
C GLY I 282 30.60 -6.40 54.80
N LEU I 283 31.13 -7.09 55.80
CA LEU I 283 31.78 -6.48 56.94
C LEU I 283 33.28 -6.70 56.84
N VAL I 284 34.05 -5.65 57.16
CA VAL I 284 35.51 -5.75 57.18
C VAL I 284 36.01 -5.03 58.43
N TYR I 285 37.01 -5.61 59.08
CA TYR I 285 37.60 -5.05 60.28
C TYR I 285 38.99 -4.53 59.97
N LYS I 286 39.25 -3.29 60.37
CA LYS I 286 40.51 -2.60 60.08
C LYS I 286 41.17 -2.18 61.39
N LYS I 287 42.48 -1.97 61.31
CA LYS I 287 43.28 -1.53 62.45
C LYS I 287 43.77 -0.11 62.20
N VAL I 288 43.78 0.69 63.27
CA VAL I 288 44.23 2.08 63.20
C VAL I 288 45.52 2.23 63.99
N GLU I 289 46.37 3.16 63.56
CA GLU I 289 47.68 3.38 64.17
C GLU I 289 47.82 4.79 64.73
N LYS I 290 46.80 5.63 64.56
CA LYS I 290 46.88 7.04 64.95
C LYS I 290 46.47 7.29 66.39
N SER I 291 46.13 6.26 67.15
CA SER I 291 45.74 6.39 68.54
C SER I 291 46.86 5.89 69.44
N LYS I 292 46.61 5.93 70.76
CA LYS I 292 47.55 5.38 71.71
C LYS I 292 47.71 3.87 71.51
N ASN I 293 46.61 3.18 71.25
CA ASN I 293 46.66 1.76 70.96
C ASN I 293 47.13 1.54 69.53
N PRO I 294 48.20 0.77 69.31
CA PRO I 294 48.61 0.47 67.92
C PRO I 294 47.57 -0.31 67.14
N ARG I 295 46.64 -0.98 67.81
CA ARG I 295 45.57 -1.72 67.16
C ARG I 295 44.23 -1.35 67.80
N ASN I 296 43.21 -1.18 66.96
CA ASN I 296 41.88 -0.83 67.44
C ASN I 296 40.90 -1.23 66.35
N ALA I 297 40.04 -2.20 66.63
CA ALA I 297 39.18 -2.76 65.59
C ALA I 297 38.17 -1.74 65.11
N CYS I 298 37.98 -1.68 63.79
CA CYS I 298 37.01 -0.77 63.19
C CYS I 298 36.25 -1.50 62.10
N CYS I 299 34.95 -1.65 62.27
CA CYS I 299 34.12 -2.35 61.31
C CYS I 299 33.53 -1.37 60.30
N ALA I 300 33.72 -1.68 59.02
CA ALA I 300 33.13 -0.94 57.92
C ALA I 300 32.40 -1.90 57.01
N ALA I 301 31.26 -1.46 56.48
CA ALA I 301 30.35 -2.35 55.77
C ALA I 301 30.03 -1.81 54.38
N GLN I 302 29.71 -2.73 53.48
CA GLN I 302 29.24 -2.42 52.14
C GLN I 302 27.92 -3.14 51.91
N MET I 303 26.92 -2.40 51.43
CA MET I 303 25.57 -2.91 51.29
C MET I 303 25.20 -3.06 49.83
N PHE I 304 24.36 -4.06 49.55
CA PHE I 304 23.95 -4.35 48.18
C PHE I 304 22.52 -4.90 48.23
N LEU I 305 21.53 -4.04 48.06
CA LEU I 305 20.19 -4.52 47.78
C LEU I 305 20.03 -4.59 46.27
N ASP I 306 18.88 -5.00 45.78
CA ASP I 306 18.80 -5.01 44.33
C ASP I 306 18.47 -3.61 43.85
N ASN I 307 17.19 -3.21 43.92
CA ASN I 307 16.71 -1.83 43.92
C ASN I 307 15.20 -1.95 43.75
N GLY I 308 14.47 -0.85 43.79
CA GLY I 308 13.13 -0.87 43.22
C GLY I 308 13.12 -1.32 41.77
N ASP I 309 14.21 -1.04 41.05
CA ASP I 309 14.40 -1.47 39.65
C ASP I 309 15.62 -2.37 39.46
N GLY I 310 16.79 -1.98 39.98
CA GLY I 310 17.96 -2.83 39.89
C GLY I 310 19.29 -2.23 40.32
N THR I 311 20.08 -3.02 41.05
CA THR I 311 21.50 -2.78 41.33
C THR I 311 21.73 -1.44 42.05
N VAL I 312 21.26 -1.41 43.30
CA VAL I 312 21.64 -0.37 44.26
C VAL I 312 22.78 -0.92 45.11
N PHE I 313 23.89 -0.19 45.15
CA PHE I 313 25.12 -0.71 45.75
C PHE I 313 25.87 0.49 46.34
N LYS I 314 25.64 0.76 47.62
CA LYS I 314 26.14 1.97 48.25
C LYS I 314 27.18 1.70 49.33
N GLY I 315 26.82 0.93 50.36
CA GLY I 315 27.75 0.79 51.49
C GLY I 315 27.11 1.33 52.75
N GLU I 316 27.16 0.52 53.81
CA GLU I 316 26.70 0.93 55.13
C GLU I 316 27.93 1.40 55.90
N VAL I 317 28.19 2.69 55.83
CA VAL I 317 29.47 3.24 56.24
C VAL I 317 29.34 3.92 57.60
N GLY I 318 30.47 4.31 58.16
CA GLY I 318 30.55 4.82 59.51
C GLY I 318 31.09 3.73 60.42
N PRO I 319 32.39 3.77 60.69
CA PRO I 319 33.05 2.62 61.32
C PRO I 319 32.58 2.43 62.75
N TRP I 320 32.33 1.18 63.12
CA TRP I 320 31.97 0.82 64.48
C TRP I 320 33.21 0.31 65.20
N TYR I 321 33.50 0.89 66.36
CA TYR I 321 34.79 0.72 67.01
C TYR I 321 34.74 -0.34 68.09
N ASN I 322 35.73 -1.22 68.09
CA ASN I 322 35.93 -2.23 69.14
C ASN I 322 37.31 -2.02 69.74
N PRO I 323 37.41 -1.63 71.02
CA PRO I 323 38.72 -1.28 71.57
C PRO I 323 39.62 -2.47 71.91
N LYS I 324 39.07 -3.68 71.99
CA LYS I 324 39.89 -4.83 72.35
C LYS I 324 40.85 -5.17 71.21
N ASN I 325 42.12 -5.29 71.54
CA ASN I 325 43.14 -5.60 70.55
C ASN I 325 42.97 -7.03 70.04
N GLY I 326 43.14 -7.19 68.72
CA GLY I 326 43.06 -8.49 68.10
C GLY I 326 41.69 -9.13 68.08
N GLN I 327 40.66 -8.39 68.48
CA GLN I 327 39.30 -8.92 68.55
C GLN I 327 38.54 -8.40 67.34
N TYR I 328 38.60 -9.15 66.24
CA TYR I 328 37.87 -8.82 65.01
C TYR I 328 36.43 -9.31 65.11
N HIS I 329 35.73 -8.80 66.11
CA HIS I 329 34.34 -9.13 66.36
C HIS I 329 33.63 -7.88 66.87
N LEU I 330 32.30 -7.92 66.86
CA LEU I 330 31.48 -6.77 67.21
C LEU I 330 30.88 -6.96 68.60
N GLU I 331 30.95 -5.91 69.41
CA GLU I 331 30.23 -5.89 70.66
C GLU I 331 28.73 -5.82 70.39
N PRO I 332 27.90 -6.30 71.33
CA PRO I 332 26.46 -6.39 71.05
C PRO I 332 25.81 -5.07 70.66
N LYS I 333 26.20 -3.96 71.30
CA LYS I 333 25.61 -2.68 70.93
C LYS I 333 26.02 -2.27 69.52
N GLU I 334 27.29 -2.44 69.18
CA GLU I 334 27.74 -2.12 67.83
C GLU I 334 27.05 -2.99 66.79
N ALA I 335 26.90 -4.28 67.08
CA ALA I 335 26.22 -5.17 66.14
C ALA I 335 24.77 -4.78 65.95
N LYS I 336 24.08 -4.46 67.04
CA LYS I 336 22.68 -4.02 66.93
C LYS I 336 22.58 -2.74 66.10
N ALA I 337 23.46 -1.78 66.37
CA ALA I 337 23.44 -0.52 65.62
C ALA I 337 23.70 -0.76 64.13
N LEU I 338 24.69 -1.59 63.81
CA LEU I 338 25.02 -1.85 62.41
C LEU I 338 23.86 -2.52 61.69
N LEU I 339 23.32 -3.59 62.29
CA LEU I 339 22.24 -4.32 61.62
C LEU I 339 21.01 -3.45 61.47
N SER I 340 20.68 -2.66 62.50
CA SER I 340 19.53 -1.77 62.41
C SER I 340 19.73 -0.71 61.34
N GLN I 341 20.95 -0.15 61.24
CA GLN I 341 21.21 0.85 60.22
C GLN I 341 21.07 0.27 58.82
N SER I 342 21.63 -0.93 58.60
CA SER I 342 21.53 -1.54 57.28
C SER I 342 20.08 -1.87 56.92
N LEU I 343 19.33 -2.42 57.87
CA LEU I 343 17.94 -2.78 57.58
C LEU I 343 17.07 -1.54 57.40
N GLN I 344 17.36 -0.46 58.13
CA GLN I 344 16.64 0.79 57.95
C GLN I 344 16.97 1.42 56.59
N SER I 345 18.22 1.30 56.15
CA SER I 345 18.59 1.80 54.83
C SER I 345 17.88 1.01 53.74
N TYR I 346 17.73 -0.31 53.92
CA TYR I 346 16.93 -1.09 52.99
C TYR I 346 15.48 -0.65 53.02
N LYS I 347 14.93 -0.43 54.21
CA LYS I 347 13.51 -0.09 54.36
C LYS I 347 13.19 1.26 53.72
N GLU I 348 14.05 2.26 53.93
CA GLU I 348 13.74 3.61 53.48
C GLU I 348 13.80 3.77 51.97
N GLN I 349 14.30 2.77 51.24
CA GLN I 349 14.31 2.80 49.79
C GLN I 349 13.40 1.77 49.14
N ILE I 350 13.36 0.54 49.66
CA ILE I 350 12.55 -0.48 49.02
C ILE I 350 11.09 -0.37 49.45
N GLY I 351 10.84 -0.24 50.75
CA GLY I 351 9.49 -0.16 51.26
C GLY I 351 9.10 -1.35 52.10
N GLU I 352 9.63 -2.52 51.77
CA GLU I 352 9.37 -3.75 52.51
C GLU I 352 10.69 -4.32 53.01
N TYR I 353 10.62 -5.08 54.10
CA TYR I 353 11.82 -5.65 54.69
C TYR I 353 12.33 -6.82 53.84
N PRO I 354 13.64 -7.04 53.79
CA PRO I 354 14.18 -8.16 53.01
C PRO I 354 13.85 -9.50 53.66
N LYS I 355 13.74 -10.52 52.83
CA LYS I 355 13.48 -11.88 53.29
C LYS I 355 14.74 -12.69 53.51
N GLU I 356 15.91 -12.14 53.19
CA GLU I 356 17.16 -12.85 53.38
C GLU I 356 18.30 -11.84 53.41
N VAL I 357 19.21 -12.01 54.37
CA VAL I 357 20.36 -11.14 54.51
C VAL I 357 21.61 -12.01 54.48
N PHE I 358 22.44 -11.80 53.45
CA PHE I 358 23.65 -12.61 53.25
C PHE I 358 24.85 -11.79 53.70
N ILE I 359 25.20 -11.91 54.98
CA ILE I 359 26.33 -11.16 55.53
C ILE I 359 27.62 -11.86 55.17
N HIS I 360 28.22 -11.46 54.05
CA HIS I 360 29.50 -12.03 53.60
C HIS I 360 30.63 -11.36 54.36
N ALA I 361 31.19 -12.05 55.34
CA ALA I 361 32.31 -11.53 56.12
C ALA I 361 33.54 -12.39 55.87
N LYS I 362 34.70 -11.83 56.20
CA LYS I 362 35.96 -12.55 56.06
C LYS I 362 36.38 -13.28 57.33
N THR I 363 35.58 -13.21 58.38
CA THR I 363 35.88 -13.85 59.66
C THR I 363 34.74 -14.80 60.03
N ARG I 364 34.89 -15.42 61.20
CA ARG I 364 33.88 -16.33 61.73
C ARG I 364 33.07 -15.63 62.82
N PHE I 365 31.75 -15.78 62.75
CA PHE I 365 30.86 -15.15 63.71
C PHE I 365 30.93 -15.86 65.05
N ASN I 366 31.02 -15.07 66.12
CA ASN I 366 30.86 -15.60 67.46
C ASN I 366 29.43 -15.37 67.93
N HIS I 367 29.04 -16.08 68.99
CA HIS I 367 27.63 -16.16 69.34
C HIS I 367 27.06 -14.83 69.82
N GLN I 368 27.85 -14.02 70.52
CA GLN I 368 27.32 -12.78 71.08
C GLN I 368 26.88 -11.83 69.98
N GLU I 369 27.70 -11.69 68.93
CA GLU I 369 27.34 -10.75 67.87
C GLU I 369 26.18 -11.28 67.02
N TRP I 370 26.05 -12.59 66.88
CA TRP I 370 24.94 -13.13 66.11
C TRP I 370 23.62 -13.05 66.89
N ASP I 371 23.65 -13.25 68.20
CA ASP I 371 22.43 -13.00 68.97
C ASP I 371 22.11 -11.51 69.00
N ALA I 372 23.13 -10.64 68.98
CA ALA I 372 22.88 -9.22 68.84
C ALA I 372 22.21 -8.90 67.52
N PHE I 373 22.65 -9.56 66.44
CA PHE I 373 21.97 -9.42 65.15
C PHE I 373 20.51 -9.87 65.24
N LEU I 374 20.27 -11.01 65.88
CA LEU I 374 18.92 -11.53 65.99
C LEU I 374 18.03 -10.68 66.90
N GLU I 375 18.61 -9.89 67.79
CA GLU I 375 17.81 -9.02 68.64
C GLU I 375 17.06 -7.98 67.82
N VAL I 376 17.68 -7.43 66.78
CA VAL I 376 17.12 -6.29 66.06
C VAL I 376 16.35 -6.73 64.82
N THR I 377 16.76 -7.83 64.20
CA THR I 377 16.15 -8.23 62.94
C THR I 377 14.70 -8.66 63.14
N PRO I 378 13.85 -8.41 62.15
CA PRO I 378 12.47 -8.90 62.23
C PRO I 378 12.41 -10.41 62.17
N LYS I 379 11.30 -10.95 62.69
CA LYS I 379 11.17 -12.40 62.82
C LYS I 379 11.18 -13.09 61.46
N GLU I 380 10.48 -12.53 60.48
CA GLU I 380 10.35 -13.18 59.18
C GLU I 380 11.60 -13.08 58.31
N THR I 381 12.58 -12.28 58.71
CA THR I 381 13.79 -12.12 57.92
C THR I 381 14.78 -13.23 58.28
N ASN I 382 15.24 -13.96 57.26
CA ASN I 382 16.16 -15.08 57.45
C ASN I 382 17.59 -14.54 57.39
N LEU I 383 18.19 -14.34 58.55
CA LEU I 383 19.57 -13.87 58.65
C LEU I 383 20.50 -15.05 58.44
N VAL I 384 21.36 -14.95 57.42
CA VAL I 384 22.30 -16.02 57.08
C VAL I 384 23.69 -15.42 57.01
N GLY I 385 24.58 -15.88 57.89
CA GLY I 385 25.92 -15.36 57.96
C GLY I 385 26.89 -16.30 57.29
N VAL I 386 27.48 -15.83 56.19
CA VAL I 386 28.45 -16.60 55.40
C VAL I 386 29.83 -16.08 55.72
N THR I 387 30.83 -16.94 55.56
CA THR I 387 32.23 -16.60 55.74
C THR I 387 33.02 -17.00 54.51
N ILE I 388 33.88 -16.08 54.06
CA ILE I 388 34.67 -16.28 52.85
C ILE I 388 36.14 -16.13 53.22
N SER I 389 36.97 -17.09 52.80
CA SER I 389 38.36 -17.13 53.22
C SER I 389 39.26 -17.45 52.04
N LYS I 390 40.47 -16.93 52.10
CA LYS I 390 41.53 -17.20 51.14
C LYS I 390 42.73 -17.85 51.83
N THR I 391 42.45 -18.71 52.80
CA THR I 391 43.48 -19.26 53.68
C THR I 391 43.88 -20.69 53.35
N LYS I 392 42.91 -21.57 53.08
CA LYS I 392 43.22 -22.99 52.89
C LYS I 392 44.06 -23.18 51.62
N PRO I 393 45.18 -23.87 51.70
CA PRO I 393 46.05 -24.10 50.52
C PRO I 393 45.68 -25.34 49.72
N LEU I 394 44.59 -25.22 48.95
CA LEU I 394 44.19 -26.25 48.00
C LEU I 394 44.58 -25.80 46.60
N LYS I 395 45.07 -26.75 45.80
CA LYS I 395 45.50 -26.44 44.44
C LYS I 395 45.12 -27.62 43.54
N LEU I 396 44.48 -27.33 42.42
CA LEU I 396 44.08 -28.34 41.46
C LEU I 396 45.01 -28.29 40.25
N TYR I 397 45.50 -29.45 39.83
CA TYR I 397 46.47 -29.54 38.75
C TYR I 397 45.84 -30.23 37.55
N LYS I 398 46.17 -29.75 36.36
CA LYS I 398 45.53 -30.19 35.13
C LYS I 398 46.32 -31.34 34.51
N THR I 399 45.65 -32.47 34.31
CA THR I 399 46.29 -33.65 33.71
C THR I 399 46.33 -33.60 32.19
N GLU I 400 45.57 -32.71 31.56
CA GLU I 400 45.34 -32.77 30.12
C GLU I 400 46.14 -31.74 29.35
N GLY I 401 47.11 -31.07 29.97
CA GLY I 401 47.89 -30.09 29.24
C GLY I 401 48.46 -28.98 30.10
N ASP I 402 48.20 -27.73 29.71
CA ASP I 402 48.83 -26.57 30.32
C ASP I 402 47.84 -25.62 30.99
N TYR I 403 46.65 -25.43 30.42
CA TYR I 403 45.68 -24.51 31.02
C TYR I 403 45.23 -25.03 32.39
N THR I 404 44.96 -24.09 33.29
CA THR I 404 44.72 -24.41 34.69
C THR I 404 43.24 -24.76 34.92
N ILE I 405 42.89 -24.92 36.20
CA ILE I 405 41.53 -25.29 36.59
C ILE I 405 40.54 -24.24 36.09
N LEU I 406 39.43 -24.70 35.54
CA LEU I 406 38.41 -23.82 35.01
C LEU I 406 37.76 -23.00 36.12
N ARG I 407 37.34 -21.78 35.78
CA ARG I 407 36.68 -20.90 36.73
C ARG I 407 35.21 -21.27 36.84
N GLY I 408 34.67 -21.14 38.05
CA GLY I 408 33.29 -21.47 38.33
C GLY I 408 33.08 -22.86 38.88
N ASN I 409 34.08 -23.73 38.78
CA ASN I 409 33.97 -25.06 39.35
C ASN I 409 33.97 -24.99 40.86
N ALA I 410 33.10 -25.77 41.49
CA ALA I 410 32.98 -25.79 42.94
C ALA I 410 33.10 -27.22 43.45
N TYR I 411 33.82 -27.40 44.55
CA TYR I 411 33.97 -28.68 45.22
C TYR I 411 33.23 -28.58 46.55
N VAL I 412 31.99 -29.06 46.57
CA VAL I 412 31.16 -28.97 47.76
C VAL I 412 31.70 -29.94 48.80
N VAL I 413 32.38 -29.41 49.82
CA VAL I 413 32.93 -30.25 50.87
C VAL I 413 31.81 -30.93 51.65
N ASN I 414 30.82 -30.16 52.08
CA ASN I 414 29.66 -30.70 52.79
C ASN I 414 28.53 -29.69 52.66
N GLU I 415 27.50 -29.85 53.48
CA GLU I 415 26.33 -28.98 53.40
C GLU I 415 26.70 -27.53 53.67
N ARG I 416 27.56 -27.28 54.64
CA ARG I 416 27.89 -25.92 55.07
C ARG I 416 29.32 -25.52 54.73
N SER I 417 29.89 -26.08 53.66
CA SER I 417 31.26 -25.76 53.30
C SER I 417 31.55 -26.20 51.88
N ALA I 418 32.23 -25.34 51.13
CA ALA I 418 32.54 -25.61 49.73
C ALA I 418 33.79 -24.83 49.33
N PHE I 419 34.39 -25.27 48.21
CA PHE I 419 35.56 -24.63 47.61
C PHE I 419 35.15 -24.12 46.24
N LEU I 420 34.92 -22.82 46.11
CA LEU I 420 34.45 -22.22 44.88
C LEU I 420 35.60 -21.51 44.18
N TRP I 421 35.73 -21.74 42.87
CA TRP I 421 36.77 -21.11 42.06
C TRP I 421 36.18 -19.91 41.33
N THR I 422 36.13 -18.78 42.04
CA THR I 422 35.80 -17.52 41.37
C THR I 422 36.94 -17.04 40.48
N VAL I 423 38.11 -17.66 40.59
CA VAL I 423 39.26 -17.39 39.75
C VAL I 423 39.64 -18.67 39.04
N GLY I 424 39.94 -18.57 37.75
CA GLY I 424 40.35 -19.74 36.99
C GLY I 424 40.35 -19.44 35.51
N TYR I 425 40.44 -20.51 34.72
CA TYR I 425 40.42 -20.36 33.28
C TYR I 425 39.05 -19.87 32.81
N VAL I 426 39.07 -18.95 31.85
CA VAL I 426 37.85 -18.47 31.21
C VAL I 426 38.00 -18.67 29.71
N PRO I 427 37.10 -19.44 29.08
CA PRO I 427 37.22 -19.67 27.63
C PRO I 427 37.14 -18.41 26.80
N LYS I 428 36.36 -17.42 27.26
CA LYS I 428 36.16 -16.21 26.46
C LYS I 428 37.46 -15.44 26.26
N ILE I 429 38.28 -15.33 27.31
CA ILE I 429 39.56 -14.64 27.21
C ILE I 429 40.71 -15.60 26.93
N GLN I 430 40.44 -16.90 26.83
CA GLN I 430 41.43 -17.92 26.49
C GLN I 430 42.60 -17.93 27.47
N THR I 431 42.40 -17.42 28.68
CA THR I 431 43.44 -17.42 29.70
C THR I 431 42.77 -17.38 31.06
N ALA I 432 43.56 -17.65 32.10
CA ALA I 432 43.07 -17.60 33.46
C ALA I 432 43.40 -16.26 34.11
N LEU I 433 42.70 -15.95 35.18
CA LEU I 433 42.90 -14.70 35.91
C LEU I 433 44.05 -14.76 36.89
N SER I 434 44.96 -15.74 36.74
CA SER I 434 46.13 -15.85 37.58
C SER I 434 47.25 -16.52 36.79
N MET I 435 48.48 -16.30 37.23
CA MET I 435 49.65 -16.86 36.57
C MET I 435 50.03 -18.24 37.13
N GLU I 436 50.28 -18.31 38.43
CA GLU I 436 50.54 -19.58 39.10
C GLU I 436 49.21 -20.30 39.30
N VAL I 437 49.24 -21.39 40.08
CA VAL I 437 48.02 -22.15 40.36
C VAL I 437 47.09 -21.27 41.18
N PRO I 438 45.86 -21.03 40.73
CA PRO I 438 44.96 -20.17 41.50
C PRO I 438 44.52 -20.85 42.78
N ASN I 439 44.28 -20.03 43.81
CA ASN I 439 43.84 -20.52 45.11
C ASN I 439 42.33 -20.43 45.20
N PRO I 440 41.63 -21.53 45.42
CA PRO I 440 40.17 -21.48 45.54
C PRO I 440 39.74 -20.64 46.73
N LEU I 441 38.45 -20.35 46.77
CA LEU I 441 37.84 -19.55 47.82
C LEU I 441 37.01 -20.47 48.70
N PHE I 442 37.26 -20.43 50.00
CA PHE I 442 36.72 -21.40 50.95
C PHE I 442 35.47 -20.82 51.60
N ILE I 443 34.31 -21.11 51.01
CA ILE I 443 33.05 -20.49 51.43
C ILE I 443 32.32 -21.47 52.34
N GLU I 444 32.03 -21.03 53.56
CA GLU I 444 31.29 -21.86 54.51
C GLU I 444 30.23 -21.04 55.21
N ILE I 445 29.02 -21.59 55.29
CA ILE I 445 27.89 -20.92 55.93
C ILE I 445 28.11 -21.02 57.44
N ASN I 446 28.58 -19.92 58.05
CA ASN I 446 28.92 -19.98 59.46
C ASN I 446 27.68 -20.02 60.35
N LYS I 447 26.66 -19.23 60.02
CA LYS I 447 25.46 -19.18 60.85
C LYS I 447 24.22 -19.11 59.98
N GLY I 448 23.11 -19.58 60.54
CA GLY I 448 21.86 -19.58 59.81
C GLY I 448 21.75 -20.75 58.85
N GLU I 449 20.62 -20.82 58.17
CA GLU I 449 20.32 -21.92 57.25
C GLU I 449 20.08 -21.36 55.86
N ALA I 450 20.81 -21.90 54.88
CA ALA I 450 20.68 -21.53 53.48
C ALA I 450 21.42 -22.55 52.65
N ASP I 451 20.89 -22.83 51.46
CA ASP I 451 21.52 -23.80 50.57
C ASP I 451 22.88 -23.30 50.10
N ILE I 452 23.85 -24.21 50.01
CA ILE I 452 25.19 -23.82 49.59
C ILE I 452 25.22 -23.44 48.12
N LYS I 453 24.31 -24.00 47.30
CA LYS I 453 24.29 -23.68 45.88
C LYS I 453 23.98 -22.20 45.67
N GLN I 454 22.99 -21.67 46.38
CA GLN I 454 22.65 -20.26 46.26
C GLN I 454 23.80 -19.38 46.72
N VAL I 455 24.47 -19.77 47.80
CA VAL I 455 25.60 -18.98 48.31
C VAL I 455 26.72 -18.92 47.28
N LEU I 456 27.05 -20.07 46.68
CA LEU I 456 28.10 -20.09 45.67
C LEU I 456 27.71 -19.26 44.46
N LYS I 457 26.45 -19.37 44.02
CA LYS I 457 26.00 -18.60 42.87
C LYS I 457 26.08 -17.11 43.14
N ASP I 458 25.66 -16.67 44.34
CA ASP I 458 25.69 -15.25 44.66
C ASP I 458 27.11 -14.72 44.79
N ILE I 459 28.02 -15.53 45.37
CA ILE I 459 29.41 -15.10 45.45
C ILE I 459 30.02 -14.99 44.06
N LEU I 460 29.63 -15.89 43.15
CA LEU I 460 30.07 -15.77 41.77
C LEU I 460 29.51 -14.53 41.10
N SER I 461 28.23 -14.22 41.36
CA SER I 461 27.58 -13.09 40.71
C SER I 461 28.15 -11.77 41.17
N LEU I 462 28.41 -11.63 42.47
CA LEU I 462 28.92 -10.38 43.02
C LEU I 462 30.40 -10.17 42.71
N THR I 463 30.98 -10.99 41.85
CA THR I 463 32.38 -10.88 41.46
C THR I 463 32.57 -10.05 40.20
N LYS I 464 31.51 -9.40 39.72
CA LYS I 464 31.53 -8.67 38.46
C LYS I 464 31.50 -7.17 38.61
N LEU I 465 30.87 -6.64 39.66
CA LEU I 465 30.61 -5.20 39.75
C LEU I 465 31.80 -4.44 40.32
N ASN I 466 32.99 -4.66 39.76
CA ASN I 466 34.17 -3.90 40.15
C ASN I 466 34.21 -2.64 39.29
N TYR I 467 33.50 -1.60 39.75
CA TYR I 467 33.47 -0.35 39.00
C TYR I 467 34.81 0.38 39.04
N ASN I 468 35.65 0.06 40.02
CA ASN I 468 37.01 0.60 40.05
C ASN I 468 37.88 0.06 38.92
N ALA I 469 37.46 -1.04 38.29
CA ALA I 469 38.28 -1.72 37.30
C ALA I 469 37.44 -2.07 36.08
N CYS I 470 38.11 -2.52 35.02
CA CYS I 470 37.47 -3.13 33.85
C CYS I 470 38.21 -4.43 33.56
N ILE I 471 37.81 -5.49 34.26
CA ILE I 471 38.34 -6.83 34.06
C ILE I 471 37.14 -7.76 33.92
N PHE I 472 37.40 -8.98 33.46
CA PHE I 472 36.34 -9.96 33.30
C PHE I 472 35.63 -10.22 34.61
N ALA I 473 36.40 -10.49 35.67
CA ALA I 473 35.83 -10.74 36.99
C ALA I 473 36.89 -10.52 38.05
N ASP I 474 36.43 -10.35 39.28
CA ASP I 474 37.29 -10.17 40.44
C ASP I 474 37.76 -11.54 40.94
N GLY I 475 38.59 -11.55 41.97
CA GLY I 475 38.95 -12.75 42.68
C GLY I 475 38.25 -12.90 44.02
N GLU I 476 37.22 -12.10 44.27
CA GLU I 476 36.46 -12.13 45.50
C GLU I 476 35.20 -11.30 45.28
N PRO I 477 34.16 -11.48 46.10
CA PRO I 477 32.97 -10.64 45.95
C PRO I 477 33.33 -9.17 46.13
N VAL I 478 32.67 -8.32 45.33
CA VAL I 478 33.00 -6.90 45.33
C VAL I 478 32.60 -6.23 46.64
N THR I 479 31.65 -6.80 47.38
CA THR I 479 31.23 -6.22 48.65
C THR I 479 32.41 -6.13 49.62
N LEU I 480 33.17 -7.21 49.76
CA LEU I 480 34.31 -7.21 50.66
C LEU I 480 35.38 -6.23 50.20
N ARG I 481 35.66 -6.21 48.90
CA ARG I 481 36.71 -5.34 48.37
C ARG I 481 36.38 -3.87 48.60
N PHE I 482 35.13 -3.49 48.31
CA PHE I 482 34.75 -2.08 48.48
C PHE I 482 34.60 -1.70 49.95
N ALA I 483 34.15 -2.64 50.80
CA ALA I 483 34.16 -2.36 52.23
C ALA I 483 35.58 -2.12 52.73
N ASP I 484 36.53 -2.92 52.25
CA ASP I 484 37.92 -2.71 52.61
C ASP I 484 38.42 -1.35 52.16
N LYS I 485 38.07 -0.95 50.93
CA LYS I 485 38.49 0.35 50.41
C LYS I 485 37.95 1.49 51.27
N ILE I 486 36.64 1.49 51.51
CA ILE I 486 36.03 2.60 52.25
C ILE I 486 36.50 2.62 53.69
N GLY I 487 36.71 1.44 54.29
CA GLY I 487 37.24 1.41 55.64
C GLY I 487 38.66 1.93 55.74
N GLU I 488 39.50 1.55 54.77
CA GLU I 488 40.87 2.07 54.74
C GLU I 488 40.87 3.58 54.61
N ILE I 489 39.99 4.13 53.76
CA ILE I 489 39.92 5.58 53.63
C ILE I 489 39.46 6.21 54.94
N LEU I 490 38.44 5.63 55.59
CA LEU I 490 37.90 6.22 56.80
C LEU I 490 38.82 6.07 58.01
N THR I 491 39.80 5.16 57.95
CA THR I 491 40.72 4.98 59.06
C THR I 491 41.98 5.84 58.94
N ALA I 492 42.08 6.69 57.93
CA ALA I 492 43.26 7.53 57.72
C ALA I 492 43.08 8.96 58.22
N SER I 493 41.93 9.29 58.78
CA SER I 493 41.71 10.60 59.37
C SER I 493 40.69 10.44 60.49
N THR I 494 41.12 10.68 61.72
CA THR I 494 40.29 10.36 62.89
C THR I 494 39.40 11.51 63.31
N ASP I 495 38.68 12.11 62.35
CA ASP I 495 37.60 13.04 62.67
C ASP I 495 36.68 13.08 61.44
N ILE I 496 35.60 12.32 61.49
CA ILE I 496 34.63 12.25 60.39
C ILE I 496 33.27 11.92 60.97
N LYS I 497 32.28 12.74 60.63
CA LYS I 497 30.89 12.51 61.02
C LYS I 497 30.04 12.40 59.77
N THR I 498 29.22 11.35 59.70
CA THR I 498 28.33 11.08 58.57
C THR I 498 29.12 11.07 57.26
N PRO I 499 29.90 10.03 56.99
CA PRO I 499 30.63 9.95 55.72
C PRO I 499 29.67 9.91 54.55
N PRO I 500 30.11 10.35 53.37
CA PRO I 500 29.17 10.51 52.24
C PRO I 500 28.43 9.24 51.85
N LEU I 501 29.06 8.07 51.99
CA LEU I 501 28.44 6.75 51.87
C LEU I 501 28.19 6.34 50.43
N ALA I 502 28.66 7.10 49.44
CA ALA I 502 28.59 6.72 48.04
C ALA I 502 30.00 6.46 47.52
N PHE I 503 30.12 5.47 46.63
CA PHE I 503 31.43 4.94 46.28
C PHE I 503 32.27 5.88 45.42
N LYS I 504 31.65 6.84 44.73
CA LYS I 504 32.43 7.70 43.84
C LYS I 504 33.43 8.55 44.59
N TYR I 505 33.13 8.91 45.84
CA TYR I 505 34.03 9.70 46.65
C TYR I 505 35.18 8.91 47.24
N TYR I 506 35.15 7.58 47.11
CA TYR I 506 36.22 6.75 47.64
C TYR I 506 37.07 6.17 46.51
N MET J 1 26.56 -2.44 -10.12
CA MET J 1 26.28 -3.73 -9.50
C MET J 1 25.58 -3.56 -8.16
N ARG J 2 24.84 -4.60 -7.75
CA ARG J 2 24.10 -4.57 -6.50
C ARG J 2 25.03 -4.86 -5.35
N ASN J 3 25.25 -3.86 -4.48
CA ASN J 3 26.07 -4.07 -3.29
C ASN J 3 25.51 -3.38 -2.05
N LYS J 4 24.24 -3.02 -2.05
CA LYS J 4 23.63 -2.30 -0.94
C LYS J 4 22.59 -3.17 -0.25
N ILE J 5 22.63 -3.19 1.08
CA ILE J 5 21.70 -3.94 1.90
C ILE J 5 20.62 -2.97 2.38
N PHE J 6 19.39 -3.17 1.91
CA PHE J 6 18.29 -2.32 2.33
C PHE J 6 17.75 -2.78 3.67
N ILE J 7 17.45 -1.82 4.54
CA ILE J 7 16.74 -2.09 5.79
C ILE J 7 15.42 -1.35 5.74
N SER J 8 14.32 -2.07 5.92
CA SER J 8 12.99 -1.49 5.96
C SER J 8 12.42 -1.69 7.35
N HIS J 9 11.97 -0.59 7.97
CA HIS J 9 11.50 -0.63 9.34
C HIS J 9 10.32 0.34 9.49
N ALA J 10 9.79 0.39 10.69
CA ALA J 10 8.78 1.37 11.06
C ALA J 10 9.48 2.58 11.67
N THR J 11 8.96 3.77 11.38
CA THR J 11 9.59 5.00 11.83
C THR J 11 8.64 5.77 12.75
N PRO J 12 9.12 6.27 13.89
CA PRO J 12 10.47 6.15 14.44
C PRO J 12 10.59 5.08 15.51
N ASP J 13 9.62 4.15 15.58
CA ASP J 13 9.56 3.21 16.70
C ASP J 13 10.77 2.28 16.73
N ASP J 14 11.17 1.74 15.57
CA ASP J 14 12.27 0.80 15.49
C ASP J 14 13.57 1.47 15.04
N ASN J 15 13.78 2.73 15.41
CA ASN J 15 14.94 3.47 14.94
C ASN J 15 16.20 3.14 15.73
N ASP J 16 16.07 2.78 17.01
CA ASP J 16 17.24 2.46 17.81
C ASP J 16 17.91 1.17 17.32
N PHE J 17 17.13 0.11 17.14
CA PHE J 17 17.69 -1.13 16.63
C PHE J 17 18.16 -0.97 15.19
N THR J 18 17.43 -0.20 14.39
CA THR J 18 17.86 0.03 13.01
C THR J 18 19.20 0.75 12.96
N ARG J 19 19.38 1.76 13.82
CA ARG J 19 20.65 2.47 13.86
C ARG J 19 21.78 1.56 14.34
N TRP J 20 21.51 0.76 15.37
CA TRP J 20 22.53 -0.18 15.86
C TRP J 20 22.95 -1.15 14.77
N LEU J 21 21.97 -1.75 14.09
CA LEU J 21 22.27 -2.72 13.04
C LEU J 21 22.99 -2.07 11.86
N ALA J 22 22.56 -0.87 11.46
CA ALA J 22 23.20 -0.19 10.35
C ALA J 22 24.65 0.14 10.68
N LEU J 23 24.90 0.66 11.89
CA LEU J 23 26.28 0.98 12.26
C LEU J 23 27.13 -0.28 12.37
N LYS J 24 26.56 -1.37 12.88
CA LYS J 24 27.32 -2.62 12.95
C LYS J 24 27.69 -3.12 11.56
N LEU J 25 26.73 -3.10 10.64
CA LEU J 25 27.00 -3.59 9.29
C LEU J 25 27.99 -2.68 8.55
N ILE J 26 27.87 -1.37 8.75
CA ILE J 26 28.82 -0.45 8.13
C ILE J 26 30.23 -0.68 8.67
N GLY J 27 30.34 -0.88 9.99
CA GLY J 27 31.64 -1.10 10.59
C GLY J 27 32.33 -2.37 10.17
N LEU J 28 31.59 -3.32 9.58
CA LEU J 28 32.17 -4.56 9.10
C LEU J 28 32.54 -4.51 7.62
N GLY J 29 32.04 -3.52 6.87
CA GLY J 29 32.36 -3.38 5.47
C GLY J 29 31.21 -3.57 4.51
N TYR J 30 29.99 -3.76 5.01
CA TYR J 30 28.82 -3.97 4.18
C TYR J 30 28.09 -2.64 4.00
N GLU J 31 27.86 -2.25 2.75
CA GLU J 31 27.15 -1.00 2.48
C GLU J 31 25.66 -1.17 2.74
N VAL J 32 25.10 -0.26 3.52
CA VAL J 32 23.72 -0.36 3.99
C VAL J 32 22.94 0.83 3.45
N TRP J 33 21.61 0.73 3.53
CA TRP J 33 20.73 1.83 3.15
C TRP J 33 19.47 1.75 4.00
N CYS J 34 19.22 2.82 4.75
CA CYS J 34 17.97 3.00 5.47
C CYS J 34 17.68 4.50 5.50
N ASP J 35 16.42 4.84 5.77
CA ASP J 35 16.01 6.24 5.74
C ASP J 35 16.69 7.07 6.82
N ILE J 36 17.29 6.42 7.82
CA ILE J 36 17.92 7.15 8.92
C ILE J 36 19.10 7.97 8.42
N LEU J 37 19.95 7.38 7.59
CA LEU J 37 21.24 7.95 7.27
C LEU J 37 21.40 8.35 5.81
N PHE J 38 20.92 7.54 4.87
CA PHE J 38 21.24 7.72 3.46
C PHE J 38 20.12 8.36 2.66
N LEU J 39 19.07 8.86 3.32
CA LEU J 39 18.03 9.61 2.64
C LEU J 39 18.36 11.10 2.67
N ASP J 40 18.17 11.76 1.54
CA ASP J 40 18.48 13.17 1.42
C ASP J 40 17.25 14.02 1.75
N LYS J 41 17.48 15.32 1.90
CA LYS J 41 16.43 16.27 2.29
C LYS J 41 15.86 16.90 1.02
N GLY J 42 14.82 16.26 0.49
CA GLY J 42 14.16 16.64 -0.74
C GLY J 42 14.65 15.75 -1.85
N VAL J 43 13.94 14.66 -2.11
CA VAL J 43 14.38 13.68 -3.09
C VAL J 43 13.24 13.18 -3.95
N ASP J 44 12.00 13.52 -3.59
CA ASP J 44 10.82 12.75 -3.99
C ASP J 44 11.00 11.30 -3.51
N PHE J 45 10.98 11.20 -2.18
CA PHE J 45 11.58 10.06 -1.48
C PHE J 45 10.99 8.72 -1.90
N TRP J 46 9.70 8.67 -2.22
CA TRP J 46 9.11 7.40 -2.64
C TRP J 46 9.80 6.87 -3.89
N SER J 47 10.03 7.74 -4.87
CA SER J 47 10.73 7.34 -6.09
C SER J 47 12.16 6.93 -5.77
N ASN J 48 12.82 7.64 -4.85
CA ASN J 48 14.20 7.31 -4.50
C ASN J 48 14.31 5.94 -3.86
N ILE J 49 13.43 5.63 -2.90
CA ILE J 49 13.49 4.32 -2.25
C ILE J 49 13.10 3.23 -3.22
N GLU J 50 12.14 3.50 -4.10
CA GLU J 50 11.77 2.50 -5.11
C GLU J 50 12.95 2.22 -6.04
N LYS J 51 13.66 3.27 -6.46
CA LYS J 51 14.84 3.07 -7.31
C LYS J 51 15.91 2.29 -6.58
N VAL J 52 16.11 2.58 -5.28
CA VAL J 52 17.13 1.87 -4.51
C VAL J 52 16.78 0.39 -4.42
N ILE J 53 15.51 0.08 -4.15
CA ILE J 53 15.09 -1.32 -4.06
C ILE J 53 15.25 -2.01 -5.41
N ARG J 54 14.82 -1.36 -6.49
CA ARG J 54 14.77 -2.01 -7.79
C ARG J 54 16.11 -2.03 -8.51
N GLU J 55 17.10 -1.27 -8.06
CA GLU J 55 18.34 -1.13 -8.84
C GLU J 55 19.57 -1.62 -8.10
N ASP J 56 19.71 -1.34 -6.81
CA ASP J 56 20.93 -1.63 -6.09
C ASP J 56 20.78 -2.58 -4.91
N THR J 57 19.57 -2.84 -4.44
CA THR J 57 19.38 -3.67 -3.26
C THR J 57 19.73 -5.13 -3.57
N CYS J 58 20.64 -5.68 -2.78
CA CYS J 58 20.99 -7.10 -2.85
C CYS J 58 20.40 -7.91 -1.71
N LYS J 59 20.14 -7.28 -0.57
CA LYS J 59 19.46 -7.90 0.56
C LYS J 59 18.39 -6.94 1.07
N PHE J 60 17.31 -7.51 1.60
CA PHE J 60 16.19 -6.74 2.14
C PHE J 60 15.96 -7.22 3.57
N LEU J 61 16.62 -6.56 4.51
CA LEU J 61 16.57 -6.97 5.93
C LEU J 61 15.39 -6.29 6.59
N LEU J 62 14.21 -6.88 6.42
CA LEU J 62 13.01 -6.34 7.04
C LEU J 62 13.08 -6.52 8.55
N VAL J 63 12.51 -5.56 9.28
CA VAL J 63 12.44 -5.61 10.73
C VAL J 63 10.99 -5.86 11.11
N SER J 64 10.68 -7.06 11.58
CA SER J 64 9.32 -7.45 11.92
C SER J 64 9.06 -7.14 13.39
N SER J 65 7.96 -6.45 13.66
CA SER J 65 7.58 -6.12 15.02
C SER J 65 6.08 -5.90 15.06
N SER J 66 5.56 -5.68 16.26
CA SER J 66 4.15 -5.33 16.40
C SER J 66 3.83 -3.96 15.80
N TYR J 67 4.85 -3.17 15.48
CA TYR J 67 4.70 -1.86 14.89
C TYR J 67 4.79 -1.91 13.37
N SER J 68 5.83 -2.56 12.85
CA SER J 68 6.04 -2.65 11.40
C SER J 68 5.28 -3.81 10.76
N ASN J 69 4.30 -4.38 11.45
CA ASN J 69 3.50 -5.44 10.85
C ASN J 69 2.53 -4.88 9.82
N GLN J 70 1.88 -3.76 10.14
CA GLN J 70 0.87 -3.16 9.28
C GLN J 70 1.25 -1.75 8.83
N ARG J 71 2.54 -1.41 8.88
CA ARG J 71 2.97 -0.10 8.44
C ARG J 71 2.98 -0.05 6.92
N GLU J 72 2.33 0.97 6.36
CA GLU J 72 2.06 0.99 4.92
C GLU J 72 3.34 1.14 4.10
N GLY J 73 4.26 1.98 4.54
CA GLY J 73 5.51 2.13 3.81
C GLY J 73 6.30 0.84 3.77
N VAL J 74 6.35 0.11 4.88
CA VAL J 74 7.04 -1.16 4.92
C VAL J 74 6.36 -2.17 4.00
N LEU J 75 5.02 -2.15 3.96
CA LEU J 75 4.31 -3.05 3.07
C LEU J 75 4.61 -2.74 1.60
N LYS J 76 4.68 -1.46 1.25
CA LYS J 76 5.00 -1.09 -0.13
C LYS J 76 6.42 -1.49 -0.51
N GLU J 77 7.38 -1.25 0.38
CA GLU J 77 8.73 -1.72 0.13
C GLU J 77 8.77 -3.24 0.02
N LEU J 78 7.95 -3.94 0.82
CA LEU J 78 7.88 -5.39 0.75
C LEU J 78 7.36 -5.86 -0.59
N ALA J 79 6.33 -5.19 -1.12
CA ALA J 79 5.80 -5.57 -2.43
C ALA J 79 6.82 -5.35 -3.53
N VAL J 80 7.50 -4.20 -3.51
CA VAL J 80 8.53 -3.95 -4.51
C VAL J 80 9.66 -4.97 -4.39
N ALA J 81 10.03 -5.33 -3.16
CA ALA J 81 11.07 -6.32 -2.94
C ALA J 81 10.64 -7.69 -3.43
N ALA J 82 9.37 -8.06 -3.25
CA ALA J 82 8.87 -9.32 -3.77
C ALA J 82 8.94 -9.34 -5.28
N LYS J 83 8.59 -8.23 -5.92
CA LYS J 83 8.72 -8.15 -7.38
C LYS J 83 10.18 -8.31 -7.81
N VAL J 84 11.10 -7.66 -7.10
CA VAL J 84 12.51 -7.79 -7.43
C VAL J 84 12.98 -9.23 -7.24
N LYS J 85 12.52 -9.87 -6.16
CA LYS J 85 12.90 -11.26 -5.90
C LYS J 85 12.42 -12.17 -7.03
N LYS J 86 11.14 -12.08 -7.38
CA LYS J 86 10.65 -12.89 -8.49
C LYS J 86 11.26 -12.49 -9.82
N GLN J 87 11.91 -11.32 -9.90
CA GLN J 87 12.68 -10.99 -11.08
C GLN J 87 14.00 -11.75 -11.11
N LEU J 88 14.77 -11.71 -10.02
CA LEU J 88 16.03 -12.45 -9.97
C LEU J 88 15.87 -13.89 -9.49
N LYS J 89 14.68 -14.26 -8.98
CA LYS J 89 14.41 -15.63 -8.54
C LYS J 89 15.41 -16.08 -7.46
N ASP J 90 15.71 -15.19 -6.53
CA ASP J 90 16.55 -15.48 -5.38
C ASP J 90 15.65 -15.55 -4.15
N ASP J 91 15.53 -16.76 -3.57
CA ASP J 91 14.55 -16.96 -2.51
C ASP J 91 14.98 -16.33 -1.19
N LYS J 92 16.30 -16.18 -0.97
CA LYS J 92 16.82 -15.58 0.24
C LYS J 92 16.94 -14.06 0.13
N PHE J 93 16.19 -13.45 -0.79
CA PHE J 93 16.27 -11.99 -0.96
C PHE J 93 15.72 -11.26 0.25
N ILE J 94 14.53 -11.62 0.69
CA ILE J 94 13.88 -10.96 1.82
C ILE J 94 14.20 -11.73 3.09
N ILE J 95 14.72 -11.03 4.10
CA ILE J 95 15.07 -11.65 5.37
C ILE J 95 14.34 -10.90 6.49
N PRO J 96 13.35 -11.51 7.13
CA PRO J 96 12.73 -10.87 8.29
C PRO J 96 13.58 -11.06 9.54
N LEU J 97 13.60 -10.03 10.38
CA LEU J 97 14.30 -10.06 11.66
C LEU J 97 13.27 -9.83 12.76
N ALA J 98 13.06 -10.84 13.59
CA ALA J 98 12.07 -10.75 14.66
C ALA J 98 12.74 -10.19 15.91
N ILE J 99 12.18 -9.11 16.43
CA ILE J 99 12.73 -8.46 17.62
C ILE J 99 11.70 -8.31 18.74
N ASP J 100 10.41 -8.34 18.43
CA ASP J 100 9.37 -8.08 19.42
C ASP J 100 8.74 -9.41 19.84
N GLU J 101 8.86 -9.75 21.12
CA GLU J 101 8.23 -10.96 21.63
C GLU J 101 6.71 -10.83 21.73
N GLN J 102 6.19 -9.60 21.65
CA GLN J 102 4.75 -9.40 21.66
C GLN J 102 4.11 -9.61 20.30
N LEU J 103 4.90 -9.88 19.26
CA LEU J 103 4.40 -10.26 17.95
C LEU J 103 4.47 -11.78 17.86
N SER J 104 3.32 -12.43 17.99
CA SER J 104 3.28 -13.89 17.91
C SER J 104 3.70 -14.36 16.52
N TYR J 105 4.26 -15.57 16.47
CA TYR J 105 4.63 -16.16 15.19
C TYR J 105 3.42 -16.57 14.37
N ASP J 106 2.22 -16.51 14.95
CA ASP J 106 0.99 -16.84 14.24
C ASP J 106 0.24 -15.62 13.75
N ASP J 107 0.86 -14.44 13.81
CA ASP J 107 0.23 -13.21 13.33
C ASP J 107 1.10 -12.47 12.32
N ILE J 108 2.16 -13.12 11.81
CA ILE J 108 3.04 -12.47 10.86
C ILE J 108 2.28 -12.15 9.57
N ASN J 109 2.65 -11.03 8.93
CA ASN J 109 2.00 -10.62 7.71
C ASN J 109 2.22 -11.65 6.61
N ILE J 110 1.24 -11.77 5.71
CA ILE J 110 1.23 -12.82 4.70
C ILE J 110 2.42 -12.72 3.75
N ASP J 111 3.00 -11.53 3.59
CA ASP J 111 4.06 -11.36 2.61
C ASP J 111 5.35 -12.07 2.99
N ILE J 112 5.56 -12.38 4.27
CA ILE J 112 6.81 -13.00 4.70
C ILE J 112 6.53 -14.23 5.55
N VAL J 113 5.34 -14.82 5.41
CA VAL J 113 4.96 -15.96 6.23
C VAL J 113 5.84 -17.17 5.91
N ARG J 114 6.07 -17.42 4.61
CA ARG J 114 6.80 -18.60 4.18
C ARG J 114 8.31 -18.42 4.19
N LEU J 115 8.82 -17.45 4.95
CA LEU J 115 10.24 -17.19 5.06
C LEU J 115 10.74 -17.50 6.45
N ASN J 116 12.03 -17.79 6.56
CA ASN J 116 12.66 -18.15 7.82
C ASN J 116 13.11 -16.88 8.54
N ALA J 117 12.40 -16.53 9.62
CA ALA J 117 12.74 -15.35 10.38
C ALA J 117 14.06 -15.54 11.12
N ILE J 118 14.59 -14.43 11.62
CA ILE J 118 15.84 -14.41 12.38
C ILE J 118 15.55 -13.89 13.78
N ASP J 119 16.08 -14.58 14.79
CA ASP J 119 15.73 -14.31 16.18
C ASP J 119 16.64 -13.23 16.74
N PHE J 120 16.02 -12.14 17.21
CA PHE J 120 16.71 -11.09 17.94
C PHE J 120 16.08 -10.82 19.31
N LYS J 121 14.96 -11.46 19.62
CA LYS J 121 14.21 -11.12 20.83
C LYS J 121 15.01 -11.41 22.10
N MET J 122 15.67 -12.56 22.15
CA MET J 122 16.38 -12.95 23.37
C MET J 122 17.82 -12.46 23.43
N SER J 123 18.43 -12.15 22.29
CA SER J 123 19.73 -11.49 22.27
C SER J 123 20.04 -10.95 20.89
N TRP J 124 20.48 -9.70 20.80
CA TRP J 124 20.87 -9.13 19.51
C TRP J 124 22.24 -9.61 19.07
N ALA J 125 23.08 -10.11 19.98
CA ALA J 125 24.40 -10.58 19.58
C ALA J 125 24.30 -11.89 18.80
N ARG J 126 23.47 -12.83 19.26
CA ARG J 126 23.27 -14.06 18.51
C ARG J 126 22.53 -13.79 17.20
N GLY J 127 21.60 -12.83 17.22
CA GLY J 127 20.95 -12.44 15.97
C GLY J 127 21.94 -11.92 14.96
N LEU J 128 22.85 -11.05 15.40
CA LEU J 128 23.90 -10.55 14.50
C LEU J 128 24.81 -11.67 14.05
N LYS J 129 25.11 -12.62 14.96
CA LYS J 129 25.93 -13.78 14.60
C LYS J 129 25.30 -14.55 13.45
N ASP J 130 24.02 -14.90 13.58
CA ASP J 130 23.38 -15.70 12.55
C ASP J 130 23.16 -14.89 11.27
N ILE J 131 22.92 -13.59 11.39
CA ILE J 131 22.85 -12.74 10.20
C ILE J 131 24.17 -12.77 9.46
N LEU J 132 25.28 -12.64 10.18
CA LEU J 132 26.59 -12.66 9.53
C LEU J 132 26.87 -14.01 8.89
N GLU J 133 26.51 -15.11 9.56
CA GLU J 133 26.75 -16.42 8.98
C GLU J 133 25.89 -16.64 7.74
N ALA J 134 24.64 -16.16 7.77
CA ALA J 134 23.79 -16.26 6.58
C ALA J 134 24.35 -15.44 5.43
N PHE J 135 24.83 -14.23 5.71
CA PHE J 135 25.41 -13.41 4.65
C PHE J 135 26.67 -14.05 4.09
N GLU J 136 27.49 -14.65 4.94
CA GLU J 136 28.72 -15.28 4.47
C GLU J 136 28.42 -16.53 3.66
N LYS J 137 27.38 -17.27 4.02
CA LYS J 137 27.00 -18.44 3.22
C LYS J 137 26.43 -18.01 1.87
N GLN J 138 25.49 -17.05 1.87
CA GLN J 138 24.89 -16.58 0.64
C GLN J 138 25.82 -15.69 -0.17
N LYS J 139 26.98 -15.33 0.38
CA LYS J 139 28.00 -14.54 -0.31
C LYS J 139 27.46 -13.17 -0.74
N VAL J 140 27.06 -12.39 0.24
CA VAL J 140 26.77 -10.97 0.00
C VAL J 140 28.09 -10.22 -0.13
N PRO J 141 28.29 -9.45 -1.20
CA PRO J 141 29.61 -8.82 -1.42
C PRO J 141 30.00 -7.91 -0.27
N LYS J 142 31.29 -7.95 0.07
CA LYS J 142 31.85 -7.18 1.16
C LYS J 142 33.14 -6.53 0.69
N GLU J 143 33.34 -5.28 1.09
CA GLU J 143 34.51 -4.50 0.68
C GLU J 143 34.86 -3.55 1.80
N VAL J 144 35.64 -2.51 1.49
CA VAL J 144 36.05 -1.48 2.44
C VAL J 144 36.81 -2.12 3.59
N ALA J 145 37.74 -3.01 3.26
CA ALA J 145 38.67 -3.55 4.24
C ALA J 145 39.84 -2.58 4.42
N ASP J 146 40.23 -2.35 5.67
CA ASP J 146 41.24 -1.36 5.97
C ASP J 146 42.10 -1.87 7.12
N ALA J 147 42.92 -0.98 7.67
CA ALA J 147 43.81 -1.30 8.78
C ALA J 147 43.11 -1.22 10.14
N SER J 148 41.84 -0.81 10.17
CA SER J 148 41.10 -0.76 11.43
C SER J 148 40.84 -2.16 12.01
N LYS J 149 41.08 -3.21 11.22
CA LYS J 149 40.92 -4.60 11.67
C LYS J 149 39.49 -4.86 12.16
N SER J 150 38.57 -4.77 11.21
CA SER J 150 37.21 -5.23 11.47
C SER J 150 37.16 -6.72 11.77
N ASN J 151 38.23 -7.44 11.44
CA ASN J 151 38.35 -8.83 11.85
C ASN J 151 38.35 -8.97 13.38
N LEU J 152 38.80 -7.92 14.09
CA LEU J 152 38.66 -7.94 15.55
C LEU J 152 37.20 -7.96 15.96
N LEU J 153 36.37 -7.14 15.31
CA LEU J 153 34.94 -7.17 15.58
C LEU J 153 34.35 -8.51 15.17
N TYR J 154 34.83 -9.09 14.07
CA TYR J 154 34.37 -10.40 13.64
C TYR J 154 34.68 -11.46 14.70
N GLN J 155 35.89 -11.41 15.27
CA GLN J 155 36.27 -12.36 16.31
C GLN J 155 35.42 -12.16 17.56
N GLN J 156 35.16 -10.90 17.94
CA GLN J 156 34.28 -10.65 19.08
C GLN J 156 32.90 -11.25 18.84
N ILE J 157 32.28 -10.91 17.71
CA ILE J 157 31.02 -11.54 17.31
C ILE J 157 31.22 -13.05 17.25
N PHE J 158 30.11 -13.77 17.37
CA PHE J 158 29.96 -15.13 17.88
C PHE J 158 29.95 -15.06 19.40
N LEU J 159 30.04 -13.86 19.99
CA LEU J 159 30.26 -13.65 21.42
C LEU J 159 31.47 -14.45 21.91
N HIS J 160 32.40 -14.70 21.00
CA HIS J 160 33.53 -15.61 21.22
C HIS J 160 33.04 -17.01 21.60
N ASP J 161 33.96 -17.91 21.91
CA ASP J 161 33.58 -19.24 22.34
C ASP J 161 33.24 -19.26 23.83
N LYS J 162 32.85 -20.43 24.33
CA LYS J 162 32.47 -20.60 25.72
C LYS J 162 32.84 -22.02 26.17
N SER J 163 32.55 -22.32 27.43
CA SER J 163 32.81 -23.64 27.99
C SER J 163 31.59 -24.53 27.74
N VAL J 164 31.65 -25.30 26.65
CA VAL J 164 30.58 -26.21 26.28
C VAL J 164 31.08 -27.66 26.18
N ILE J 165 32.17 -27.96 26.87
CA ILE J 165 32.74 -29.31 26.85
C ILE J 165 32.22 -30.08 28.05
N GLU J 166 31.71 -31.29 27.80
CA GLU J 166 31.14 -32.13 28.85
C GLU J 166 31.97 -33.39 29.09
N LYS J 167 33.26 -33.36 28.76
CA LYS J 167 34.13 -34.51 28.98
C LYS J 167 34.46 -34.63 30.47
N GLU J 168 35.35 -35.57 30.80
CA GLU J 168 35.66 -35.83 32.20
C GLU J 168 36.49 -34.70 32.79
N GLU J 169 37.71 -34.51 32.26
CA GLU J 169 38.59 -33.42 32.66
C GLU J 169 38.83 -33.41 34.17
N ILE J 170 39.44 -34.49 34.66
CA ILE J 170 39.68 -34.64 36.08
C ILE J 170 41.01 -33.99 36.44
N TYR J 171 41.20 -33.70 37.72
CA TYR J 171 42.37 -33.00 38.22
C TYR J 171 42.92 -33.71 39.44
N ASP J 172 44.22 -33.50 39.69
CA ASP J 172 44.88 -33.99 40.89
C ASP J 172 45.33 -32.81 41.73
N SER J 173 45.17 -32.95 43.04
CA SER J 173 45.44 -31.87 43.98
C SER J 173 46.82 -32.06 44.61
N ASN J 174 47.12 -31.24 45.62
CA ASN J 174 48.29 -31.41 46.46
C ASN J 174 47.97 -32.13 47.76
N TRP J 175 46.74 -32.59 47.92
CA TRP J 175 46.32 -33.31 49.12
C TRP J 175 46.75 -34.77 49.04
N LEU J 176 47.29 -35.29 50.15
CA LEU J 176 47.64 -36.70 50.26
C LEU J 176 46.79 -37.31 51.37
N SER J 177 45.99 -38.31 50.99
CA SER J 177 44.99 -38.85 51.90
C SER J 177 45.63 -39.73 52.97
N ILE J 178 44.91 -39.88 54.08
CA ILE J 178 45.33 -40.73 55.18
C ILE J 178 44.48 -42.00 55.16
N LEU J 179 45.03 -43.07 55.72
CA LEU J 179 44.28 -44.32 55.84
C LEU J 179 44.95 -45.20 56.88
N SER J 180 44.11 -45.94 57.61
CA SER J 180 44.56 -46.94 58.58
C SER J 180 45.48 -46.34 59.64
N PHE J 181 44.91 -45.44 60.43
CA PHE J 181 45.59 -44.91 61.60
C PHE J 181 45.73 -46.02 62.64
N PRO J 182 46.69 -45.88 63.57
CA PRO J 182 46.67 -46.75 64.75
C PRO J 182 45.36 -46.56 65.50
N GLU J 183 44.87 -47.65 66.07
CA GLU J 183 43.50 -47.69 66.57
C GLU J 183 43.34 -47.13 67.98
N GLU J 184 44.40 -46.63 68.61
CA GLU J 184 44.29 -46.28 70.01
C GLU J 184 45.34 -45.24 70.38
N LEU J 185 44.97 -44.30 71.25
CA LEU J 185 45.92 -43.40 71.89
C LEU J 185 46.04 -43.75 73.37
N ARG J 186 47.27 -43.72 73.88
CA ARG J 186 47.56 -44.10 75.25
C ARG J 186 48.11 -42.90 75.99
N PHE J 187 47.58 -42.67 77.20
CA PHE J 187 48.02 -41.61 78.09
C PHE J 187 48.75 -42.28 79.27
N HIS J 188 50.07 -42.18 79.27
CA HIS J 188 50.90 -42.69 80.35
C HIS J 188 51.16 -41.59 81.37
N GLU J 189 50.95 -41.90 82.65
CA GLU J 189 51.03 -40.91 83.72
C GLU J 189 52.40 -40.98 84.37
N TYR J 190 53.29 -40.06 83.97
CA TYR J 190 54.60 -39.92 84.59
C TYR J 190 54.54 -38.74 85.56
N ASN J 191 54.00 -39.01 86.75
CA ASN J 191 53.80 -37.95 87.73
C ASN J 191 55.13 -37.36 88.20
N TRP J 192 55.99 -38.19 88.80
CA TRP J 192 57.28 -37.73 89.29
C TRP J 192 58.45 -38.25 88.47
N MET J 193 58.22 -39.23 87.59
CA MET J 193 59.31 -39.78 86.79
C MET J 193 59.76 -38.82 85.70
N LEU J 194 58.97 -37.81 85.38
CA LEU J 194 59.33 -36.84 84.35
C LEU J 194 59.70 -35.51 85.00
N PRO J 195 60.96 -35.10 84.99
CA PRO J 195 61.34 -33.84 85.62
C PRO J 195 60.80 -32.64 84.86
N LYS J 196 60.71 -31.52 85.57
CA LYS J 196 60.24 -30.28 84.98
C LYS J 196 61.35 -29.65 84.12
N ARG J 197 60.99 -28.56 83.44
CA ARG J 197 61.92 -27.81 82.59
C ARG J 197 62.58 -28.70 81.55
N PHE J 198 61.80 -29.62 80.99
CA PHE J 198 62.29 -30.56 79.99
C PHE J 198 61.40 -30.47 78.76
N ASP J 199 62.01 -30.24 77.60
CA ASP J 199 61.28 -30.11 76.35
C ASP J 199 61.12 -31.47 75.67
N VAL J 200 59.91 -31.74 75.18
CA VAL J 200 59.64 -32.97 74.44
C VAL J 200 60.14 -32.90 73.00
N ARG J 201 60.73 -31.78 72.60
CA ARG J 201 61.26 -31.65 71.24
C ARG J 201 62.48 -32.55 71.01
N GLU J 202 63.17 -32.94 72.06
CA GLU J 202 64.37 -33.76 71.96
C GLU J 202 64.08 -35.26 72.01
N LEU J 203 62.81 -35.65 72.13
CA LEU J 203 62.47 -37.06 72.20
C LEU J 203 62.63 -37.72 70.83
N THR J 204 62.84 -39.04 70.85
CA THR J 204 62.98 -39.79 69.61
C THR J 204 61.64 -39.91 68.88
N PHE J 205 60.54 -39.83 69.60
CA PHE J 205 59.20 -39.98 69.04
C PHE J 205 58.31 -38.85 69.52
N PRO J 206 57.25 -38.54 68.77
CA PRO J 206 56.38 -37.43 69.17
C PRO J 206 55.74 -37.65 70.53
N ALA J 207 55.58 -36.55 71.26
CA ALA J 207 54.94 -36.57 72.57
C ALA J 207 54.45 -35.17 72.89
N VAL J 208 53.27 -35.09 73.50
CA VAL J 208 52.66 -33.82 73.87
C VAL J 208 52.40 -33.82 75.36
N ARG J 209 52.84 -32.77 76.05
CA ARG J 209 52.63 -32.67 77.48
C ARG J 209 51.17 -32.38 77.80
N TYR J 210 50.68 -32.98 78.88
CA TYR J 210 49.31 -32.78 79.34
C TYR J 210 49.33 -32.36 80.80
N LYS J 211 48.17 -32.39 81.47
CA LYS J 211 48.12 -32.06 82.90
C LYS J 211 49.21 -32.77 83.68
N ASN J 212 49.18 -34.10 83.68
CA ASN J 212 50.27 -34.89 84.22
C ASN J 212 50.55 -36.12 83.36
N TYR J 213 50.03 -36.16 82.13
CA TYR J 213 49.99 -37.36 81.32
C TYR J 213 50.99 -37.25 80.16
N LEU J 214 50.95 -38.23 79.27
CA LEU J 214 51.82 -38.28 78.09
C LEU J 214 51.08 -39.10 77.04
N CYS J 215 50.64 -38.45 75.97
CA CYS J 215 49.77 -39.07 74.98
C CYS J 215 50.54 -39.46 73.73
N THR J 216 50.44 -40.73 73.35
CA THR J 216 51.06 -41.20 72.11
C THR J 216 50.33 -42.48 71.68
N PHE J 217 50.47 -42.82 70.40
CA PHE J 217 49.98 -44.13 69.96
C PHE J 217 50.85 -45.26 70.50
N ALA J 218 52.13 -45.00 70.71
CA ALA J 218 53.08 -46.02 71.13
C ALA J 218 52.93 -46.32 72.62
N TRP J 219 53.63 -47.36 73.07
CA TRP J 219 53.56 -47.83 74.44
C TRP J 219 54.39 -46.93 75.36
N ALA J 220 54.37 -47.25 76.65
CA ALA J 220 55.02 -46.39 77.63
C ALA J 220 56.53 -46.53 77.62
N TYR J 221 57.05 -47.70 77.29
CA TYR J 221 58.47 -48.00 77.40
C TYR J 221 59.21 -47.83 76.08
N ASP J 222 58.78 -46.87 75.25
CA ASP J 222 59.45 -46.56 74.00
C ASP J 222 60.53 -45.49 74.16
N PHE J 223 60.77 -45.02 75.39
CA PHE J 223 61.73 -43.96 75.67
C PHE J 223 62.64 -44.37 76.82
N THR J 224 63.16 -45.60 76.75
CA THR J 224 64.02 -46.10 77.83
C THR J 224 65.31 -45.29 77.92
N TYR J 225 65.92 -44.96 76.79
CA TYR J 225 67.19 -44.25 76.82
C TYR J 225 67.03 -42.84 77.37
N HIS J 226 66.06 -42.08 76.85
CA HIS J 226 65.86 -40.72 77.33
C HIS J 226 65.32 -40.70 78.76
N LEU J 227 64.40 -41.61 79.07
CA LEU J 227 63.75 -41.66 80.38
C LEU J 227 63.99 -43.02 81.00
N PRO J 228 65.07 -43.18 81.77
CA PRO J 228 65.32 -44.44 82.48
C PRO J 228 64.48 -44.64 83.73
N LYS J 229 63.70 -43.64 84.12
CA LYS J 229 62.91 -43.70 85.34
C LYS J 229 61.50 -44.24 85.11
N THR J 230 61.16 -44.62 83.89
CA THR J 230 59.84 -45.15 83.57
C THR J 230 59.80 -46.67 83.53
N GLU J 231 60.88 -47.35 83.92
CA GLU J 231 60.91 -48.80 83.88
C GLU J 231 60.03 -49.45 84.94
N THR J 232 59.83 -48.78 86.08
CA THR J 232 58.96 -49.28 87.14
C THR J 232 57.48 -48.98 86.88
N TYR J 233 57.13 -48.66 85.63
CA TYR J 233 55.80 -48.19 85.32
C TYR J 233 54.82 -49.36 85.12
N HIS J 234 53.61 -49.17 85.62
CA HIS J 234 52.52 -50.13 85.57
C HIS J 234 51.68 -49.92 84.31
N LYS J 235 50.48 -50.49 84.27
CA LYS J 235 49.65 -50.40 83.07
C LYS J 235 48.26 -49.81 83.29
N SER J 236 47.76 -49.75 84.53
CA SER J 236 46.38 -49.33 84.75
C SER J 236 46.16 -47.83 84.60
N LYS J 237 47.15 -47.00 84.94
CA LYS J 237 46.96 -45.55 84.91
C LYS J 237 46.82 -45.03 83.48
N THR J 238 47.49 -45.67 82.52
CA THR J 238 47.44 -45.23 81.14
C THR J 238 46.01 -45.31 80.62
N ILE J 239 45.49 -44.18 80.11
CA ILE J 239 44.14 -44.12 79.57
C ILE J 239 44.19 -44.45 78.08
N ARG J 240 43.39 -45.41 77.66
CA ARG J 240 43.42 -45.95 76.30
C ARG J 240 42.14 -45.51 75.58
N ILE J 241 42.26 -44.55 74.69
CA ILE J 241 41.12 -43.91 74.03
C ILE J 241 41.15 -44.29 72.55
N PRO J 242 40.08 -44.89 72.01
CA PRO J 242 40.12 -45.39 70.64
C PRO J 242 40.01 -44.28 69.61
N THR J 243 40.36 -44.62 68.37
CA THR J 243 40.36 -43.67 67.27
C THR J 243 39.15 -43.79 66.35
N GLU J 244 38.53 -44.96 66.26
CA GLU J 244 37.38 -45.13 65.37
C GLU J 244 36.19 -44.28 65.80
N GLU J 245 36.19 -43.77 67.04
CA GLU J 245 35.12 -42.93 67.53
C GLU J 245 35.53 -41.50 67.82
N ILE J 246 36.82 -41.24 68.03
CA ILE J 246 37.27 -39.87 68.31
C ILE J 246 37.18 -39.03 67.04
N LEU J 247 37.49 -39.62 65.88
CA LEU J 247 37.43 -38.88 64.63
C LEU J 247 36.01 -38.67 64.15
N SER J 248 35.04 -39.42 64.68
CA SER J 248 33.65 -39.24 64.32
C SER J 248 32.95 -38.20 65.20
N GLY J 249 33.62 -37.67 66.22
CA GLY J 249 33.00 -36.71 67.11
C GLY J 249 32.05 -37.30 68.12
N SER J 250 32.12 -38.60 68.36
CA SER J 250 31.22 -39.27 69.30
C SER J 250 31.79 -39.37 70.71
N TYR J 251 32.96 -38.80 70.96
CA TYR J 251 33.56 -38.82 72.28
C TYR J 251 33.16 -37.57 73.06
N ASP J 252 32.96 -37.75 74.37
CA ASP J 252 32.59 -36.63 75.24
C ASP J 252 32.91 -37.03 76.68
N SER J 253 33.74 -36.22 77.34
CA SER J 253 34.09 -36.47 78.72
C SER J 253 34.60 -35.17 79.34
N ASN J 254 34.61 -35.14 80.68
CA ASN J 254 35.16 -34.00 81.40
C ASN J 254 36.67 -34.06 81.53
N PHE J 255 37.29 -35.20 81.19
CA PHE J 255 38.75 -35.29 81.26
C PHE J 255 39.41 -34.56 80.11
N ILE J 256 38.77 -34.55 78.93
CA ILE J 256 39.32 -33.88 77.76
C ILE J 256 38.17 -33.57 76.81
N ARG J 257 38.33 -32.50 76.04
CA ARG J 257 37.35 -32.10 75.04
C ARG J 257 37.75 -32.60 73.65
N ASN J 258 36.74 -32.75 72.79
CA ASN J 258 36.97 -33.36 71.48
C ASN J 258 37.92 -32.53 70.62
N ALA J 259 37.62 -31.23 70.48
CA ALA J 259 38.47 -30.38 69.63
C ALA J 259 39.90 -30.34 70.14
N GLU J 260 40.06 -30.32 71.47
CA GLU J 260 41.40 -30.46 72.04
C GLU J 260 42.05 -31.74 71.57
N CYS J 261 41.31 -32.86 71.60
CA CYS J 261 41.87 -34.13 71.15
C CYS J 261 42.36 -34.02 69.71
N LYS J 262 41.50 -33.53 68.80
CA LYS J 262 41.91 -33.38 67.41
C LYS J 262 43.17 -32.53 67.31
N ARG J 263 43.30 -31.53 68.19
CA ARG J 263 44.53 -30.77 68.25
C ARG J 263 45.72 -31.66 68.62
N LEU J 264 45.52 -32.60 69.56
CA LEU J 264 46.62 -33.52 69.88
C LEU J 264 47.01 -34.41 68.70
N ILE J 265 46.04 -34.97 67.97
CA ILE J 265 46.45 -35.80 66.84
C ILE J 265 47.12 -34.96 65.76
N VAL J 266 46.67 -33.72 65.55
CA VAL J 266 47.35 -32.85 64.59
C VAL J 266 48.78 -32.57 65.06
N GLN J 267 48.94 -32.31 66.35
CA GLN J 267 50.26 -32.12 66.96
C GLN J 267 51.17 -33.31 66.68
N LEU J 268 50.69 -34.51 66.97
CA LEU J 268 51.51 -35.70 66.80
C LEU J 268 51.85 -35.94 65.34
N LEU J 269 50.89 -35.72 64.44
CA LEU J 269 51.15 -35.90 63.02
C LEU J 269 52.22 -34.94 62.53
N ASN J 270 52.13 -33.67 62.92
CA ASN J 270 53.14 -32.71 62.51
C ASN J 270 54.51 -33.04 63.11
N LYS J 271 54.54 -33.45 64.38
CA LYS J 271 55.80 -33.76 65.04
C LYS J 271 56.49 -34.93 64.34
N ALA J 272 55.75 -36.00 64.09
CA ALA J 272 56.30 -37.12 63.33
C ALA J 272 56.66 -36.70 61.91
N PHE J 273 55.95 -35.71 61.36
CA PHE J 273 56.26 -35.24 60.01
C PHE J 273 57.67 -34.68 59.96
N GLU J 274 57.96 -33.63 60.74
CA GLU J 274 59.31 -33.10 60.60
C GLU J 274 60.33 -33.90 61.41
N LEU J 275 59.90 -34.97 62.10
CA LEU J 275 60.85 -35.98 62.52
C LEU J 275 61.26 -36.88 61.35
N ARG J 276 60.35 -37.12 60.40
CA ARG J 276 60.66 -37.99 59.26
C ARG J 276 61.75 -37.37 58.37
N MET J 277 61.70 -36.06 58.17
CA MET J 277 62.69 -35.39 57.34
C MET J 277 64.07 -35.29 58.01
N LYS J 278 64.17 -35.63 59.30
CA LYS J 278 65.47 -35.60 59.96
C LYS J 278 66.42 -36.65 59.37
N ASP J 279 65.90 -37.83 59.06
CA ASP J 279 66.69 -38.91 58.48
C ASP J 279 66.53 -38.98 56.96
N LYS J 280 65.83 -38.03 56.35
CA LYS J 280 65.61 -38.02 54.90
C LYS J 280 66.62 -37.15 54.17
N GLU J 281 67.77 -36.86 54.79
CA GLU J 281 68.89 -36.12 54.18
C GLU J 281 68.44 -34.88 53.42
N VAL J 282 67.35 -34.26 53.86
CA VAL J 282 66.76 -33.10 53.19
C VAL J 282 67.04 -31.86 54.04
N GLN J 283 67.55 -30.81 53.39
CA GLN J 283 67.85 -29.58 54.10
C GLN J 283 66.57 -28.81 54.43
N GLU J 284 66.65 -28.02 55.48
CA GLU J 284 65.50 -27.30 56.01
C GLU J 284 65.74 -25.79 55.96
N TYR J 285 64.68 -25.03 55.69
CA TYR J 285 64.70 -23.58 55.72
C TYR J 285 63.54 -23.10 56.57
N GLU J 286 63.74 -22.01 57.30
CA GLU J 286 62.74 -21.51 58.24
C GLU J 286 61.82 -20.49 57.56
N MET J 287 60.52 -20.73 57.66
CA MET J 287 59.50 -19.85 57.11
C MET J 287 59.00 -18.90 58.20
N SER J 288 57.96 -18.14 57.89
CA SER J 288 57.36 -17.24 58.87
C SER J 288 56.67 -18.02 59.98
N ASN J 289 55.83 -19.01 59.59
CA ASN J 289 55.08 -19.80 60.56
C ASN J 289 55.20 -21.30 60.31
N LYS J 290 56.19 -21.73 59.52
CA LYS J 290 56.39 -23.15 59.24
C LYS J 290 57.84 -23.34 58.81
N THR J 291 58.14 -24.52 58.25
CA THR J 291 59.49 -24.85 57.80
C THR J 291 59.39 -25.62 56.50
N ALA J 292 60.21 -25.23 55.53
CA ALA J 292 60.24 -25.90 54.23
C ALA J 292 61.43 -26.84 54.14
N TYR J 293 61.29 -27.86 53.29
CA TYR J 293 62.30 -28.89 53.14
C TYR J 293 62.67 -29.04 51.66
N TRP J 294 63.93 -28.74 51.34
CA TRP J 294 64.45 -28.83 49.99
C TRP J 294 65.65 -29.77 49.96
N LEU J 295 65.75 -30.54 48.88
CA LEU J 295 66.81 -31.53 48.74
C LEU J 295 68.08 -30.90 48.19
N GLU J 296 69.20 -31.56 48.46
CA GLU J 296 70.51 -31.08 48.06
C GLU J 296 70.87 -31.58 46.67
N LYS J 297 72.11 -31.34 46.26
CA LYS J 297 72.68 -31.91 45.06
C LYS J 297 73.22 -33.31 45.37
N GLY J 298 73.86 -33.94 44.39
CA GLY J 298 74.47 -35.23 44.65
C GLY J 298 73.62 -36.44 44.33
N LYS J 299 72.91 -36.95 45.35
CA LYS J 299 72.22 -38.24 45.35
C LYS J 299 71.46 -38.54 44.06
N LEU J 300 70.98 -37.52 43.37
CA LEU J 300 70.22 -37.70 42.13
C LEU J 300 71.19 -37.98 40.98
N GLU J 301 70.70 -37.90 39.74
CA GLU J 301 71.61 -37.98 38.60
C GLU J 301 72.22 -36.61 38.35
N LYS J 302 72.66 -35.98 39.44
CA LYS J 302 73.32 -34.68 39.51
C LYS J 302 72.35 -33.54 39.16
N ASP J 303 71.29 -33.86 38.42
CA ASP J 303 70.02 -33.13 38.44
C ASP J 303 68.97 -33.98 37.71
N LYS J 304 68.17 -34.77 38.43
CA LYS J 304 67.16 -35.58 37.77
C LYS J 304 66.35 -36.34 38.82
N PHE J 305 65.10 -36.63 38.47
CA PHE J 305 64.31 -37.63 39.19
C PHE J 305 63.13 -38.00 38.30
N GLU J 306 63.08 -39.27 37.86
CA GLU J 306 61.99 -39.78 37.04
C GLU J 306 61.80 -38.95 35.76
N LYS J 307 62.91 -38.67 35.08
CA LYS J 307 62.90 -37.96 33.80
C LYS J 307 62.25 -36.59 33.92
N THR J 308 62.51 -35.90 35.03
CA THR J 308 61.96 -34.57 35.28
C THR J 308 63.11 -33.59 35.53
N MET J 309 63.02 -32.41 34.93
CA MET J 309 63.98 -31.36 35.21
C MET J 309 63.71 -30.82 36.61
N LEU J 310 64.29 -31.47 37.61
CA LEU J 310 63.87 -31.27 39.00
C LEU J 310 64.50 -30.03 39.61
N VAL J 311 65.83 -29.95 39.60
CA VAL J 311 66.57 -28.78 40.10
C VAL J 311 67.27 -28.13 38.93
N GLY J 312 67.04 -26.83 38.76
CA GLY J 312 67.60 -26.13 37.63
C GLY J 312 68.92 -25.44 37.94
N LYS J 313 69.42 -24.74 36.93
CA LYS J 313 70.71 -24.07 36.97
C LYS J 313 70.75 -23.03 35.86
N GLN J 314 71.95 -22.53 35.55
CA GLN J 314 72.20 -21.54 34.50
C GLN J 314 71.74 -20.16 34.94
N LYS J 315 72.17 -19.13 34.18
CA LYS J 315 71.74 -17.75 34.36
C LYS J 315 72.15 -17.21 35.73
N ASP J 316 71.38 -17.54 36.77
CA ASP J 316 71.64 -17.07 38.12
C ASP J 316 71.90 -18.27 39.03
N LYS J 317 71.94 -18.00 40.34
CA LYS J 317 72.20 -19.05 41.32
C LYS J 317 71.15 -20.15 41.22
N ASN J 318 71.54 -21.36 41.62
CA ASN J 318 70.68 -22.52 41.43
C ASN J 318 69.41 -22.39 42.26
N TRP J 319 68.34 -23.00 41.77
CA TRP J 319 67.05 -22.97 42.44
C TRP J 319 66.61 -24.38 42.80
N HIS J 320 65.95 -24.49 43.96
CA HIS J 320 65.40 -25.76 44.45
C HIS J 320 63.95 -25.53 44.83
N PHE J 321 63.06 -26.43 44.37
CA PHE J 321 61.66 -26.32 44.71
C PHE J 321 61.38 -27.24 45.90
N ALA J 322 61.02 -26.63 47.02
CA ALA J 322 60.74 -27.32 48.27
C ALA J 322 59.25 -27.47 48.50
N ILE J 323 58.90 -28.39 49.39
CA ILE J 323 57.52 -28.72 49.72
C ILE J 323 57.34 -28.59 51.23
N SER J 324 56.28 -27.90 51.64
CA SER J 324 55.95 -27.74 53.05
C SER J 324 54.63 -28.44 53.32
N GLY J 325 54.62 -29.34 54.30
CA GLY J 325 53.47 -30.17 54.59
C GLY J 325 52.82 -29.79 55.91
N ALA J 326 51.51 -30.04 55.99
CA ALA J 326 50.76 -29.80 57.22
C ALA J 326 49.54 -30.70 57.23
N SER J 327 49.24 -31.29 58.39
CA SER J 327 48.13 -32.21 58.51
C SER J 327 46.88 -31.50 59.00
N LYS J 328 45.72 -31.92 58.48
CA LYS J 328 44.45 -31.36 58.90
C LYS J 328 43.41 -32.47 58.89
N LEU J 329 42.28 -32.23 59.55
CA LEU J 329 41.23 -33.21 59.68
C LEU J 329 39.95 -32.85 58.95
N TYR J 330 39.87 -31.68 58.32
CA TYR J 330 38.67 -31.27 57.61
C TYR J 330 38.93 -31.26 56.11
N PRO J 331 38.04 -31.84 55.29
CA PRO J 331 36.80 -32.55 55.64
C PRO J 331 37.10 -33.90 56.28
N PHE J 332 38.19 -34.50 55.86
CA PHE J 332 38.71 -35.76 56.37
C PHE J 332 40.20 -35.59 56.60
N PRO J 333 40.83 -36.46 57.42
CA PRO J 333 42.27 -36.30 57.66
C PRO J 333 43.11 -36.41 56.40
N VAL J 334 43.74 -35.30 56.02
CA VAL J 334 44.59 -35.21 54.85
C VAL J 334 45.88 -34.50 55.25
N LEU J 335 46.90 -34.64 54.40
CA LEU J 335 48.14 -33.88 54.53
C LEU J 335 48.26 -32.97 53.30
N MET J 336 48.37 -31.68 53.54
CA MET J 336 48.47 -30.69 52.48
C MET J 336 49.93 -30.34 52.23
N ILE J 337 50.27 -30.12 50.97
CA ILE J 337 51.62 -29.78 50.53
C ILE J 337 51.57 -28.46 49.76
N SER J 338 52.45 -27.54 50.13
CA SER J 338 52.57 -26.24 49.48
C SER J 338 53.94 -26.12 48.84
N SER J 339 53.98 -25.50 47.66
CA SER J 339 55.18 -25.43 46.84
C SER J 339 55.90 -24.10 47.07
N HIS J 340 57.22 -24.16 47.24
CA HIS J 340 58.03 -22.96 47.41
C HIS J 340 59.30 -23.11 46.58
N ILE J 341 59.89 -21.98 46.21
CA ILE J 341 61.15 -21.93 45.46
C ILE J 341 62.19 -21.22 46.31
N PHE J 342 63.40 -21.77 46.33
CA PHE J 342 64.51 -21.19 47.07
C PHE J 342 65.74 -21.15 46.18
N PHE J 343 66.69 -20.27 46.52
CA PHE J 343 67.88 -20.07 45.72
C PHE J 343 69.14 -20.27 46.56
N THR J 344 70.07 -21.04 46.02
CA THR J 344 71.38 -21.27 46.63
C THR J 344 72.47 -20.89 45.64
N ALA J 345 73.54 -20.28 46.17
CA ALA J 345 74.64 -19.84 45.32
C ALA J 345 75.32 -21.03 44.63
N ASP J 346 75.53 -22.12 45.36
CA ASP J 346 76.17 -23.31 44.83
C ASP J 346 75.35 -24.57 45.02
N GLY J 347 74.48 -24.60 46.03
CA GLY J 347 73.69 -25.80 46.31
C GLY J 347 73.90 -26.29 47.72
N LYS J 348 75.00 -25.85 48.34
CA LYS J 348 75.30 -26.22 49.72
C LYS J 348 75.23 -25.04 50.68
N LYS J 349 75.37 -23.81 50.19
CA LYS J 349 75.30 -22.61 51.01
C LYS J 349 74.15 -21.74 50.53
N LEU J 350 73.30 -21.30 51.46
CA LEU J 350 72.16 -20.49 51.12
C LEU J 350 72.54 -19.00 51.11
N ILE J 351 71.85 -18.24 50.26
CA ILE J 351 72.09 -16.81 50.17
C ILE J 351 71.56 -16.13 51.42
N ASP J 352 72.40 -15.32 52.05
CA ASP J 352 72.04 -14.67 53.32
C ASP J 352 71.49 -13.26 53.07
N SER J 353 70.42 -13.20 52.28
CA SER J 353 69.74 -11.94 52.01
C SER J 353 68.35 -12.25 51.46
N SER J 354 67.31 -11.75 52.15
CA SER J 354 65.94 -12.04 51.75
C SER J 354 65.51 -11.27 50.52
N SER J 355 66.10 -10.10 50.27
CA SER J 355 65.69 -9.28 49.14
C SER J 355 65.98 -9.99 47.81
N VAL J 356 67.22 -10.43 47.63
CA VAL J 356 67.56 -11.14 46.39
C VAL J 356 66.83 -12.47 46.31
N GLN J 357 66.62 -13.13 47.44
CA GLN J 357 65.87 -14.38 47.45
C GLN J 357 64.47 -14.16 46.90
N HIS J 358 63.76 -13.16 47.42
CA HIS J 358 62.40 -12.88 46.95
C HIS J 358 62.39 -12.41 45.50
N SER J 359 63.36 -11.58 45.12
CA SER J 359 63.40 -11.09 43.75
C SER J 359 63.60 -12.24 42.77
N SER J 360 64.54 -13.15 43.07
CA SER J 360 64.77 -14.30 42.20
C SER J 360 63.58 -15.26 42.23
N ARG J 361 62.92 -15.40 43.38
CA ARG J 361 61.73 -16.24 43.45
C ARG J 361 60.63 -15.72 42.54
N ARG J 362 60.42 -14.40 42.53
CA ARG J 362 59.36 -13.83 41.70
C ARG J 362 59.74 -13.82 40.23
N ARG J 363 61.02 -13.60 39.91
CA ARG J 363 61.46 -13.63 38.53
C ARG J 363 61.65 -15.04 37.99
N GLN J 364 61.60 -16.05 38.86
CA GLN J 364 61.76 -17.45 38.46
C GLN J 364 60.43 -18.18 38.34
N GLY J 365 59.54 -18.01 39.31
CA GLY J 365 58.24 -18.65 39.24
C GLY J 365 57.28 -18.04 38.25
N LYS J 366 57.70 -16.98 37.55
CA LYS J 366 56.83 -16.29 36.61
C LYS J 366 56.51 -17.12 35.37
N ASN J 367 57.28 -18.18 35.09
CA ASN J 367 57.14 -18.90 33.82
C ASN J 367 56.59 -20.30 33.95
N TRP J 368 56.74 -20.97 35.10
CA TRP J 368 56.19 -22.31 35.23
C TRP J 368 54.67 -22.27 35.20
N TRP J 369 54.09 -23.11 34.37
CA TRP J 369 52.65 -23.21 34.20
C TRP J 369 52.13 -24.36 35.06
N ASN J 370 50.87 -24.75 34.83
CA ASN J 370 50.23 -25.77 35.66
C ASN J 370 50.98 -27.10 35.59
N ASN J 371 51.43 -27.50 34.40
CA ASN J 371 52.04 -28.81 34.24
C ASN J 371 53.35 -28.93 35.01
N THR J 372 54.17 -27.88 34.98
CA THR J 372 55.48 -27.93 35.63
C THR J 372 55.34 -28.16 37.14
N TRP J 373 54.48 -27.38 37.79
CA TRP J 373 54.30 -27.50 39.23
C TRP J 373 53.80 -28.88 39.61
N ARG J 374 52.83 -29.41 38.85
CA ARG J 374 52.29 -30.73 39.15
C ARG J 374 53.35 -31.82 39.00
N THR J 375 54.11 -31.76 37.90
CA THR J 375 55.14 -32.77 37.67
C THR J 375 56.19 -32.74 38.77
N LYS J 376 56.64 -31.56 39.14
CA LYS J 376 57.63 -31.45 40.21
C LYS J 376 57.06 -31.93 41.54
N LEU J 377 55.79 -31.60 41.82
CA LEU J 377 55.17 -32.03 43.07
C LEU J 377 55.09 -33.55 43.15
N LEU J 378 54.65 -34.20 42.06
CA LEU J 378 54.60 -35.66 42.07
C LEU J 378 55.98 -36.27 42.16
N ALA J 379 56.99 -35.64 41.52
CA ALA J 379 58.34 -36.16 41.60
C ALA J 379 58.85 -36.15 43.04
N PHE J 380 58.69 -35.02 43.73
CA PHE J 380 59.15 -34.94 45.11
C PHE J 380 58.34 -35.86 46.03
N ILE J 381 57.04 -35.98 45.79
CA ILE J 381 56.23 -36.90 46.61
C ILE J 381 56.70 -38.33 46.42
N LYS J 382 56.96 -38.72 45.17
CA LYS J 382 57.47 -40.05 44.88
C LYS J 382 58.87 -40.28 45.44
N TYR J 383 59.64 -39.20 45.63
CA TYR J 383 60.99 -39.36 46.17
C TYR J 383 60.97 -39.97 47.56
N LEU J 384 60.07 -39.51 48.42
CA LEU J 384 59.96 -40.03 49.78
C LEU J 384 59.11 -41.29 49.87
N SER J 385 58.55 -41.76 48.75
CA SER J 385 57.74 -42.97 48.77
C SER J 385 58.61 -44.18 49.08
N ASP J 386 58.11 -45.04 49.97
CA ASP J 386 58.82 -46.25 50.36
C ASP J 386 58.15 -47.53 49.91
N ASP J 387 56.81 -47.57 49.92
CA ASP J 387 56.05 -48.72 49.45
C ASP J 387 55.53 -48.46 48.04
N ASP J 388 54.77 -49.41 47.52
CA ASP J 388 54.34 -49.35 46.12
C ASP J 388 53.39 -48.18 45.87
N THR J 389 52.35 -48.06 46.69
CA THR J 389 51.32 -47.04 46.48
C THR J 389 51.22 -46.07 47.66
N SER J 390 52.19 -46.06 48.56
CA SER J 390 52.17 -45.17 49.71
C SER J 390 53.59 -45.03 50.24
N PHE J 391 53.71 -44.33 51.36
CA PHE J 391 54.98 -44.23 52.08
C PHE J 391 54.67 -44.26 53.57
N TYR J 392 55.53 -44.94 54.33
CA TYR J 392 55.31 -45.11 55.75
C TYR J 392 55.87 -43.93 56.52
N LEU J 393 55.13 -43.47 57.52
CA LEU J 393 55.55 -42.43 58.44
C LEU J 393 55.53 -43.04 59.83
N GLU J 394 56.66 -42.97 60.52
CA GLU J 394 56.86 -43.65 61.79
C GLU J 394 56.87 -42.64 62.93
N MET J 395 56.18 -42.98 64.01
CA MET J 395 56.28 -42.20 65.23
C MET J 395 56.40 -43.07 66.47
N GLY J 396 56.54 -44.39 66.30
CA GLY J 396 56.65 -45.32 67.40
C GLY J 396 57.38 -46.56 66.95
N SER J 397 57.62 -47.47 67.91
CA SER J 397 58.35 -48.70 67.60
C SER J 397 57.59 -49.55 66.60
N GLU J 398 56.27 -49.69 66.77
CA GLU J 398 55.47 -50.50 65.88
C GLU J 398 54.20 -49.78 65.42
N GLU J 399 54.13 -48.46 65.60
CA GLU J 399 52.97 -47.68 65.18
C GLU J 399 53.39 -46.77 64.03
N LYS J 400 52.69 -46.90 62.89
CA LYS J 400 53.02 -46.15 61.69
C LYS J 400 51.73 -45.78 60.97
N VAL J 401 51.85 -44.82 60.04
CA VAL J 401 50.74 -44.45 59.17
C VAL J 401 51.24 -44.42 57.73
N PHE J 402 50.48 -45.03 56.83
CA PHE J 402 50.83 -45.06 55.42
C PHE J 402 50.11 -43.93 54.69
N VAL J 403 50.88 -42.97 54.17
CA VAL J 403 50.35 -41.84 53.43
C VAL J 403 50.37 -42.18 51.96
N SER J 404 49.22 -42.07 51.30
CA SER J 404 49.14 -42.40 49.88
C SER J 404 50.04 -41.47 49.06
N ASN J 405 50.83 -42.06 48.16
CA ASN J 405 51.70 -41.28 47.30
C ASN J 405 50.98 -40.69 46.10
N GLU J 406 49.76 -41.14 45.83
CA GLU J 406 48.95 -40.58 44.76
C GLU J 406 48.05 -39.50 45.32
N PRO J 407 48.15 -38.25 44.86
CA PRO J 407 47.30 -37.18 45.40
C PRO J 407 45.83 -37.44 45.13
N VAL J 408 45.00 -36.87 46.01
CA VAL J 408 43.55 -37.03 45.87
C VAL J 408 43.10 -36.46 44.54
N LYS J 409 42.37 -37.25 43.77
CA LYS J 409 41.93 -36.85 42.44
C LYS J 409 40.56 -36.19 42.51
N PHE J 410 40.40 -35.12 41.73
CA PHE J 410 39.14 -34.38 41.66
C PHE J 410 38.57 -34.52 40.26
N LYS J 411 37.30 -34.95 40.19
CA LYS J 411 36.64 -35.23 38.92
C LYS J 411 35.59 -34.18 38.63
N GLY J 412 35.59 -33.65 37.41
CA GLY J 412 34.61 -32.67 37.00
C GLY J 412 33.84 -33.09 35.77
N ASN J 413 33.16 -32.13 35.13
CA ASN J 413 32.42 -32.42 33.91
C ASN J 413 32.55 -31.30 32.88
N VAL J 414 33.58 -30.48 32.95
CA VAL J 414 33.76 -29.35 32.05
C VAL J 414 35.23 -29.22 31.68
N SER J 415 35.49 -28.80 30.44
CA SER J 415 36.86 -28.62 29.98
C SER J 415 37.02 -27.32 29.20
N TYR J 416 38.16 -27.15 28.55
CA TYR J 416 38.48 -25.92 27.82
C TYR J 416 38.76 -26.17 26.34
N ASN J 417 38.50 -27.38 25.84
CA ASN J 417 38.74 -27.72 24.44
C ASN J 417 40.17 -27.41 24.01
N ILE J 418 40.32 -26.43 23.13
CA ILE J 418 41.61 -26.04 22.57
C ILE J 418 42.35 -27.25 21.98
N MET M 1 17.31 77.23 32.84
CA MET M 1 17.96 76.48 31.76
C MET M 1 19.12 75.65 32.30
N LYS M 2 19.07 74.35 32.05
CA LYS M 2 20.11 73.43 32.48
C LYS M 2 20.47 72.47 31.36
N GLU M 3 21.69 71.97 31.39
CA GLU M 3 22.21 71.10 30.35
C GLU M 3 22.13 69.64 30.75
N LEU M 4 21.93 68.77 29.77
CA LEU M 4 21.95 67.33 29.95
C LEU M 4 22.97 66.73 29.01
N ILE M 5 23.98 66.08 29.57
CA ILE M 5 24.97 65.35 28.79
C ILE M 5 24.51 63.91 28.66
N TYR M 6 24.79 63.30 27.51
CA TYR M 6 24.31 61.96 27.18
C TYR M 6 25.46 60.97 27.24
N ILE M 7 25.24 59.83 27.90
CA ILE M 7 26.23 58.77 28.01
C ILE M 7 25.72 57.59 27.18
N GLU M 8 26.54 57.14 26.24
CA GLU M 8 26.13 56.12 25.28
C GLU M 8 26.06 54.75 25.94
N GLU M 9 25.26 53.88 25.33
CA GLU M 9 25.06 52.54 25.87
C GLU M 9 26.29 51.68 25.65
N PRO M 10 26.76 50.96 26.67
CA PRO M 10 27.90 50.06 26.48
C PRO M 10 27.48 48.77 25.78
N LYS M 11 28.49 47.96 25.45
CA LYS M 11 28.28 46.70 24.76
C LYS M 11 28.67 45.54 25.67
N ILE M 12 27.91 44.45 25.56
CA ILE M 12 28.18 43.22 26.30
C ILE M 12 28.64 42.16 25.31
N LEU M 13 29.78 41.53 25.58
CA LEU M 13 30.42 40.67 24.61
C LEU M 13 29.85 39.25 24.68
N PHE M 14 29.43 38.74 23.51
CA PHE M 14 28.90 37.40 23.35
C PHE M 14 29.95 36.51 22.70
N ALA M 15 29.53 35.32 22.29
CA ALA M 15 30.45 34.31 21.76
C ALA M 15 31.19 34.83 20.53
N HIS M 16 32.35 34.22 20.28
CA HIS M 16 33.29 34.61 19.22
C HIS M 16 33.44 36.12 19.10
N GLY M 17 33.52 36.78 20.26
CA GLY M 17 33.85 38.19 20.32
C GLY M 17 32.94 39.11 19.54
N GLN M 18 31.62 38.92 19.65
CA GLN M 18 30.65 39.71 18.92
C GLN M 18 29.93 40.64 19.90
N LYS M 19 30.21 41.93 19.80
CA LYS M 19 29.56 42.91 20.67
C LYS M 19 28.08 43.06 20.31
N CYS M 20 27.31 43.51 21.28
CA CYS M 20 25.88 43.73 21.10
C CYS M 20 25.40 44.60 22.25
N THR M 21 24.17 45.12 22.10
CA THR M 21 23.60 46.00 23.10
C THR M 21 22.52 45.34 23.94
N ASP M 22 21.92 44.25 23.47
CA ASP M 22 20.90 43.51 24.21
C ASP M 22 21.42 42.12 24.51
N ALA M 23 21.09 41.61 25.71
CA ALA M 23 21.48 40.25 26.06
C ALA M 23 20.67 39.22 25.28
N ARG M 24 19.36 39.44 25.18
CA ARG M 24 18.48 38.47 24.52
C ARG M 24 18.87 38.31 23.06
N ASP M 25 19.06 39.42 22.34
CA ASP M 25 19.39 39.34 20.92
C ASP M 25 20.78 38.76 20.72
N GLY M 26 21.74 39.14 21.56
CA GLY M 26 23.08 38.60 21.42
C GLY M 26 23.13 37.11 21.65
N LEU M 27 22.37 36.62 22.63
CA LEU M 27 22.33 35.19 22.89
C LEU M 27 21.59 34.45 21.78
N ALA M 28 20.48 35.00 21.31
CA ALA M 28 19.73 34.37 20.22
C ALA M 28 20.47 34.42 18.90
N LEU M 29 21.49 35.27 18.77
CA LEU M 29 22.25 35.37 17.53
C LEU M 29 23.65 34.80 17.62
N PHE M 30 24.34 34.93 18.75
CA PHE M 30 25.75 34.55 18.83
C PHE M 30 26.01 33.39 19.77
N GLY M 31 25.37 33.35 20.93
CA GLY M 31 25.58 32.28 21.87
C GLY M 31 26.40 32.68 23.07
N PRO M 32 26.46 31.83 24.07
CA PRO M 32 27.16 32.16 25.32
C PRO M 32 28.67 32.01 25.18
N LEU M 33 29.37 32.47 26.22
CA LEU M 33 30.83 32.45 26.19
C LEU M 33 31.37 31.02 26.26
N ASN M 34 30.88 30.24 27.22
CA ASN M 34 31.31 28.85 27.38
C ASN M 34 30.14 27.92 27.13
N ASN M 35 30.45 26.70 26.71
CA ASN M 35 29.45 25.70 26.37
C ASN M 35 29.41 24.62 27.45
N LEU M 36 28.22 24.38 27.98
CA LEU M 36 27.98 23.19 28.80
C LEU M 36 27.54 22.05 27.89
N TYR M 37 27.86 20.83 28.31
CA TYR M 37 27.41 19.69 27.53
C TYR M 37 25.93 19.43 27.78
N GLY M 38 25.45 19.68 28.99
CA GLY M 38 24.05 19.50 29.30
C GLY M 38 23.79 19.88 30.74
N ILE M 39 22.52 19.86 31.10
CA ILE M 39 22.08 20.16 32.45
C ILE M 39 21.39 18.94 33.02
N LYS M 40 21.93 18.39 34.10
CA LYS M 40 21.33 17.27 34.81
C LYS M 40 20.51 17.81 35.98
N SER M 41 19.21 17.60 35.94
CA SER M 41 18.28 18.27 36.84
C SER M 41 17.80 17.32 37.92
N GLY M 42 17.89 17.75 39.18
CA GLY M 42 17.27 17.07 40.29
C GLY M 42 16.06 17.87 40.75
N VAL M 43 14.94 17.18 40.90
CA VAL M 43 13.66 17.81 41.19
C VAL M 43 13.18 17.34 42.56
N ILE M 44 12.88 18.30 43.43
CA ILE M 44 12.33 18.03 44.76
C ILE M 44 10.92 18.58 44.81
N GLY M 45 9.98 17.77 45.27
CA GLY M 45 8.61 18.19 45.39
C GLY M 45 7.68 17.00 45.26
N THR M 46 6.39 17.30 45.17
CA THR M 46 5.38 16.26 45.05
C THR M 46 5.40 15.67 43.64
N LYS M 47 4.51 14.71 43.40
CA LYS M 47 4.38 14.12 42.07
C LYS M 47 3.81 15.12 41.08
N GLN M 48 2.84 15.94 41.52
CA GLN M 48 2.29 16.96 40.65
C GLN M 48 3.35 17.99 40.26
N GLY M 49 4.21 18.36 41.20
CA GLY M 49 5.31 19.25 40.87
C GLY M 49 6.26 18.65 39.86
N LEU M 50 6.54 17.35 39.99
CA LEU M 50 7.39 16.68 39.00
C LEU M 50 6.74 16.70 37.63
N LYS M 51 5.43 16.43 37.56
CA LYS M 51 4.75 16.47 36.27
C LYS M 51 4.78 17.87 35.67
N ILE M 52 4.55 18.89 36.50
CA ILE M 52 4.55 20.26 36.01
C ILE M 52 5.93 20.66 35.49
N PHE M 53 6.98 20.33 36.24
CA PHE M 53 8.33 20.64 35.79
C PHE M 53 8.66 19.90 34.50
N ARG M 54 8.22 18.63 34.39
CA ARG M 54 8.46 17.87 33.16
C ARG M 54 7.80 18.54 31.97
N ASP M 55 6.52 18.94 32.12
CA ASP M 55 5.82 19.53 30.99
C ASP M 55 6.41 20.87 30.61
N TYR M 56 6.84 21.67 31.60
CA TYR M 56 7.44 22.96 31.28
C TYR M 56 8.81 22.79 30.62
N LEU M 57 9.59 21.80 31.07
CA LEU M 57 10.87 21.53 30.43
C LEU M 57 10.68 21.09 29.00
N ASP M 58 9.66 20.27 28.73
CA ASP M 58 9.35 19.93 27.34
C ASP M 58 8.86 21.13 26.56
N HIS M 59 8.10 22.01 27.22
CA HIS M 59 7.54 23.20 26.56
C HIS M 59 8.63 24.16 26.11
N ILE M 60 9.67 24.34 26.91
CA ILE M 60 10.69 25.33 26.57
C ILE M 60 11.69 24.76 25.58
N GLN M 61 11.42 23.55 25.08
CA GLN M 61 12.24 23.02 24.00
C GLN M 61 11.88 23.64 22.65
N LYS M 62 10.63 24.04 22.50
CA LYS M 62 10.06 24.61 21.29
C LYS M 62 10.14 26.13 21.32
N PRO M 63 10.10 26.79 20.15
CA PRO M 63 10.10 28.26 20.14
C PRO M 63 8.86 28.82 20.81
N ILE M 64 9.05 29.94 21.52
CA ILE M 64 7.96 30.63 22.19
C ILE M 64 7.88 32.05 21.64
N TYR M 65 6.71 32.66 21.79
CA TYR M 65 6.43 33.95 21.20
C TYR M 65 5.84 34.91 22.22
N ASN M 66 6.18 36.18 22.08
CA ASN M 66 5.53 37.26 22.80
C ASN M 66 4.50 37.93 21.90
N SER M 67 3.75 38.86 22.50
CA SER M 67 2.73 39.58 21.73
C SER M 67 3.37 40.47 20.67
N ASN M 68 4.35 41.27 21.07
CA ASN M 68 5.04 42.19 20.16
C ASN M 68 6.53 41.88 20.26
N SER M 69 7.11 41.36 19.18
CA SER M 69 8.47 40.85 19.18
C SER M 69 9.52 41.94 19.05
N ILE M 70 9.17 43.21 19.27
CA ILE M 70 10.13 44.30 19.33
C ILE M 70 10.45 44.66 20.77
N THR M 71 9.42 44.83 21.59
CA THR M 71 9.63 45.09 23.02
C THR M 71 10.33 43.91 23.68
N ARG M 72 9.87 42.69 23.39
CA ARG M 72 10.44 41.48 23.95
C ARG M 72 10.76 40.52 22.81
N PRO M 73 12.03 40.26 22.52
CA PRO M 73 12.36 39.26 21.49
C PRO M 73 11.84 37.89 21.89
N MET M 74 11.52 37.09 20.87
CA MET M 74 10.99 35.76 21.12
C MET M 74 12.11 34.82 21.58
N PHE M 75 11.70 33.67 22.13
CA PHE M 75 12.63 32.66 22.58
C PHE M 75 12.74 31.57 21.54
N PRO M 76 13.89 31.40 20.87
CA PRO M 76 14.01 30.32 19.88
C PRO M 76 13.85 28.93 20.45
N GLY M 77 14.26 28.70 21.69
CA GLY M 77 14.27 27.38 22.30
C GLY M 77 15.60 27.24 23.01
N PHE M 78 15.61 26.41 24.05
CA PHE M 78 16.78 26.36 24.93
C PHE M 78 18.04 25.92 24.18
N GLU M 79 17.93 24.86 23.39
CA GLU M 79 19.11 24.35 22.70
C GLU M 79 19.55 25.31 21.60
N ALA M 80 18.59 25.92 20.90
CA ALA M 80 18.93 26.89 19.86
C ALA M 80 19.70 28.07 20.43
N VAL M 81 19.43 28.45 21.67
CA VAL M 81 20.13 29.57 22.30
C VAL M 81 21.46 29.13 22.88
N PHE M 82 21.42 28.20 23.84
CA PHE M 82 22.57 27.95 24.70
C PHE M 82 23.45 26.79 24.24
N ASP M 83 23.06 26.08 23.18
CA ASP M 83 23.81 24.93 22.68
C ASP M 83 23.98 23.86 23.76
N CYS M 84 22.97 23.73 24.61
CA CYS M 84 23.02 22.80 25.74
C CYS M 84 21.74 22.00 25.79
N LYS M 85 21.86 20.76 26.25
CA LYS M 85 20.69 19.91 26.46
C LYS M 85 20.21 20.08 27.89
N TRP M 86 18.97 20.55 28.05
CA TRP M 86 18.30 20.61 29.35
C TRP M 86 16.94 19.96 29.15
N GLU M 87 16.89 18.64 29.28
CA GLU M 87 15.73 17.84 28.93
C GLU M 87 15.07 17.28 30.17
N SER M 88 13.86 16.77 29.99
CA SER M 88 13.12 16.11 31.06
C SER M 88 13.56 14.67 31.27
N THR M 89 14.45 14.15 30.43
CA THR M 89 14.98 12.81 30.60
C THR M 89 16.14 12.76 31.60
N GLY M 90 16.72 13.90 31.95
CA GLY M 90 17.80 13.95 32.92
C GLY M 90 17.32 14.25 34.32
N ILE M 91 16.01 14.06 34.54
CA ILE M 91 15.40 14.37 35.82
C ILE M 91 15.71 13.27 36.82
N THR M 92 16.21 13.66 37.99
CA THR M 92 16.49 12.75 39.11
C THR M 92 15.53 13.15 40.24
N PHE M 93 14.34 12.54 40.24
CA PHE M 93 13.28 12.97 41.14
C PHE M 93 13.44 12.38 42.52
N LYS M 94 13.10 13.18 43.54
CA LYS M 94 13.06 12.74 44.94
C LYS M 94 11.68 13.11 45.49
N GLU M 95 10.82 12.11 45.62
CA GLU M 95 9.42 12.33 45.93
C GLU M 95 9.25 12.87 47.35
N VAL M 96 8.34 13.82 47.51
CA VAL M 96 7.95 14.37 48.81
C VAL M 96 6.44 14.30 48.91
N THR M 97 5.95 13.52 49.87
CA THR M 97 4.51 13.30 50.00
C THR M 97 3.82 14.52 50.58
N ASN M 98 2.53 14.66 50.25
CA ASN M 98 1.77 15.81 50.74
C ASN M 98 1.54 15.73 52.24
N GLU M 99 1.33 14.52 52.77
CA GLU M 99 1.20 14.36 54.22
C GLU M 99 2.48 14.78 54.94
N ASP M 100 3.63 14.55 54.32
CA ASP M 100 4.89 15.03 54.86
C ASP M 100 4.85 16.55 55.01
N ILE M 101 4.42 17.25 53.96
CA ILE M 101 4.32 18.69 54.03
C ILE M 101 3.35 19.11 55.13
N GLY M 102 2.20 18.44 55.20
CA GLY M 102 1.18 18.81 56.17
C GLY M 102 1.61 18.62 57.62
N LYS M 103 2.41 17.59 57.90
CA LYS M 103 2.68 17.27 59.28
C LYS M 103 3.65 18.25 59.95
N PHE M 104 4.30 19.13 59.17
CA PHE M 104 4.97 20.30 59.73
C PHE M 104 4.27 21.61 59.39
N LEU M 105 3.45 21.65 58.35
CA LEU M 105 2.84 22.92 57.94
C LEU M 105 1.70 23.32 58.87
N TYR M 106 0.95 22.34 59.39
CA TYR M 106 -0.28 22.61 60.11
C TYR M 106 -0.07 22.86 61.60
N ASN M 107 1.12 23.30 61.99
CA ASN M 107 1.37 23.67 63.37
C ASN M 107 0.90 25.10 63.63
N SER M 108 1.10 25.57 64.86
CA SER M 108 0.69 26.91 65.25
C SER M 108 1.82 27.93 65.18
N SER M 109 3.06 27.52 65.38
CA SER M 109 4.18 28.45 65.36
C SER M 109 4.45 28.91 63.93
N THR M 110 5.07 30.09 63.83
CA THR M 110 5.40 30.69 62.54
C THR M 110 6.83 30.40 62.11
N HIS M 111 7.80 30.56 63.01
CA HIS M 111 9.18 30.24 62.67
C HIS M 111 9.40 28.74 62.61
N LYS M 112 8.69 27.97 63.44
CA LYS M 112 8.95 26.54 63.52
C LYS M 112 8.49 25.80 62.27
N ARG M 113 7.37 26.22 61.68
CA ARG M 113 6.92 25.56 60.46
C ARG M 113 7.91 25.77 59.31
N THR M 114 8.40 27.00 59.14
CA THR M 114 9.42 27.25 58.13
C THR M 114 10.68 26.46 58.43
N TYR M 115 11.10 26.45 59.70
CA TYR M 115 12.31 25.72 60.08
C TYR M 115 12.17 24.24 59.73
N ASP M 116 11.04 23.64 60.06
CA ASP M 116 10.86 22.21 59.82
C ASP M 116 10.76 21.90 58.34
N LEU M 117 10.03 22.72 57.58
CA LEU M 117 9.90 22.47 56.15
C LEU M 117 11.24 22.60 55.44
N VAL M 118 11.99 23.66 55.74
CA VAL M 118 13.33 23.81 55.17
C VAL M 118 14.22 22.66 55.61
N SER M 119 14.08 22.22 56.86
CA SER M 119 14.89 21.11 57.35
C SER M 119 14.63 19.85 56.54
N LEU M 120 13.36 19.52 56.32
CA LEU M 120 13.04 18.32 55.56
C LEU M 120 13.56 18.44 54.12
N PHE M 121 13.39 19.61 53.50
CA PHE M 121 13.82 19.78 52.12
C PHE M 121 15.34 19.64 52.00
N ILE M 122 16.09 20.36 52.84
CA ILE M 122 17.54 20.33 52.75
C ILE M 122 18.10 18.98 53.18
N ASP M 123 17.45 18.29 54.12
CA ASP M 123 17.89 16.94 54.45
C ASP M 123 17.71 15.99 53.28
N LYS M 124 16.59 16.09 52.57
CA LYS M 124 16.41 15.25 51.38
C LYS M 124 17.48 15.57 50.32
N ILE M 125 17.74 16.85 50.10
CA ILE M 125 18.73 17.23 49.09
C ILE M 125 20.12 16.74 49.49
N ILE M 126 20.49 16.90 50.77
CA ILE M 126 21.82 16.50 51.22
C ILE M 126 21.97 14.97 51.19
N SER M 127 20.91 14.25 51.56
CA SER M 127 20.95 12.79 51.47
C SER M 127 21.15 12.35 50.01
N ALA M 128 20.39 12.96 49.10
CA ALA M 128 20.55 12.61 47.69
C ALA M 128 21.92 13.00 47.15
N ASN M 129 22.51 14.07 47.68
CA ASN M 129 23.81 14.51 47.21
C ASN M 129 24.94 13.61 47.73
N LYS M 130 24.85 13.20 48.99
CA LYS M 130 25.94 12.44 49.60
C LYS M 130 25.99 11.00 49.12
N ASN M 131 24.85 10.33 49.01
CA ASN M 131 24.81 8.89 48.83
C ASN M 131 23.86 8.48 47.72
N GLU M 132 23.98 9.13 46.57
CA GLU M 132 23.37 8.65 45.34
C GLU M 132 24.41 8.67 44.23
N ASP M 133 24.27 7.72 43.30
CA ASP M 133 25.30 7.54 42.29
C ASP M 133 25.25 8.63 41.21
N GLU M 134 24.08 9.21 40.98
CA GLU M 134 23.90 10.20 39.93
C GLU M 134 24.61 11.51 40.27
N ASN M 135 24.92 12.28 39.23
CA ASN M 135 25.53 13.60 39.38
C ASN M 135 24.53 14.66 38.94
N VAL M 136 24.10 15.49 39.87
CA VAL M 136 23.10 16.52 39.62
C VAL M 136 23.78 17.88 39.67
N ASP M 137 23.55 18.68 38.62
CA ASP M 137 24.16 20.01 38.55
C ASP M 137 23.35 21.02 39.34
N VAL M 138 22.09 21.22 38.98
CA VAL M 138 21.20 22.17 39.64
C VAL M 138 20.01 21.39 40.19
N TRP M 139 19.63 21.70 41.43
CA TRP M 139 18.48 21.09 42.07
C TRP M 139 17.30 22.06 41.98
N PHE M 140 16.22 21.61 41.37
CA PHE M 140 15.05 22.47 41.13
C PHE M 140 13.98 22.11 42.16
N VAL M 141 13.82 22.98 43.15
CA VAL M 141 12.90 22.74 44.26
C VAL M 141 11.56 23.35 43.88
N ILE M 142 10.62 22.50 43.47
CA ILE M 142 9.26 22.94 43.15
C ILE M 142 8.45 22.96 44.45
N VAL M 143 7.87 24.11 44.77
CA VAL M 143 7.06 24.24 45.99
C VAL M 143 5.62 24.54 45.61
N PRO M 144 4.64 24.00 46.32
CA PRO M 144 3.25 24.39 46.09
C PRO M 144 2.96 25.76 46.70
N ASP M 145 1.79 26.29 46.32
CA ASP M 145 1.36 27.57 46.88
C ASP M 145 0.70 27.36 48.23
N GLU M 146 1.39 26.62 49.11
CA GLU M 146 0.92 26.43 50.48
C GLU M 146 2.08 26.50 51.47
N ILE M 147 3.29 26.85 51.02
CA ILE M 147 4.43 27.04 51.89
C ILE M 147 4.88 28.49 51.90
N TYR M 148 5.31 29.01 50.75
CA TYR M 148 5.81 30.38 50.70
C TYR M 148 4.74 31.39 51.07
N LYS M 149 3.47 31.03 50.89
CA LYS M 149 2.38 31.92 51.32
C LYS M 149 2.39 32.10 52.82
N TYR M 150 2.63 31.02 53.57
CA TYR M 150 2.62 31.06 55.03
C TYR M 150 4.01 30.94 55.65
N CYS M 151 5.07 31.15 54.87
CA CYS M 151 6.42 31.09 55.37
C CYS M 151 7.11 32.44 55.29
N ARG M 152 6.36 33.52 55.44
CA ARG M 152 6.93 34.86 55.46
C ARG M 152 5.97 35.83 56.14
N GLN M 205 11.18 34.09 54.47
CA GLN M 205 11.82 33.33 55.55
C GLN M 205 12.17 31.93 55.08
N PHE M 206 11.36 31.40 54.14
CA PHE M 206 11.65 30.08 53.60
C PHE M 206 12.86 30.11 52.70
N HIS M 207 12.91 31.09 51.78
CA HIS M 207 13.96 31.11 50.76
C HIS M 207 15.33 31.41 51.38
N ASP M 208 15.40 32.41 52.26
CA ASP M 208 16.68 32.79 52.83
C ASP M 208 17.26 31.66 53.67
N GLN M 209 16.42 31.04 54.50
CA GLN M 209 16.87 29.92 55.32
C GLN M 209 17.26 28.73 54.44
N PHE M 210 16.49 28.47 53.39
CA PHE M 210 16.80 27.39 52.46
C PHE M 210 18.18 27.56 51.87
N LYS M 211 18.49 28.77 51.40
CA LYS M 211 19.78 28.99 50.77
C LYS M 211 20.90 29.06 51.79
N ALA M 212 20.61 29.48 53.03
CA ALA M 212 21.65 29.56 54.04
C ALA M 212 22.04 28.20 54.58
N ARG M 213 21.09 27.26 54.62
CA ARG M 213 21.37 25.95 55.22
C ARG M 213 22.05 24.99 54.25
N LEU M 214 22.25 25.38 53.00
CA LEU M 214 23.00 24.58 52.03
C LEU M 214 24.39 25.13 51.77
N LEU M 215 24.82 26.14 52.53
CA LEU M 215 26.06 26.84 52.20
C LEU M 215 27.28 25.94 52.40
N LYS M 216 27.33 25.20 53.51
CA LYS M 216 28.48 24.35 53.78
C LYS M 216 28.62 23.21 52.79
N HIS M 217 27.55 22.86 52.07
CA HIS M 217 27.59 21.79 51.09
C HIS M 217 27.77 22.29 49.67
N THR M 218 27.43 23.54 49.38
CA THR M 218 27.62 24.17 48.08
C THR M 218 26.90 23.39 46.97
N ILE M 219 25.57 23.37 47.07
CA ILE M 219 24.72 22.78 46.06
C ILE M 219 23.97 23.92 45.35
N PRO M 220 24.27 24.20 44.07
CA PRO M 220 23.47 25.19 43.33
C PRO M 220 22.03 24.75 43.21
N THR M 221 21.12 25.59 43.67
CA THR M 221 19.70 25.26 43.73
C THR M 221 18.86 26.40 43.22
N GLN M 222 17.73 26.07 42.61
CA GLN M 222 16.77 27.05 42.11
C GLN M 222 15.39 26.69 42.63
N ILE M 223 14.74 27.65 43.28
CA ILE M 223 13.42 27.46 43.86
C ILE M 223 12.37 27.94 42.87
N PHE M 224 11.31 27.15 42.71
CA PHE M 224 10.21 27.47 41.82
C PHE M 224 8.90 27.35 42.58
N ARG M 225 7.91 28.12 42.16
CA ARG M 225 6.56 28.01 42.66
C ARG M 225 5.70 27.33 41.60
N GLU M 226 4.79 26.45 42.05
CA GLU M 226 3.95 25.72 41.12
C GLU M 226 3.08 26.65 40.27
N SER M 227 2.78 27.85 40.75
CA SER M 227 2.03 28.80 39.94
C SER M 227 2.92 29.43 38.86
N THR M 228 4.22 29.54 39.11
CA THR M 228 5.11 30.12 38.12
C THR M 228 5.20 29.25 36.87
N LEU M 229 5.32 27.94 37.06
CA LEU M 229 5.43 27.02 35.93
C LEU M 229 4.08 26.58 35.39
N ALA M 230 3.03 26.58 36.22
CA ALA M 230 1.71 26.15 35.79
C ALA M 230 0.71 27.29 35.94
N TRP M 231 1.09 28.48 35.48
CA TRP M 231 0.19 29.64 35.56
C TRP M 231 -1.09 29.42 34.77
N ARG M 232 -1.04 28.60 33.72
CA ARG M 232 -2.20 28.42 32.86
C ARG M 232 -3.37 27.80 33.62
N ASP M 233 -3.09 26.82 34.47
CA ASP M 233 -4.13 26.10 35.19
C ASP M 233 -4.32 26.57 36.63
N PHE M 234 -3.40 27.38 37.16
CA PHE M 234 -3.48 27.80 38.55
C PHE M 234 -4.17 29.17 38.66
N LYS M 235 -5.46 29.17 38.32
CA LYS M 235 -6.28 30.35 38.44
C LYS M 235 -6.81 30.48 39.86
N ASN M 236 -7.62 31.51 40.10
CA ASN M 236 -8.24 31.71 41.40
C ASN M 236 -9.54 30.90 41.46
N ALA M 237 -10.31 31.08 42.54
CA ALA M 237 -11.61 30.44 42.63
C ALA M 237 -12.57 30.98 41.58
N PHE M 238 -12.33 32.19 41.09
CA PHE M 238 -13.14 32.80 40.04
C PHE M 238 -12.76 32.30 38.65
N GLY M 239 -11.64 31.60 38.51
CA GLY M 239 -11.17 31.15 37.23
C GLY M 239 -10.23 32.10 36.53
N LEU M 240 -9.95 33.27 37.11
CA LEU M 240 -9.01 34.20 36.53
C LEU M 240 -7.58 33.78 36.88
N PRO M 241 -6.71 33.56 35.90
CA PRO M 241 -5.30 33.28 36.22
C PRO M 241 -4.64 34.47 36.90
N ILE M 242 -4.29 34.31 38.18
CA ILE M 242 -3.74 35.42 38.95
C ILE M 242 -2.32 35.79 38.54
N ARG M 243 -1.72 35.05 37.62
CA ARG M 243 -0.34 35.24 37.20
C ARG M 243 -0.23 35.20 35.69
N ASP M 244 -1.06 36.00 35.02
CA ASP M 244 -1.16 35.98 33.56
C ASP M 244 0.20 36.18 32.90
N PHE M 245 0.65 35.16 32.19
CA PHE M 245 1.90 35.17 31.44
C PHE M 245 1.68 35.09 29.93
N SER M 246 0.43 35.18 29.48
CA SER M 246 0.11 34.88 28.08
C SER M 246 0.81 35.84 27.13
N LYS M 247 1.17 37.03 27.59
CA LYS M 247 1.77 38.05 26.74
C LYS M 247 3.24 38.30 27.08
N ILE M 248 3.82 37.50 27.98
CA ILE M 248 5.20 37.71 28.42
C ILE M 248 5.94 36.37 28.37
N GLU M 249 5.18 35.29 28.16
CA GLU M 249 5.69 33.91 28.27
C GLU M 249 7.10 33.73 27.72
N GLY M 250 7.40 34.31 26.56
CA GLY M 250 8.73 34.19 26.01
C GLY M 250 9.79 34.84 26.89
N HIS M 251 9.45 35.97 27.52
CA HIS M 251 10.39 36.60 28.43
C HIS M 251 10.57 35.79 29.70
N LEU M 252 9.50 35.15 30.18
CA LEU M 252 9.60 34.24 31.31
C LEU M 252 10.55 33.09 30.98
N ALA M 253 10.42 32.52 29.78
CA ALA M 253 11.33 31.47 29.35
C ALA M 253 12.76 31.98 29.28
N TRP M 254 12.95 33.21 28.77
CA TRP M 254 14.29 33.79 28.70
C TRP M 254 14.93 33.88 30.08
N THR M 255 14.20 34.45 31.04
CA THR M 255 14.76 34.61 32.39
C THR M 255 15.03 33.26 33.05
N ILE M 256 14.09 32.32 32.93
CA ILE M 256 14.26 31.02 33.57
C ILE M 256 15.45 30.28 32.97
N SER M 257 15.55 30.27 31.64
CA SER M 257 16.65 29.58 30.98
C SER M 257 17.98 30.21 31.33
N THR M 258 18.04 31.55 31.38
CA THR M 258 19.31 32.20 31.72
C THR M 258 19.73 31.90 33.14
N ALA M 259 18.78 31.93 34.08
CA ALA M 259 19.11 31.60 35.47
C ALA M 259 19.61 30.17 35.59
N ALA M 260 18.90 29.23 34.93
CA ALA M 260 19.31 27.82 35.00
C ALA M 260 20.67 27.60 34.37
N PHE M 261 20.93 28.25 33.22
CA PHE M 261 22.21 28.10 32.56
C PHE M 261 23.34 28.72 33.37
N TYR M 262 23.05 29.77 34.13
CA TYR M 262 24.07 30.38 34.98
C TYR M 262 24.39 29.50 36.17
N LYS M 263 23.36 28.95 36.82
CA LYS M 263 23.58 28.15 38.03
C LYS M 263 24.27 26.82 37.74
N ALA M 264 24.38 26.42 36.48
CA ALA M 264 25.00 25.16 36.10
C ALA M 264 26.41 25.34 35.56
N GLY M 265 27.03 26.50 35.80
CA GLY M 265 28.40 26.72 35.41
C GLY M 265 28.62 27.40 34.07
N GLY M 266 27.58 27.96 33.46
CA GLY M 266 27.71 28.63 32.17
C GLY M 266 27.77 30.13 32.35
N LYS M 267 28.61 30.78 31.53
CA LYS M 267 28.72 32.23 31.52
C LYS M 267 28.01 32.77 30.30
N PRO M 268 26.85 33.41 30.43
CA PRO M 268 26.08 33.80 29.24
C PRO M 268 26.66 34.99 28.48
N TRP M 269 27.26 35.95 29.18
CA TRP M 269 27.88 37.09 28.53
C TRP M 269 28.83 37.76 29.52
N LYS M 270 29.41 38.89 29.09
CA LYS M 270 30.38 39.60 29.90
C LYS M 270 30.41 41.06 29.45
N LEU M 271 31.40 41.81 29.94
CA LEU M 271 31.60 43.20 29.55
C LEU M 271 32.80 43.30 28.62
N SER M 272 32.62 44.01 27.51
CA SER M 272 33.66 44.14 26.49
C SER M 272 34.53 45.38 26.68
N ASP M 273 33.97 46.48 27.17
CA ASP M 273 34.67 47.76 27.29
C ASP M 273 34.81 48.11 28.77
N VAL M 274 35.91 47.64 29.37
CA VAL M 274 36.27 48.04 30.72
C VAL M 274 37.79 48.02 30.81
N ARG M 275 38.33 48.93 31.62
CA ARG M 275 39.77 49.11 31.71
C ARG M 275 40.37 48.15 32.73
N ASN M 276 41.63 47.78 32.50
CA ASN M 276 42.34 46.91 33.42
C ASN M 276 42.86 47.69 34.63
N GLY M 277 43.29 46.94 35.64
CA GLY M 277 43.85 47.53 36.83
C GLY M 277 42.85 48.18 37.77
N VAL M 278 41.56 48.14 37.45
CA VAL M 278 40.55 48.76 38.29
C VAL M 278 39.70 47.65 38.90
N CYS M 279 39.18 47.92 40.09
CA CYS M 279 38.30 47.01 40.80
C CYS M 279 37.18 47.80 41.46
N TYR M 280 36.03 47.17 41.60
CA TYR M 280 34.86 47.80 42.19
C TYR M 280 34.35 46.95 43.34
N LEU M 281 33.89 47.60 44.40
CA LEU M 281 33.32 46.91 45.56
C LEU M 281 31.96 47.51 45.85
N GLY M 282 30.92 46.69 45.78
CA GLY M 282 29.61 47.11 46.20
C GLY M 282 29.37 46.71 47.64
N LEU M 283 29.27 47.69 48.52
CA LEU M 283 29.09 47.44 49.95
C LEU M 283 27.65 47.73 50.33
N VAL M 284 27.00 46.77 50.98
CA VAL M 284 25.64 46.94 51.46
C VAL M 284 25.60 46.60 52.94
N TYR M 285 24.63 47.21 53.64
CA TYR M 285 24.43 46.99 55.06
C TYR M 285 23.07 46.35 55.26
N LYS M 286 23.01 45.36 56.16
CA LYS M 286 21.79 44.64 56.45
C LYS M 286 21.59 44.58 57.95
N LYS M 287 20.34 44.32 58.34
CA LYS M 287 19.94 44.23 59.74
C LYS M 287 19.76 42.77 60.13
N VAL M 288 20.43 42.35 61.20
CA VAL M 288 20.28 41.00 61.74
C VAL M 288 19.18 41.05 62.78
N GLU M 289 17.99 40.58 62.40
CA GLU M 289 16.84 40.60 63.31
C GLU M 289 16.92 39.51 64.36
N LYS M 290 17.54 38.38 64.05
CA LYS M 290 17.57 37.23 64.94
C LYS M 290 18.76 37.23 65.90
N SER M 291 19.59 38.27 65.88
CA SER M 291 20.71 38.35 66.81
C SER M 291 20.21 38.68 68.21
N LYS M 292 21.15 38.83 69.14
CA LYS M 292 20.80 39.19 70.51
C LYS M 292 20.11 40.55 70.55
N ASN M 293 20.72 41.55 69.93
CA ASN M 293 20.06 42.83 69.80
C ASN M 293 18.97 42.75 68.74
N PRO M 294 17.92 43.58 68.85
CA PRO M 294 16.89 43.60 67.80
C PRO M 294 17.45 43.94 66.44
N ARG M 295 18.49 44.77 66.38
CA ARG M 295 19.17 45.10 65.14
C ARG M 295 20.68 45.06 65.36
N ASN M 296 21.38 44.45 64.41
CA ASN M 296 22.85 44.36 64.45
C ASN M 296 23.34 44.55 63.01
N ALA M 297 24.04 45.65 62.77
CA ALA M 297 24.42 45.97 61.39
C ALA M 297 25.46 45.00 60.87
N CYS M 298 25.30 44.59 59.61
CA CYS M 298 26.28 43.70 58.99
C CYS M 298 26.59 44.20 57.58
N CYS M 299 27.88 44.33 57.29
CA CYS M 299 28.35 44.80 55.99
C CYS M 299 28.74 43.60 55.14
N ALA M 300 28.22 43.56 53.92
CA ALA M 300 28.53 42.53 52.93
C ALA M 300 28.92 43.20 51.62
N ALA M 301 29.96 42.68 50.98
CA ALA M 301 30.54 43.31 49.81
C ALA M 301 30.58 42.33 48.63
N GLN M 302 30.42 42.89 47.43
CA GLN M 302 30.54 42.15 46.18
C GLN M 302 31.66 42.77 45.35
N MET M 303 32.59 41.95 44.90
CA MET M 303 33.78 42.40 44.17
C MET M 303 33.61 42.18 42.67
N PHE M 304 34.10 43.15 41.89
CA PHE M 304 34.13 43.02 40.43
C PHE M 304 35.45 43.58 39.92
N LEU M 305 36.31 42.70 39.42
CA LEU M 305 37.52 43.06 38.69
C LEU M 305 37.36 42.55 37.26
N ASP M 306 38.34 42.84 36.40
CA ASP M 306 38.11 42.33 35.06
C ASP M 306 38.52 40.87 34.96
N ASN M 307 39.82 40.61 34.80
CA ASN M 307 40.50 39.35 35.11
C ASN M 307 41.88 39.54 34.51
N GLY M 308 42.78 38.57 34.64
CA GLY M 308 43.94 38.54 33.76
C GLY M 308 43.57 38.66 32.30
N ASP M 309 42.41 38.13 31.90
CA ASP M 309 41.94 38.32 30.52
C ASP M 309 40.49 38.80 30.46
N GLY M 310 39.65 38.45 31.43
CA GLY M 310 38.28 38.95 31.42
C GLY M 310 37.28 38.41 32.42
N THR M 311 36.41 39.30 32.90
CA THR M 311 35.11 39.01 33.54
C THR M 311 35.22 38.04 34.73
N VAL M 312 35.88 38.52 35.79
CA VAL M 312 35.80 37.90 37.11
C VAL M 312 34.85 38.72 37.97
N PHE M 313 33.86 38.06 38.58
CA PHE M 313 32.85 38.75 39.36
C PHE M 313 32.40 37.79 40.48
N LYS M 314 33.05 37.89 41.64
CA LYS M 314 32.93 36.88 42.69
C LYS M 314 32.20 37.37 43.92
N GLY M 315 32.71 38.42 44.57
CA GLY M 315 32.11 38.89 45.80
C GLY M 315 32.83 38.42 47.05
N GLU M 316 33.66 39.29 47.62
CA GLU M 316 34.36 38.97 48.85
C GLU M 316 33.44 39.26 50.03
N VAL M 317 33.10 38.22 50.80
CA VAL M 317 32.05 38.36 51.80
C VAL M 317 32.47 37.70 53.12
N GLY M 318 31.53 37.63 54.06
CA GLY M 318 31.79 37.36 55.44
C GLY M 318 31.41 38.61 56.21
N PRO M 319 30.20 38.62 56.75
CA PRO M 319 29.59 39.88 57.19
C PRO M 319 30.40 40.52 58.32
N TRP M 320 30.77 41.78 58.11
CA TRP M 320 31.51 42.53 59.12
C TRP M 320 30.51 43.28 59.99
N TYR M 321 30.57 43.06 61.29
CA TYR M 321 29.46 43.44 62.17
C TYR M 321 29.73 44.75 62.90
N ASN M 322 28.66 45.50 63.10
CA ASN M 322 28.61 46.71 63.90
C ASN M 322 27.45 46.57 64.89
N PRO M 323 27.74 46.53 66.20
CA PRO M 323 26.70 46.19 67.18
C PRO M 323 25.68 47.29 67.40
N LYS M 324 26.12 48.53 67.47
CA LYS M 324 25.23 49.65 67.75
C LYS M 324 24.26 49.84 66.59
N ASN M 325 22.98 49.97 66.92
CA ASN M 325 21.95 50.10 65.90
C ASN M 325 21.97 51.48 65.27
N GLY M 326 21.72 51.52 63.96
CA GLY M 326 21.62 52.76 63.23
C GLY M 326 22.93 53.32 62.73
N GLN M 327 24.07 52.73 63.12
CA GLN M 327 25.37 53.17 62.64
C GLN M 327 25.75 52.28 61.46
N TYR M 328 25.57 52.81 60.26
CA TYR M 328 25.95 52.10 59.04
C TYR M 328 27.37 52.46 58.62
N HIS M 329 28.28 52.37 59.58
CA HIS M 329 29.69 52.67 59.37
C HIS M 329 30.52 51.51 59.90
N LEU M 330 31.59 51.19 59.18
CA LEU M 330 32.47 50.11 59.57
C LEU M 330 33.54 50.62 60.54
N GLU M 331 33.71 49.91 61.65
CA GLU M 331 34.76 50.25 62.59
C GLU M 331 36.13 50.09 61.91
N PRO M 332 37.16 50.79 62.39
CA PRO M 332 38.46 50.72 61.72
C PRO M 332 38.99 49.31 61.55
N LYS M 333 38.78 48.43 62.54
CA LYS M 333 39.19 47.04 62.37
C LYS M 333 38.41 46.36 61.26
N GLU M 334 37.09 46.58 61.22
CA GLU M 334 36.27 45.99 60.17
C GLU M 334 36.67 46.52 58.80
N ALA M 335 36.90 47.83 58.69
CA ALA M 335 37.29 48.41 57.42
C ALA M 335 38.63 47.87 56.95
N LYS M 336 39.61 47.77 57.86
CA LYS M 336 40.90 47.20 57.50
C LYS M 336 40.75 45.77 57.03
N ALA M 337 39.96 44.96 57.74
CA ALA M 337 39.77 43.57 57.37
C ALA M 337 39.13 43.45 55.99
N LEU M 338 38.07 44.22 55.74
CA LEU M 338 37.37 44.14 54.46
C LEU M 338 38.28 44.56 53.31
N LEU M 339 38.96 45.70 53.46
CA LEU M 339 39.82 46.18 52.38
C LEU M 339 40.98 45.24 52.14
N SER M 340 41.57 44.69 53.21
CA SER M 340 42.68 43.77 53.04
C SER M 340 42.23 42.49 52.34
N GLN M 341 41.07 41.95 52.73
CA GLN M 341 40.58 40.75 52.05
C GLN M 341 40.33 41.03 50.58
N SER M 342 39.74 42.19 50.27
CA SER M 342 39.49 42.54 48.88
C SER M 342 40.79 42.68 48.09
N LEU M 343 41.79 43.34 48.68
CA LEU M 343 43.05 43.54 47.99
C LEU M 343 43.77 42.21 47.74
N GLN M 344 43.79 41.33 48.73
CA GLN M 344 44.38 40.01 48.53
C GLN M 344 43.61 39.21 47.48
N SER M 345 42.28 39.29 47.49
CA SER M 345 41.49 38.57 46.50
C SER M 345 41.82 39.04 45.08
N TYR M 346 41.99 40.36 44.91
CA TYR M 346 42.39 40.87 43.60
C TYR M 346 43.81 40.43 43.24
N LYS M 347 44.73 40.55 44.20
CA LYS M 347 46.15 40.38 43.90
C LYS M 347 46.49 38.92 43.59
N GLU M 348 46.00 37.99 44.42
CA GLU M 348 46.33 36.59 44.22
C GLU M 348 45.77 36.05 42.90
N GLN M 349 44.76 36.70 42.33
CA GLN M 349 44.24 36.30 41.04
C GLN M 349 44.98 36.99 39.89
N ILE M 350 45.30 38.28 40.03
CA ILE M 350 46.00 39.00 38.98
C ILE M 350 47.51 38.87 39.11
N GLY M 351 48.03 38.88 40.34
CA GLY M 351 49.46 38.88 40.60
C GLY M 351 50.01 40.23 40.99
N GLU M 352 49.35 41.31 40.58
CA GLU M 352 49.73 42.67 40.93
C GLU M 352 48.55 43.37 41.60
N TYR M 353 48.86 44.44 42.30
CA TYR M 353 47.82 45.22 42.96
C TYR M 353 47.04 46.03 41.92
N PRO M 354 45.79 46.39 42.21
CA PRO M 354 45.02 47.19 41.27
C PRO M 354 45.57 48.61 41.17
N LYS M 355 45.24 49.27 40.07
CA LYS M 355 45.57 50.68 39.89
C LYS M 355 44.46 51.60 40.36
N GLU M 356 43.31 51.06 40.74
CA GLU M 356 42.20 51.86 41.24
C GLU M 356 41.15 50.98 41.90
N VAL M 357 40.69 51.37 43.09
CA VAL M 357 39.64 50.67 43.80
C VAL M 357 38.46 51.63 43.94
N PHE M 358 37.27 51.17 43.56
CA PHE M 358 36.10 52.03 43.44
C PHE M 358 35.01 51.47 44.33
N ILE M 359 35.00 51.90 45.59
CA ILE M 359 34.07 51.37 46.59
C ILE M 359 32.72 52.06 46.39
N HIS M 360 31.80 51.40 45.69
CA HIS M 360 30.43 51.88 45.65
C HIS M 360 29.78 51.65 47.01
N ALA M 361 28.61 52.24 47.19
CA ALA M 361 27.85 52.11 48.43
C ALA M 361 26.49 52.75 48.24
N LYS M 362 25.67 52.69 49.30
CA LYS M 362 24.43 53.44 49.37
C LYS M 362 24.49 54.53 50.42
N THR M 363 25.48 54.51 51.30
CA THR M 363 25.67 55.50 52.35
C THR M 363 26.97 56.24 52.14
N ARG M 364 27.21 57.24 52.98
CA ARG M 364 28.43 58.04 52.90
C ARG M 364 29.41 57.61 53.98
N PHE M 365 30.63 57.28 53.56
CA PHE M 365 31.68 56.97 54.52
C PHE M 365 32.06 58.20 55.32
N ASN M 366 32.51 57.98 56.55
CA ASN M 366 33.03 59.05 57.38
C ASN M 366 34.56 58.99 57.39
N HIS M 367 35.16 59.89 58.17
CA HIS M 367 36.61 60.08 58.09
C HIS M 367 37.37 58.91 58.71
N GLN M 368 36.84 58.29 59.77
CA GLN M 368 37.56 57.21 60.44
C GLN M 368 37.76 56.02 59.51
N GLU M 369 36.69 55.54 58.88
CA GLU M 369 36.82 54.36 58.05
C GLU M 369 37.57 54.64 56.76
N TRP M 370 37.45 55.85 56.22
CA TRP M 370 38.22 56.19 55.02
C TRP M 370 39.71 56.28 55.35
N ASP M 371 40.04 56.85 56.51
CA ASP M 371 41.44 56.82 56.95
C ASP M 371 41.93 55.39 57.09
N ALA M 372 41.12 54.53 57.71
CA ALA M 372 41.50 53.12 57.86
C ALA M 372 41.71 52.46 56.51
N PHE M 373 40.85 52.75 55.54
CA PHE M 373 41.04 52.25 54.19
C PHE M 373 42.36 52.73 53.61
N LEU M 374 42.72 53.99 53.88
CA LEU M 374 43.96 54.54 53.35
C LEU M 374 45.20 53.94 54.02
N GLU M 375 45.08 53.42 55.24
CA GLU M 375 46.25 52.83 55.89
C GLU M 375 46.63 51.46 55.32
N VAL M 376 45.64 50.67 54.86
CA VAL M 376 45.87 49.28 54.50
C VAL M 376 46.05 49.11 53.00
N THR M 377 46.48 50.15 52.30
CA THR M 377 46.67 50.10 50.87
C THR M 377 48.02 50.71 50.51
N PRO M 378 48.74 50.20 49.51
CA PRO M 378 50.02 50.80 49.14
C PRO M 378 49.89 52.08 48.29
N LYS M 379 51.06 52.64 47.99
CA LYS M 379 51.13 54.04 47.56
C LYS M 379 50.78 54.23 46.10
N GLU M 380 50.54 53.16 45.35
CA GLU M 380 50.20 53.28 43.94
C GLU M 380 48.71 53.25 43.68
N THR M 381 47.95 52.50 44.46
CA THR M 381 46.52 52.32 44.20
C THR M 381 45.75 53.58 44.56
N ASN M 382 45.03 54.14 43.59
CA ASN M 382 44.18 55.30 43.84
C ASN M 382 42.81 54.83 44.30
N LEU M 383 42.37 55.34 45.44
CA LEU M 383 41.16 54.88 46.09
C LEU M 383 40.09 55.97 46.00
N VAL M 384 38.93 55.60 45.45
CA VAL M 384 37.80 56.49 45.31
C VAL M 384 36.62 55.88 46.05
N GLY M 385 35.65 56.72 46.39
CA GLY M 385 34.44 56.24 47.03
C GLY M 385 33.22 57.04 46.64
N VAL M 386 32.22 56.35 46.08
CA VAL M 386 31.04 56.97 45.50
C VAL M 386 29.81 56.44 46.21
N THR M 387 28.93 57.34 46.64
CA THR M 387 27.66 56.97 47.26
C THR M 387 26.53 57.20 46.28
N ILE M 388 25.72 56.16 46.07
CA ILE M 388 24.60 56.20 45.12
C ILE M 388 23.31 56.19 45.92
N SER M 389 22.43 57.15 45.65
CA SER M 389 21.21 57.34 46.41
C SER M 389 20.02 57.40 45.47
N LYS M 390 18.82 57.36 46.08
CA LYS M 390 17.57 57.45 45.34
C LYS M 390 16.56 58.33 46.08
N THR M 391 17.04 59.34 46.80
CA THR M 391 16.20 60.17 47.64
C THR M 391 16.03 61.60 47.10
N LYS M 392 16.35 61.82 45.83
CA LYS M 392 16.21 63.12 45.19
C LYS M 392 15.21 62.98 44.04
N PRO M 393 13.93 63.29 44.27
CA PRO M 393 12.92 63.02 43.24
C PRO M 393 12.91 64.05 42.11
N LEU M 394 13.96 64.02 41.29
CA LEU M 394 14.02 64.88 40.09
C LEU M 394 13.36 64.14 38.95
N LYS M 395 12.03 64.27 38.86
CA LYS M 395 11.24 63.59 37.84
C LYS M 395 11.20 64.49 36.61
N LEU M 396 12.18 64.30 35.73
CA LEU M 396 12.32 65.12 34.53
C LEU M 396 11.25 64.74 33.52
N TYR M 397 10.20 65.54 33.43
CA TYR M 397 9.14 65.29 32.47
C TYR M 397 9.59 65.67 31.06
N LYS M 398 8.82 65.24 30.07
CA LYS M 398 9.11 65.54 28.67
C LYS M 398 8.07 66.52 28.12
N THR M 399 8.51 67.39 27.21
CA THR M 399 7.63 68.42 26.66
C THR M 399 6.69 67.91 25.57
N GLU M 400 6.97 66.75 24.98
CA GLU M 400 6.08 66.19 23.97
C GLU M 400 4.88 65.45 24.56
N GLY M 401 5.02 64.88 25.75
CA GLY M 401 3.93 64.13 26.35
C GLY M 401 3.56 62.85 25.63
N ASP M 402 4.57 62.08 25.22
CA ASP M 402 4.29 60.78 24.64
C ASP M 402 5.07 59.64 25.31
N TYR M 403 6.32 59.90 25.69
CA TYR M 403 7.17 58.88 26.32
C TYR M 403 8.10 59.59 27.29
N THR M 404 8.80 58.79 28.09
CA THR M 404 9.64 59.32 29.15
C THR M 404 11.00 59.76 28.59
N ILE M 405 11.86 60.24 29.50
CA ILE M 405 13.19 60.71 29.12
C ILE M 405 14.06 59.54 28.68
N LEU M 406 14.90 59.80 27.68
CA LEU M 406 15.82 58.79 27.18
C LEU M 406 16.78 58.33 28.28
N ARG M 407 17.09 57.03 28.28
CA ARG M 407 18.02 56.47 29.24
C ARG M 407 19.44 56.82 28.85
N GLY M 408 20.21 57.33 29.82
CA GLY M 408 21.56 57.78 29.57
C GLY M 408 21.78 59.27 29.74
N ASN M 409 20.77 60.00 30.21
CA ASN M 409 20.89 61.43 30.41
C ASN M 409 21.38 61.73 31.82
N ALA M 410 22.34 62.65 31.93
CA ALA M 410 22.96 62.99 33.19
C ALA M 410 22.96 64.50 33.36
N TYR M 411 22.46 64.96 34.52
CA TYR M 411 22.56 66.36 34.90
C TYR M 411 23.75 66.48 35.84
N VAL M 412 24.87 66.97 35.32
CA VAL M 412 26.11 67.08 36.07
C VAL M 412 26.03 68.36 36.90
N VAL M 413 25.78 68.21 38.20
CA VAL M 413 25.64 69.37 39.07
C VAL M 413 26.98 70.10 39.21
N ASN M 414 28.03 69.38 39.52
CA ASN M 414 29.36 69.96 39.64
C ASN M 414 30.38 68.86 39.30
N GLU M 415 31.64 69.10 39.67
CA GLU M 415 32.68 68.10 39.42
C GLU M 415 32.63 66.93 40.40
N ARG M 416 31.77 66.98 41.41
CA ARG M 416 31.70 65.92 42.41
C ARG M 416 30.25 65.55 42.72
N SER M 417 29.38 65.60 41.69
CA SER M 417 28.00 65.16 41.82
C SER M 417 27.38 65.12 40.44
N ALA M 418 26.35 64.28 40.29
CA ALA M 418 25.62 64.17 39.04
C ALA M 418 24.37 63.34 39.28
N PHE M 419 23.48 63.35 38.30
CA PHE M 419 22.34 62.46 38.24
C PHE M 419 22.53 61.51 37.06
N LEU M 420 21.79 60.40 37.09
CA LEU M 420 21.84 59.45 35.98
C LEU M 420 20.50 58.75 35.84
N TRP M 421 19.95 58.78 34.63
CA TRP M 421 18.71 58.06 34.33
C TRP M 421 19.08 56.68 33.81
N THR M 422 19.47 55.80 34.75
CA THR M 422 19.77 54.42 34.40
C THR M 422 18.52 53.69 33.92
N VAL M 423 17.36 54.02 34.48
CA VAL M 423 16.08 53.55 33.98
C VAL M 423 15.43 54.71 33.24
N GLY M 424 15.15 54.51 31.96
CA GLY M 424 14.57 55.54 31.14
C GLY M 424 13.93 54.94 29.90
N TYR M 425 14.09 55.61 28.77
CA TYR M 425 13.59 55.10 27.49
C TYR M 425 14.77 54.57 26.67
N VAL M 426 14.67 53.32 26.26
CA VAL M 426 15.65 52.69 25.38
C VAL M 426 14.99 52.47 24.02
N PRO M 427 15.53 53.07 22.95
CA PRO M 427 14.82 53.03 21.65
C PRO M 427 14.88 51.68 20.96
N LYS M 428 15.86 50.83 21.27
CA LYS M 428 16.00 49.56 20.54
C LYS M 428 14.78 48.66 20.73
N ILE M 429 14.07 48.79 21.86
CA ILE M 429 12.87 47.99 22.09
C ILE M 429 11.62 48.84 22.13
N GLN M 430 11.69 50.11 21.72
CA GLN M 430 10.53 50.99 21.53
C GLN M 430 9.74 51.20 22.82
N THR M 431 10.38 51.03 23.98
CA THR M 431 9.66 51.23 25.24
C THR M 431 10.66 51.64 26.31
N ALA M 432 10.12 52.15 27.41
CA ALA M 432 10.88 52.47 28.60
C ALA M 432 10.99 51.24 29.51
N LEU M 433 11.91 51.32 30.46
CA LEU M 433 12.05 50.26 31.45
C LEU M 433 11.08 50.43 32.62
N SER M 434 10.31 51.51 32.66
CA SER M 434 9.39 51.80 33.75
C SER M 434 8.02 52.17 33.17
N MET M 435 7.07 52.40 34.07
CA MET M 435 5.72 52.82 33.70
C MET M 435 5.45 54.28 33.99
N GLU M 436 5.84 54.77 35.16
CA GLU M 436 5.73 56.19 35.48
C GLU M 436 7.03 56.88 35.11
N VAL M 437 7.19 58.13 35.55
CA VAL M 437 8.46 58.84 35.29
C VAL M 437 9.55 58.27 36.19
N PRO M 438 10.67 57.81 35.65
CA PRO M 438 11.69 57.18 36.48
C PRO M 438 12.38 58.17 37.40
N ASN M 439 12.89 57.64 38.50
CA ASN M 439 13.67 58.43 39.45
C ASN M 439 15.15 58.16 39.21
N PRO M 440 15.96 59.18 38.95
CA PRO M 440 17.37 58.94 38.61
C PRO M 440 18.22 58.67 39.85
N LEU M 441 19.34 57.99 39.62
CA LEU M 441 20.32 57.76 40.67
C LEU M 441 21.18 59.00 40.84
N PHE M 442 21.28 59.49 42.08
CA PHE M 442 22.09 60.67 42.38
C PHE M 442 23.48 60.19 42.80
N ILE M 443 24.42 60.25 41.87
CA ILE M 443 25.77 59.72 42.09
C ILE M 443 26.67 60.87 42.52
N GLU M 444 27.27 60.74 43.71
CA GLU M 444 28.22 61.73 44.21
C GLU M 444 29.52 61.04 44.57
N ILE M 445 30.64 61.67 44.22
CA ILE M 445 31.95 61.17 44.60
C ILE M 445 32.22 61.64 46.02
N ASN M 446 31.87 60.80 46.99
CA ASN M 446 31.98 61.20 48.40
C ASN M 446 33.43 61.40 48.80
N LYS M 447 34.32 60.49 48.39
CA LYS M 447 35.73 60.60 48.79
C LYS M 447 36.62 60.29 47.60
N GLY M 448 37.83 60.84 47.64
CA GLY M 448 38.79 60.63 46.57
C GLY M 448 38.62 61.61 45.43
N GLU M 449 39.48 61.46 44.43
CA GLU M 449 39.50 62.32 43.25
C GLU M 449 39.35 61.45 42.01
N ALA M 450 38.33 61.73 41.21
CA ALA M 450 38.07 60.95 40.01
C ALA M 450 37.21 61.77 39.06
N ASP M 451 37.17 61.34 37.80
CA ASP M 451 36.38 62.00 36.78
C ASP M 451 34.93 61.52 36.85
N ILE M 452 34.00 62.47 36.96
CA ILE M 452 32.59 62.11 37.08
C ILE M 452 32.08 61.44 35.82
N LYS M 453 32.60 61.82 34.65
CA LYS M 453 32.21 61.16 33.41
C LYS M 453 32.59 59.69 33.43
N GLN M 454 33.80 59.37 33.89
CA GLN M 454 34.21 57.98 34.02
C GLN M 454 33.32 57.24 35.02
N VAL M 455 32.94 57.91 36.10
CA VAL M 455 32.05 57.31 37.09
C VAL M 455 30.72 56.94 36.45
N LEU M 456 30.13 57.86 35.70
CA LEU M 456 28.83 57.60 35.08
C LEU M 456 28.94 56.48 34.04
N LYS M 457 30.01 56.49 33.25
CA LYS M 457 30.21 55.42 32.27
C LYS M 457 30.33 54.07 32.96
N ASP M 458 31.09 54.02 34.07
CA ASP M 458 31.29 52.75 34.76
C ASP M 458 30.00 52.25 35.40
N ILE M 459 29.20 53.15 35.99
CA ILE M 459 27.92 52.73 36.55
C ILE M 459 27.01 52.20 35.45
N LEU M 460 26.97 52.89 34.31
CA LEU M 460 26.11 52.42 33.21
C LEU M 460 26.57 51.06 32.72
N SER M 461 27.88 50.83 32.64
CA SER M 461 28.39 49.51 32.27
C SER M 461 27.99 48.46 33.31
N LEU M 462 28.10 48.80 34.60
CA LEU M 462 27.74 47.88 35.66
C LEU M 462 26.25 47.63 35.75
N THR M 463 25.43 48.42 35.05
CA THR M 463 23.99 48.19 35.04
C THR M 463 23.59 47.04 34.12
N LYS M 464 24.56 46.35 33.50
CA LYS M 464 24.29 45.35 32.47
C LYS M 464 24.44 43.92 32.96
N LEU M 465 25.44 43.63 33.80
CA LEU M 465 25.81 42.25 34.14
C LEU M 465 24.92 41.68 35.24
N ASN M 466 23.62 41.60 34.95
CA ASN M 466 22.66 40.95 35.84
C ASN M 466 22.35 39.57 35.26
N TYR M 467 22.79 38.53 35.94
CA TYR M 467 22.58 37.16 35.48
C TYR M 467 21.35 36.51 36.08
N ASN M 468 20.76 37.09 37.11
CA ASN M 468 19.51 36.58 37.65
C ASN M 468 18.34 36.81 36.72
N ALA M 469 18.50 37.63 35.68
CA ALA M 469 17.42 37.92 34.76
C ALA M 469 17.99 38.22 33.38
N CYS M 470 17.15 38.05 32.37
CA CYS M 470 17.49 38.39 30.99
C CYS M 470 16.60 39.56 30.57
N ILE M 471 17.06 40.77 30.89
CA ILE M 471 16.40 42.00 30.50
C ILE M 471 17.42 42.87 29.76
N PHE M 472 16.97 44.03 29.29
CA PHE M 472 17.88 44.92 28.59
C PHE M 472 18.94 45.47 29.53
N ALA M 473 18.53 45.97 30.69
CA ALA M 473 19.46 46.50 31.68
C ALA M 473 18.73 46.63 33.01
N ASP M 474 19.52 46.85 34.06
CA ASP M 474 19.00 46.99 35.42
C ASP M 474 18.72 48.45 35.71
N GLY M 475 18.48 48.77 36.99
CA GLY M 475 18.28 50.14 37.41
C GLY M 475 19.37 50.62 38.34
N GLU M 476 20.03 49.68 39.03
CA GLU M 476 21.13 49.95 39.93
C GLU M 476 22.30 49.05 39.55
N PRO M 477 23.54 49.48 39.81
CA PRO M 477 24.70 48.66 39.44
C PRO M 477 24.64 47.30 40.11
N VAL M 478 25.13 46.29 39.40
CA VAL M 478 24.97 44.91 39.84
C VAL M 478 25.79 44.61 41.08
N THR M 479 26.86 45.37 41.35
CA THR M 479 27.63 45.15 42.57
C THR M 479 26.75 45.34 43.79
N LEU M 480 26.03 46.47 43.85
CA LEU M 480 25.18 46.75 45.00
C LEU M 480 24.07 45.71 45.12
N ARG M 481 23.41 45.38 44.00
CA ARG M 481 22.28 44.45 44.06
C ARG M 481 22.72 43.06 44.49
N PHE M 482 23.84 42.57 43.93
CA PHE M 482 24.28 41.23 44.25
C PHE M 482 24.86 41.16 45.67
N ALA M 483 25.55 42.21 46.10
CA ALA M 483 26.01 42.24 47.49
C ALA M 483 24.81 42.26 48.43
N ASP M 484 23.74 42.98 48.07
CA ASP M 484 22.53 42.94 48.87
C ASP M 484 21.95 41.53 48.93
N LYS M 485 21.94 40.84 47.79
CA LYS M 485 21.40 39.48 47.76
C LYS M 485 22.17 38.55 48.68
N ILE M 486 23.51 38.54 48.55
CA ILE M 486 24.28 37.58 49.34
C ILE M 486 24.38 38.00 50.80
N GLY M 487 24.27 39.30 51.10
CA GLY M 487 24.21 39.71 52.49
C GLY M 487 22.87 39.40 53.12
N GLU M 488 21.80 39.39 52.32
CA GLU M 488 20.50 38.97 52.82
C GLU M 488 20.49 37.48 53.08
N ILE M 489 21.12 36.69 52.21
CA ILE M 489 21.16 35.24 52.42
C ILE M 489 22.04 34.89 53.61
N LEU M 490 23.21 35.52 53.70
CA LEU M 490 24.20 35.13 54.71
C LEU M 490 23.69 35.34 56.13
N THR M 491 22.77 36.27 56.33
CA THR M 491 22.26 36.54 57.67
C THR M 491 21.01 35.73 58.01
N ALA M 492 20.56 34.85 57.11
CA ALA M 492 19.41 34.02 57.42
C ALA M 492 19.70 33.06 58.57
N SER M 493 20.88 32.45 58.56
CA SER M 493 21.33 31.58 59.64
C SER M 493 22.63 32.14 60.19
N THR M 494 22.62 32.53 61.46
CA THR M 494 23.79 33.15 62.07
C THR M 494 24.77 32.11 62.60
N ASP M 495 25.09 31.13 61.76
CA ASP M 495 26.16 30.17 62.04
C ASP M 495 26.71 29.71 60.69
N ILE M 496 27.74 30.41 60.22
CA ILE M 496 28.32 30.15 58.90
C ILE M 496 29.80 30.54 58.96
N LYS M 497 30.67 29.62 58.55
CA LYS M 497 32.10 29.85 58.52
C LYS M 497 32.61 29.72 57.09
N THR M 498 33.32 30.73 56.61
CA THR M 498 33.91 30.75 55.28
C THR M 498 32.87 30.46 54.21
N PRO M 499 31.98 31.41 53.89
CA PRO M 499 30.96 31.18 52.87
C PRO M 499 31.59 30.91 51.52
N PRO M 500 30.84 30.29 50.59
CA PRO M 500 31.45 29.88 49.32
C PRO M 500 32.04 31.01 48.48
N LEU M 501 31.44 32.20 48.50
CA LEU M 501 31.81 33.40 47.73
C LEU M 501 31.28 33.41 46.30
N ALA M 502 30.56 32.39 45.86
CA ALA M 502 30.07 32.34 44.49
C ALA M 502 28.56 32.55 44.45
N PHE M 503 28.10 33.32 43.47
CA PHE M 503 26.70 33.76 43.45
C PHE M 503 25.72 32.64 43.13
N LYS M 504 26.16 31.60 42.42
CA LYS M 504 25.23 30.54 42.03
C LYS M 504 24.70 29.75 43.22
N TYR M 505 25.30 29.90 44.40
CA TYR M 505 24.76 29.32 45.62
C TYR M 505 23.76 30.24 46.32
N TYR M 506 23.64 31.49 45.88
CA TYR M 506 22.70 32.43 46.48
C TYR M 506 21.58 32.75 45.49
N MET N 1 28.73 31.56 -11.20
CA MET N 1 28.44 30.36 -10.42
C MET N 1 27.34 30.61 -9.41
N ARG N 2 26.44 29.64 -9.27
CA ARG N 2 25.31 29.77 -8.35
C ARG N 2 25.79 29.52 -6.93
N ASN N 3 25.72 30.55 -6.09
CA ASN N 3 26.18 30.43 -4.71
C ASN N 3 25.26 31.17 -3.74
N LYS N 4 23.96 31.22 -4.03
CA LYS N 4 23.01 31.94 -3.19
C LYS N 4 21.91 30.99 -2.73
N ILE N 5 21.65 30.96 -1.43
CA ILE N 5 20.57 30.17 -0.86
C ILE N 5 19.35 31.06 -0.78
N PHE N 6 18.32 30.73 -1.55
CA PHE N 6 17.09 31.51 -1.57
C PHE N 6 16.14 31.02 -0.49
N ILE N 7 15.51 31.96 0.21
CA ILE N 7 14.51 31.63 1.22
C ILE N 7 13.20 32.30 0.84
N SER N 8 12.13 31.52 0.81
CA SER N 8 10.80 32.01 0.51
C SER N 8 9.87 31.72 1.68
N HIS N 9 9.20 32.76 2.17
CA HIS N 9 8.34 32.64 3.34
C HIS N 9 7.06 33.45 3.11
N ALA N 10 6.23 33.49 4.14
CA ALA N 10 4.96 34.21 4.12
C ALA N 10 5.07 35.42 5.04
N THR N 11 5.44 36.57 4.47
CA THR N 11 5.43 37.82 5.20
C THR N 11 3.99 38.20 5.53
N PRO N 12 3.71 38.73 6.73
CA PRO N 12 4.61 39.01 7.86
C PRO N 12 4.62 37.96 8.96
N ASP N 13 3.95 36.82 8.77
CA ASP N 13 3.75 35.89 9.89
C ASP N 13 5.00 35.07 10.19
N ASP N 14 5.82 34.78 9.18
CA ASP N 14 7.00 33.92 9.34
C ASP N 14 8.28 34.73 9.48
N ASN N 15 8.23 35.88 10.16
CA ASN N 15 9.41 36.75 10.22
C ASN N 15 10.39 36.35 11.31
N ASP N 16 9.90 35.86 12.45
CA ASP N 16 10.81 35.48 13.53
C ASP N 16 11.74 34.35 13.09
N PHE N 17 11.16 33.28 12.55
CA PHE N 17 11.98 32.14 12.14
C PHE N 17 12.90 32.52 10.99
N THR N 18 12.39 33.28 10.02
CA THR N 18 13.22 33.60 8.85
C THR N 18 14.36 34.53 9.21
N ARG N 19 14.10 35.51 10.09
CA ARG N 19 15.17 36.35 10.59
C ARG N 19 16.22 35.52 11.32
N TRP N 20 15.78 34.63 12.22
CA TRP N 20 16.70 33.78 12.96
C TRP N 20 17.54 32.92 12.02
N LEU N 21 16.89 32.22 11.09
CA LEU N 21 17.60 31.29 10.22
C LEU N 21 18.51 32.02 9.23
N ALA N 22 18.04 33.14 8.68
CA ALA N 22 18.87 33.89 7.74
C ALA N 22 20.11 34.44 8.42
N LEU N 23 19.96 34.99 9.62
CA LEU N 23 21.13 35.48 10.33
C LEU N 23 22.05 34.32 10.73
N LYS N 24 21.48 33.18 11.09
CA LYS N 24 22.30 32.01 11.42
C LYS N 24 23.12 31.55 10.23
N LEU N 25 22.49 31.49 9.05
CA LEU N 25 23.19 31.00 7.85
C LEU N 25 24.18 32.04 7.32
N ILE N 26 23.88 33.34 7.50
CA ILE N 26 24.89 34.36 7.20
C ILE N 26 26.09 34.20 8.11
N GLY N 27 25.85 33.96 9.40
CA GLY N 27 26.96 33.73 10.33
C GLY N 27 27.74 32.47 10.05
N LEU N 28 27.17 31.55 9.27
CA LEU N 28 27.82 30.29 8.96
C LEU N 28 28.50 30.29 7.60
N GLY N 29 28.75 31.47 7.03
CA GLY N 29 29.45 31.58 5.78
C GLY N 29 28.61 31.40 4.53
N TYR N 30 27.30 31.31 4.65
CA TYR N 30 26.45 31.20 3.48
C TYR N 30 26.05 32.60 2.98
N GLU N 31 25.39 32.61 1.82
CA GLU N 31 24.92 33.84 1.19
C GLU N 31 23.41 33.69 1.01
N VAL N 32 22.64 34.26 1.93
CA VAL N 32 21.20 34.08 1.99
C VAL N 32 20.53 35.22 1.24
N TRP N 33 19.58 34.87 0.37
CA TRP N 33 18.73 35.84 -0.31
C TRP N 33 17.30 35.61 0.15
N CYS N 34 16.80 36.53 0.98
CA CYS N 34 15.39 36.60 1.31
C CYS N 34 14.96 38.05 1.25
N ASP N 35 13.65 38.26 1.03
CA ASP N 35 13.15 39.61 0.84
C ASP N 35 13.21 40.46 2.10
N ILE N 36 13.49 39.86 3.26
CA ILE N 36 13.48 40.62 4.50
C ILE N 36 14.80 41.31 4.82
N LEU N 37 15.93 40.81 4.27
CA LEU N 37 17.16 41.58 4.36
C LEU N 37 17.08 42.84 3.50
N PHE N 38 16.61 42.69 2.27
CA PHE N 38 16.39 43.82 1.37
C PHE N 38 15.03 44.46 1.61
N LEU N 39 14.76 44.83 2.86
CA LEU N 39 13.52 45.50 3.24
C LEU N 39 13.61 47.01 3.11
N ASP N 40 14.75 47.53 2.63
CA ASP N 40 14.85 48.97 2.36
C ASP N 40 13.79 49.41 1.36
N LYS N 41 13.45 48.54 0.41
CA LYS N 41 12.31 48.74 -0.49
C LYS N 41 12.47 49.96 -1.39
N GLY N 42 11.46 50.23 -2.20
CA GLY N 42 11.47 51.33 -3.14
C GLY N 42 11.66 50.91 -4.58
N VAL N 43 12.11 49.68 -4.82
CA VAL N 43 12.33 49.16 -6.16
C VAL N 43 11.49 47.90 -6.33
N ASP N 44 10.90 47.74 -7.51
CA ASP N 44 10.14 46.53 -7.80
C ASP N 44 11.06 45.32 -7.77
N PHE N 45 10.53 44.19 -7.29
CA PHE N 45 11.33 43.00 -7.05
C PHE N 45 10.92 41.78 -7.85
N TRP N 46 9.71 41.76 -8.42
CA TRP N 46 9.22 40.55 -9.07
C TRP N 46 10.15 40.10 -10.19
N SER N 47 10.53 41.03 -11.06
CA SER N 47 11.54 40.73 -12.07
C SER N 47 12.87 40.37 -11.42
N ASN N 48 13.26 41.12 -10.38
CA ASN N 48 14.48 40.80 -9.65
C ASN N 48 14.37 39.45 -8.96
N ILE N 49 13.21 39.14 -8.40
CA ILE N 49 13.02 37.86 -7.70
C ILE N 49 13.17 36.70 -8.66
N GLU N 50 12.49 36.79 -9.83
CA GLU N 50 12.61 35.71 -10.81
C GLU N 50 14.03 35.62 -11.35
N LYS N 51 14.69 36.77 -11.54
CA LYS N 51 16.06 36.77 -12.03
C LYS N 51 17.00 36.08 -11.05
N VAL N 52 16.86 36.38 -9.76
CA VAL N 52 17.76 35.77 -8.78
C VAL N 52 17.44 34.29 -8.62
N ILE N 53 16.18 33.90 -8.79
CA ILE N 53 15.85 32.47 -8.74
C ILE N 53 16.49 31.74 -9.92
N ARG N 54 16.40 32.32 -11.11
CA ARG N 54 16.83 31.61 -12.31
C ARG N 54 18.33 31.70 -12.58
N GLU N 55 19.02 32.71 -12.03
CA GLU N 55 20.41 32.96 -12.40
C GLU N 55 21.41 32.51 -11.35
N ASP N 56 21.17 32.83 -10.08
CA ASP N 56 22.16 32.60 -9.05
C ASP N 56 21.71 31.71 -7.89
N THR N 57 20.41 31.49 -7.72
CA THR N 57 19.94 30.65 -6.64
C THR N 57 20.35 29.20 -6.87
N CYS N 58 20.99 28.60 -5.86
CA CYS N 58 21.40 27.20 -5.91
C CYS N 58 20.53 26.27 -5.08
N LYS N 59 19.88 26.80 -4.05
CA LYS N 59 18.96 26.02 -3.23
C LYS N 59 17.77 26.89 -2.86
N PHE N 60 16.58 26.34 -3.00
CA PHE N 60 15.33 27.05 -2.71
C PHE N 60 14.76 26.46 -1.42
N LEU N 61 15.03 27.11 -0.31
CA LEU N 61 14.44 26.71 0.95
C LEU N 61 13.05 27.33 1.06
N LEU N 62 12.06 26.50 1.37
CA LEU N 62 10.68 26.94 1.42
C LEU N 62 10.14 26.75 2.83
N VAL N 63 9.71 27.84 3.45
CA VAL N 63 9.18 27.78 4.82
C VAL N 63 7.76 27.25 4.72
N SER N 64 7.57 25.95 4.90
CA SER N 64 6.25 25.35 4.83
C SER N 64 5.54 25.58 6.16
N SER N 65 4.37 26.19 6.12
CA SER N 65 3.63 26.50 7.33
C SER N 65 2.18 26.74 6.95
N SER N 66 1.33 26.86 7.98
CA SER N 66 -0.09 27.07 7.76
C SER N 66 -0.39 28.42 7.10
N TYR N 67 0.57 29.34 7.07
CA TYR N 67 0.41 30.61 6.39
C TYR N 67 0.93 30.58 4.96
N SER N 68 2.13 30.04 4.76
CA SER N 68 2.74 29.95 3.43
C SER N 68 2.19 28.81 2.59
N ASN N 69 1.11 28.16 3.03
CA ASN N 69 0.55 27.06 2.26
C ASN N 69 -0.19 27.55 1.02
N GLN N 70 -0.94 28.65 1.15
CA GLN N 70 -1.77 29.15 0.06
C GLN N 70 -1.44 30.61 -0.29
N ARG N 71 -0.26 31.09 0.10
CA ARG N 71 0.11 32.46 -0.25
C ARG N 71 0.50 32.54 -1.71
N GLU N 72 -0.09 33.50 -2.42
CA GLU N 72 0.04 33.55 -3.88
C GLU N 72 1.47 33.79 -4.31
N GLY N 73 2.17 34.70 -3.63
CA GLY N 73 3.56 34.96 -3.99
C GLY N 73 4.44 33.75 -3.80
N VAL N 74 4.23 33.02 -2.70
CA VAL N 74 4.98 31.79 -2.47
C VAL N 74 4.62 30.73 -3.50
N LEU N 75 3.35 30.68 -3.93
CA LEU N 75 2.97 29.74 -4.98
C LEU N 75 3.67 30.06 -6.30
N LYS N 76 3.74 31.35 -6.66
CA LYS N 76 4.48 31.73 -7.86
C LYS N 76 5.96 31.38 -7.71
N GLU N 77 6.51 31.59 -6.52
CA GLU N 77 7.91 31.24 -6.27
C GLU N 77 8.13 29.74 -6.45
N LEU N 78 7.19 28.92 -5.95
CA LEU N 78 7.31 27.49 -6.12
C LEU N 78 7.18 27.08 -7.59
N ALA N 79 6.34 27.77 -8.35
CA ALA N 79 6.23 27.49 -9.78
C ALA N 79 7.55 27.77 -10.49
N VAL N 80 8.14 28.94 -10.24
CA VAL N 80 9.41 29.28 -10.88
C VAL N 80 10.51 28.33 -10.40
N ALA N 81 10.46 27.93 -9.12
CA ALA N 81 11.44 27.01 -8.59
C ALA N 81 11.32 25.63 -9.24
N ALA N 82 10.10 25.16 -9.47
CA ALA N 82 9.91 23.90 -10.18
C ALA N 82 10.45 24.01 -11.60
N LYS N 83 10.18 25.14 -12.27
CA LYS N 83 10.69 25.31 -13.63
C LYS N 83 12.21 25.28 -13.67
N VAL N 84 12.87 26.00 -12.76
CA VAL N 84 14.32 26.03 -12.77
C VAL N 84 14.90 24.70 -12.31
N LYS N 85 14.21 23.99 -11.42
CA LYS N 85 14.65 22.66 -11.02
C LYS N 85 14.62 21.69 -12.20
N LYS N 86 13.54 21.74 -12.99
CA LYS N 86 13.48 20.89 -14.18
C LYS N 86 14.52 21.30 -15.21
N GLN N 87 14.81 22.61 -15.31
CA GLN N 87 15.84 23.06 -16.22
C GLN N 87 17.21 22.54 -15.80
N LEU N 88 17.53 22.62 -14.51
CA LEU N 88 18.79 22.13 -14.00
C LEU N 88 18.79 20.62 -13.77
N LYS N 89 17.63 19.98 -13.80
CA LYS N 89 17.51 18.53 -13.60
C LYS N 89 18.09 18.10 -12.26
N ASP N 90 17.95 18.96 -11.24
CA ASP N 90 18.50 18.70 -9.92
C ASP N 90 17.36 18.29 -8.99
N ASP N 91 17.36 17.03 -8.58
CA ASP N 91 16.28 16.51 -7.74
C ASP N 91 16.28 17.20 -6.37
N LYS N 92 17.45 17.62 -5.90
CA LYS N 92 17.62 18.17 -4.55
C LYS N 92 17.60 19.69 -4.54
N PHE N 93 16.80 20.31 -5.40
CA PHE N 93 16.79 21.78 -5.49
C PHE N 93 15.94 22.40 -4.40
N ILE N 94 14.65 22.07 -4.36
CA ILE N 94 13.72 22.66 -3.41
C ILE N 94 13.76 21.85 -2.12
N ILE N 95 13.89 22.54 -0.99
CA ILE N 95 13.87 21.90 0.31
C ILE N 95 12.79 22.55 1.17
N PRO N 96 11.67 21.86 1.42
CA PRO N 96 10.70 22.38 2.37
C PRO N 96 11.22 22.25 3.79
N LEU N 97 10.78 23.17 4.64
CA LEU N 97 11.08 23.14 6.06
C LEU N 97 9.76 23.26 6.80
N ALA N 98 9.32 22.17 7.41
CA ALA N 98 8.06 22.17 8.16
C ALA N 98 8.28 22.86 9.50
N ILE N 99 7.47 23.88 9.76
CA ILE N 99 7.66 24.70 10.94
C ILE N 99 6.38 24.76 11.77
N ASP N 100 5.26 24.98 11.10
CA ASP N 100 3.98 25.04 11.78
C ASP N 100 3.57 23.65 12.25
N GLU N 101 3.23 23.54 13.54
CA GLU N 101 2.78 22.25 14.07
C GLU N 101 1.35 21.91 13.64
N GLN N 102 0.51 22.92 13.43
CA GLN N 102 -0.87 22.66 13.04
C GLN N 102 -1.02 22.37 11.56
N LEU N 103 0.05 22.45 10.78
CA LEU N 103 0.03 22.06 9.37
C LEU N 103 0.24 20.55 9.31
N SER N 104 -0.85 19.81 9.13
CA SER N 104 -0.77 18.36 9.05
C SER N 104 -0.02 17.94 7.78
N TYR N 105 0.64 16.79 7.85
CA TYR N 105 1.36 16.26 6.71
C TYR N 105 0.43 15.78 5.60
N ASP N 106 -0.88 15.68 5.86
CA ASP N 106 -1.84 15.29 4.84
C ASP N 106 -2.47 16.46 4.11
N ASP N 107 -2.24 17.70 4.57
CA ASP N 107 -2.78 18.89 3.93
C ASP N 107 -1.68 19.73 3.27
N ILE N 108 -0.52 19.13 3.01
CA ILE N 108 0.58 19.85 2.41
C ILE N 108 0.31 20.10 0.93
N ASN N 109 0.80 21.23 0.42
CA ASN N 109 0.50 21.65 -0.95
C ASN N 109 1.05 20.66 -1.97
N ILE N 110 0.43 20.66 -3.15
CA ILE N 110 0.72 19.65 -4.17
C ILE N 110 2.16 19.74 -4.67
N ASP N 111 2.76 20.93 -4.61
CA ASP N 111 4.07 21.11 -5.22
C ASP N 111 5.21 20.59 -4.36
N ILE N 112 4.96 20.29 -3.10
CA ILE N 112 5.99 19.80 -2.19
C ILE N 112 5.49 18.56 -1.47
N VAL N 113 4.36 18.01 -1.92
CA VAL N 113 3.73 16.88 -1.25
C VAL N 113 4.57 15.62 -1.36
N ARG N 114 5.55 15.58 -2.26
CA ARG N 114 6.34 14.39 -2.50
C ARG N 114 7.79 14.50 -2.02
N LEU N 115 8.25 15.70 -1.68
CA LEU N 115 9.65 15.91 -1.34
C LEU N 115 9.89 15.62 0.14
N ASN N 116 11.14 15.29 0.46
CA ASN N 116 11.54 14.99 1.83
C ASN N 116 11.86 16.29 2.55
N ALA N 117 11.05 16.64 3.53
CA ALA N 117 11.16 17.92 4.22
C ALA N 117 12.16 17.85 5.37
N ILE N 118 12.47 19.02 5.92
CA ILE N 118 13.27 19.15 7.14
C ILE N 118 12.34 19.68 8.22
N ASP N 119 12.35 19.03 9.39
CA ASP N 119 11.36 19.27 10.41
C ASP N 119 11.89 20.23 11.46
N PHE N 120 11.17 21.34 11.67
CA PHE N 120 11.43 22.27 12.74
C PHE N 120 10.29 22.31 13.76
N LYS N 121 9.37 21.34 13.70
CA LYS N 121 8.23 21.34 14.61
C LYS N 121 8.67 21.16 16.05
N MET N 122 9.66 20.28 16.28
CA MET N 122 10.12 19.98 17.64
C MET N 122 11.17 20.95 18.12
N SER N 123 12.28 21.07 17.40
CA SER N 123 13.39 21.90 17.80
C SER N 123 13.92 22.67 16.61
N TRP N 124 14.29 23.94 16.83
CA TRP N 124 14.94 24.71 15.78
C TRP N 124 16.40 24.32 15.61
N ALA N 125 17.07 23.93 16.69
CA ALA N 125 18.47 23.53 16.59
C ALA N 125 18.61 22.18 15.89
N ARG N 126 17.69 21.25 16.16
CA ARG N 126 17.69 19.98 15.45
C ARG N 126 17.48 20.19 13.95
N GLY N 127 16.50 21.02 13.60
CA GLY N 127 16.27 21.32 12.19
C GLY N 127 17.44 22.03 11.56
N LEU N 128 18.09 22.93 12.31
CA LEU N 128 19.26 23.62 11.78
C LEU N 128 20.41 22.65 11.52
N LYS N 129 20.60 21.69 12.42
CA LYS N 129 21.62 20.67 12.20
C LYS N 129 21.29 19.81 10.99
N ASP N 130 20.00 19.46 10.83
CA ASP N 130 19.59 18.77 9.60
C ASP N 130 19.94 19.58 8.36
N ILE N 131 19.65 20.89 8.39
CA ILE N 131 19.92 21.76 7.25
C ILE N 131 21.41 21.78 6.95
N LEU N 132 22.23 21.96 7.98
CA LEU N 132 23.67 22.05 7.76
C LEU N 132 24.24 20.74 7.24
N GLU N 133 23.81 19.61 7.80
CA GLU N 133 24.28 18.32 7.32
C GLU N 133 23.86 18.10 5.87
N ALA N 134 22.61 18.44 5.53
CA ALA N 134 22.16 18.30 4.16
C ALA N 134 22.96 19.17 3.21
N PHE N 135 23.25 20.41 3.63
CA PHE N 135 24.01 21.32 2.78
C PHE N 135 25.43 20.82 2.56
N GLU N 136 26.07 20.32 3.62
CA GLU N 136 27.44 19.83 3.48
C GLU N 136 27.51 18.50 2.73
N LYS N 137 26.44 17.71 2.76
CA LYS N 137 26.39 16.49 1.95
C LYS N 137 26.11 16.81 0.50
N GLN N 138 25.34 17.85 0.23
CA GLN N 138 25.02 18.28 -1.13
C GLN N 138 26.03 19.26 -1.70
N LYS N 139 27.10 19.56 -0.94
CA LYS N 139 28.19 20.41 -1.41
C LYS N 139 27.72 21.80 -1.78
N VAL N 140 26.88 22.39 -0.93
CA VAL N 140 26.42 23.76 -1.14
C VAL N 140 27.61 24.71 -1.00
N PRO N 141 27.83 25.62 -1.94
CA PRO N 141 28.99 26.51 -1.85
C PRO N 141 28.95 27.40 -0.62
N LYS N 142 30.11 27.66 -0.04
CA LYS N 142 30.23 28.49 1.15
C LYS N 142 31.68 28.89 1.35
N GLU N 143 31.87 30.00 2.05
CA GLU N 143 33.18 30.47 2.46
C GLU N 143 33.32 30.28 3.97
N VAL N 144 34.43 30.78 4.52
CA VAL N 144 34.68 30.65 5.95
C VAL N 144 33.62 31.44 6.72
N ALA N 145 33.11 30.84 7.78
CA ALA N 145 32.06 31.48 8.58
C ALA N 145 32.62 32.68 9.32
N ASP N 146 31.73 33.66 9.56
CA ASP N 146 32.10 34.86 10.31
C ASP N 146 30.84 35.47 10.88
N ALA N 147 30.78 35.58 12.21
CA ALA N 147 29.64 36.22 12.85
C ALA N 147 29.61 37.73 12.64
N SER N 148 30.71 38.31 12.17
CA SER N 148 30.75 39.76 11.93
C SER N 148 29.74 40.15 10.85
N LYS N 149 29.60 39.33 9.82
CA LYS N 149 28.64 39.62 8.76
C LYS N 149 27.21 39.62 9.31
N SER N 150 26.87 38.63 10.12
CA SER N 150 25.55 38.61 10.73
C SER N 150 25.34 39.82 11.64
N ASN N 151 26.37 40.19 12.39
CA ASN N 151 26.27 41.36 13.27
C ASN N 151 25.98 42.62 12.47
N LEU N 152 26.77 42.88 11.43
CA LEU N 152 26.59 44.13 10.70
C LEU N 152 25.30 44.13 9.89
N LEU N 153 24.88 42.97 9.36
CA LEU N 153 23.61 42.91 8.67
C LEU N 153 22.44 43.17 9.62
N TYR N 154 22.48 42.57 10.81
CA TYR N 154 21.43 42.80 11.81
C TYR N 154 21.40 44.26 12.22
N GLN N 155 22.57 44.88 12.37
CA GLN N 155 22.63 46.30 12.74
C GLN N 155 22.07 47.18 11.63
N GLN N 156 22.47 46.92 10.38
CA GLN N 156 22.03 47.76 9.27
C GLN N 156 20.53 47.66 9.04
N ILE N 157 19.98 46.46 9.07
CA ILE N 157 18.60 46.23 8.66
C ILE N 157 17.65 46.15 9.85
N PHE N 158 17.95 45.31 10.82
CA PHE N 158 17.00 45.06 11.91
C PHE N 158 17.17 46.02 13.08
N LEU N 159 18.20 46.87 13.05
CA LEU N 159 18.29 48.00 13.97
C LEU N 159 18.12 49.32 13.24
N HIS N 160 17.43 49.30 12.09
CA HIS N 160 17.24 50.50 11.28
C HIS N 160 16.01 51.25 11.80
N ASP N 161 16.21 52.54 12.09
CA ASP N 161 15.30 53.53 12.66
C ASP N 161 15.15 53.38 14.17
N LYS N 162 15.76 52.37 14.79
CA LYS N 162 15.74 52.22 16.24
C LYS N 162 17.08 52.71 16.78
N SER N 163 17.23 54.03 16.84
CA SER N 163 18.48 54.63 17.28
C SER N 163 18.18 56.00 17.87
N VAL N 164 19.23 56.67 18.31
CA VAL N 164 19.14 58.01 18.89
C VAL N 164 19.59 59.02 17.85
N ILE N 165 18.77 60.05 17.62
CA ILE N 165 19.06 61.06 16.62
C ILE N 165 19.55 62.33 17.33
N GLU N 166 20.24 63.17 16.56
CA GLU N 166 20.79 64.42 17.08
C GLU N 166 19.74 65.53 16.92
N LYS N 167 18.74 65.49 17.79
CA LYS N 167 17.68 66.48 17.80
C LYS N 167 17.57 67.07 19.20
N GLU N 168 17.61 68.41 19.28
CA GLU N 168 17.57 69.08 20.56
C GLU N 168 16.21 68.94 21.21
N GLU N 169 16.20 68.75 22.53
CA GLU N 169 14.99 68.55 23.29
C GLU N 169 15.03 69.40 24.56
N ILE N 170 13.84 69.72 25.06
CA ILE N 170 13.69 70.48 26.29
C ILE N 170 12.81 69.69 27.26
N TYR N 171 13.21 69.68 28.52
CA TYR N 171 12.52 68.92 29.56
C TYR N 171 12.13 69.85 30.70
N ASP N 172 10.92 69.68 31.20
CA ASP N 172 10.44 70.42 32.36
C ASP N 172 10.58 69.55 33.61
N SER N 173 11.18 70.10 34.65
CA SER N 173 11.47 69.37 35.86
C SER N 173 10.25 69.38 36.78
N ASN N 174 10.45 68.93 38.01
CA ASN N 174 9.53 69.17 39.12
C ASN N 174 10.23 70.02 40.18
N TRP N 175 10.94 71.05 39.73
CA TRP N 175 11.70 71.95 40.59
C TRP N 175 11.25 73.37 40.33
N LEU N 176 10.86 74.08 41.39
CA LEU N 176 10.43 75.48 41.27
C LEU N 176 11.50 76.37 41.87
N SER N 177 12.20 77.12 41.02
CA SER N 177 13.30 77.94 41.51
C SER N 177 12.79 79.04 42.42
N ILE N 178 13.56 79.34 43.46
CA ILE N 178 13.26 80.41 44.41
C ILE N 178 14.12 81.61 44.06
N LEU N 179 13.49 82.77 43.90
CA LEU N 179 14.19 83.97 43.47
C LEU N 179 13.75 85.15 44.34
N SER N 180 14.60 86.17 44.37
CA SER N 180 14.36 87.40 45.12
C SER N 180 14.17 87.10 46.61
N PHE N 181 15.21 86.50 47.20
CA PHE N 181 15.19 86.20 48.62
C PHE N 181 15.52 87.45 49.42
N PRO N 182 14.93 87.59 50.62
CA PRO N 182 15.25 88.75 51.46
C PRO N 182 16.69 88.74 51.93
N GLU N 183 17.22 89.95 52.13
CA GLU N 183 18.63 90.15 52.42
C GLU N 183 18.99 89.78 53.86
N GLU N 184 18.20 90.19 54.84
CA GLU N 184 18.63 90.16 56.24
C GLU N 184 17.70 89.27 57.06
N LEU N 185 18.26 88.64 58.09
CA LEU N 185 17.51 87.80 59.01
C LEU N 185 17.95 88.13 60.43
N ARG N 186 16.98 88.25 61.35
CA ARG N 186 17.23 88.69 62.71
C ARG N 186 17.18 87.50 63.67
N PHE N 187 18.18 87.43 64.56
CA PHE N 187 18.13 86.58 65.73
C PHE N 187 17.82 87.47 66.93
N HIS N 188 16.63 87.26 67.52
CA HIS N 188 16.11 88.12 68.58
C HIS N 188 16.55 87.60 69.94
N GLU N 189 17.08 88.50 70.78
CA GLU N 189 17.53 88.16 72.13
C GLU N 189 16.30 88.00 73.02
N TYR N 190 15.72 86.80 72.97
CA TYR N 190 14.59 86.45 73.83
C TYR N 190 15.09 85.65 75.04
N ASN N 191 15.85 86.34 75.89
CA ASN N 191 16.42 85.69 77.06
C ASN N 191 15.33 85.20 78.01
N TRP N 192 14.61 86.13 78.62
CA TRP N 192 13.45 85.81 79.43
C TRP N 192 12.17 86.31 78.79
N MET N 193 12.26 86.72 77.53
CA MET N 193 11.17 87.38 76.82
C MET N 193 10.07 86.39 76.49
N LEU N 194 10.45 85.11 76.29
CA LEU N 194 9.58 84.00 75.94
C LEU N 194 9.40 83.08 77.15
N PRO N 195 8.22 82.49 77.33
CA PRO N 195 8.02 81.53 78.42
C PRO N 195 8.64 80.18 78.11
N LYS N 196 8.93 79.43 79.18
CA LYS N 196 9.45 78.09 79.03
C LYS N 196 8.38 77.14 78.52
N ARG N 197 8.82 76.08 77.84
CA ARG N 197 7.93 75.06 77.26
C ARG N 197 6.88 75.70 76.35
N PHE N 198 7.31 76.65 75.53
CA PHE N 198 6.44 77.32 74.57
C PHE N 198 6.90 76.93 73.17
N ASP N 199 6.05 76.18 72.46
CA ASP N 199 6.34 75.78 71.09
C ASP N 199 6.17 76.95 70.14
N VAL N 200 6.95 76.94 69.06
CA VAL N 200 6.88 77.97 68.02
C VAL N 200 6.05 77.52 66.83
N ARG N 201 5.45 76.33 66.88
CA ARG N 201 4.67 75.82 65.76
C ARG N 201 3.31 76.49 65.66
N GLU N 202 2.69 76.77 66.80
CA GLU N 202 1.33 77.30 66.83
C GLU N 202 1.24 78.77 66.43
N LEU N 203 2.38 79.45 66.29
CA LEU N 203 2.36 80.86 65.90
C LEU N 203 1.83 81.02 64.48
N THR N 204 1.09 82.12 64.27
CA THR N 204 0.55 82.40 62.95
C THR N 204 1.65 82.66 61.94
N PHE N 205 2.75 83.27 62.39
CA PHE N 205 3.87 83.59 61.52
C PHE N 205 5.07 82.71 61.85
N PRO N 206 5.83 82.28 60.84
CA PRO N 206 6.91 81.32 61.09
C PRO N 206 7.98 81.88 62.03
N ALA N 207 8.51 81.01 62.88
CA ALA N 207 9.59 81.36 63.79
C ALA N 207 10.34 80.09 64.15
N VAL N 208 11.63 80.25 64.46
CA VAL N 208 12.51 79.14 64.78
C VAL N 208 13.11 79.36 66.17
N ARG N 209 13.03 78.33 67.01
CA ARG N 209 13.59 78.40 68.35
C ARG N 209 15.10 78.19 68.32
N TYR N 210 15.81 78.95 69.16
CA TYR N 210 17.26 78.86 69.25
C TYR N 210 17.70 78.69 70.69
N LYS N 211 18.99 78.84 70.96
CA LYS N 211 19.51 78.70 72.33
C LYS N 211 18.77 79.64 73.28
N ASN N 212 18.91 80.94 73.06
CA ASN N 212 18.10 81.93 73.76
C ASN N 212 17.64 83.06 72.84
N TYR N 213 17.92 82.96 71.54
CA TYR N 213 17.45 83.91 70.56
C TYR N 213 16.28 83.29 69.80
N LEU N 214 15.81 83.99 68.76
CA LEU N 214 14.77 83.46 67.88
C LEU N 214 15.08 83.87 66.46
N CYS N 215 15.09 82.89 65.55
CA CYS N 215 15.38 83.15 64.15
C CYS N 215 14.11 83.62 63.45
N THR N 216 14.18 84.78 62.78
CA THR N 216 13.00 85.31 62.12
C THR N 216 13.45 86.30 61.04
N PHE N 217 12.87 86.18 59.85
CA PHE N 217 13.16 87.14 58.80
C PHE N 217 12.55 88.51 59.12
N ALA N 218 11.34 88.52 59.66
CA ALA N 218 10.63 89.76 59.94
C ALA N 218 11.27 90.48 61.14
N TRP N 219 10.67 91.62 61.50
CA TRP N 219 11.17 92.44 62.58
C TRP N 219 10.83 91.81 63.93
N ALA N 220 11.19 92.51 65.01
CA ALA N 220 11.06 91.96 66.35
C ALA N 220 9.61 91.95 66.84
N TYR N 221 8.77 92.88 66.36
CA TYR N 221 7.41 93.04 66.87
C TYR N 221 6.38 92.48 65.91
N ASP N 222 6.67 91.36 65.25
CA ASP N 222 5.72 90.71 64.35
C ASP N 222 4.89 89.64 65.04
N PHE N 223 5.08 89.43 66.34
CA PHE N 223 4.33 88.44 67.11
C PHE N 223 3.58 89.10 68.25
N THR N 224 2.92 90.23 67.97
CA THR N 224 2.24 90.98 69.02
C THR N 224 1.05 90.21 69.58
N TYR N 225 0.21 89.66 68.71
CA TYR N 225 -0.99 88.97 69.17
C TYR N 225 -0.64 87.67 69.88
N HIS N 226 0.22 86.84 69.27
CA HIS N 226 0.58 85.57 69.87
C HIS N 226 1.39 85.77 71.14
N LEU N 227 2.24 86.79 71.16
CA LEU N 227 3.07 87.11 72.33
C LEU N 227 2.87 88.57 72.70
N PRO N 228 1.84 88.87 73.51
CA PRO N 228 1.67 90.26 73.98
C PRO N 228 2.83 90.77 74.81
N LYS N 229 3.61 89.88 75.42
CA LYS N 229 4.76 90.30 76.19
C LYS N 229 5.86 90.91 75.33
N THR N 230 5.92 90.58 74.04
CA THR N 230 6.99 91.05 73.16
C THR N 230 6.96 92.55 72.91
N GLU N 231 6.06 93.29 73.55
CA GLU N 231 5.98 94.74 73.35
C GLU N 231 7.16 95.48 73.97
N THR N 232 7.86 94.87 74.93
CA THR N 232 8.93 95.54 75.67
C THR N 232 10.32 95.16 75.17
N TYR N 233 10.48 94.97 73.87
CA TYR N 233 11.76 94.60 73.29
C TYR N 233 12.48 95.84 72.80
N HIS N 234 13.79 95.90 73.07
CA HIS N 234 14.65 96.92 72.50
C HIS N 234 15.05 96.50 71.08
N LYS N 235 16.04 97.19 70.50
CA LYS N 235 16.52 96.86 69.16
C LYS N 235 18.00 96.50 69.09
N SER N 236 18.82 96.97 70.03
CA SER N 236 20.25 96.67 69.99
C SER N 236 20.56 95.24 70.40
N LYS N 237 19.65 94.58 71.12
CA LYS N 237 19.89 93.20 71.54
C LYS N 237 19.80 92.22 70.38
N THR N 238 18.89 92.47 69.44
CA THR N 238 18.76 91.61 68.27
C THR N 238 20.02 91.70 67.41
N ILE N 239 20.45 90.57 66.87
CA ILE N 239 21.62 90.51 65.98
C ILE N 239 21.13 90.26 64.56
N ARG N 240 21.56 91.11 63.64
CA ARG N 240 21.18 91.02 62.24
C ARG N 240 22.27 90.27 61.47
N ILE N 241 21.86 89.28 60.69
CA ILE N 241 22.77 88.49 59.88
C ILE N 241 22.32 88.57 58.42
N PRO N 242 23.18 88.96 57.50
CA PRO N 242 22.81 88.92 56.08
C PRO N 242 22.82 87.51 55.54
N THR N 243 22.06 87.30 54.46
CA THR N 243 21.88 85.97 53.89
C THR N 243 22.45 85.82 52.49
N GLU N 244 23.05 86.87 51.91
CA GLU N 244 23.61 86.74 50.58
C GLU N 244 24.91 85.94 50.59
N GLU N 245 25.63 85.96 51.71
CA GLU N 245 26.83 85.15 51.87
C GLU N 245 26.56 83.85 52.63
N ILE N 246 25.41 83.72 53.26
CA ILE N 246 25.04 82.44 53.88
C ILE N 246 24.91 81.37 52.80
N LEU N 247 24.23 81.70 51.69
CA LEU N 247 24.18 80.79 50.56
C LEU N 247 25.54 80.67 49.89
N SER N 248 26.32 81.75 49.88
CA SER N 248 27.68 81.67 49.34
C SER N 248 28.57 80.80 50.20
N GLY N 249 28.30 80.73 51.50
CA GLY N 249 29.08 79.89 52.40
C GLY N 249 30.35 80.50 52.92
N SER N 250 30.59 81.79 52.68
CA SER N 250 31.81 82.43 53.12
C SER N 250 31.74 82.93 54.56
N TYR N 251 30.61 82.74 55.25
CA TYR N 251 30.43 83.21 56.61
C TYR N 251 30.48 82.03 57.58
N ASP N 252 31.32 82.16 58.62
CA ASP N 252 31.38 81.17 59.68
C ASP N 252 31.71 81.89 60.97
N SER N 253 30.95 81.59 62.03
CA SER N 253 31.14 82.24 63.32
C SER N 253 30.96 81.22 64.43
N ASN N 254 31.52 81.54 65.60
CA ASN N 254 31.35 80.68 66.76
C ASN N 254 29.93 80.71 67.31
N PHE N 255 29.18 81.78 67.02
CA PHE N 255 27.78 81.84 67.42
C PHE N 255 26.96 80.75 66.71
N ILE N 256 27.16 80.61 65.41
CA ILE N 256 26.47 79.60 64.63
C ILE N 256 27.32 79.28 63.40
N ARG N 257 27.34 78.00 63.03
CA ARG N 257 28.11 77.56 61.88
C ARG N 257 27.31 77.79 60.59
N ASN N 258 28.02 77.73 59.47
CA ASN N 258 27.40 77.95 58.17
C ASN N 258 26.38 76.86 57.85
N ALA N 259 26.69 75.61 58.20
CA ALA N 259 25.84 74.50 57.80
C ALA N 259 24.45 74.60 58.41
N GLU N 260 24.36 74.97 59.68
CA GLU N 260 23.06 75.04 60.36
C GLU N 260 22.21 76.21 59.88
N CYS N 261 22.83 77.25 59.32
CA CYS N 261 22.06 78.35 58.76
C CYS N 261 21.19 77.89 57.59
N LYS N 262 21.73 76.98 56.76
CA LYS N 262 20.95 76.43 55.66
C LYS N 262 19.76 75.64 56.18
N ARG N 263 19.95 74.87 57.26
CA ARG N 263 18.84 74.14 57.85
C ARG N 263 17.79 75.10 58.40
N LEU N 264 18.23 76.19 59.04
CA LEU N 264 17.28 77.19 59.53
C LEU N 264 16.47 77.79 58.38
N ILE N 265 17.13 78.11 57.27
CA ILE N 265 16.44 78.67 56.11
C ILE N 265 15.44 77.65 55.56
N VAL N 266 15.83 76.38 55.49
CA VAL N 266 14.94 75.35 54.99
C VAL N 266 13.71 75.21 55.88
N GLN N 267 13.91 75.23 57.19
CA GLN N 267 12.78 75.15 58.12
C GLN N 267 11.86 76.35 57.97
N LEU N 268 12.43 77.55 57.82
CA LEU N 268 11.60 78.73 57.61
C LEU N 268 10.79 78.63 56.33
N LEU N 269 11.42 78.14 55.25
CA LEU N 269 10.70 77.97 53.99
C LEU N 269 9.57 76.96 54.13
N ASN N 270 9.81 75.85 54.81
CA ASN N 270 8.76 74.86 54.99
C ASN N 270 7.61 75.42 55.84
N LYS N 271 7.95 76.19 56.89
CA LYS N 271 6.91 76.81 57.71
C LYS N 271 6.08 77.77 56.88
N ALA N 272 6.74 78.58 56.04
CA ALA N 272 6.01 79.50 55.17
C ALA N 272 5.12 78.73 54.19
N PHE N 273 5.61 77.59 53.69
CA PHE N 273 4.82 76.79 52.77
C PHE N 273 3.56 76.25 53.44
N GLU N 274 3.70 75.70 54.65
CA GLU N 274 2.51 75.13 55.29
C GLU N 274 1.57 76.21 55.81
N LEU N 275 2.08 77.42 56.10
CA LEU N 275 1.18 78.49 56.53
C LEU N 275 0.52 79.20 55.36
N ARG N 276 1.15 79.17 54.18
CA ARG N 276 0.57 79.74 52.97
C ARG N 276 -0.46 78.81 52.34
N MET N 277 -0.60 77.60 52.85
CA MET N 277 -1.44 76.57 52.25
C MET N 277 -2.86 76.55 52.80
N LYS N 278 -3.05 76.98 54.06
CA LYS N 278 -4.33 76.77 54.72
C LYS N 278 -5.44 77.66 54.16
N ASP N 279 -5.08 78.84 53.64
CA ASP N 279 -6.08 79.81 53.19
C ASP N 279 -6.58 79.56 51.78
N LYS N 280 -6.05 78.56 51.07
CA LYS N 280 -6.45 78.25 49.71
C LYS N 280 -7.41 77.07 49.63
N GLU N 281 -8.31 76.95 50.62
CA GLU N 281 -9.36 75.93 50.71
C GLU N 281 -8.94 74.58 50.14
N VAL N 282 -7.72 74.15 50.46
CA VAL N 282 -7.18 72.87 50.00
C VAL N 282 -7.09 71.94 51.20
N GLN N 283 -7.52 70.70 51.01
CA GLN N 283 -7.57 69.72 52.08
C GLN N 283 -6.25 68.97 52.20
N GLU N 284 -6.03 68.39 53.37
CA GLU N 284 -4.77 67.77 53.74
C GLU N 284 -4.95 66.28 53.98
N TYR N 285 -3.98 65.50 53.50
CA TYR N 285 -3.87 64.08 53.81
C TYR N 285 -2.56 63.85 54.53
N GLU N 286 -2.61 63.13 55.64
CA GLU N 286 -1.43 62.88 56.47
C GLU N 286 -0.87 61.50 56.14
N MET N 287 0.39 61.46 55.74
CA MET N 287 1.12 60.23 55.51
C MET N 287 2.21 60.08 56.56
N SER N 288 3.03 59.03 56.43
CA SER N 288 4.00 58.71 57.47
C SER N 288 5.05 59.80 57.64
N ASN N 289 5.57 60.34 56.52
CA ASN N 289 6.69 61.26 56.59
C ASN N 289 6.35 62.70 56.19
N LYS N 290 5.26 62.93 55.47
CA LYS N 290 4.93 64.27 55.02
C LYS N 290 3.43 64.34 54.75
N THR N 291 2.96 65.55 54.48
CA THR N 291 1.55 65.82 54.23
C THR N 291 1.35 66.17 52.77
N ALA N 292 0.19 65.79 52.22
CA ALA N 292 -0.17 66.07 50.85
C ALA N 292 -1.39 66.99 50.81
N TYR N 293 -1.45 67.82 49.78
CA TYR N 293 -2.52 68.80 49.64
C TYR N 293 -3.31 68.49 48.37
N TRP N 294 -4.63 68.37 48.50
CA TRP N 294 -5.50 67.99 47.40
C TRP N 294 -6.82 68.74 47.52
N LEU N 295 -7.49 68.95 46.38
CA LEU N 295 -8.72 69.73 46.34
C LEU N 295 -9.91 68.84 46.01
N GLU N 296 -11.08 69.27 46.48
CA GLU N 296 -12.35 68.61 46.20
C GLU N 296 -12.93 69.15 44.90
N LYS N 297 -14.21 68.87 44.66
CA LYS N 297 -14.94 69.41 43.51
C LYS N 297 -15.33 70.86 43.82
N GLY N 298 -16.22 71.42 43.00
CA GLY N 298 -16.61 72.81 43.20
C GLY N 298 -15.86 73.78 42.32
N LYS N 299 -14.78 74.35 42.85
CA LYS N 299 -14.00 75.41 42.21
C LYS N 299 -13.73 75.18 40.73
N LEU N 300 -13.63 73.93 40.31
CA LEU N 300 -13.36 73.60 38.92
C LEU N 300 -14.60 73.87 38.06
N GLU N 301 -14.50 73.56 36.76
CA GLU N 301 -15.67 73.62 35.89
C GLU N 301 -16.43 72.31 35.98
N LYS N 302 -16.65 71.86 37.22
CA LYS N 302 -17.33 70.65 37.62
C LYS N 302 -16.54 69.40 37.26
N ASP N 303 -15.64 69.50 36.27
CA ASP N 303 -14.41 68.73 36.18
C ASP N 303 -13.52 69.33 35.10
N LYS N 304 -12.61 70.23 35.46
CA LYS N 304 -11.71 70.85 34.49
C LYS N 304 -10.83 71.88 35.18
N PHE N 305 -9.70 72.20 34.55
CA PHE N 305 -9.00 73.45 34.81
C PHE N 305 -8.03 73.65 33.66
N GLU N 306 -8.21 74.72 32.89
CA GLU N 306 -7.54 74.89 31.60
C GLU N 306 -7.79 73.67 30.70
N LYS N 307 -9.02 73.17 30.74
CA LYS N 307 -9.43 71.99 29.98
C LYS N 307 -8.53 70.80 30.27
N THR N 308 -8.18 70.62 31.54
CA THR N 308 -7.38 69.49 32.00
C THR N 308 -8.22 68.65 32.95
N MET N 309 -8.24 67.34 32.73
CA MET N 309 -9.08 66.43 33.50
C MET N 309 -8.38 66.15 34.84
N LEU N 310 -8.43 67.16 35.72
CA LEU N 310 -7.53 67.20 36.87
C LEU N 310 -7.96 66.23 37.96
N VAL N 311 -9.20 66.33 38.45
CA VAL N 311 -9.73 65.40 39.44
C VAL N 311 -11.10 64.94 38.95
N GLY N 312 -11.34 63.63 39.02
CA GLY N 312 -12.54 63.06 38.43
C GLY N 312 -13.00 61.81 39.13
N LYS N 313 -13.66 60.92 38.38
CA LYS N 313 -14.15 59.67 38.92
C LYS N 313 -13.74 58.51 38.02
N GLN N 314 -13.28 57.43 38.65
CA GLN N 314 -13.05 56.17 37.95
C GLN N 314 -14.30 55.30 38.13
N LYS N 315 -14.17 53.99 37.87
CA LYS N 315 -15.32 53.11 37.73
C LYS N 315 -16.32 53.24 38.89
N ASP N 316 -15.83 53.22 40.13
CA ASP N 316 -16.73 53.27 41.28
C ASP N 316 -16.57 54.53 42.10
N LYS N 317 -15.37 54.83 42.58
CA LYS N 317 -15.13 55.93 43.51
C LYS N 317 -14.57 57.14 42.77
N ASN N 318 -14.15 58.15 43.53
CA ASN N 318 -13.65 59.41 42.99
C ASN N 318 -12.14 59.47 43.18
N TRP N 319 -11.43 59.87 42.13
CA TRP N 319 -9.98 59.96 42.14
C TRP N 319 -9.54 61.43 42.07
N HIS N 320 -8.51 61.74 42.85
CA HIS N 320 -7.98 63.09 42.99
C HIS N 320 -6.47 63.09 42.80
N PHE N 321 -5.97 64.12 42.14
CA PHE N 321 -4.55 64.29 41.86
C PHE N 321 -3.97 65.21 42.93
N ALA N 322 -3.27 64.63 43.90
CA ALA N 322 -2.80 65.32 45.09
C ALA N 322 -1.33 65.71 44.96
N ILE N 323 -0.94 66.68 45.78
CA ILE N 323 0.34 67.36 45.69
C ILE N 323 1.03 67.36 47.05
N SER N 324 2.34 67.13 47.06
CA SER N 324 3.19 67.31 48.22
C SER N 324 4.35 68.22 47.87
N GLY N 325 4.88 68.91 48.87
CA GLY N 325 5.93 69.88 48.65
C GLY N 325 6.99 69.83 49.74
N ALA N 326 8.16 70.38 49.39
CA ALA N 326 9.29 70.48 50.31
C ALA N 326 10.22 71.57 49.79
N SER N 327 11.32 71.79 50.51
CA SER N 327 12.30 72.80 50.13
C SER N 327 13.69 72.19 50.19
N LYS N 328 14.58 72.68 49.31
CA LYS N 328 15.95 72.18 49.30
C LYS N 328 16.86 73.23 48.70
N LEU N 329 18.03 73.41 49.32
CA LEU N 329 18.99 74.42 48.87
C LEU N 329 20.13 73.83 48.05
N TYR N 330 20.02 72.58 47.61
CA TYR N 330 21.03 71.98 46.76
C TYR N 330 20.39 71.52 45.45
N PRO N 331 20.98 71.88 44.30
CA PRO N 331 22.20 72.68 44.11
C PRO N 331 21.91 74.17 44.16
N PHE N 332 20.64 74.54 44.28
CA PHE N 332 20.20 75.92 44.34
C PHE N 332 18.83 75.96 45.00
N PRO N 333 18.44 77.10 45.60
CA PRO N 333 17.17 77.12 46.36
C PRO N 333 15.98 76.77 45.47
N VAL N 334 15.36 75.63 45.78
CA VAL N 334 14.34 75.02 44.94
C VAL N 334 13.22 74.47 45.80
N LEU N 335 11.99 74.76 45.40
CA LEU N 335 10.82 74.08 45.93
C LEU N 335 10.68 72.74 45.24
N MET N 336 10.65 71.67 46.03
CA MET N 336 10.48 70.30 45.56
C MET N 336 8.99 70.01 45.49
N ILE N 337 8.51 69.57 44.32
CA ILE N 337 7.09 69.32 44.10
C ILE N 337 6.92 67.87 43.68
N SER N 338 5.95 67.18 44.29
CA SER N 338 5.72 65.77 44.04
C SER N 338 4.23 65.49 43.90
N SER N 339 3.91 64.46 43.13
CA SER N 339 2.54 64.12 42.78
C SER N 339 2.15 62.77 43.35
N HIS N 340 0.89 62.67 43.79
CA HIS N 340 0.31 61.43 44.29
C HIS N 340 -1.13 61.33 43.79
N ILE N 341 -1.73 60.15 43.92
CA ILE N 341 -3.14 59.93 43.62
C ILE N 341 -3.84 59.51 44.91
N PHE N 342 -4.95 60.17 45.22
CA PHE N 342 -5.77 59.82 46.38
C PHE N 342 -7.19 59.56 45.93
N PHE N 343 -7.99 59.00 46.84
CA PHE N 343 -9.34 58.57 46.50
C PHE N 343 -10.33 58.98 47.57
N THR N 344 -11.51 59.41 47.12
CA THR N 344 -12.65 59.72 47.98
C THR N 344 -13.84 58.86 47.59
N ALA N 345 -14.51 58.32 48.60
CA ALA N 345 -15.64 57.41 48.34
C ALA N 345 -16.83 58.17 47.75
N ASP N 346 -17.21 59.29 48.37
CA ASP N 346 -18.37 60.04 47.93
C ASP N 346 -18.02 61.32 47.17
N GLY N 347 -16.87 61.91 47.45
CA GLY N 347 -16.48 63.14 46.81
C GLY N 347 -15.82 64.12 47.76
N LYS N 348 -15.97 63.87 49.05
CA LYS N 348 -15.34 64.69 50.08
C LYS N 348 -14.63 63.90 51.18
N LYS N 349 -14.97 62.63 51.37
CA LYS N 349 -14.40 61.82 52.44
C LYS N 349 -13.48 60.76 51.85
N LEU N 350 -12.26 60.70 52.35
CA LEU N 350 -11.30 59.70 51.90
C LEU N 350 -11.66 58.33 52.44
N ILE N 351 -11.14 57.29 51.79
CA ILE N 351 -11.31 55.92 52.26
C ILE N 351 -10.22 55.63 53.29
N ASP N 352 -10.63 55.22 54.47
CA ASP N 352 -9.71 55.01 55.60
C ASP N 352 -9.12 53.60 55.54
N SER N 353 -8.29 53.38 54.52
CA SER N 353 -7.61 52.11 54.35
C SER N 353 -6.41 52.32 53.44
N SER N 354 -5.21 52.06 53.96
CA SER N 354 -4.00 52.23 53.15
C SER N 354 -3.96 51.23 52.00
N SER N 355 -4.39 50.00 52.24
CA SER N 355 -4.36 48.98 51.19
C SER N 355 -5.30 49.35 50.04
N VAL N 356 -6.51 49.82 50.35
CA VAL N 356 -7.44 50.24 49.32
C VAL N 356 -6.88 51.43 48.55
N GLN N 357 -6.24 52.37 49.25
CA GLN N 357 -5.64 53.52 48.58
C GLN N 357 -4.55 53.07 47.63
N HIS N 358 -3.69 52.14 48.07
CA HIS N 358 -2.62 51.64 47.21
C HIS N 358 -3.17 50.92 45.99
N SER N 359 -4.18 50.07 46.17
CA SER N 359 -4.76 49.35 45.05
C SER N 359 -5.41 50.32 44.05
N SER N 360 -6.11 51.34 44.56
CA SER N 360 -6.73 52.31 43.68
C SER N 360 -5.68 53.10 42.90
N ARG N 361 -4.59 53.50 43.56
CA ARG N 361 -3.52 54.20 42.86
C ARG N 361 -2.89 53.32 41.79
N ARG N 362 -2.66 52.04 42.10
CA ARG N 362 -2.09 51.12 41.14
C ARG N 362 -2.99 50.96 39.92
N ARG N 363 -4.30 50.82 40.15
CA ARG N 363 -5.21 50.66 39.02
C ARG N 363 -5.37 51.96 38.23
N GLN N 364 -5.32 53.11 38.89
CA GLN N 364 -5.50 54.38 38.20
C GLN N 364 -4.29 54.74 37.35
N GLY N 365 -3.08 54.58 37.89
CA GLY N 365 -1.89 55.03 37.20
C GLY N 365 -1.38 54.14 36.09
N LYS N 366 -2.00 52.98 35.86
CA LYS N 366 -1.49 52.05 34.86
C LYS N 366 -1.66 52.58 33.44
N ASN N 367 -2.69 53.38 33.19
CA ASN N 367 -3.00 53.88 31.86
C ASN N 367 -2.44 55.28 31.60
N TRP N 368 -1.69 55.84 32.54
CA TRP N 368 -1.19 57.20 32.43
C TRP N 368 0.26 57.17 31.95
N TRP N 369 0.52 57.85 30.84
CA TRP N 369 1.89 58.09 30.40
C TRP N 369 2.37 59.40 31.01
N ASN N 370 3.54 59.88 30.57
CA ASN N 370 4.10 61.10 31.13
C ASN N 370 3.28 62.34 30.81
N ASN N 371 2.44 62.28 29.77
CA ASN N 371 1.66 63.45 29.37
C ASN N 371 0.68 63.85 30.48
N THR N 372 -0.06 62.88 31.03
CA THR N 372 -1.04 63.19 32.05
C THR N 372 -0.37 63.76 33.29
N TRP N 373 0.74 63.15 33.73
CA TRP N 373 1.45 63.63 34.91
C TRP N 373 1.97 65.05 34.69
N ARG N 374 2.56 65.30 33.52
CA ARG N 374 3.06 66.63 33.20
C ARG N 374 1.95 67.66 33.20
N THR N 375 0.85 67.37 32.51
CA THR N 375 -0.23 68.34 32.39
C THR N 375 -0.84 68.64 33.75
N LYS N 376 -1.06 67.59 34.56
CA LYS N 376 -1.65 67.81 35.87
C LYS N 376 -0.71 68.60 36.78
N LEU N 377 0.59 68.30 36.73
CA LEU N 377 1.55 68.99 37.58
C LEU N 377 1.61 70.48 37.22
N LEU N 378 1.74 70.81 35.94
CA LEU N 378 1.81 72.20 35.56
C LEU N 378 0.48 72.91 35.78
N ALA N 379 -0.64 72.20 35.60
CA ALA N 379 -1.94 72.79 35.91
C ALA N 379 -2.03 73.17 37.38
N PHE N 380 -1.59 72.28 38.27
CA PHE N 380 -1.63 72.60 39.69
C PHE N 380 -0.68 73.74 40.03
N ILE N 381 0.52 73.75 39.45
CA ILE N 381 1.48 74.82 39.74
C ILE N 381 0.94 76.16 39.28
N LYS N 382 0.34 76.20 38.09
CA LYS N 382 -0.20 77.46 37.57
C LYS N 382 -1.47 77.87 38.30
N TYR N 383 -2.20 76.91 38.88
CA TYR N 383 -3.38 77.26 39.66
C TYR N 383 -3.04 78.13 40.86
N LEU N 384 -1.94 77.81 41.54
CA LEU N 384 -1.53 78.56 42.72
C LEU N 384 -0.61 79.74 42.40
N SER N 385 -0.24 79.93 41.14
CA SER N 385 0.55 81.10 40.78
C SER N 385 -0.31 82.35 40.91
N ASP N 386 0.18 83.32 41.68
CA ASP N 386 -0.59 84.53 41.95
C ASP N 386 -0.32 85.63 40.91
N ASP N 387 0.94 85.95 40.67
CA ASP N 387 1.30 86.94 39.68
C ASP N 387 1.54 86.25 38.34
N ASP N 388 2.00 87.02 37.35
CA ASP N 388 2.10 86.49 35.99
C ASP N 388 3.14 85.39 35.89
N THR N 389 4.27 85.53 36.59
CA THR N 389 5.40 84.62 36.40
C THR N 389 5.94 84.05 37.70
N SER N 390 5.17 84.10 38.79
CA SER N 390 5.62 83.56 40.07
C SER N 390 4.43 83.50 41.02
N PHE N 391 4.71 83.07 42.25
CA PHE N 391 3.73 83.11 43.33
C PHE N 391 4.47 83.32 44.64
N TYR N 392 3.80 83.93 45.61
CA TYR N 392 4.45 84.37 46.83
C TYR N 392 4.04 83.51 48.01
N LEU N 393 4.98 83.35 48.95
CA LEU N 393 4.74 82.75 50.25
C LEU N 393 4.97 83.81 51.31
N GLU N 394 4.06 83.88 52.28
CA GLU N 394 4.12 84.91 53.31
C GLU N 394 4.85 84.38 54.54
N MET N 395 5.89 85.11 54.95
CA MET N 395 6.65 84.80 56.15
C MET N 395 6.61 85.93 57.17
N GLY N 396 6.90 87.16 56.74
CA GLY N 396 6.94 88.31 57.63
C GLY N 396 5.89 89.34 57.28
N SER N 397 5.81 90.37 58.13
CA SER N 397 4.82 91.42 57.95
C SER N 397 5.03 92.15 56.64
N GLU N 398 6.28 92.47 56.31
CA GLU N 398 6.63 93.04 55.01
C GLU N 398 7.59 92.13 54.25
N GLU N 399 7.60 90.84 54.58
CA GLU N 399 8.49 89.87 53.97
C GLU N 399 7.68 88.85 53.19
N LYS N 400 8.00 88.69 51.91
CA LYS N 400 7.37 87.68 51.07
C LYS N 400 8.45 87.04 50.19
N VAL N 401 8.37 85.73 50.03
CA VAL N 401 9.35 84.98 49.25
C VAL N 401 8.67 84.51 47.96
N PHE N 402 9.25 84.86 46.82
CA PHE N 402 8.63 84.63 45.52
C PHE N 402 9.28 83.44 44.83
N VAL N 403 8.47 82.47 44.43
CA VAL N 403 8.92 81.25 43.77
C VAL N 403 8.32 81.24 42.37
N SER N 404 9.16 81.02 41.37
CA SER N 404 8.70 80.99 39.99
C SER N 404 7.77 79.80 39.76
N ASN N 405 6.82 79.98 38.84
CA ASN N 405 5.83 78.96 38.52
C ASN N 405 6.22 78.11 37.34
N GLU N 406 7.40 78.32 36.76
CA GLU N 406 7.86 77.49 35.65
C GLU N 406 8.94 76.54 36.13
N PRO N 407 8.85 75.25 35.79
CA PRO N 407 9.89 74.30 36.21
C PRO N 407 11.22 74.60 35.53
N VAL N 408 12.29 74.14 36.18
CA VAL N 408 13.62 74.30 35.60
C VAL N 408 13.68 73.57 34.27
N LYS N 409 14.19 74.25 33.25
CA LYS N 409 14.27 73.70 31.91
C LYS N 409 15.62 73.03 31.71
N PHE N 410 15.60 71.81 31.21
CA PHE N 410 16.80 71.03 30.95
C PHE N 410 16.95 70.79 29.45
N LYS N 411 18.11 71.16 28.91
CA LYS N 411 18.34 71.11 27.47
C LYS N 411 18.96 69.78 27.09
N GLY N 412 18.26 69.03 26.24
CA GLY N 412 18.82 67.81 25.71
C GLY N 412 19.53 68.01 24.38
N ASN N 413 20.35 67.04 24.02
CA ASN N 413 21.09 67.09 22.76
C ASN N 413 20.66 66.00 21.80
N VAL N 414 20.64 64.75 22.24
CA VAL N 414 20.25 63.61 21.41
C VAL N 414 18.97 63.02 21.95
N SER N 415 17.99 62.80 21.07
CA SER N 415 16.76 62.13 21.43
C SER N 415 16.48 60.99 20.46
N TYR N 416 15.30 60.38 20.56
CA TYR N 416 14.96 59.23 19.74
C TYR N 416 13.98 59.63 18.63
N ASN N 417 13.64 58.64 17.81
CA ASN N 417 12.84 58.87 16.62
C ASN N 417 11.35 58.99 16.91
N ILE N 418 10.91 58.56 18.09
CA ILE N 418 9.48 58.50 18.43
C ILE N 418 8.73 57.69 17.38
#